data_8WG2
#
_entry.id   8WG2
#
_cell.length_a   308.210
_cell.length_b   103.620
_cell.length_c   95.750
_cell.angle_alpha   90.00
_cell.angle_beta   90.00
_cell.angle_gamma   90.00
#
_symmetry.space_group_name_H-M   'P 21 21 2'
#
loop_
_entity.id
_entity.type
_entity.pdbx_description
1 polymer 'Candidate alpha-glucosidase Glycoside hydrolase family 97'
2 branched alpha-D-glucopyranose-(1-6)-alpha-D-glucopyranose-(1-6)-alpha-D-glucopyranose
3 branched alpha-D-glucopyranose-(1-6)-alpha-D-glucopyranose-(1-6)-beta-D-glucopyranose
4 non-polymer 'CALCIUM ION'
5 water water
#
_entity_poly.entity_id   1
_entity_poly.type   'polypeptide(L)'
_entity_poly.pdbx_seq_one_letter_code
;SDLKSPDGNFLMHFSLEADGTPVYKLIYKGKDVIKASKLGFTLKNDNKSLLNDFKIEDTKTSSFDENWKPVWGEVSSIRN
NYNELAVSLSQKETDRKMIIRFRLFDDGLGFRYEFPQQNNLIYFTIKEERTQFAMAGDHTAYWIPGDYDTQEYNYSTSKL
SEIRGLMEKAYTKGNASQTSFSPTGVQTSLMMKSQDGLYINLHEAALINYSCMHLNLDDKNFVFESWLTPDSHGDKGKMQ
APCKTPWRTVIVSDDARNILASKLTYNLNEPSKIQETSWIKPTKYVGVWWEMISGKSTWSYTDEFPSVQLGVTDFSKAKP
NRKHGATTANVKRYIDFAAKNGFDAVLVEGWNEGWEDWIGHEKDYVFDFVTPYPDFDIKGLNEYAHAKKVKLIMHHETSG
AVRNYERHMDAAYKLMKQYGYDAVKSGYVGNILPLGETHYSQWTNNHYQYAIEKAADYQIMVNAHEAVRPTGIARTYPNL
IGNEAARGTQYQAFGNDRNNANHVTILPFTRLIGGPMDYTPGIFEMDVTNGSHVNATIANQLALYVTMYSPLQMAADFPE
NYERFADAFQFIKDVAVDWDDSRYLEAEPGQYITVARKAKGTDNWFLGNVNGETARVSNIDLGFLEKGKKYTAVIYADAK
DANYKTNTQAYTIRKVVVTSNSKLSQFSASGGGYAISFYPVADAA
;
_entity_poly.pdbx_strand_id   A,B,C,D
#
loop_
_chem_comp.id
_chem_comp.type
_chem_comp.name
_chem_comp.formula
BGC D-saccharide, beta linking beta-D-glucopyranose 'C6 H12 O6'
CA non-polymer 'CALCIUM ION' 'Ca 2'
GLC D-saccharide, alpha linking alpha-D-glucopyranose 'C6 H12 O6'
#
# COMPACT_ATOMS: atom_id res chain seq x y z
N SER A 1 39.25 3.30 -15.79
CA SER A 1 39.55 4.75 -15.57
C SER A 1 40.25 5.51 -16.74
N ASP A 2 41.23 4.99 -17.49
CA ASP A 2 41.90 5.77 -18.53
C ASP A 2 41.93 5.05 -19.87
N LEU A 3 41.98 5.76 -20.99
CA LEU A 3 41.88 5.09 -22.28
C LEU A 3 42.69 5.82 -23.38
N LYS A 4 43.33 5.02 -24.25
CA LYS A 4 44.23 5.53 -25.27
C LYS A 4 43.79 5.10 -26.66
N SER A 5 44.07 5.95 -27.65
CA SER A 5 43.90 5.57 -29.05
C SER A 5 44.91 4.47 -29.35
N PRO A 6 44.71 3.62 -30.37
CA PRO A 6 45.75 2.68 -30.78
C PRO A 6 47.16 3.26 -30.96
N ASP A 7 47.26 4.46 -31.50
CA ASP A 7 48.53 5.12 -31.79
C ASP A 7 49.07 5.89 -30.57
N GLY A 8 48.34 5.93 -29.43
CA GLY A 8 48.85 6.63 -28.26
C GLY A 8 48.68 8.16 -28.35
N ASN A 9 48.04 8.69 -29.39
CA ASN A 9 47.98 10.16 -29.49
C ASN A 9 46.87 10.73 -28.63
N PHE A 10 45.77 9.97 -28.48
CA PHE A 10 44.68 10.42 -27.61
C PHE A 10 44.67 9.71 -26.26
N LEU A 11 44.43 10.50 -25.21
CA LEU A 11 44.08 9.98 -23.89
C LEU A 11 42.72 10.53 -23.43
N MET A 12 41.85 9.63 -22.94
CA MET A 12 40.58 10.00 -22.29
C MET A 12 40.64 9.56 -20.84
N HIS A 13 40.57 10.52 -19.87
CA HIS A 13 40.45 10.28 -18.43
C HIS A 13 38.94 10.33 -18.10
N PHE A 14 38.39 9.32 -17.45
CA PHE A 14 37.04 9.35 -16.89
C PHE A 14 37.14 9.27 -15.36
N SER A 15 36.37 10.12 -14.65
CA SER A 15 36.30 10.08 -13.22
C SER A 15 34.91 10.50 -12.76
N LEU A 16 34.68 10.47 -11.42
CA LEU A 16 33.49 11.01 -10.79
C LEU A 16 33.85 12.22 -9.92
N GLU A 17 33.06 13.29 -9.91
CA GLU A 17 33.32 14.43 -9.01
C GLU A 17 32.87 14.06 -7.58
N ALA A 18 33.03 14.98 -6.63
CA ALA A 18 32.76 14.66 -5.22
C ALA A 18 31.30 14.23 -5.06
N ASP A 19 30.41 14.93 -5.76
CA ASP A 19 29.00 14.67 -5.64
C ASP A 19 28.58 13.48 -6.52
N GLY A 20 29.47 12.76 -7.20
CA GLY A 20 29.04 11.61 -8.02
C GLY A 20 28.64 11.92 -9.46
N THR A 21 28.96 13.15 -9.91
CA THR A 21 28.79 13.52 -11.33
C THR A 21 29.82 12.77 -12.17
N PRO A 22 29.43 12.01 -13.22
CA PRO A 22 30.43 11.46 -14.13
C PRO A 22 30.99 12.52 -15.08
N VAL A 23 32.34 12.50 -15.25
CA VAL A 23 33.04 13.46 -16.10
C VAL A 23 34.05 12.76 -16.99
N TYR A 24 34.28 13.34 -18.18
CA TYR A 24 35.32 12.87 -19.09
C TYR A 24 36.17 14.05 -19.55
N LYS A 25 37.35 13.72 -20.06
CA LYS A 25 38.41 14.66 -20.44
C LYS A 25 39.13 14.05 -21.64
N LEU A 26 39.39 14.82 -22.71
CA LEU A 26 40.16 14.29 -23.83
C LEU A 26 41.42 15.11 -24.14
N ILE A 27 42.49 14.38 -24.40
CA ILE A 27 43.82 14.92 -24.59
C ILE A 27 44.36 14.39 -25.92
N TYR A 28 44.82 15.31 -26.78
CA TYR A 28 45.49 15.01 -28.05
C TYR A 28 46.92 15.55 -28.01
N LYS A 29 47.91 14.68 -28.15
CA LYS A 29 49.32 15.05 -28.18
C LYS A 29 49.63 16.03 -27.06
N GLY A 30 49.33 15.62 -25.82
CA GLY A 30 49.58 16.43 -24.65
C GLY A 30 48.74 17.71 -24.59
N LYS A 31 47.78 17.93 -25.50
CA LYS A 31 46.98 19.16 -25.46
C LYS A 31 45.56 18.79 -25.04
N ASP A 32 44.99 19.65 -24.18
CA ASP A 32 43.58 19.58 -23.89
C ASP A 32 42.75 19.89 -25.14
N VAL A 33 41.90 18.94 -25.55
CA VAL A 33 40.92 19.17 -26.58
C VAL A 33 39.53 19.32 -25.98
N ILE A 34 39.16 18.38 -25.09
CA ILE A 34 37.94 18.42 -24.29
C ILE A 34 38.32 18.44 -22.83
N LYS A 35 38.05 19.53 -22.13
CA LYS A 35 38.35 19.64 -20.70
C LYS A 35 37.27 18.87 -19.92
N ALA A 36 37.41 18.85 -18.58
CA ALA A 36 36.49 18.14 -17.72
C ALA A 36 35.04 18.49 -18.12
N SER A 37 34.27 17.44 -18.45
CA SER A 37 32.98 17.57 -19.08
C SER A 37 31.98 16.62 -18.42
N LYS A 38 30.82 17.13 -18.05
CA LYS A 38 29.84 16.35 -17.30
C LYS A 38 29.01 15.52 -18.26
N LEU A 39 28.45 14.43 -17.74
CA LEU A 39 27.62 13.53 -18.54
C LEU A 39 26.37 13.21 -17.76
N GLY A 40 25.33 12.69 -18.48
CA GLY A 40 24.09 12.22 -17.86
C GLY A 40 22.84 12.94 -18.38
N PHE A 41 21.71 12.86 -17.64
CA PHE A 41 20.42 13.31 -18.16
C PHE A 41 19.57 13.95 -17.06
N THR A 42 18.79 14.95 -17.42
CA THR A 42 17.65 15.45 -16.68
C THR A 42 16.41 14.71 -17.19
N LEU A 43 15.63 14.11 -16.29
CA LEU A 43 14.47 13.30 -16.68
C LEU A 43 13.20 14.02 -16.25
N LYS A 44 12.08 13.82 -16.98
CA LYS A 44 10.81 14.46 -16.66
C LYS A 44 10.21 13.77 -15.46
N ASN A 45 9.57 14.54 -14.55
CA ASN A 45 8.79 14.00 -13.41
C ASN A 45 9.61 13.00 -12.64
N ASP A 46 10.78 13.47 -12.26
CA ASP A 46 11.78 12.70 -11.56
C ASP A 46 12.53 13.65 -10.63
N ASN A 47 12.41 13.36 -9.35
CA ASN A 47 13.11 14.09 -8.30
C ASN A 47 14.56 14.35 -8.70
N LYS A 48 15.27 13.23 -8.92
CA LYS A 48 16.72 13.17 -8.79
C LYS A 48 17.44 13.17 -10.14
N SER A 49 16.81 12.64 -11.17
CA SER A 49 17.40 12.56 -12.50
C SER A 49 18.66 11.73 -12.47
N LEU A 50 19.47 11.83 -13.55
CA LEU A 50 20.68 11.00 -13.75
C LEU A 50 21.90 11.86 -14.01
N LEU A 51 22.23 12.71 -13.04
CA LEU A 51 23.20 13.80 -13.14
C LEU A 51 24.41 13.56 -12.26
N ASN A 52 24.19 12.80 -11.16
CA ASN A 52 25.14 12.72 -10.07
C ASN A 52 24.74 11.57 -9.14
N ASP A 53 25.47 11.43 -8.05
CA ASP A 53 25.27 10.40 -7.07
C ASP A 53 25.52 8.98 -7.61
N PHE A 54 26.38 8.84 -8.63
CA PHE A 54 26.77 7.52 -9.10
C PHE A 54 27.99 6.97 -8.41
N LYS A 55 28.20 5.65 -8.49
CA LYS A 55 29.45 5.00 -8.15
C LYS A 55 29.79 4.10 -9.33
N ILE A 56 31.08 3.81 -9.47
CA ILE A 56 31.57 2.93 -10.51
C ILE A 56 31.42 1.52 -10.00
N GLU A 57 30.63 0.71 -10.68
CA GLU A 57 30.33 -0.66 -10.24
C GLU A 57 31.33 -1.54 -10.96
N ASP A 58 31.71 -1.19 -12.18
CA ASP A 58 32.61 -2.05 -12.94
C ASP A 58 33.14 -1.25 -14.12
N THR A 59 34.34 -1.61 -14.59
CA THR A 59 34.85 -1.19 -15.88
C THR A 59 35.32 -2.42 -16.63
N LYS A 60 35.26 -2.35 -17.94
CA LYS A 60 35.64 -3.41 -18.86
C LYS A 60 36.29 -2.76 -20.10
N THR A 61 37.42 -3.36 -20.53
CA THR A 61 38.20 -2.84 -21.67
C THR A 61 38.23 -3.91 -22.76
N SER A 62 38.29 -3.46 -24.02
CA SER A 62 38.60 -4.37 -25.12
C SER A 62 39.16 -3.58 -26.31
N SER A 63 39.53 -4.31 -27.36
CA SER A 63 40.09 -3.78 -28.58
C SER A 63 39.47 -4.47 -29.79
N PHE A 64 39.37 -3.72 -30.90
CA PHE A 64 38.77 -4.24 -32.12
C PHE A 64 39.60 -3.69 -33.28
N ASP A 65 39.82 -4.55 -34.28
CA ASP A 65 40.51 -4.18 -35.49
C ASP A 65 40.08 -5.11 -36.64
N GLU A 66 39.09 -4.66 -37.43
CA GLU A 66 38.61 -5.36 -38.61
C GLU A 66 38.42 -4.34 -39.75
N ASN A 67 38.32 -4.85 -40.96
CA ASN A 67 37.98 -4.10 -42.14
C ASN A 67 36.61 -4.50 -42.59
N TRP A 68 35.84 -3.57 -43.19
CA TRP A 68 34.64 -3.92 -43.93
C TRP A 68 34.72 -3.18 -45.28
N LYS A 69 33.99 -3.70 -46.28
CA LYS A 69 33.88 -3.18 -47.65
C LYS A 69 32.55 -2.44 -47.75
N PRO A 70 32.53 -1.12 -47.99
CA PRO A 70 31.26 -0.40 -48.24
C PRO A 70 30.60 -0.84 -49.55
N VAL A 71 29.30 -0.66 -49.64
CA VAL A 71 28.64 -0.90 -50.90
C VAL A 71 29.08 0.14 -51.94
N TRP A 72 29.20 1.40 -51.45
CA TRP A 72 29.62 2.52 -52.24
C TRP A 72 30.35 3.44 -51.28
N GLY A 73 31.19 4.34 -51.85
CA GLY A 73 32.05 5.10 -50.97
C GLY A 73 33.28 5.68 -51.62
N GLU A 74 34.13 6.25 -50.74
CA GLU A 74 35.32 7.01 -51.07
C GLU A 74 36.49 6.07 -51.21
N VAL A 75 36.36 4.88 -50.62
CA VAL A 75 37.42 3.85 -50.58
C VAL A 75 36.78 2.48 -50.72
N SER A 76 37.58 1.51 -51.12
CA SER A 76 37.12 0.15 -51.36
C SER A 76 36.98 -0.63 -50.06
N SER A 77 37.78 -0.26 -49.04
CA SER A 77 37.90 -0.96 -47.76
C SER A 77 38.12 0.04 -46.64
N ILE A 78 37.42 -0.13 -45.52
CA ILE A 78 37.55 0.80 -44.41
C ILE A 78 37.99 0.06 -43.13
N ARG A 79 38.85 0.71 -42.36
CA ARG A 79 39.42 0.15 -41.16
C ARG A 79 38.68 0.66 -39.93
N ASN A 80 38.22 -0.32 -39.12
CA ASN A 80 37.53 -0.05 -37.86
C ASN A 80 38.38 -0.51 -36.69
N ASN A 81 39.10 0.42 -36.06
CA ASN A 81 40.20 0.09 -35.17
C ASN A 81 40.08 1.01 -33.97
N TYR A 82 39.81 0.45 -32.79
CA TYR A 82 39.58 1.26 -31.59
C TYR A 82 39.87 0.43 -30.38
N ASN A 83 40.11 1.15 -29.27
CA ASN A 83 40.12 0.60 -27.91
C ASN A 83 38.85 1.06 -27.21
N GLU A 84 38.31 0.24 -26.29
CA GLU A 84 36.98 0.46 -25.71
C GLU A 84 37.13 0.45 -24.20
N LEU A 85 36.46 1.43 -23.55
CA LEU A 85 36.20 1.40 -22.13
C LEU A 85 34.68 1.49 -21.89
N ALA A 86 34.12 0.47 -21.25
CA ALA A 86 32.73 0.45 -20.77
C ALA A 86 32.72 0.69 -19.27
N VAL A 87 32.13 1.79 -18.84
CA VAL A 87 31.97 2.05 -17.42
C VAL A 87 30.52 1.80 -17.00
N SER A 88 30.30 0.77 -16.15
CA SER A 88 29.00 0.51 -15.52
C SER A 88 28.85 1.36 -14.27
N LEU A 89 27.87 2.26 -14.27
CA LEU A 89 27.58 3.09 -13.12
C LEU A 89 26.34 2.55 -12.41
N SER A 90 26.24 2.85 -11.09
CA SER A 90 25.06 2.60 -10.29
C SER A 90 24.75 3.84 -9.44
N GLN A 91 23.49 4.31 -9.45
CA GLN A 91 23.15 5.53 -8.72
C GLN A 91 22.77 5.12 -7.29
N LYS A 92 23.22 5.90 -6.33
CA LYS A 92 22.85 5.65 -4.96
C LYS A 92 21.35 5.98 -4.82
N GLU A 93 20.72 5.32 -3.85
CA GLU A 93 19.32 5.42 -3.49
C GLU A 93 18.41 4.74 -4.48
N THR A 94 18.48 5.10 -5.75
CA THR A 94 17.59 4.55 -6.75
C THR A 94 18.13 3.22 -7.31
N ASP A 95 19.44 2.98 -7.19
CA ASP A 95 20.07 1.78 -7.71
C ASP A 95 19.92 1.61 -9.23
N ARG A 96 19.80 2.71 -9.94
CA ARG A 96 19.62 2.65 -11.39
C ARG A 96 20.97 2.53 -12.08
N LYS A 97 20.98 1.80 -13.17
CA LYS A 97 22.20 1.38 -13.85
C LYS A 97 22.33 2.14 -15.17
N MET A 98 23.50 2.74 -15.38
CA MET A 98 23.78 3.47 -16.59
C MET A 98 25.21 3.17 -17.00
N ILE A 99 25.39 2.63 -18.20
CA ILE A 99 26.68 2.37 -18.79
C ILE A 99 27.08 3.55 -19.69
N ILE A 100 28.31 4.04 -19.54
CA ILE A 100 28.89 4.94 -20.50
C ILE A 100 29.98 4.20 -21.26
N ARG A 101 29.82 4.12 -22.58
CA ARG A 101 30.75 3.32 -23.37
C ARG A 101 31.59 4.23 -24.28
N PHE A 102 32.92 4.14 -24.16
CA PHE A 102 33.84 4.97 -24.92
C PHE A 102 34.62 4.14 -25.91
N ARG A 103 34.73 4.65 -27.14
CA ARG A 103 35.62 4.08 -28.16
C ARG A 103 36.59 5.16 -28.63
N LEU A 104 37.88 4.84 -28.55
CA LEU A 104 38.90 5.81 -28.89
C LEU A 104 39.68 5.31 -30.10
N PHE A 105 39.60 6.12 -31.19
CA PHE A 105 40.23 5.80 -32.46
C PHE A 105 41.44 6.69 -32.70
N ASP A 106 42.19 6.43 -33.78
CA ASP A 106 43.25 7.36 -34.12
C ASP A 106 42.61 8.64 -34.64
N ASP A 107 41.32 8.59 -35.08
CA ASP A 107 40.68 9.84 -35.49
C ASP A 107 40.00 10.59 -34.35
N GLY A 108 39.85 10.00 -33.15
CA GLY A 108 39.22 10.67 -32.02
C GLY A 108 38.25 9.77 -31.26
N LEU A 109 37.27 10.38 -30.62
CA LEU A 109 36.53 9.73 -29.55
C LEU A 109 35.05 9.63 -29.92
N GLY A 110 34.49 8.50 -29.57
CA GLY A 110 33.05 8.34 -29.59
C GLY A 110 32.53 7.80 -28.27
N PHE A 111 31.44 8.34 -27.76
CA PHE A 111 30.89 7.73 -26.57
C PHE A 111 29.37 7.74 -26.62
N ARG A 112 28.73 6.79 -25.93
CA ARG A 112 27.29 6.76 -25.80
C ARG A 112 26.85 6.24 -24.45
N TYR A 113 25.57 6.40 -24.13
CA TYR A 113 25.05 5.88 -22.89
C TYR A 113 24.17 4.63 -23.17
N GLU A 114 24.19 3.64 -22.24
CA GLU A 114 23.35 2.48 -22.35
C GLU A 114 22.58 2.29 -21.03
N PHE A 115 21.31 1.88 -21.15
CA PHE A 115 20.53 1.50 -19.98
C PHE A 115 20.19 0.04 -20.09
N PRO A 116 20.80 -0.86 -19.31
CA PRO A 116 20.40 -2.27 -19.38
C PRO A 116 19.05 -2.51 -18.66
N GLN A 117 18.44 -3.67 -18.92
CA GLN A 117 17.25 -4.16 -18.24
C GLN A 117 17.41 -4.07 -16.73
N GLN A 118 16.53 -3.36 -16.04
CA GLN A 118 16.68 -3.19 -14.59
C GLN A 118 15.30 -2.89 -13.97
N ASN A 119 15.24 -2.86 -12.63
CA ASN A 119 13.95 -2.78 -12.03
C ASN A 119 13.45 -1.36 -11.78
N ASN A 120 14.27 -0.31 -11.66
CA ASN A 120 13.76 0.98 -11.18
C ASN A 120 13.95 2.02 -12.28
N LEU A 121 14.14 1.52 -13.50
CA LEU A 121 14.12 2.41 -14.66
C LEU A 121 13.60 1.61 -15.83
N ILE A 122 12.36 1.89 -16.21
CA ILE A 122 11.83 1.12 -17.30
C ILE A 122 11.46 2.09 -18.43
N TYR A 123 10.32 2.76 -18.26
CA TYR A 123 9.83 3.81 -19.10
C TYR A 123 10.26 5.10 -18.42
N PHE A 124 10.93 5.94 -19.24
CA PHE A 124 11.28 7.27 -18.79
C PHE A 124 11.30 8.22 -19.98
N THR A 125 11.23 9.50 -19.64
CA THR A 125 11.24 10.58 -20.57
C THR A 125 12.45 11.48 -20.31
N ILE A 126 13.25 11.76 -21.38
CA ILE A 126 14.33 12.71 -21.27
C ILE A 126 13.80 14.13 -21.38
N LYS A 127 14.00 14.89 -20.32
CA LYS A 127 13.74 16.31 -20.39
C LYS A 127 14.88 17.07 -21.13
N GLU A 128 16.11 16.82 -20.77
CA GLU A 128 17.28 17.39 -21.44
C GLU A 128 18.40 16.37 -21.26
N GLU A 129 19.22 16.17 -22.30
CA GLU A 129 20.48 15.45 -22.18
C GLU A 129 21.52 16.44 -21.66
N ARG A 130 22.37 15.99 -20.72
CA ARG A 130 23.35 16.84 -20.09
C ARG A 130 24.75 16.31 -20.42
N THR A 131 25.06 16.29 -21.72
CA THR A 131 26.36 15.88 -22.23
C THR A 131 27.12 17.12 -22.67
N GLN A 132 28.31 17.30 -22.08
CA GLN A 132 29.06 18.51 -22.26
C GLN A 132 30.29 18.27 -23.12
N PHE A 133 30.69 19.36 -23.77
CA PHE A 133 32.00 19.41 -24.43
C PHE A 133 32.68 20.69 -24.01
N ALA A 134 33.50 20.63 -22.95
CA ALA A 134 34.25 21.79 -22.49
C ALA A 134 35.45 22.08 -23.41
N MET A 135 35.44 23.22 -24.10
CA MET A 135 36.52 23.61 -25.02
C MET A 135 37.70 24.20 -24.24
N ALA A 136 38.92 24.08 -24.78
CA ALA A 136 40.15 24.62 -24.19
C ALA A 136 40.27 26.16 -24.34
N GLY A 137 39.61 26.77 -25.32
CA GLY A 137 39.56 28.22 -25.35
C GLY A 137 38.62 28.71 -26.44
N ASP A 138 38.75 29.99 -26.81
CA ASP A 138 37.78 30.65 -27.67
C ASP A 138 38.04 30.30 -29.14
N HIS A 139 37.81 29.01 -29.51
CA HIS A 139 38.13 28.53 -30.84
C HIS A 139 37.40 29.32 -31.92
N THR A 140 37.87 29.17 -33.18
CA THR A 140 37.13 29.57 -34.38
C THR A 140 36.15 28.45 -34.72
N ALA A 141 34.91 28.81 -35.03
CA ALA A 141 33.90 27.83 -35.40
C ALA A 141 33.31 28.17 -36.77
N TYR A 142 32.87 27.11 -37.44
CA TYR A 142 32.16 27.21 -38.68
C TYR A 142 30.81 26.54 -38.42
N TRP A 143 29.73 27.31 -38.34
CA TRP A 143 28.50 26.97 -37.66
C TRP A 143 27.26 27.54 -38.34
N ILE A 144 26.16 26.79 -38.17
CA ILE A 144 24.81 27.25 -38.50
C ILE A 144 23.91 27.28 -37.27
N PRO A 145 22.88 28.18 -37.26
CA PRO A 145 22.08 28.39 -36.06
C PRO A 145 21.34 27.08 -35.73
N GLY A 146 21.27 26.77 -34.44
CA GLY A 146 20.49 25.65 -33.96
C GLY A 146 19.00 25.82 -34.33
N ASP A 147 18.40 24.81 -34.95
CA ASP A 147 17.08 24.86 -35.47
C ASP A 147 16.46 23.48 -35.52
N TYR A 148 15.16 23.43 -35.18
CA TYR A 148 14.48 22.17 -35.03
C TYR A 148 13.89 21.74 -36.35
N ASP A 149 13.87 22.64 -37.36
CA ASP A 149 13.12 22.35 -38.57
C ASP A 149 13.87 22.52 -39.89
N THR A 150 15.00 23.23 -39.91
CA THR A 150 15.78 23.37 -41.16
C THR A 150 17.27 23.46 -40.85
N GLN A 151 18.11 22.99 -41.77
CA GLN A 151 19.54 23.24 -41.73
C GLN A 151 19.97 24.09 -42.94
N GLU A 152 19.04 24.76 -43.64
CA GLU A 152 19.41 25.35 -44.95
C GLU A 152 20.03 26.74 -44.78
N TYR A 153 20.98 26.93 -43.87
CA TYR A 153 21.59 28.21 -43.64
C TYR A 153 22.98 28.26 -44.28
N ASN A 154 23.39 29.49 -44.62
CA ASN A 154 24.79 29.75 -44.82
C ASN A 154 25.54 29.59 -43.51
N TYR A 155 26.78 29.13 -43.62
CA TYR A 155 27.63 29.01 -42.47
C TYR A 155 28.16 30.37 -42.06
N SER A 156 28.51 30.54 -40.78
CA SER A 156 29.25 31.69 -40.31
C SER A 156 30.60 31.22 -39.81
N THR A 157 31.64 32.02 -40.09
CA THR A 157 32.96 31.80 -39.50
C THR A 157 33.18 32.85 -38.42
N SER A 158 33.46 32.42 -37.20
CA SER A 158 33.62 33.35 -36.10
C SER A 158 34.22 32.67 -34.87
N LYS A 159 34.65 33.46 -33.90
CA LYS A 159 35.03 32.90 -32.63
C LYS A 159 33.76 32.42 -31.92
N LEU A 160 33.93 31.59 -30.89
CA LEU A 160 32.81 31.17 -30.06
C LEU A 160 32.16 32.35 -29.36
N SER A 161 32.97 33.27 -28.84
CA SER A 161 32.48 34.45 -28.16
C SER A 161 31.72 35.40 -29.06
N GLU A 162 31.73 35.20 -30.38
CA GLU A 162 31.06 36.13 -31.30
C GLU A 162 29.72 35.55 -31.76
N ILE A 163 29.47 34.29 -31.40
CA ILE A 163 28.24 33.67 -31.89
C ILE A 163 27.01 34.43 -31.40
N ARG A 164 26.98 34.81 -30.12
CA ARG A 164 25.86 35.55 -29.55
C ARG A 164 25.52 36.78 -30.40
N GLY A 165 26.52 37.61 -30.68
CA GLY A 165 26.29 38.90 -31.34
C GLY A 165 25.93 38.71 -32.81
N LEU A 166 26.49 37.65 -33.41
CA LEU A 166 26.22 37.30 -34.79
C LEU A 166 24.85 36.67 -34.98
N MET A 167 24.17 36.26 -33.90
CA MET A 167 22.98 35.47 -34.08
C MET A 167 21.78 36.31 -34.54
N GLU A 168 21.66 37.61 -34.18
CA GLU A 168 20.74 38.51 -34.89
C GLU A 168 20.66 38.25 -36.43
N LYS A 169 21.81 38.07 -37.13
CA LYS A 169 21.96 38.10 -38.60
C LYS A 169 22.08 36.72 -39.28
N ALA A 170 22.84 35.75 -38.70
CA ALA A 170 23.05 34.42 -39.28
C ALA A 170 21.76 33.59 -39.43
N TYR A 171 20.70 33.83 -38.53
CA TYR A 171 19.31 33.33 -38.43
C TYR A 171 18.37 34.09 -39.40
N THR A 172 18.54 33.77 -40.70
CA THR A 172 17.75 34.30 -41.82
C THR A 172 16.34 33.64 -41.88
N LYS A 173 15.33 34.41 -42.34
CA LYS A 173 13.90 34.14 -42.08
C LYS A 173 13.04 34.13 -43.38
N SER A 177 9.13 26.58 -42.62
CA SER A 177 9.50 25.76 -41.41
C SER A 177 10.93 26.02 -40.91
N GLN A 178 11.00 26.77 -39.76
CA GLN A 178 12.21 26.99 -38.95
C GLN A 178 11.89 27.31 -37.49
N THR A 179 12.64 26.74 -36.53
CA THR A 179 12.44 27.10 -35.13
C THR A 179 13.79 27.10 -34.44
N SER A 180 14.24 28.30 -33.98
CA SER A 180 15.51 28.50 -33.31
C SER A 180 15.28 28.13 -31.85
N PHE A 181 16.35 28.19 -31.01
CA PHE A 181 16.14 27.83 -29.60
C PHE A 181 16.95 28.65 -28.63
N SER A 182 18.08 29.15 -29.05
CA SER A 182 18.97 29.90 -28.15
C SER A 182 19.84 30.87 -28.96
N PRO A 183 20.19 32.03 -28.38
CA PRO A 183 21.13 32.94 -29.02
C PRO A 183 22.51 32.31 -29.14
N THR A 184 22.81 31.23 -28.38
CA THR A 184 24.09 30.57 -28.53
C THR A 184 23.92 29.13 -28.96
N GLY A 185 22.82 28.82 -29.66
CA GLY A 185 22.66 27.44 -30.11
C GLY A 185 23.08 27.24 -31.56
N VAL A 186 23.68 26.09 -31.87
CA VAL A 186 24.24 25.75 -33.16
C VAL A 186 23.97 24.28 -33.42
N GLN A 187 24.07 23.90 -34.70
CA GLN A 187 23.84 22.55 -35.11
C GLN A 187 25.16 21.75 -35.14
N THR A 188 25.01 20.45 -35.32
CA THR A 188 26.13 19.57 -35.65
C THR A 188 25.82 18.97 -36.99
N SER A 189 26.88 18.52 -37.67
CA SER A 189 28.26 18.57 -37.26
C SER A 189 28.80 20.00 -37.13
N LEU A 190 29.53 20.26 -36.06
CA LEU A 190 30.11 21.55 -35.81
C LEU A 190 31.63 21.45 -35.98
N MET A 191 32.18 22.37 -36.80
CA MET A 191 33.60 22.33 -37.08
C MET A 191 34.31 23.51 -36.40
N MET A 192 35.47 23.22 -35.83
CA MET A 192 36.19 24.24 -35.09
C MET A 192 37.70 24.17 -35.41
N LYS A 193 38.38 25.27 -35.09
CA LYS A 193 39.82 25.32 -35.19
C LYS A 193 40.35 26.15 -34.03
N SER A 194 41.25 25.58 -33.22
CA SER A 194 41.76 26.27 -32.05
C SER A 194 42.80 27.30 -32.46
N GLN A 195 43.07 28.22 -31.55
CA GLN A 195 44.04 29.29 -31.72
C GLN A 195 45.38 28.63 -32.03
N ASP A 196 45.58 27.37 -31.67
CA ASP A 196 46.89 26.72 -31.78
C ASP A 196 46.84 25.61 -32.82
N GLY A 197 45.89 25.66 -33.76
CA GLY A 197 45.94 24.81 -34.95
C GLY A 197 45.39 23.38 -34.82
N LEU A 198 44.54 23.08 -33.83
CA LEU A 198 43.85 21.80 -33.78
C LEU A 198 42.49 21.93 -34.49
N TYR A 199 42.09 20.89 -35.20
CA TYR A 199 40.81 20.82 -35.85
C TYR A 199 39.97 19.88 -35.04
N ILE A 200 38.79 20.40 -34.67
CA ILE A 200 37.92 19.71 -33.74
C ILE A 200 36.50 19.64 -34.29
N ASN A 201 35.96 18.44 -34.42
CA ASN A 201 34.61 18.29 -34.94
C ASN A 201 33.72 17.65 -33.87
N LEU A 202 32.60 18.30 -33.55
CA LEU A 202 31.61 17.68 -32.66
C LEU A 202 30.39 17.22 -33.46
N HIS A 203 30.02 15.93 -33.28
CA HIS A 203 28.85 15.41 -34.00
C HIS A 203 28.24 14.24 -33.25
N GLU A 204 27.43 13.41 -33.96
CA GLU A 204 26.91 12.16 -33.43
C GLU A 204 26.84 11.12 -34.53
N ALA A 205 26.72 9.87 -34.12
CA ALA A 205 26.60 8.71 -34.97
C ALA A 205 25.49 7.78 -34.46
N ALA A 206 24.75 7.18 -35.43
CA ALA A 206 23.71 6.20 -35.26
C ALA A 206 22.53 6.86 -34.55
N LEU A 207 21.97 7.89 -35.17
CA LEU A 207 20.79 8.56 -34.67
C LEU A 207 19.55 7.71 -34.99
N ILE A 208 19.28 6.74 -34.09
CA ILE A 208 18.17 5.84 -34.21
C ILE A 208 17.34 5.87 -32.92
N ASN A 209 16.06 6.09 -33.08
CA ASN A 209 15.11 5.98 -31.99
C ASN A 209 15.42 6.97 -30.87
N TYR A 210 15.65 8.23 -31.22
CA TYR A 210 16.21 9.26 -30.36
C TYR A 210 16.06 10.62 -31.05
N SER A 211 16.01 11.72 -30.31
CA SER A 211 15.94 13.06 -30.85
C SER A 211 17.33 13.61 -31.28
N CYS A 212 17.33 14.37 -32.36
CA CYS A 212 18.50 14.94 -33.02
C CYS A 212 19.21 15.90 -32.08
N MET A 213 20.52 15.76 -31.92
CA MET A 213 21.28 16.57 -30.96
C MET A 213 21.77 17.88 -31.59
N HIS A 214 21.49 19.01 -30.91
CA HIS A 214 22.04 20.32 -31.22
C HIS A 214 22.94 20.74 -30.07
N LEU A 215 23.62 21.87 -30.15
CA LEU A 215 24.56 22.18 -29.10
C LEU A 215 24.24 23.59 -28.66
N ASN A 216 24.25 23.76 -27.34
CA ASN A 216 24.08 25.08 -26.77
C ASN A 216 25.36 25.47 -26.11
N LEU A 217 25.85 26.67 -26.46
CA LEU A 217 27.12 27.19 -25.99
C LEU A 217 26.90 28.09 -24.78
N ASP A 218 27.61 27.75 -23.71
CA ASP A 218 27.88 28.67 -22.60
C ASP A 218 29.14 29.43 -22.98
N ASP A 219 29.00 30.71 -23.32
CA ASP A 219 30.07 31.53 -23.88
C ASP A 219 30.79 32.31 -22.78
N LYS A 220 30.51 32.08 -21.50
CA LYS A 220 31.44 32.43 -20.44
C LYS A 220 32.59 31.42 -20.34
N ASN A 221 32.31 30.09 -20.31
CA ASN A 221 33.32 29.08 -20.03
C ASN A 221 33.67 28.22 -21.23
N PHE A 222 33.03 28.54 -22.37
CA PHE A 222 33.31 27.83 -23.61
C PHE A 222 32.95 26.36 -23.42
N VAL A 223 31.75 26.11 -22.89
CA VAL A 223 31.25 24.74 -22.78
C VAL A 223 29.99 24.56 -23.64
N PHE A 224 30.05 23.63 -24.61
CA PHE A 224 28.89 23.17 -25.36
C PHE A 224 28.16 22.08 -24.59
N GLU A 225 26.81 22.14 -24.61
CA GLU A 225 25.97 21.10 -24.01
C GLU A 225 24.90 20.62 -25.00
N SER A 226 24.70 19.31 -25.07
CA SER A 226 23.64 18.69 -25.82
C SER A 226 22.31 19.34 -25.56
N TRP A 227 21.65 19.77 -26.63
CA TRP A 227 20.35 20.37 -26.61
C TRP A 227 19.56 19.62 -27.67
N LEU A 228 18.75 18.64 -27.25
CA LEU A 228 18.03 17.78 -28.18
C LEU A 228 16.79 18.51 -28.67
N THR A 229 16.17 17.93 -29.71
CA THR A 229 15.00 18.50 -30.38
C THR A 229 13.71 18.06 -29.66
N PRO A 230 12.82 18.99 -29.22
CA PRO A 230 11.54 18.61 -28.64
C PRO A 230 10.58 18.03 -29.68
N ASP A 231 9.78 17.06 -29.27
CA ASP A 231 8.69 16.55 -30.08
C ASP A 231 7.50 17.49 -29.91
N SER A 232 6.33 17.02 -30.29
CA SER A 232 5.17 17.89 -30.36
C SER A 232 4.67 18.22 -28.96
N HIS A 233 5.04 17.42 -27.96
CA HIS A 233 4.60 17.60 -26.57
C HIS A 233 5.75 18.26 -25.79
N GLY A 234 6.86 18.58 -26.45
CA GLY A 234 7.92 19.25 -25.75
C GLY A 234 8.90 18.28 -25.15
N ASP A 235 8.80 16.96 -25.41
CA ASP A 235 9.68 16.03 -24.76
C ASP A 235 10.89 15.75 -25.63
N LYS A 236 11.93 15.13 -25.00
CA LYS A 236 13.22 14.95 -25.69
C LYS A 236 13.71 13.51 -25.70
N GLY A 237 12.73 12.60 -25.77
CA GLY A 237 13.04 11.17 -25.80
C GLY A 237 12.08 10.41 -24.89
N LYS A 238 11.19 9.62 -25.51
CA LYS A 238 10.38 8.65 -24.81
C LYS A 238 11.22 7.40 -24.85
N MET A 239 11.77 7.01 -23.69
CA MET A 239 12.70 5.91 -23.66
C MET A 239 12.09 4.71 -22.93
N GLN A 240 12.65 3.53 -23.29
CA GLN A 240 12.33 2.28 -22.66
C GLN A 240 13.58 1.42 -22.52
N ALA A 241 14.02 1.15 -21.31
CA ALA A 241 15.12 0.21 -21.09
C ALA A 241 14.72 -1.25 -21.31
N PRO A 242 15.60 -2.12 -21.86
CA PRO A 242 17.00 -1.74 -22.30
C PRO A 242 17.04 -0.92 -23.61
N CYS A 243 17.81 0.17 -23.60
CA CYS A 243 17.91 1.12 -24.68
C CYS A 243 19.25 1.86 -24.61
N LYS A 244 19.60 2.57 -25.71
CA LYS A 244 20.82 3.37 -25.69
C LYS A 244 20.73 4.64 -26.53
N THR A 245 21.58 5.60 -26.21
CA THR A 245 21.76 6.78 -27.06
C THR A 245 22.56 6.50 -28.32
N PRO A 246 22.45 7.40 -29.29
CA PRO A 246 23.46 7.51 -30.34
C PRO A 246 24.79 7.85 -29.68
N TRP A 247 25.86 7.66 -30.45
CA TRP A 247 27.19 8.03 -30.02
C TRP A 247 27.35 9.54 -30.18
N ARG A 248 28.16 10.15 -29.33
CA ARG A 248 28.64 11.50 -29.50
C ARG A 248 30.12 11.46 -29.87
N THR A 249 30.49 12.27 -30.89
CA THR A 249 31.81 12.14 -31.54
C THR A 249 32.60 13.44 -31.50
N VAL A 250 33.89 13.30 -31.17
CA VAL A 250 34.89 14.35 -31.12
C VAL A 250 36.04 13.90 -32.01
N ILE A 251 36.03 14.35 -33.27
CA ILE A 251 37.04 13.97 -34.25
C ILE A 251 38.05 15.11 -34.28
N VAL A 252 39.33 14.76 -34.10
CA VAL A 252 40.37 15.76 -33.90
C VAL A 252 41.61 15.43 -34.73
N SER A 253 42.25 16.48 -35.26
CA SER A 253 43.52 16.27 -35.95
C SER A 253 44.29 17.56 -36.01
N ASP A 254 45.62 17.46 -36.12
CA ASP A 254 46.46 18.65 -36.38
C ASP A 254 46.58 18.94 -37.89
N ASP A 255 45.99 18.03 -38.70
CA ASP A 255 45.93 18.13 -40.15
C ASP A 255 44.45 18.08 -40.53
N ALA A 256 43.94 19.19 -41.08
CA ALA A 256 42.51 19.30 -41.36
C ALA A 256 42.10 18.25 -42.38
N ARG A 257 43.06 17.70 -43.13
CA ARG A 257 42.67 16.73 -44.14
C ARG A 257 42.16 15.45 -43.52
N ASN A 258 42.62 15.13 -42.32
CA ASN A 258 42.26 13.86 -41.67
C ASN A 258 40.82 13.90 -41.19
N ILE A 259 40.29 15.09 -40.88
CA ILE A 259 38.89 15.27 -40.53
C ILE A 259 38.02 14.74 -41.68
N LEU A 260 38.38 15.11 -42.90
CA LEU A 260 37.63 14.74 -44.08
C LEU A 260 37.77 13.26 -44.34
N ALA A 261 38.94 12.71 -44.12
CA ALA A 261 39.20 11.31 -44.46
C ALA A 261 38.61 10.34 -43.44
N SER A 262 38.25 10.84 -42.24
CA SER A 262 37.76 9.97 -41.19
C SER A 262 36.60 9.15 -41.67
N LYS A 263 36.61 7.87 -41.30
CA LYS A 263 35.44 6.98 -41.37
C LYS A 263 34.84 6.68 -39.99
N LEU A 264 35.25 7.43 -38.96
CA LEU A 264 34.81 7.18 -37.59
C LEU A 264 33.28 7.13 -37.46
N THR A 265 32.62 8.08 -38.11
CA THR A 265 31.20 8.20 -37.99
C THR A 265 30.58 6.89 -38.47
N TYR A 266 31.03 6.40 -39.64
CA TYR A 266 30.46 5.19 -40.19
C TYR A 266 30.81 4.04 -39.26
N ASN A 267 32.04 4.08 -38.70
CA ASN A 267 32.58 2.94 -37.96
C ASN A 267 31.69 2.64 -36.75
N LEU A 268 31.02 3.69 -36.23
CA LEU A 268 30.24 3.58 -35.01
C LEU A 268 28.81 3.12 -35.30
N ASN A 269 28.47 2.89 -36.55
CA ASN A 269 27.15 2.40 -36.93
C ASN A 269 27.28 0.90 -37.17
N GLU A 270 26.14 0.20 -37.03
CA GLU A 270 26.11 -1.25 -37.14
C GLU A 270 26.41 -1.62 -38.59
N PRO A 271 27.06 -2.78 -38.85
CA PRO A 271 27.25 -3.31 -40.22
C PRO A 271 25.96 -3.44 -40.99
N SER A 272 26.05 -3.38 -42.32
CA SER A 272 24.90 -3.47 -43.21
C SER A 272 23.91 -4.54 -42.72
N LYS A 273 22.63 -4.21 -42.74
CA LYS A 273 21.53 -5.16 -42.55
C LYS A 273 20.88 -5.55 -43.88
N ILE A 274 21.41 -5.05 -45.01
CA ILE A 274 21.02 -5.56 -46.31
C ILE A 274 22.04 -6.62 -46.75
N GLN A 275 21.50 -7.82 -47.02
CA GLN A 275 22.29 -9.03 -47.28
C GLN A 275 22.83 -8.97 -48.71
N GLU A 276 21.96 -8.73 -49.69
CA GLU A 276 22.34 -8.68 -51.11
C GLU A 276 22.28 -7.24 -51.60
N THR A 277 23.42 -6.57 -51.91
CA THR A 277 23.48 -5.12 -52.10
C THR A 277 23.71 -4.67 -53.54
N SER A 278 23.74 -5.59 -54.51
CA SER A 278 24.13 -5.21 -55.87
C SER A 278 23.05 -4.40 -56.57
N TRP A 279 21.81 -4.30 -56.05
CA TRP A 279 20.75 -3.50 -56.65
C TRP A 279 20.96 -2.03 -56.32
N ILE A 280 21.88 -1.78 -55.37
CA ILE A 280 22.18 -0.42 -54.91
C ILE A 280 23.23 0.16 -55.86
N LYS A 281 22.82 1.16 -56.63
CA LYS A 281 23.64 1.56 -57.76
C LYS A 281 23.90 3.08 -57.70
N PRO A 282 25.16 3.47 -57.43
CA PRO A 282 25.54 4.86 -57.54
C PRO A 282 25.06 5.37 -58.91
N THR A 283 24.68 6.66 -58.96
CA THR A 283 23.84 7.16 -60.05
C THR A 283 24.27 8.58 -60.41
N LYS A 284 24.48 8.84 -61.72
CA LYS A 284 24.66 10.19 -62.19
C LYS A 284 23.39 10.57 -62.94
N TYR A 285 22.83 11.75 -62.71
CA TYR A 285 21.48 11.97 -63.22
C TYR A 285 21.28 13.42 -63.64
N VAL A 286 20.33 13.65 -64.50
CA VAL A 286 19.83 14.98 -64.82
C VAL A 286 18.38 14.98 -64.36
N GLY A 287 17.69 16.08 -64.61
CA GLY A 287 16.26 16.09 -64.35
C GLY A 287 15.48 17.36 -64.74
N VAL A 288 14.16 17.13 -64.89
CA VAL A 288 13.21 18.23 -64.93
C VAL A 288 13.03 18.72 -63.49
N TRP A 289 13.82 19.73 -63.15
CA TRP A 289 14.02 20.13 -61.79
C TRP A 289 14.38 21.60 -61.73
N TRP A 290 15.56 21.94 -62.26
CA TRP A 290 16.05 23.29 -62.08
C TRP A 290 15.11 24.25 -62.77
N GLU A 291 14.42 23.81 -63.81
CA GLU A 291 13.46 24.69 -64.46
C GLU A 291 12.48 25.31 -63.46
N MET A 292 11.97 24.50 -62.56
CA MET A 292 10.99 25.01 -61.59
C MET A 292 11.71 25.77 -60.48
N ILE A 293 12.86 25.26 -60.04
CA ILE A 293 13.62 25.90 -58.97
C ILE A 293 13.99 27.35 -59.31
N SER A 294 14.37 27.56 -60.60
CA SER A 294 14.83 28.86 -61.08
C SER A 294 13.73 29.69 -61.73
N GLY A 295 12.45 29.28 -61.68
CA GLY A 295 11.32 30.17 -61.99
C GLY A 295 10.96 30.21 -63.48
N LYS A 296 11.34 29.16 -64.20
CA LYS A 296 11.03 29.08 -65.60
C LYS A 296 9.78 28.24 -65.87
N SER A 297 9.54 27.25 -65.05
CA SER A 297 8.43 26.32 -65.17
C SER A 297 7.73 26.21 -63.80
N THR A 298 6.58 25.50 -63.80
CA THR A 298 5.86 25.15 -62.59
C THR A 298 5.84 23.65 -62.35
N TRP A 299 5.71 23.31 -61.08
CA TRP A 299 5.40 21.95 -60.63
C TRP A 299 3.96 21.61 -60.96
N SER A 300 3.11 22.64 -60.95
CA SER A 300 1.67 22.54 -61.14
C SER A 300 1.28 22.37 -62.59
N TYR A 301 0.15 21.72 -62.83
CA TYR A 301 -0.42 21.58 -64.17
C TYR A 301 -1.37 22.72 -64.54
N THR A 302 -2.22 23.20 -63.60
CA THR A 302 -3.25 24.20 -63.91
C THR A 302 -3.27 25.28 -62.85
N ASP A 303 -3.82 26.43 -63.22
CA ASP A 303 -4.06 27.55 -62.33
C ASP A 303 -5.55 27.87 -62.33
N GLU A 304 -6.39 27.05 -62.96
CA GLU A 304 -7.85 27.27 -62.91
C GLU A 304 -8.41 27.45 -61.50
N PHE A 305 -7.83 26.79 -60.47
CA PHE A 305 -8.57 26.53 -59.24
C PHE A 305 -7.91 27.24 -58.07
N PRO A 306 -8.67 27.83 -57.14
CA PRO A 306 -8.08 28.30 -55.89
C PRO A 306 -7.33 27.20 -55.15
N SER A 307 -7.91 26.01 -55.02
CA SER A 307 -7.19 24.91 -54.36
C SER A 307 -7.57 23.66 -55.13
N VAL A 308 -6.84 22.58 -54.89
CA VAL A 308 -7.26 21.30 -55.45
C VAL A 308 -7.66 20.31 -54.33
N GLN A 309 -8.57 19.41 -54.68
CA GLN A 309 -8.91 18.30 -53.80
C GLN A 309 -8.73 17.00 -54.56
N LEU A 310 -7.73 16.19 -54.23
CA LEU A 310 -7.50 14.97 -54.97
C LEU A 310 -8.73 14.07 -54.92
N GLY A 311 -8.99 13.39 -56.05
CA GLY A 311 -10.17 12.57 -56.20
C GLY A 311 -11.43 13.41 -56.52
N VAL A 312 -11.39 14.76 -56.45
CA VAL A 312 -12.54 15.62 -56.77
C VAL A 312 -12.17 16.49 -57.98
N THR A 313 -11.06 17.26 -57.90
CA THR A 313 -10.66 18.08 -59.00
C THR A 313 -10.45 17.18 -60.22
N ASP A 314 -11.08 17.50 -61.38
CA ASP A 314 -10.88 16.73 -62.59
C ASP A 314 -9.81 17.38 -63.46
N PHE A 315 -8.56 16.87 -63.31
CA PHE A 315 -7.39 17.42 -63.97
C PHE A 315 -7.47 17.26 -65.49
N SER A 316 -8.01 16.14 -65.98
CA SER A 316 -8.19 15.82 -67.39
C SER A 316 -9.00 16.96 -68.08
N LYS A 317 -9.81 17.71 -67.34
CA LYS A 317 -10.67 18.76 -67.89
C LYS A 317 -10.30 20.16 -67.39
N ALA A 318 -9.19 20.26 -66.67
CA ALA A 318 -8.69 21.55 -66.23
C ALA A 318 -7.88 22.24 -67.33
N LYS A 319 -7.93 23.59 -67.32
CA LYS A 319 -7.10 24.39 -68.21
C LYS A 319 -5.62 24.30 -67.85
N PRO A 320 -4.79 23.77 -68.77
CA PRO A 320 -3.35 23.66 -68.51
C PRO A 320 -2.85 25.09 -68.37
N ASN A 321 -1.98 25.36 -67.42
CA ASN A 321 -1.38 26.70 -67.31
C ASN A 321 -0.24 26.87 -68.31
N ARG A 322 0.21 25.75 -68.92
CA ARG A 322 1.22 25.73 -69.97
C ARG A 322 2.60 26.16 -69.46
N LYS A 323 2.83 26.09 -68.15
CA LYS A 323 4.16 26.35 -67.61
C LYS A 323 4.75 25.07 -67.04
N HIS A 324 3.99 23.97 -67.13
CA HIS A 324 4.27 22.79 -66.33
C HIS A 324 5.53 22.17 -66.88
N GLY A 325 6.46 21.77 -66.01
CA GLY A 325 7.71 21.23 -66.48
C GLY A 325 7.60 19.77 -66.92
N ALA A 326 6.83 18.96 -66.20
CA ALA A 326 6.86 17.53 -66.35
C ALA A 326 5.89 17.10 -67.43
N THR A 327 6.06 17.62 -68.65
CA THR A 327 5.33 17.14 -69.81
C THR A 327 6.09 15.91 -70.34
N THR A 328 5.33 15.04 -71.00
CA THR A 328 5.85 13.93 -71.73
C THR A 328 6.94 14.40 -72.70
N ALA A 329 6.72 15.44 -73.51
CA ALA A 329 7.71 15.89 -74.49
C ALA A 329 8.99 16.36 -73.76
N ASN A 330 8.83 17.08 -72.65
CA ASN A 330 9.99 17.67 -71.98
C ASN A 330 10.79 16.55 -71.31
N VAL A 331 10.12 15.58 -70.66
CA VAL A 331 10.83 14.47 -70.03
C VAL A 331 11.61 13.68 -71.08
N LYS A 332 11.00 13.40 -72.26
CA LYS A 332 11.68 12.77 -73.40
C LYS A 332 13.00 13.46 -73.75
N ARG A 333 13.01 14.80 -73.74
CA ARG A 333 14.21 15.55 -74.09
C ARG A 333 15.27 15.19 -73.05
N TYR A 334 14.92 15.17 -71.76
CA TYR A 334 15.95 14.88 -70.76
C TYR A 334 16.44 13.43 -70.87
N ILE A 335 15.54 12.50 -71.18
CA ILE A 335 15.89 11.11 -71.40
C ILE A 335 16.90 11.02 -72.53
N ASP A 336 16.60 11.71 -73.65
CA ASP A 336 17.42 11.73 -74.84
C ASP A 336 18.82 12.26 -74.50
N PHE A 337 18.87 13.31 -73.72
CA PHE A 337 20.13 13.88 -73.26
C PHE A 337 20.88 12.95 -72.33
N ALA A 338 20.17 12.31 -71.38
CA ALA A 338 20.85 11.39 -70.49
C ALA A 338 21.46 10.24 -71.28
N ALA A 339 20.69 9.65 -72.22
CA ALA A 339 21.14 8.50 -72.98
C ALA A 339 22.35 8.86 -73.83
N LYS A 340 22.30 10.01 -74.50
CA LYS A 340 23.38 10.47 -75.36
C LYS A 340 24.69 10.61 -74.57
N ASN A 341 24.62 10.95 -73.28
CA ASN A 341 25.81 11.39 -72.55
C ASN A 341 26.17 10.41 -71.43
N GLY A 342 25.55 9.24 -71.41
CA GLY A 342 26.03 8.15 -70.54
C GLY A 342 25.49 8.33 -69.10
N PHE A 343 24.46 9.18 -68.90
CA PHE A 343 23.90 9.34 -67.59
C PHE A 343 23.02 8.11 -67.31
N ASP A 344 22.93 7.73 -66.03
CA ASP A 344 22.10 6.62 -65.57
C ASP A 344 20.61 6.97 -65.48
N ALA A 345 20.23 8.21 -65.11
CA ALA A 345 18.84 8.46 -64.71
C ALA A 345 18.40 9.90 -64.88
N VAL A 346 17.10 10.07 -64.79
CA VAL A 346 16.44 11.36 -64.87
C VAL A 346 15.39 11.49 -63.77
N LEU A 347 15.55 12.49 -62.94
CA LEU A 347 14.58 12.85 -61.94
C LEU A 347 13.49 13.67 -62.63
N VAL A 348 12.26 13.48 -62.15
CA VAL A 348 11.15 14.26 -62.65
C VAL A 348 10.30 14.71 -61.48
N GLU A 349 10.19 16.05 -61.36
CA GLU A 349 9.32 16.63 -60.37
C GLU A 349 8.12 17.30 -61.01
N GLY A 350 7.01 17.22 -60.28
CA GLY A 350 5.75 17.76 -60.74
C GLY A 350 4.97 16.74 -61.57
N TRP A 351 5.28 15.44 -61.40
CA TRP A 351 4.68 14.43 -62.26
C TRP A 351 3.26 14.11 -61.84
N ASN A 352 2.91 14.41 -60.56
CA ASN A 352 1.76 13.78 -59.90
C ASN A 352 0.75 14.84 -59.49
N GLU A 353 -0.53 14.45 -59.45
CA GLU A 353 -1.57 15.37 -59.03
C GLU A 353 -1.22 15.94 -57.66
N GLY A 354 -1.48 17.28 -57.51
CA GLY A 354 -1.50 17.98 -56.22
C GLY A 354 -0.55 19.18 -56.10
N TRP A 355 0.36 19.38 -57.06
CA TRP A 355 1.41 20.40 -56.93
C TRP A 355 0.81 21.81 -56.87
N GLU A 356 -0.44 22.01 -57.26
CA GLU A 356 -1.03 23.34 -57.14
C GLU A 356 -1.02 23.82 -55.69
N ASP A 357 -1.04 22.92 -54.71
CA ASP A 357 -1.12 23.28 -53.29
C ASP A 357 0.09 22.77 -52.48
N TRP A 358 1.24 22.55 -53.13
CA TRP A 358 2.32 21.91 -52.44
C TRP A 358 2.96 22.71 -51.30
N ILE A 359 2.89 24.04 -51.30
CA ILE A 359 3.67 24.76 -50.30
C ILE A 359 2.83 25.77 -49.50
N GLY A 360 2.99 25.76 -48.16
CA GLY A 360 2.49 26.80 -47.28
C GLY A 360 1.06 26.54 -46.75
N HIS A 361 0.44 25.38 -47.04
CA HIS A 361 -1.00 25.26 -46.78
C HIS A 361 -1.29 24.30 -45.62
N GLU A 362 -0.30 23.61 -45.11
CA GLU A 362 -0.43 22.74 -43.96
C GLU A 362 -1.53 21.73 -44.24
N LYS A 363 -1.41 21.08 -45.39
CA LYS A 363 -2.46 20.32 -46.02
C LYS A 363 -2.15 18.84 -45.92
N ASP A 364 -3.10 18.08 -45.36
CA ASP A 364 -2.88 16.66 -45.07
C ASP A 364 -2.85 15.85 -46.37
N TYR A 365 -3.97 15.79 -47.07
CA TYR A 365 -4.14 15.01 -48.28
C TYR A 365 -3.63 15.82 -49.45
N VAL A 366 -2.34 16.03 -49.52
CA VAL A 366 -1.71 16.96 -50.44
C VAL A 366 -1.27 16.27 -51.71
N PHE A 367 -0.85 15.01 -51.57
CA PHE A 367 -0.53 14.14 -52.68
C PHE A 367 -0.99 12.72 -52.44
N ASP A 368 -1.10 11.91 -53.50
CA ASP A 368 -1.35 10.49 -53.41
C ASP A 368 -0.15 9.65 -53.88
N PHE A 369 0.86 10.26 -54.53
CA PHE A 369 2.10 9.56 -54.81
C PHE A 369 1.96 8.48 -55.90
N VAL A 370 0.76 8.41 -56.53
CA VAL A 370 0.51 7.40 -57.55
C VAL A 370 -0.15 7.98 -58.84
N THR A 371 -0.87 9.11 -58.79
CA THR A 371 -1.69 9.49 -59.93
C THR A 371 -0.97 10.51 -60.81
N PRO A 372 -0.56 10.15 -62.05
CA PRO A 372 0.06 11.12 -62.96
C PRO A 372 -0.81 12.26 -63.44
N TYR A 373 -0.20 13.45 -63.66
CA TYR A 373 -0.91 14.53 -64.32
C TYR A 373 -1.32 14.10 -65.74
N PRO A 374 -2.36 14.70 -66.34
CA PRO A 374 -2.76 14.27 -67.70
C PRO A 374 -1.68 14.38 -68.80
N ASP A 375 -0.66 15.24 -68.55
CA ASP A 375 0.31 15.58 -69.57
C ASP A 375 1.58 14.78 -69.37
N PHE A 376 1.58 13.87 -68.42
CA PHE A 376 2.72 13.03 -68.08
C PHE A 376 2.31 11.57 -68.25
N ASP A 377 2.87 10.93 -69.27
CA ASP A 377 2.49 9.59 -69.68
C ASP A 377 3.42 8.63 -68.96
N ILE A 378 3.01 8.18 -67.79
CA ILE A 378 3.94 7.44 -66.95
C ILE A 378 4.41 6.19 -67.64
N LYS A 379 3.50 5.52 -68.31
CA LYS A 379 3.76 4.21 -68.92
C LYS A 379 4.72 4.39 -70.09
N GLY A 380 4.37 5.22 -71.06
CA GLY A 380 5.24 5.52 -72.20
C GLY A 380 6.64 6.01 -71.79
N LEU A 381 6.72 6.90 -70.82
CA LEU A 381 8.01 7.50 -70.46
C LEU A 381 8.91 6.45 -69.81
N ASN A 382 8.35 5.54 -69.03
CA ASN A 382 9.21 4.57 -68.36
C ASN A 382 9.70 3.54 -69.38
N GLU A 383 8.82 3.13 -70.30
CA GLU A 383 9.20 2.27 -71.42
C GLU A 383 10.30 2.92 -72.28
N TYR A 384 10.11 4.22 -72.56
CA TYR A 384 11.03 4.97 -73.42
C TYR A 384 12.39 5.06 -72.76
N ALA A 385 12.41 5.28 -71.43
CA ALA A 385 13.67 5.45 -70.77
C ALA A 385 14.43 4.14 -70.77
N HIS A 386 13.74 3.01 -70.46
CA HIS A 386 14.37 1.69 -70.36
C HIS A 386 14.90 1.27 -71.71
N ALA A 387 14.21 1.67 -72.78
CA ALA A 387 14.64 1.35 -74.13
C ALA A 387 15.97 2.08 -74.43
N LYS A 388 16.24 3.20 -73.75
CA LYS A 388 17.48 3.95 -73.97
C LYS A 388 18.48 3.72 -72.81
N LYS A 389 18.23 2.70 -71.97
CA LYS A 389 19.17 2.28 -70.95
C LYS A 389 19.22 3.32 -69.84
N VAL A 390 18.08 3.94 -69.60
CA VAL A 390 18.00 4.97 -68.56
C VAL A 390 16.84 4.64 -67.62
N LYS A 391 16.93 5.12 -66.41
CA LYS A 391 15.85 5.04 -65.45
C LYS A 391 15.33 6.41 -65.13
N LEU A 392 14.11 6.44 -64.61
CA LEU A 392 13.60 7.62 -63.97
C LEU A 392 13.81 7.46 -62.47
N ILE A 393 13.90 8.62 -61.82
CA ILE A 393 13.95 8.70 -60.37
C ILE A 393 12.61 9.25 -59.92
N MET A 394 12.01 8.48 -59.01
CA MET A 394 10.70 8.83 -58.48
C MET A 394 10.89 9.98 -57.52
N HIS A 395 9.89 10.85 -57.48
CA HIS A 395 9.87 11.96 -56.56
C HIS A 395 8.61 11.87 -55.71
N HIS A 396 8.83 11.89 -54.38
CA HIS A 396 7.78 11.85 -53.37
C HIS A 396 7.93 13.03 -52.41
N GLU A 397 7.64 14.22 -52.89
CA GLU A 397 7.51 15.32 -51.95
C GLU A 397 6.27 15.09 -51.08
N THR A 398 6.41 15.27 -49.74
CA THR A 398 5.32 15.03 -48.78
C THR A 398 4.67 16.33 -48.31
N SER A 399 5.41 17.43 -48.45
CA SER A 399 4.95 18.72 -47.97
C SER A 399 4.55 18.63 -46.47
N GLY A 400 5.31 17.82 -45.74
CA GLY A 400 5.18 17.78 -44.30
C GLY A 400 4.11 16.82 -43.77
N ALA A 401 3.30 16.26 -44.67
CA ALA A 401 2.15 15.47 -44.26
C ALA A 401 2.59 14.01 -44.10
N VAL A 402 3.16 13.74 -42.94
CA VAL A 402 3.80 12.45 -42.71
C VAL A 402 2.79 11.28 -42.64
N ARG A 403 1.68 11.46 -41.93
CA ARG A 403 0.65 10.43 -41.92
C ARG A 403 0.19 10.17 -43.34
N ASN A 404 0.00 11.23 -44.16
CA ASN A 404 -0.44 11.06 -45.53
C ASN A 404 0.57 10.26 -46.31
N TYR A 405 1.89 10.40 -46.04
CA TYR A 405 2.88 9.67 -46.80
C TYR A 405 2.81 8.20 -46.38
N GLU A 406 2.92 7.94 -45.08
CA GLU A 406 2.87 6.56 -44.55
C GLU A 406 1.66 5.79 -45.09
N ARG A 407 0.50 6.43 -45.20
CA ARG A 407 -0.65 5.67 -45.67
C ARG A 407 -0.50 5.25 -47.13
N HIS A 408 0.14 6.10 -47.94
CA HIS A 408 0.26 5.84 -49.36
C HIS A 408 1.56 5.09 -49.67
N MET A 409 2.43 4.93 -48.70
CA MET A 409 3.79 4.51 -48.99
C MET A 409 3.87 3.17 -49.71
N ASP A 410 3.19 2.13 -49.21
CA ASP A 410 3.20 0.81 -49.83
C ASP A 410 2.74 0.87 -51.30
N ALA A 411 1.62 1.52 -51.52
CA ALA A 411 1.10 1.66 -52.89
C ALA A 411 2.10 2.41 -53.75
N ALA A 412 2.81 3.41 -53.18
CA ALA A 412 3.72 4.26 -53.97
C ALA A 412 4.97 3.48 -54.36
N TYR A 413 5.49 2.69 -53.44
CA TYR A 413 6.64 1.86 -53.70
C TYR A 413 6.28 0.78 -54.67
N LYS A 414 5.06 0.26 -54.59
CA LYS A 414 4.62 -0.77 -55.52
C LYS A 414 4.63 -0.21 -56.93
N LEU A 415 4.08 0.99 -57.07
CA LEU A 415 4.01 1.59 -58.38
C LEU A 415 5.45 1.82 -58.92
N MET A 416 6.38 2.25 -58.07
CA MET A 416 7.78 2.36 -58.45
C MET A 416 8.24 1.05 -59.07
N LYS A 417 8.09 -0.05 -58.35
CA LYS A 417 8.54 -1.35 -58.86
C LYS A 417 7.86 -1.69 -60.18
N GLN A 418 6.56 -1.50 -60.26
CA GLN A 418 5.81 -1.87 -61.45
C GLN A 418 6.39 -1.15 -62.68
N TYR A 419 6.91 0.09 -62.57
CA TYR A 419 7.38 0.81 -63.75
C TYR A 419 8.91 0.89 -63.81
N GLY A 420 9.64 0.20 -62.94
CA GLY A 420 11.09 0.08 -62.97
C GLY A 420 11.85 1.26 -62.39
N TYR A 421 11.22 2.03 -61.51
CA TYR A 421 11.91 2.98 -60.65
C TYR A 421 12.50 2.21 -59.46
N ASP A 422 13.81 2.43 -59.20
CA ASP A 422 14.52 1.81 -58.12
C ASP A 422 15.04 2.89 -57.18
N ALA A 423 14.67 4.15 -57.35
CA ALA A 423 15.18 5.17 -56.42
C ALA A 423 14.15 6.26 -56.26
N VAL A 424 14.09 6.88 -55.09
CA VAL A 424 13.10 7.86 -54.80
C VAL A 424 13.78 9.00 -54.11
N LYS A 425 13.43 10.20 -54.57
CA LYS A 425 13.81 11.42 -53.87
C LYS A 425 12.57 11.83 -53.07
N SER A 426 12.68 11.92 -51.75
CA SER A 426 11.55 12.31 -50.93
C SER A 426 11.76 13.76 -50.53
N GLY A 427 10.70 14.39 -49.99
CA GLY A 427 10.87 15.68 -49.37
C GLY A 427 9.91 15.93 -48.21
N TYR A 428 10.23 16.90 -47.35
CA TYR A 428 9.45 17.20 -46.14
C TYR A 428 9.37 18.71 -45.95
N VAL A 429 8.92 19.44 -47.02
CA VAL A 429 8.89 20.89 -47.00
C VAL A 429 7.65 21.39 -46.28
N GLY A 430 7.81 22.38 -45.45
CA GLY A 430 6.70 22.94 -44.70
C GLY A 430 6.72 22.36 -43.29
N ASN A 431 5.87 22.88 -42.44
CA ASN A 431 5.75 22.37 -41.09
C ASN A 431 5.29 20.92 -41.15
N ILE A 432 5.85 20.12 -40.25
CA ILE A 432 5.40 18.74 -40.10
C ILE A 432 4.02 18.79 -39.50
N LEU A 433 3.13 17.95 -40.08
CA LEU A 433 1.78 17.82 -39.53
C LEU A 433 1.64 16.60 -38.61
N PRO A 434 0.87 16.75 -37.53
CA PRO A 434 0.12 17.97 -37.24
C PRO A 434 0.96 19.07 -36.59
N LEU A 435 0.50 20.32 -36.71
CA LEU A 435 1.30 21.43 -36.27
C LEU A 435 1.75 21.22 -34.82
N GLY A 436 3.02 21.53 -34.59
CA GLY A 436 3.66 21.49 -33.31
C GLY A 436 4.79 20.48 -33.32
N GLU A 437 4.68 19.52 -34.26
CA GLU A 437 5.74 18.55 -34.47
C GLU A 437 6.92 19.27 -35.11
N THR A 438 8.10 18.68 -34.92
CA THR A 438 9.36 19.25 -35.46
C THR A 438 10.00 18.27 -36.41
N HIS A 439 10.85 18.76 -37.30
CA HIS A 439 11.42 17.90 -38.33
C HIS A 439 12.43 16.89 -37.78
N TYR A 440 13.08 17.16 -36.64
CA TYR A 440 14.14 16.32 -36.14
C TYR A 440 13.87 15.75 -34.74
N SER A 441 12.61 15.68 -34.30
CA SER A 441 12.25 14.99 -33.06
C SER A 441 12.49 13.50 -33.16
N GLN A 442 12.43 12.82 -32.00
CA GLN A 442 12.51 11.35 -32.01
C GLN A 442 11.39 10.76 -32.85
N TRP A 443 10.22 11.45 -32.75
CA TRP A 443 9.03 10.96 -33.42
C TRP A 443 9.19 11.05 -34.97
N THR A 444 9.57 12.22 -35.51
CA THR A 444 9.70 12.33 -36.96
C THR A 444 10.96 11.57 -37.38
N ASN A 445 12.01 11.53 -36.52
CA ASN A 445 13.17 10.77 -36.92
C ASN A 445 12.83 9.33 -37.20
N ASN A 446 11.85 8.78 -36.47
CA ASN A 446 11.45 7.40 -36.66
C ASN A 446 10.75 7.20 -38.04
N HIS A 447 9.97 8.20 -38.48
CA HIS A 447 9.41 8.18 -39.81
C HIS A 447 10.51 8.03 -40.86
N TYR A 448 11.56 8.85 -40.84
CA TYR A 448 12.55 8.80 -41.93
C TYR A 448 13.15 7.40 -41.93
N GLN A 449 13.45 6.91 -40.70
CA GLN A 449 13.99 5.57 -40.51
C GLN A 449 13.04 4.51 -41.10
N TYR A 450 11.75 4.63 -40.84
CA TYR A 450 10.83 3.63 -41.34
C TYR A 450 10.75 3.65 -42.87
N ALA A 451 10.78 4.85 -43.48
CA ALA A 451 10.76 5.02 -44.95
C ALA A 451 11.94 4.24 -45.54
N ILE A 452 13.10 4.39 -44.90
CA ILE A 452 14.33 3.78 -45.39
C ILE A 452 14.22 2.26 -45.36
N GLU A 453 13.78 1.79 -44.20
CA GLU A 453 13.68 0.35 -43.92
C GLU A 453 12.70 -0.30 -44.88
N LYS A 454 11.54 0.34 -45.04
CA LYS A 454 10.53 -0.20 -45.95
C LYS A 454 11.06 -0.14 -47.38
N ALA A 455 11.74 0.93 -47.75
CA ALA A 455 12.29 1.02 -49.12
C ALA A 455 13.22 -0.15 -49.38
N ALA A 456 14.03 -0.48 -48.40
CA ALA A 456 14.95 -1.62 -48.47
C ALA A 456 14.24 -2.94 -48.70
N ASP A 457 13.12 -3.13 -48.04
CA ASP A 457 12.31 -4.34 -48.30
C ASP A 457 11.84 -4.40 -49.76
N TYR A 458 11.73 -3.24 -50.44
CA TYR A 458 11.31 -3.23 -51.82
C TYR A 458 12.53 -3.18 -52.75
N GLN A 459 13.74 -3.12 -52.20
CA GLN A 459 14.97 -2.85 -52.96
C GLN A 459 14.82 -1.54 -53.71
N ILE A 460 14.49 -0.51 -52.96
CA ILE A 460 14.43 0.86 -53.44
C ILE A 460 15.46 1.72 -52.70
N MET A 461 16.09 2.64 -53.40
CA MET A 461 17.05 3.57 -52.81
C MET A 461 16.30 4.85 -52.47
N VAL A 462 16.77 5.57 -51.48
CA VAL A 462 16.12 6.77 -50.97
C VAL A 462 17.14 7.90 -50.82
N ASN A 463 16.62 9.10 -51.19
CA ASN A 463 17.36 10.36 -51.11
C ASN A 463 16.38 11.34 -50.51
N ALA A 464 16.58 11.71 -49.26
CA ALA A 464 15.50 12.40 -48.58
C ALA A 464 15.90 13.86 -48.32
N HIS A 465 15.22 14.79 -48.98
CA HIS A 465 15.38 16.22 -48.71
C HIS A 465 14.54 16.60 -47.47
N GLU A 466 15.06 17.54 -46.67
CA GLU A 466 14.40 18.15 -45.53
C GLU A 466 14.35 17.23 -44.33
N ALA A 467 14.99 16.07 -44.45
CA ALA A 467 15.06 15.15 -43.33
C ALA A 467 16.19 15.57 -42.41
N VAL A 468 16.34 14.76 -41.36
CA VAL A 468 17.39 14.98 -40.38
C VAL A 468 18.76 14.74 -41.05
N ARG A 469 19.77 15.50 -40.65
CA ARG A 469 21.09 15.31 -41.20
C ARG A 469 21.66 13.97 -40.77
N PRO A 470 22.39 13.31 -41.68
CA PRO A 470 22.82 11.96 -41.45
C PRO A 470 23.93 11.81 -40.43
N THR A 471 24.05 10.60 -39.92
CA THR A 471 24.89 10.24 -38.79
C THR A 471 25.51 8.85 -39.00
N GLY A 472 25.76 8.52 -40.28
CA GLY A 472 26.42 7.27 -40.59
C GLY A 472 25.46 6.08 -40.79
N ILE A 473 24.14 6.28 -40.75
CA ILE A 473 23.22 5.16 -40.81
C ILE A 473 23.28 4.42 -42.13
N ALA A 474 23.85 5.01 -43.20
CA ALA A 474 23.96 4.28 -44.48
C ALA A 474 24.87 3.06 -44.42
N ARG A 475 25.82 3.00 -43.47
CA ARG A 475 26.51 1.75 -43.36
C ARG A 475 25.48 0.63 -43.13
N THR A 476 24.44 0.91 -42.34
CA THR A 476 23.52 -0.11 -41.84
C THR A 476 22.49 -0.33 -42.95
N TYR A 477 22.10 0.78 -43.63
CA TYR A 477 21.10 0.77 -44.68
C TYR A 477 21.69 1.54 -45.86
N PRO A 478 22.58 0.90 -46.65
CA PRO A 478 23.21 1.59 -47.75
C PRO A 478 22.26 1.92 -48.90
N ASN A 479 20.94 1.69 -48.73
CA ASN A 479 19.98 2.17 -49.71
C ASN A 479 19.68 3.63 -49.46
N LEU A 480 20.18 4.21 -48.35
CA LEU A 480 20.09 5.64 -48.15
C LEU A 480 21.25 6.34 -48.89
N ILE A 481 21.05 6.65 -50.17
CA ILE A 481 22.14 7.05 -51.01
C ILE A 481 22.28 8.56 -50.94
N GLY A 482 21.34 9.26 -50.28
CA GLY A 482 21.53 10.65 -50.00
C GLY A 482 20.47 11.31 -49.16
N ASN A 483 20.79 12.53 -48.74
CA ASN A 483 19.89 13.51 -48.19
C ASN A 483 20.35 14.85 -48.78
N GLU A 484 19.55 15.92 -48.52
CA GLU A 484 20.03 17.30 -48.60
C GLU A 484 20.49 17.73 -47.20
N ALA A 485 19.54 18.14 -46.36
CA ALA A 485 19.78 18.33 -44.94
C ALA A 485 20.88 19.35 -44.66
N ALA A 486 20.88 20.37 -45.52
CA ALA A 486 21.84 21.48 -45.55
C ALA A 486 21.46 22.35 -46.74
N ARG A 487 22.12 23.49 -46.85
CA ARG A 487 21.80 24.47 -47.88
C ARG A 487 22.47 24.02 -49.18
N GLY A 488 21.64 23.66 -50.15
CA GLY A 488 22.11 23.18 -51.41
C GLY A 488 22.16 24.20 -52.52
N THR A 489 22.42 23.73 -53.74
CA THR A 489 22.53 24.57 -54.93
C THR A 489 21.20 25.32 -55.16
N GLN A 490 20.06 24.69 -54.78
CA GLN A 490 18.79 25.36 -54.96
C GLN A 490 18.84 26.80 -54.44
N TYR A 491 19.60 27.12 -53.38
CA TYR A 491 19.52 28.45 -52.79
C TYR A 491 20.22 29.45 -53.70
N GLN A 492 21.04 28.93 -54.63
CA GLN A 492 21.74 29.77 -55.58
C GLN A 492 20.69 30.41 -56.47
N ALA A 493 19.43 29.82 -56.51
CA ALA A 493 18.34 30.30 -57.32
C ALA A 493 17.30 31.09 -56.55
N PHE A 494 17.55 31.31 -55.26
CA PHE A 494 16.52 31.89 -54.39
C PHE A 494 16.83 33.36 -54.05
N GLY A 495 17.80 33.98 -54.76
CA GLY A 495 18.07 35.38 -54.50
C GLY A 495 18.60 35.53 -53.07
N ASN A 496 18.27 36.61 -52.35
CA ASN A 496 18.96 37.01 -51.14
C ASN A 496 20.47 36.81 -51.27
N ASP A 497 21.13 36.11 -50.32
CA ASP A 497 22.60 36.00 -50.37
C ASP A 497 23.08 34.74 -51.12
N ARG A 498 22.13 33.96 -51.62
CA ARG A 498 22.39 32.65 -52.20
C ARG A 498 23.37 31.91 -51.31
N ASN A 499 24.40 31.25 -51.85
CA ASN A 499 25.38 30.55 -51.03
C ASN A 499 26.69 31.29 -51.11
N ASN A 500 27.28 31.55 -49.95
CA ASN A 500 28.60 32.15 -49.89
C ASN A 500 29.58 31.40 -50.80
N ALA A 501 30.57 32.15 -51.31
CA ALA A 501 31.56 31.61 -52.26
C ALA A 501 32.26 30.41 -51.64
N ASN A 502 32.49 30.48 -50.31
CA ASN A 502 33.22 29.39 -49.67
C ASN A 502 32.35 28.27 -49.09
N HIS A 503 31.04 28.27 -49.37
CA HIS A 503 30.10 27.32 -48.79
C HIS A 503 30.58 25.88 -48.92
N VAL A 504 31.02 25.52 -50.12
CA VAL A 504 31.44 24.13 -50.41
C VAL A 504 32.82 23.77 -49.86
N THR A 505 33.52 24.76 -49.30
CA THR A 505 34.74 24.49 -48.53
C THR A 505 34.42 24.33 -47.06
N ILE A 506 33.14 24.46 -46.65
CA ILE A 506 32.76 24.16 -45.29
C ILE A 506 31.91 22.89 -45.21
N LEU A 507 30.98 22.70 -46.15
CA LEU A 507 30.08 21.55 -46.11
C LEU A 507 30.82 20.24 -45.84
N PRO A 508 31.99 19.91 -46.46
CA PRO A 508 32.67 18.65 -46.17
C PRO A 508 33.11 18.41 -44.73
N PHE A 509 33.32 19.51 -44.04
CA PHE A 509 33.87 19.53 -42.72
C PHE A 509 32.75 19.52 -41.71
N THR A 510 31.47 19.59 -42.18
CA THR A 510 30.31 19.70 -41.30
C THR A 510 29.28 18.73 -41.81
N ARG A 511 28.41 19.23 -42.65
CA ARG A 511 27.34 18.42 -43.23
C ARG A 511 27.86 17.06 -43.69
N LEU A 512 28.98 16.97 -44.45
CA LEU A 512 29.26 15.66 -45.06
C LEU A 512 29.62 14.55 -44.05
N ILE A 513 29.97 14.94 -42.83
CA ILE A 513 30.26 14.02 -41.78
C ILE A 513 28.94 13.36 -41.35
N GLY A 514 28.78 12.08 -41.74
CA GLY A 514 27.56 11.37 -41.48
C GLY A 514 26.96 10.74 -42.73
N GLY A 515 27.27 11.37 -43.88
CA GLY A 515 26.89 10.79 -45.15
C GLY A 515 26.79 11.84 -46.24
N PRO A 516 26.60 11.42 -47.51
CA PRO A 516 26.68 12.30 -48.66
C PRO A 516 25.49 13.25 -48.76
N MET A 517 25.72 14.28 -49.57
CA MET A 517 24.73 15.24 -49.96
C MET A 517 24.51 15.23 -51.47
N ASP A 518 23.20 15.29 -51.81
CA ASP A 518 22.64 15.58 -53.11
C ASP A 518 22.71 17.09 -53.22
N TYR A 519 23.91 17.59 -53.62
CA TYR A 519 24.11 19.05 -53.67
C TYR A 519 23.57 19.62 -54.98
N THR A 520 23.42 18.78 -56.01
CA THR A 520 22.94 19.16 -57.35
C THR A 520 23.85 20.21 -57.99
N PRO A 521 25.11 19.85 -58.22
CA PRO A 521 26.06 20.78 -58.82
C PRO A 521 25.84 20.82 -60.33
N GLY A 522 26.76 21.43 -61.03
CA GLY A 522 26.84 21.31 -62.47
C GLY A 522 26.18 22.49 -63.17
N ILE A 523 26.15 23.68 -62.50
CA ILE A 523 25.51 24.86 -63.11
C ILE A 523 26.48 25.56 -64.04
N PHE A 524 26.07 25.75 -65.28
CA PHE A 524 26.86 26.46 -66.28
C PHE A 524 26.32 27.89 -66.56
N GLU A 525 24.99 28.12 -66.51
CA GLU A 525 24.40 29.43 -66.62
C GLU A 525 24.07 29.91 -65.21
N MET A 526 24.86 30.88 -64.72
CA MET A 526 24.74 31.38 -63.37
C MET A 526 23.68 32.48 -63.23
N ASP A 527 23.21 33.13 -64.31
CA ASP A 527 22.15 34.15 -64.25
C ASP A 527 20.80 33.62 -64.76
N VAL A 528 19.93 33.18 -63.85
CA VAL A 528 18.90 32.21 -64.19
C VAL A 528 17.58 32.93 -64.44
N THR A 529 16.49 32.20 -64.78
CA THR A 529 15.29 32.91 -65.26
C THR A 529 14.76 33.94 -64.26
N ASN A 530 14.69 33.65 -62.96
CA ASN A 530 14.10 34.52 -61.97
C ASN A 530 15.10 35.58 -61.49
N GLY A 531 16.30 35.73 -62.13
CA GLY A 531 17.20 36.87 -61.88
C GLY A 531 18.28 36.59 -60.85
N SER A 532 18.25 35.43 -60.22
CA SER A 532 19.11 35.13 -59.11
C SER A 532 20.47 34.77 -59.71
N HIS A 533 21.54 35.03 -58.98
CA HIS A 533 22.90 34.82 -59.43
C HIS A 533 23.58 33.71 -58.62
N VAL A 534 23.97 32.66 -59.34
CA VAL A 534 24.64 31.53 -58.71
C VAL A 534 26.07 31.93 -58.43
N ASN A 535 26.52 31.90 -57.18
CA ASN A 535 27.84 32.34 -56.82
C ASN A 535 28.91 31.26 -57.06
N ALA A 536 29.16 30.91 -58.33
CA ALA A 536 30.28 30.04 -58.65
C ALA A 536 30.84 30.32 -60.03
N THR A 537 32.02 29.74 -60.37
CA THR A 537 32.50 29.67 -61.75
C THR A 537 32.20 28.30 -62.29
N ILE A 538 32.35 28.15 -63.59
CA ILE A 538 32.06 26.86 -64.23
C ILE A 538 33.03 25.80 -63.70
N ALA A 539 34.26 26.22 -63.47
CA ALA A 539 35.24 25.25 -63.09
C ALA A 539 34.94 24.81 -61.65
N ASN A 540 34.41 25.69 -60.79
CA ASN A 540 33.99 25.34 -59.44
C ASN A 540 32.95 24.24 -59.56
N GLN A 541 32.05 24.39 -60.53
CA GLN A 541 30.97 23.42 -60.70
C GLN A 541 31.43 22.06 -61.16
N LEU A 542 32.48 22.03 -61.98
CA LEU A 542 33.01 20.75 -62.41
C LEU A 542 33.71 20.09 -61.21
N ALA A 543 34.33 20.90 -60.33
CA ALA A 543 35.15 20.33 -59.28
C ALA A 543 34.30 19.57 -58.25
N LEU A 544 33.07 20.05 -58.11
CA LEU A 544 32.15 19.52 -57.11
C LEU A 544 31.90 18.03 -57.28
N TYR A 545 32.00 17.49 -58.49
CA TYR A 545 31.82 16.05 -58.72
C TYR A 545 32.87 15.22 -57.98
N VAL A 546 33.96 15.87 -57.54
CA VAL A 546 35.00 15.26 -56.73
C VAL A 546 35.03 15.83 -55.30
N THR A 547 34.77 17.13 -55.07
CA THR A 547 35.02 17.68 -53.75
C THR A 547 33.80 17.58 -52.85
N MET A 548 32.64 17.24 -53.42
CA MET A 548 31.44 16.98 -52.66
C MET A 548 31.06 15.55 -52.91
N TYR A 549 31.72 14.62 -52.23
CA TYR A 549 31.57 13.18 -52.41
C TYR A 549 30.10 12.83 -52.32
N SER A 550 29.64 12.02 -53.25
CA SER A 550 28.29 11.47 -53.18
C SER A 550 28.14 10.36 -54.20
N PRO A 551 27.48 9.24 -53.84
CA PRO A 551 27.20 8.18 -54.78
C PRO A 551 26.08 8.60 -55.71
N LEU A 552 25.43 9.74 -55.39
CA LEU A 552 24.31 10.24 -56.17
C LEU A 552 24.67 11.65 -56.66
N GLN A 553 24.88 11.81 -57.96
CA GLN A 553 25.44 13.09 -58.44
C GLN A 553 24.62 13.61 -59.59
N MET A 554 24.01 14.77 -59.39
CA MET A 554 23.24 15.44 -60.46
C MET A 554 24.09 16.43 -61.33
N ALA A 555 23.68 16.54 -62.59
CA ALA A 555 23.98 17.69 -63.40
C ALA A 555 22.70 18.48 -63.63
N ALA A 556 22.55 19.54 -62.82
CA ALA A 556 21.28 20.18 -62.57
C ALA A 556 20.83 21.12 -63.69
N ASP A 557 21.74 21.61 -64.54
CA ASP A 557 21.36 22.65 -65.50
C ASP A 557 20.60 22.06 -66.70
N PHE A 558 20.24 22.95 -67.65
CA PHE A 558 19.38 22.53 -68.75
C PHE A 558 20.27 21.88 -69.77
N PRO A 559 19.73 20.92 -70.59
CA PRO A 559 20.44 20.41 -71.76
C PRO A 559 21.06 21.47 -72.64
N GLU A 560 20.33 22.53 -72.92
CA GLU A 560 20.81 23.57 -73.84
C GLU A 560 22.05 24.30 -73.28
N ASN A 561 22.19 24.37 -71.97
CA ASN A 561 23.31 25.09 -71.40
C ASN A 561 24.51 24.20 -71.42
N TYR A 562 24.31 22.90 -71.30
CA TYR A 562 25.42 21.97 -71.40
C TYR A 562 25.93 21.91 -72.84
N GLU A 563 25.04 21.98 -73.81
CA GLU A 563 25.35 21.99 -75.23
C GLU A 563 26.21 23.21 -75.58
N ARG A 564 25.88 24.36 -74.98
CA ARG A 564 26.60 25.60 -75.20
C ARG A 564 28.07 25.47 -74.80
N PHE A 565 28.34 24.74 -73.71
CA PHE A 565 29.66 24.61 -73.13
C PHE A 565 30.05 23.13 -73.12
N ALA A 566 29.90 22.47 -74.29
CA ALA A 566 30.15 21.04 -74.45
C ALA A 566 31.59 20.61 -74.09
N ASP A 567 32.57 21.46 -74.35
CA ASP A 567 33.96 21.14 -74.06
C ASP A 567 34.08 20.94 -72.54
N ALA A 568 33.47 21.83 -71.74
CA ALA A 568 33.58 21.77 -70.29
C ALA A 568 32.80 20.59 -69.75
N PHE A 569 31.67 20.31 -70.39
CA PHE A 569 30.76 19.28 -69.98
C PHE A 569 31.42 17.92 -70.04
N GLN A 570 32.50 17.76 -70.82
CA GLN A 570 33.17 16.48 -70.93
C GLN A 570 33.60 15.94 -69.56
N PHE A 571 34.04 16.82 -68.68
CA PHE A 571 34.49 16.35 -67.38
C PHE A 571 33.32 15.71 -66.61
N ILE A 572 32.15 16.35 -66.71
CA ILE A 572 31.00 15.81 -66.03
C ILE A 572 30.68 14.48 -66.64
N LYS A 573 30.81 14.36 -67.94
CA LYS A 573 30.45 13.09 -68.52
C LYS A 573 31.44 12.00 -68.10
N ASP A 574 32.73 12.37 -67.93
CA ASP A 574 33.80 11.41 -67.71
C ASP A 574 33.82 10.98 -66.26
N VAL A 575 33.55 11.91 -65.32
CA VAL A 575 33.79 11.66 -63.92
C VAL A 575 32.94 10.51 -63.40
N ALA A 576 33.54 9.70 -62.54
CA ALA A 576 32.82 8.64 -61.86
C ALA A 576 32.04 9.19 -60.64
N VAL A 577 31.33 8.23 -60.05
CA VAL A 577 30.57 8.50 -58.84
C VAL A 577 30.83 7.42 -57.78
N ASP A 578 31.79 6.52 -58.02
CA ASP A 578 32.15 5.57 -56.99
C ASP A 578 33.67 5.30 -57.06
N TRP A 579 34.28 4.99 -55.90
CA TRP A 579 35.74 5.07 -55.83
C TRP A 579 36.35 3.89 -55.05
N ASP A 580 37.54 3.43 -55.51
CA ASP A 580 38.39 2.48 -54.78
C ASP A 580 39.37 3.19 -53.83
N ASP A 581 39.60 4.50 -54.02
CA ASP A 581 40.45 5.18 -53.08
C ASP A 581 40.28 6.68 -53.26
N SER A 582 40.64 7.42 -52.21
CA SER A 582 40.50 8.87 -52.20
C SER A 582 41.68 9.46 -51.43
N ARG A 583 42.26 10.61 -51.89
CA ARG A 583 43.32 11.26 -51.17
C ARG A 583 43.04 12.74 -51.11
N TYR A 584 42.90 13.22 -49.88
CA TYR A 584 42.72 14.63 -49.66
C TYR A 584 44.12 15.25 -49.73
N LEU A 585 44.34 16.18 -50.69
CA LEU A 585 45.65 16.72 -50.92
C LEU A 585 45.82 18.02 -50.17
N GLU A 586 44.79 18.87 -50.12
CA GLU A 586 44.85 20.12 -49.37
C GLU A 586 43.47 20.39 -48.77
N ALA A 587 43.41 21.03 -47.62
CA ALA A 587 42.17 21.39 -47.02
C ALA A 587 42.33 22.35 -45.85
N GLU A 588 41.49 23.35 -45.88
CA GLU A 588 41.32 24.30 -44.81
C GLU A 588 39.86 24.74 -44.87
N PRO A 589 39.12 24.51 -43.78
CA PRO A 589 37.70 24.86 -43.72
C PRO A 589 37.48 26.35 -44.01
N GLY A 590 36.52 26.64 -44.89
CA GLY A 590 36.24 28.00 -45.25
C GLY A 590 37.12 28.52 -46.37
N GLN A 591 38.22 27.81 -46.75
CA GLN A 591 39.18 28.36 -47.67
C GLN A 591 39.37 27.55 -48.93
N TYR A 592 39.67 26.24 -48.81
CA TYR A 592 39.92 25.42 -49.99
C TYR A 592 39.83 23.91 -49.64
N ILE A 593 39.53 23.10 -50.65
CA ILE A 593 39.66 21.64 -50.54
C ILE A 593 40.21 21.15 -51.89
N THR A 594 41.19 20.28 -51.86
CA THR A 594 41.64 19.62 -53.07
C THR A 594 41.73 18.13 -52.80
N VAL A 595 41.10 17.35 -53.69
CA VAL A 595 41.09 15.92 -53.44
C VAL A 595 41.09 15.18 -54.76
N ALA A 596 41.76 14.03 -54.78
CA ALA A 596 41.78 13.14 -55.94
C ALA A 596 41.20 11.78 -55.53
N ARG A 597 40.47 11.16 -56.44
CA ARG A 597 39.80 9.90 -56.22
C ARG A 597 40.04 8.99 -57.42
N LYS A 598 40.12 7.68 -57.16
CA LYS A 598 40.39 6.69 -58.19
C LYS A 598 39.13 5.91 -58.51
N ALA A 599 38.69 6.00 -59.77
CA ALA A 599 37.38 5.46 -60.15
C ALA A 599 37.35 3.96 -59.88
N LYS A 600 36.31 3.48 -59.19
CA LYS A 600 36.08 2.07 -58.89
C LYS A 600 36.30 1.18 -60.12
N GLY A 601 37.12 0.13 -59.94
CA GLY A 601 37.36 -0.87 -60.98
C GLY A 601 38.15 -0.36 -62.19
N THR A 602 38.77 0.85 -62.06
CA THR A 602 39.59 1.43 -63.09
C THR A 602 40.94 1.82 -62.50
N ASP A 603 41.86 2.21 -63.40
CA ASP A 603 43.13 2.84 -63.03
C ASP A 603 43.12 4.35 -63.29
N ASN A 604 41.95 4.94 -63.49
CA ASN A 604 41.80 6.37 -63.75
C ASN A 604 41.45 7.17 -62.48
N TRP A 605 41.82 8.43 -62.45
CA TRP A 605 41.69 9.28 -61.29
C TRP A 605 41.00 10.57 -61.72
N PHE A 606 40.33 11.18 -60.79
CA PHE A 606 39.64 12.43 -61.00
C PHE A 606 39.94 13.29 -59.79
N LEU A 607 40.26 14.56 -60.09
CA LEU A 607 40.65 15.47 -59.02
C LEU A 607 39.77 16.70 -59.06
N GLY A 608 39.52 17.29 -57.90
CA GLY A 608 38.83 18.55 -57.84
C GLY A 608 39.44 19.48 -56.79
N ASN A 609 39.37 20.78 -57.11
CA ASN A 609 39.69 21.86 -56.18
C ASN A 609 38.50 22.80 -56.13
N VAL A 610 38.11 23.19 -54.93
CA VAL A 610 37.17 24.29 -54.77
C VAL A 610 37.84 25.36 -53.91
N ASN A 611 37.60 26.62 -54.25
CA ASN A 611 38.26 27.71 -53.58
C ASN A 611 37.29 28.80 -53.09
N GLY A 612 37.59 29.37 -51.92
CA GLY A 612 36.77 30.35 -51.26
C GLY A 612 36.97 31.79 -51.74
N GLU A 613 36.73 32.76 -50.86
CA GLU A 613 36.61 34.17 -51.20
C GLU A 613 37.93 34.65 -51.78
N THR A 614 39.05 34.19 -51.21
CA THR A 614 40.39 34.64 -51.58
C THR A 614 40.94 33.76 -52.71
N ALA A 615 41.12 34.39 -53.87
CA ALA A 615 41.79 33.77 -55.00
C ALA A 615 43.13 33.17 -54.59
N ARG A 616 43.49 32.00 -55.14
CA ARG A 616 44.66 31.28 -54.69
C ARG A 616 45.31 30.41 -55.76
N VAL A 617 46.63 30.34 -55.65
CA VAL A 617 47.44 29.46 -56.45
C VAL A 617 47.67 28.19 -55.62
N SER A 618 47.21 27.05 -56.15
CA SER A 618 47.24 25.76 -55.50
C SER A 618 48.50 25.03 -56.00
N ASN A 619 49.24 24.29 -55.16
CA ASN A 619 50.38 23.56 -55.73
C ASN A 619 50.27 22.12 -55.31
N ILE A 620 50.01 21.22 -56.26
CA ILE A 620 49.83 19.81 -55.92
C ILE A 620 50.92 18.89 -56.42
N ASP A 621 51.10 17.88 -55.58
CA ASP A 621 51.95 16.73 -55.84
C ASP A 621 50.97 15.65 -56.33
N LEU A 622 51.40 15.03 -57.44
CA LEU A 622 50.65 14.01 -58.14
C LEU A 622 51.16 12.65 -57.72
N GLY A 623 51.76 12.55 -56.50
CA GLY A 623 52.24 11.30 -55.92
C GLY A 623 51.17 10.20 -55.76
N PHE A 624 49.87 10.53 -55.85
CA PHE A 624 48.85 9.49 -55.70
C PHE A 624 48.74 8.59 -56.93
N LEU A 625 49.24 9.06 -58.06
CA LEU A 625 49.27 8.29 -59.31
C LEU A 625 50.19 7.09 -59.15
N GLU A 626 50.07 6.11 -60.03
CA GLU A 626 50.86 4.91 -59.92
C GLU A 626 52.25 5.23 -60.46
N LYS A 627 53.28 4.71 -59.80
CA LYS A 627 54.67 4.90 -60.20
C LYS A 627 54.88 4.20 -61.54
N GLY A 628 55.67 4.82 -62.43
CA GLY A 628 56.11 4.20 -63.68
C GLY A 628 55.03 4.25 -64.76
N LYS A 629 53.97 5.02 -64.54
CA LYS A 629 52.97 5.20 -65.55
C LYS A 629 52.86 6.68 -65.95
N LYS A 630 52.55 6.83 -67.24
CA LYS A 630 52.16 8.10 -67.83
C LYS A 630 50.63 8.22 -67.92
N TYR A 631 50.16 9.44 -67.59
CA TYR A 631 48.73 9.72 -67.73
C TYR A 631 48.53 10.93 -68.65
N THR A 632 47.51 10.85 -69.50
CA THR A 632 46.89 12.03 -70.06
C THR A 632 46.01 12.71 -68.97
N ALA A 633 46.48 13.86 -68.48
CA ALA A 633 45.71 14.78 -67.68
C ALA A 633 44.98 15.78 -68.58
N VAL A 634 43.67 15.98 -68.36
CA VAL A 634 42.96 17.13 -68.89
C VAL A 634 42.51 18.04 -67.72
N ILE A 635 42.97 19.29 -67.77
CA ILE A 635 42.76 20.28 -66.71
C ILE A 635 41.74 21.33 -67.13
N TYR A 636 40.64 21.33 -66.36
CA TYR A 636 39.57 22.29 -66.55
C TYR A 636 39.66 23.32 -65.41
N ALA A 637 40.00 24.56 -65.77
CA ALA A 637 40.46 25.52 -64.79
C ALA A 637 39.74 26.86 -64.98
N ASP A 638 39.82 27.70 -63.95
CA ASP A 638 39.41 29.07 -64.10
C ASP A 638 40.39 29.82 -65.00
N ALA A 639 39.85 30.67 -65.87
CA ALA A 639 40.69 31.66 -66.53
C ALA A 639 41.23 32.61 -65.43
N LYS A 640 42.35 33.32 -65.64
CA LYS A 640 42.93 34.21 -64.65
C LYS A 640 41.96 35.32 -64.16
N ASP A 641 41.02 35.78 -65.01
CA ASP A 641 40.10 36.89 -64.69
C ASP A 641 38.71 36.30 -64.32
N ALA A 642 38.60 35.01 -64.09
CA ALA A 642 37.34 34.45 -63.62
C ALA A 642 37.03 34.90 -62.19
N ASN A 643 35.75 34.91 -61.86
CA ASN A 643 35.31 35.56 -60.64
C ASN A 643 33.87 35.09 -60.42
N TYR A 644 33.45 34.72 -59.19
CA TYR A 644 32.16 34.10 -58.98
C TYR A 644 31.02 35.12 -59.09
N LYS A 645 31.29 36.43 -58.93
CA LYS A 645 30.31 37.50 -59.05
C LYS A 645 30.13 37.95 -60.48
N THR A 646 31.21 38.28 -61.19
CA THR A 646 31.21 39.09 -62.42
C THR A 646 31.76 38.33 -63.62
N ASN A 647 32.39 37.14 -63.50
CA ASN A 647 32.95 36.50 -64.66
C ASN A 647 32.99 34.99 -64.43
N THR A 648 31.77 34.40 -64.48
CA THR A 648 31.55 33.05 -64.03
C THR A 648 31.83 32.02 -65.11
N GLN A 649 31.80 32.37 -66.35
CA GLN A 649 31.80 31.40 -67.45
C GLN A 649 33.15 31.30 -68.19
N ALA A 650 34.24 31.84 -67.60
CA ALA A 650 35.57 31.91 -68.16
C ALA A 650 36.43 30.78 -67.58
N TYR A 651 36.71 29.81 -68.43
CA TYR A 651 37.47 28.63 -68.07
C TYR A 651 38.44 28.30 -69.22
N THR A 652 39.52 27.54 -68.90
CA THR A 652 40.49 27.03 -69.86
C THR A 652 40.42 25.51 -69.79
N ILE A 653 40.84 24.86 -70.87
CA ILE A 653 40.99 23.42 -70.90
C ILE A 653 42.34 23.10 -71.53
N ARG A 654 43.24 22.37 -70.87
CA ARG A 654 44.49 21.97 -71.52
C ARG A 654 44.90 20.54 -71.15
N LYS A 655 45.60 19.88 -72.10
CA LYS A 655 46.12 18.53 -71.95
C LYS A 655 47.61 18.58 -71.63
N VAL A 656 48.05 17.67 -70.79
CA VAL A 656 49.46 17.50 -70.47
C VAL A 656 49.61 16.06 -69.96
N VAL A 657 50.71 15.44 -70.36
CA VAL A 657 51.13 14.11 -69.93
C VAL A 657 51.95 14.27 -68.66
N VAL A 658 51.66 13.44 -67.65
CA VAL A 658 52.22 13.59 -66.33
C VAL A 658 52.56 12.20 -65.76
N THR A 659 53.35 12.19 -64.68
CA THR A 659 53.72 11.00 -63.96
C THR A 659 53.63 11.35 -62.46
N SER A 660 53.95 10.37 -61.61
CA SER A 660 53.82 10.48 -60.16
C SER A 660 54.78 11.56 -59.64
N ASN A 661 55.78 11.88 -60.46
CA ASN A 661 56.78 12.85 -60.12
C ASN A 661 56.46 14.24 -60.70
N SER A 662 55.44 14.39 -61.53
CA SER A 662 55.02 15.72 -61.92
C SER A 662 54.42 16.48 -60.72
N LYS A 663 54.52 17.82 -60.82
CA LYS A 663 53.94 18.80 -59.92
C LYS A 663 53.13 19.73 -60.83
N LEU A 664 52.06 20.28 -60.25
CA LEU A 664 51.14 21.13 -60.97
C LEU A 664 50.80 22.30 -60.07
N SER A 665 50.60 23.43 -60.73
CA SER A 665 50.46 24.75 -60.11
C SER A 665 49.24 25.33 -60.83
N GLN A 666 48.23 25.79 -60.07
CA GLN A 666 47.02 26.19 -60.74
C GLN A 666 46.38 27.32 -59.94
N PHE A 667 46.07 28.40 -60.71
CA PHE A 667 45.23 29.48 -60.21
C PHE A 667 43.78 28.97 -60.04
N SER A 668 43.14 29.29 -58.94
CA SER A 668 41.70 29.13 -58.81
C SER A 668 41.11 30.47 -58.39
N ALA A 669 40.02 30.88 -59.02
CA ALA A 669 39.47 32.18 -58.74
C ALA A 669 38.69 32.17 -57.45
N SER A 670 38.28 33.34 -57.08
CA SER A 670 37.39 33.62 -55.99
C SER A 670 36.05 32.94 -56.27
N GLY A 671 35.69 31.96 -55.43
CA GLY A 671 34.53 31.08 -55.63
C GLY A 671 34.68 30.18 -56.82
N GLY A 672 35.94 29.90 -57.16
CA GLY A 672 36.31 29.15 -58.35
C GLY A 672 36.77 27.77 -57.91
N GLY A 673 37.62 27.12 -58.74
CA GLY A 673 38.09 25.75 -58.53
C GLY A 673 38.75 25.23 -59.80
N TYR A 674 39.12 23.93 -59.80
CA TYR A 674 39.56 23.27 -61.02
C TYR A 674 39.23 21.78 -60.97
N ALA A 675 39.17 21.16 -62.15
CA ALA A 675 38.97 19.75 -62.25
C ALA A 675 40.00 19.15 -63.19
N ILE A 676 40.35 17.87 -62.91
CA ILE A 676 41.37 17.14 -63.66
C ILE A 676 40.93 15.69 -63.77
N SER A 677 40.90 15.17 -64.99
CA SER A 677 40.85 13.76 -65.31
C SER A 677 42.25 13.26 -65.66
N PHE A 678 42.61 12.12 -65.06
CA PHE A 678 43.83 11.41 -65.37
C PHE A 678 43.53 10.01 -65.87
N TYR A 679 43.89 9.72 -67.13
CA TYR A 679 43.71 8.44 -67.82
C TYR A 679 45.08 7.94 -68.26
N PRO A 680 45.42 6.67 -68.02
CA PRO A 680 46.68 6.10 -68.50
C PRO A 680 46.83 6.21 -70.01
N VAL A 681 48.06 6.31 -70.50
CA VAL A 681 48.33 6.24 -71.93
C VAL A 681 48.40 4.78 -72.36
N ALA A 682 47.94 4.39 -73.57
CA ALA A 682 48.00 2.99 -74.02
C ALA A 682 49.22 2.73 -74.95
N SER B 1 -36.82 31.62 -46.39
CA SER B 1 -37.00 32.30 -45.07
C SER B 1 -37.79 31.50 -43.99
N ASP B 2 -38.86 30.75 -44.30
CA ASP B 2 -39.48 29.86 -43.31
C ASP B 2 -39.53 28.42 -43.81
N LEU B 3 -39.64 27.43 -42.92
CA LEU B 3 -39.67 26.04 -43.38
C LEU B 3 -40.53 25.13 -42.46
N LYS B 4 -41.23 24.15 -43.05
CA LYS B 4 -42.12 23.26 -42.32
C LYS B 4 -41.75 21.80 -42.56
N SER B 5 -42.01 20.95 -41.57
CA SER B 5 -41.92 19.52 -41.76
C SER B 5 -42.99 19.11 -42.77
N PRO B 6 -42.85 17.94 -43.43
CA PRO B 6 -43.93 17.42 -44.27
C PRO B 6 -45.30 17.37 -43.60
N ASP B 7 -45.36 17.02 -42.30
CA ASP B 7 -46.61 16.91 -41.56
C ASP B 7 -47.06 18.25 -40.97
N GLY B 8 -46.33 19.34 -41.13
CA GLY B 8 -46.78 20.63 -40.61
C GLY B 8 -46.52 20.78 -39.11
N ASN B 9 -45.96 19.79 -38.40
CA ASN B 9 -45.77 19.94 -36.95
C ASN B 9 -44.65 20.93 -36.59
N PHE B 10 -43.57 20.91 -37.41
CA PHE B 10 -42.44 21.79 -37.14
C PHE B 10 -42.41 23.01 -38.07
N LEU B 11 -42.20 24.20 -37.49
CA LEU B 11 -41.85 25.39 -38.23
C LEU B 11 -40.46 25.92 -37.80
N MET B 12 -39.57 26.16 -38.78
CA MET B 12 -38.22 26.74 -38.57
C MET B 12 -38.17 28.12 -39.24
N HIS B 13 -38.01 29.20 -38.47
CA HIS B 13 -37.85 30.57 -38.92
C HIS B 13 -36.33 30.83 -38.98
N PHE B 14 -35.83 31.27 -40.14
CA PHE B 14 -34.49 31.80 -40.28
C PHE B 14 -34.51 33.31 -40.50
N SER B 15 -33.74 34.07 -39.71
CA SER B 15 -33.54 35.49 -39.96
C SER B 15 -32.08 35.90 -39.72
N LEU B 16 -31.75 37.16 -40.07
CA LEU B 16 -30.53 37.85 -39.69
C LEU B 16 -30.85 38.98 -38.73
N GLU B 17 -30.04 39.16 -37.67
CA GLU B 17 -30.25 40.23 -36.70
C GLU B 17 -29.85 41.56 -37.34
N ALA B 18 -30.11 42.66 -36.62
CA ALA B 18 -29.78 43.99 -37.09
C ALA B 18 -28.35 44.03 -37.61
N ASP B 19 -27.40 43.39 -36.93
CA ASP B 19 -25.98 43.46 -37.31
C ASP B 19 -25.58 42.35 -38.30
N GLY B 20 -26.51 41.52 -38.82
CA GLY B 20 -26.08 40.47 -39.76
C GLY B 20 -25.67 39.11 -39.14
N THR B 21 -25.91 38.92 -37.84
CA THR B 21 -25.78 37.59 -37.22
C THR B 21 -26.90 36.67 -37.73
N PRO B 22 -26.60 35.48 -38.28
CA PRO B 22 -27.66 34.54 -38.66
C PRO B 22 -28.21 33.83 -37.43
N VAL B 23 -29.56 33.67 -37.40
CA VAL B 23 -30.29 33.06 -36.29
C VAL B 23 -31.37 32.12 -36.82
N TYR B 24 -31.62 31.06 -36.02
CA TYR B 24 -32.67 30.11 -36.32
C TYR B 24 -33.50 29.86 -35.06
N LYS B 25 -34.72 29.34 -35.27
CA LYS B 25 -35.79 29.23 -34.28
C LYS B 25 -36.59 27.99 -34.70
N LEU B 26 -36.92 27.11 -33.75
CA LEU B 26 -37.66 25.91 -34.11
C LEU B 26 -38.90 25.75 -33.21
N ILE B 27 -40.05 25.47 -33.84
CA ILE B 27 -41.35 25.45 -33.19
C ILE B 27 -42.01 24.11 -33.51
N TYR B 28 -42.48 23.42 -32.44
CA TYR B 28 -43.18 22.13 -32.53
C TYR B 28 -44.59 22.30 -31.96
N LYS B 29 -45.61 22.04 -32.81
CA LYS B 29 -47.00 22.10 -32.40
C LYS B 29 -47.24 23.41 -31.66
N GLY B 30 -46.91 24.53 -32.33
CA GLY B 30 -47.11 25.86 -31.77
C GLY B 30 -46.20 26.16 -30.58
N LYS B 31 -45.32 25.25 -30.12
CA LYS B 31 -44.53 25.53 -28.94
C LYS B 31 -43.05 25.70 -29.30
N ASP B 32 -42.43 26.71 -28.68
CA ASP B 32 -40.99 26.90 -28.85
C ASP B 32 -40.17 25.72 -28.32
N VAL B 33 -39.36 25.12 -29.20
CA VAL B 33 -38.45 24.08 -28.80
C VAL B 33 -36.99 24.55 -28.82
N ILE B 34 -36.60 25.24 -29.91
CA ILE B 34 -35.36 26.01 -30.01
C ILE B 34 -35.72 27.49 -30.17
N LYS B 35 -35.34 28.31 -29.21
CA LYS B 35 -35.55 29.75 -29.33
C LYS B 35 -34.48 30.35 -30.24
N ALA B 36 -34.56 31.64 -30.48
CA ALA B 36 -33.66 32.33 -31.38
C ALA B 36 -32.22 31.97 -31.00
N SER B 37 -31.47 31.47 -31.97
CA SER B 37 -30.21 30.80 -31.77
C SER B 37 -29.21 31.28 -32.83
N LYS B 38 -28.01 31.69 -32.41
CA LYS B 38 -27.03 32.24 -33.33
C LYS B 38 -26.32 31.11 -34.06
N LEU B 39 -25.76 31.44 -35.25
CA LEU B 39 -25.03 30.48 -36.07
C LEU B 39 -23.74 31.14 -36.58
N GLY B 40 -22.76 30.32 -37.02
CA GLY B 40 -21.50 30.77 -37.57
C GLY B 40 -20.28 30.29 -36.81
N PHE B 41 -19.10 30.91 -37.04
CA PHE B 41 -17.82 30.41 -36.55
C PHE B 41 -16.89 31.55 -36.16
N THR B 42 -16.04 31.29 -35.14
CA THR B 42 -14.86 32.08 -34.80
C THR B 42 -13.67 31.42 -35.47
N LEU B 43 -12.92 32.15 -36.30
CA LEU B 43 -11.80 31.56 -37.05
C LEU B 43 -10.51 32.05 -36.46
N LYS B 44 -9.46 31.23 -36.51
CA LYS B 44 -8.20 31.59 -35.89
C LYS B 44 -7.46 32.54 -36.81
N ASN B 45 -6.75 33.53 -36.24
CA ASN B 45 -5.98 34.52 -37.01
C ASN B 45 -6.79 35.11 -38.16
N ASP B 46 -7.90 35.72 -37.79
CA ASP B 46 -8.83 36.33 -38.72
C ASP B 46 -9.46 37.57 -38.07
N ASN B 47 -9.30 38.70 -38.71
CA ASN B 47 -9.89 39.94 -38.26
C ASN B 47 -11.31 39.75 -37.76
N LYS B 48 -12.16 39.25 -38.65
CA LYS B 48 -13.61 39.43 -38.61
C LYS B 48 -14.37 38.16 -38.26
N SER B 49 -13.85 37.00 -38.63
CA SER B 49 -14.54 35.74 -38.41
C SER B 49 -15.84 35.67 -39.20
N LEU B 50 -16.69 34.70 -38.90
CA LEU B 50 -17.92 34.38 -39.63
C LEU B 50 -19.14 34.34 -38.67
N LEU B 51 -19.37 35.45 -37.98
CA LEU B 51 -20.28 35.56 -36.85
C LEU B 51 -21.49 36.44 -37.19
N ASN B 52 -21.28 37.40 -38.09
CA ASN B 52 -22.16 38.51 -38.35
C ASN B 52 -21.79 39.19 -39.66
N ASP B 53 -22.50 40.29 -39.99
CA ASP B 53 -22.28 41.07 -41.21
C ASP B 53 -22.59 40.27 -42.47
N PHE B 54 -23.47 39.27 -42.38
CA PHE B 54 -23.96 38.58 -43.58
C PHE B 54 -25.19 39.26 -44.20
N LYS B 55 -25.42 39.03 -45.47
CA LYS B 55 -26.69 39.30 -46.13
C LYS B 55 -27.11 38.01 -46.84
N ILE B 56 -28.42 37.86 -47.07
CA ILE B 56 -28.95 36.72 -47.78
C ILE B 56 -28.80 37.02 -49.27
N GLU B 57 -28.09 36.18 -49.98
CA GLU B 57 -27.83 36.38 -51.41
C GLU B 57 -28.87 35.57 -52.16
N ASP B 58 -29.27 34.44 -51.61
CA ASP B 58 -30.19 33.56 -52.32
C ASP B 58 -30.82 32.59 -51.32
N THR B 59 -32.02 32.06 -51.62
CA THR B 59 -32.58 30.89 -50.91
C THR B 59 -33.09 29.89 -51.94
N LYS B 60 -33.18 28.61 -51.54
CA LYS B 60 -33.64 27.55 -52.43
C LYS B 60 -34.37 26.50 -51.61
N THR B 61 -35.57 26.08 -52.10
CA THR B 61 -36.40 25.11 -51.39
C THR B 61 -36.57 23.85 -52.24
N SER B 62 -36.75 22.71 -51.57
CA SER B 62 -36.97 21.45 -52.23
C SER B 62 -37.57 20.47 -51.24
N SER B 63 -37.94 19.30 -51.76
CA SER B 63 -38.53 18.22 -51.00
C SER B 63 -37.98 16.90 -51.48
N PHE B 64 -37.98 15.89 -50.60
CA PHE B 64 -37.39 14.59 -50.91
C PHE B 64 -38.22 13.57 -50.14
N ASP B 65 -38.55 12.48 -50.79
CA ASP B 65 -39.28 11.38 -50.22
C ASP B 65 -38.90 10.12 -51.00
N GLU B 66 -37.98 9.32 -50.41
CA GLU B 66 -37.62 8.01 -50.96
C GLU B 66 -37.40 7.05 -49.78
N ASN B 67 -37.40 5.75 -50.07
CA ASN B 67 -37.13 4.70 -49.11
C ASN B 67 -35.81 4.05 -49.46
N TRP B 68 -35.07 3.59 -48.46
CA TRP B 68 -33.89 2.77 -48.70
C TRP B 68 -33.96 1.59 -47.74
N LYS B 69 -33.27 0.51 -48.12
CA LYS B 69 -33.18 -0.76 -47.39
C LYS B 69 -31.83 -0.81 -46.68
N PRO B 70 -31.77 -0.77 -45.32
CA PRO B 70 -30.48 -0.89 -44.62
C PRO B 70 -29.91 -2.29 -44.79
N VAL B 71 -28.61 -2.44 -44.60
CA VAL B 71 -28.06 -3.79 -44.65
C VAL B 71 -28.52 -4.57 -43.44
N TRP B 72 -28.60 -3.85 -42.30
CA TRP B 72 -29.01 -4.39 -41.02
C TRP B 72 -29.64 -3.23 -40.28
N GLY B 73 -30.53 -3.60 -39.35
CA GLY B 73 -31.28 -2.56 -38.68
C GLY B 73 -32.48 -3.09 -37.91
N GLU B 74 -33.24 -2.12 -37.41
CA GLU B 74 -34.45 -2.25 -36.61
C GLU B 74 -35.65 -2.48 -37.55
N VAL B 75 -35.52 -2.09 -38.83
CA VAL B 75 -36.58 -2.22 -39.81
C VAL B 75 -35.96 -2.63 -41.16
N SER B 76 -36.82 -3.20 -42.01
CA SER B 76 -36.41 -3.68 -43.31
C SER B 76 -36.33 -2.52 -44.31
N SER B 77 -37.12 -1.46 -44.08
CA SER B 77 -37.21 -0.31 -44.96
C SER B 77 -37.22 0.97 -44.15
N ILE B 78 -36.48 1.98 -44.56
CA ILE B 78 -36.52 3.26 -43.86
C ILE B 78 -36.96 4.38 -44.82
N ARG B 79 -37.83 5.23 -44.31
CA ARG B 79 -38.32 6.36 -45.09
C ARG B 79 -37.50 7.62 -44.84
N ASN B 80 -37.03 8.26 -45.93
CA ASN B 80 -36.28 9.50 -45.89
C ASN B 80 -37.13 10.61 -46.48
N ASN B 81 -37.79 11.37 -45.59
CA ASN B 81 -38.81 12.31 -46.04
C ASN B 81 -38.58 13.65 -45.37
N TYR B 82 -38.26 14.69 -46.14
CA TYR B 82 -37.99 16.01 -45.57
C TYR B 82 -38.28 17.10 -46.60
N ASN B 83 -38.44 18.33 -46.10
CA ASN B 83 -38.39 19.57 -46.86
C ASN B 83 -37.08 20.28 -46.52
N GLU B 84 -36.48 21.00 -47.50
CA GLU B 84 -35.14 21.56 -47.41
C GLU B 84 -35.22 23.05 -47.70
N LEU B 85 -34.50 23.83 -46.89
CA LEU B 85 -34.18 25.21 -47.16
C LEU B 85 -32.66 25.43 -47.14
N ALA B 86 -32.12 25.88 -48.27
CA ALA B 86 -30.72 26.25 -48.41
C ALA B 86 -30.60 27.77 -48.48
N VAL B 87 -29.92 28.39 -47.52
CA VAL B 87 -29.75 29.83 -47.51
C VAL B 87 -28.30 30.14 -47.85
N SER B 88 -28.05 30.79 -49.01
CA SER B 88 -26.73 31.31 -49.38
C SER B 88 -26.53 32.67 -48.72
N LEU B 89 -25.52 32.76 -47.87
CA LEU B 89 -25.14 34.02 -47.24
C LEU B 89 -23.88 34.55 -47.92
N SER B 90 -23.69 35.87 -47.79
CA SER B 90 -22.53 36.58 -48.28
C SER B 90 -22.10 37.59 -47.21
N GLN B 91 -20.80 37.65 -46.88
CA GLN B 91 -20.38 38.54 -45.81
C GLN B 91 -20.06 39.89 -46.44
N LYS B 92 -20.40 40.98 -45.77
CA LYS B 92 -19.91 42.28 -46.17
C LYS B 92 -18.40 42.33 -45.98
N GLU B 93 -17.76 43.19 -46.79
CA GLU B 93 -16.33 43.47 -46.80
C GLU B 93 -15.53 42.32 -47.40
N THR B 94 -15.65 41.11 -46.86
CA THR B 94 -14.81 40.02 -47.29
C THR B 94 -15.47 39.32 -48.47
N ASP B 95 -16.81 39.44 -48.64
CA ASP B 95 -17.51 38.74 -49.71
C ASP B 95 -17.42 37.24 -49.63
N ARG B 96 -17.21 36.67 -48.44
CA ARG B 96 -17.12 35.22 -48.31
C ARG B 96 -18.51 34.60 -48.29
N LYS B 97 -18.60 33.41 -48.85
CA LYS B 97 -19.86 32.73 -49.06
C LYS B 97 -19.99 31.59 -48.05
N MET B 98 -21.13 31.54 -47.35
CA MET B 98 -21.46 30.44 -46.46
C MET B 98 -22.95 30.08 -46.66
N ILE B 99 -23.21 28.82 -47.00
CA ILE B 99 -24.54 28.27 -47.12
C ILE B 99 -24.92 27.60 -45.80
N ILE B 100 -26.13 27.90 -45.30
CA ILE B 100 -26.70 27.11 -44.23
C ILE B 100 -27.84 26.28 -44.79
N ARG B 101 -27.73 24.96 -44.61
CA ARG B 101 -28.70 24.09 -45.27
C ARG B 101 -29.54 23.39 -44.20
N PHE B 102 -30.89 23.56 -44.28
CA PHE B 102 -31.78 23.00 -43.29
C PHE B 102 -32.67 21.90 -43.87
N ARG B 103 -32.83 20.80 -43.15
CA ARG B 103 -33.74 19.74 -43.50
C ARG B 103 -34.66 19.51 -42.31
N LEU B 104 -35.96 19.55 -42.63
CA LEU B 104 -36.98 19.45 -41.59
C LEU B 104 -37.81 18.21 -41.85
N PHE B 105 -37.75 17.28 -40.89
CA PHE B 105 -38.42 15.99 -40.98
C PHE B 105 -39.61 15.95 -40.01
N ASP B 106 -40.38 14.86 -40.08
CA ASP B 106 -41.47 14.72 -39.11
C ASP B 106 -40.84 14.48 -37.73
N ASP B 107 -39.60 13.99 -37.69
CA ASP B 107 -38.91 13.77 -36.43
C ASP B 107 -38.12 14.98 -35.94
N GLY B 108 -37.96 16.04 -36.72
CA GLY B 108 -37.24 17.24 -36.29
C GLY B 108 -36.27 17.83 -37.32
N LEU B 109 -35.26 18.56 -36.80
CA LEU B 109 -34.45 19.43 -37.64
C LEU B 109 -33.03 18.94 -37.78
N GLY B 110 -32.49 19.06 -38.99
CA GLY B 110 -31.05 18.92 -39.19
C GLY B 110 -30.51 20.13 -39.96
N PHE B 111 -29.37 20.66 -39.52
CA PHE B 111 -28.79 21.71 -40.35
C PHE B 111 -27.27 21.57 -40.37
N ARG B 112 -26.67 22.08 -41.45
CA ARG B 112 -25.21 22.05 -41.62
C ARG B 112 -24.73 23.29 -42.34
N TYR B 113 -23.42 23.58 -42.19
CA TYR B 113 -22.88 24.70 -42.94
C TYR B 113 -22.08 24.19 -44.13
N GLU B 114 -22.14 24.91 -45.26
CA GLU B 114 -21.40 24.53 -46.45
C GLU B 114 -20.62 25.76 -46.95
N PHE B 115 -19.37 25.55 -47.38
CA PHE B 115 -18.57 26.60 -47.95
C PHE B 115 -18.30 26.21 -49.37
N PRO B 116 -18.85 26.90 -50.38
CA PRO B 116 -18.52 26.60 -51.76
C PRO B 116 -17.14 27.18 -52.14
N GLN B 117 -16.67 26.72 -53.31
CA GLN B 117 -15.48 27.23 -53.95
C GLN B 117 -15.59 28.74 -54.10
N GLN B 118 -14.63 29.50 -53.58
CA GLN B 118 -14.67 30.94 -53.68
C GLN B 118 -13.23 31.48 -53.60
N ASN B 119 -13.12 32.78 -53.78
CA ASN B 119 -11.86 33.41 -53.94
C ASN B 119 -11.22 33.81 -52.61
N ASN B 120 -11.97 34.09 -51.54
CA ASN B 120 -11.45 34.83 -50.40
C ASN B 120 -11.48 33.93 -49.16
N LEU B 121 -11.74 32.65 -49.38
CA LEU B 121 -11.76 31.69 -48.31
C LEU B 121 -11.37 30.35 -48.91
N ILE B 122 -10.15 29.92 -48.62
CA ILE B 122 -9.70 28.67 -49.17
C ILE B 122 -9.35 27.78 -47.98
N TYR B 123 -8.21 28.05 -47.37
CA TYR B 123 -7.68 27.38 -46.19
C TYR B 123 -8.04 28.28 -45.00
N PHE B 124 -8.72 27.66 -44.02
CA PHE B 124 -9.04 28.34 -42.79
C PHE B 124 -9.12 27.31 -41.67
N THR B 125 -9.00 27.83 -40.46
CA THR B 125 -8.97 27.07 -39.23
C THR B 125 -10.10 27.62 -38.36
N ILE B 126 -10.98 26.68 -37.93
CA ILE B 126 -11.96 27.00 -36.89
C ILE B 126 -11.29 27.06 -35.51
N LYS B 127 -11.37 28.23 -34.88
CA LYS B 127 -11.05 28.33 -33.48
C LYS B 127 -12.18 27.80 -32.56
N GLU B 128 -13.43 28.15 -32.85
CA GLU B 128 -14.62 27.62 -32.20
C GLU B 128 -15.79 27.70 -33.18
N GLU B 129 -16.69 26.70 -33.21
CA GLU B 129 -18.00 26.80 -33.84
C GLU B 129 -18.94 27.52 -32.90
N ARG B 130 -19.75 28.47 -33.41
CA ARG B 130 -20.70 29.24 -32.60
C ARG B 130 -22.13 28.92 -33.05
N THR B 131 -22.50 27.65 -32.86
CA THR B 131 -23.83 27.17 -33.15
C THR B 131 -24.55 26.97 -31.82
N GLN B 132 -25.68 27.63 -31.66
CA GLN B 132 -26.42 27.67 -30.41
C GLN B 132 -27.67 26.82 -30.52
N PHE B 133 -28.07 26.37 -29.34
CA PHE B 133 -29.41 25.83 -29.14
C PHE B 133 -30.01 26.52 -27.92
N ALA B 134 -30.75 27.61 -28.13
CA ALA B 134 -31.48 28.28 -27.04
C ALA B 134 -32.71 27.45 -26.55
N MET B 135 -32.65 26.97 -25.31
CA MET B 135 -33.76 26.17 -24.76
C MET B 135 -34.89 27.09 -24.29
N ALA B 136 -36.13 26.54 -24.25
CA ALA B 136 -37.35 27.28 -23.89
C ALA B 136 -37.49 27.43 -22.37
N GLY B 137 -36.82 26.56 -21.60
CA GLY B 137 -36.91 26.63 -20.14
C GLY B 137 -35.85 25.71 -19.51
N ASP B 138 -35.95 25.56 -18.18
CA ASP B 138 -34.99 24.80 -17.40
C ASP B 138 -35.40 23.34 -17.49
N HIS B 139 -35.18 22.74 -18.65
CA HIS B 139 -35.55 21.34 -18.91
C HIS B 139 -34.86 20.39 -17.93
N THR B 140 -35.38 19.14 -17.87
CA THR B 140 -34.71 17.99 -17.27
C THR B 140 -33.77 17.41 -18.33
N ALA B 141 -32.52 17.12 -17.98
CA ALA B 141 -31.55 16.56 -18.91
C ALA B 141 -31.00 15.23 -18.40
N TYR B 142 -30.58 14.39 -19.35
CA TYR B 142 -29.90 13.16 -19.08
C TYR B 142 -28.55 13.29 -19.81
N TRP B 143 -27.48 13.43 -19.03
CA TRP B 143 -26.21 13.94 -19.51
C TRP B 143 -25.01 13.28 -18.86
N ILE B 144 -23.91 13.25 -19.65
CA ILE B 144 -22.58 12.96 -19.18
C ILE B 144 -21.66 14.16 -19.38
N PRO B 145 -20.59 14.29 -18.58
CA PRO B 145 -19.70 15.43 -18.64
C PRO B 145 -19.03 15.50 -19.99
N GLY B 146 -18.88 16.73 -20.45
CA GLY B 146 -18.10 16.93 -21.67
C GLY B 146 -16.65 16.54 -21.49
N ASP B 147 -16.15 15.74 -22.45
CA ASP B 147 -14.81 15.18 -22.33
C ASP B 147 -14.24 14.91 -23.72
N TYR B 148 -12.93 15.12 -23.87
CA TYR B 148 -12.28 15.01 -25.16
C TYR B 148 -11.77 13.58 -25.37
N ASP B 149 -11.80 12.73 -24.33
CA ASP B 149 -11.11 11.46 -24.46
C ASP B 149 -11.88 10.21 -24.01
N THR B 150 -12.99 10.39 -23.26
CA THR B 150 -13.82 9.24 -22.92
C THR B 150 -15.28 9.64 -22.83
N GLN B 151 -16.15 8.67 -23.12
CA GLN B 151 -17.58 8.82 -22.82
C GLN B 151 -18.03 7.81 -21.75
N GLU B 152 -17.09 7.20 -21.01
CA GLU B 152 -17.44 6.07 -20.12
C GLU B 152 -17.98 6.54 -18.76
N TYR B 153 -19.03 7.36 -18.76
CA TYR B 153 -19.59 7.88 -17.53
C TYR B 153 -20.98 7.35 -17.32
N ASN B 154 -21.37 7.24 -16.03
CA ASN B 154 -22.75 7.16 -15.67
C ASN B 154 -23.44 8.46 -16.02
N TYR B 155 -24.72 8.32 -16.46
CA TYR B 155 -25.55 9.47 -16.76
C TYR B 155 -25.99 10.09 -15.44
N SER B 156 -26.32 11.38 -15.46
CA SER B 156 -27.02 12.08 -14.42
C SER B 156 -28.34 12.58 -14.96
N THR B 157 -29.39 12.56 -14.11
CA THR B 157 -30.70 13.10 -14.41
C THR B 157 -30.86 14.35 -13.57
N SER B 158 -31.02 15.51 -14.18
CA SER B 158 -31.15 16.73 -13.38
C SER B 158 -31.74 17.88 -14.20
N LYS B 159 -32.10 18.98 -13.55
CA LYS B 159 -32.43 20.18 -14.28
C LYS B 159 -31.16 20.71 -14.89
N LEU B 160 -31.31 21.60 -15.89
CA LEU B 160 -30.18 22.29 -16.49
C LEU B 160 -29.46 23.15 -15.45
N SER B 161 -30.22 23.84 -14.60
CA SER B 161 -29.67 24.71 -13.54
C SER B 161 -28.86 23.93 -12.50
N GLU B 162 -28.98 22.61 -12.47
CA GLU B 162 -28.37 21.80 -11.42
C GLU B 162 -27.09 21.16 -11.95
N ILE B 163 -26.85 21.30 -13.27
CA ILE B 163 -25.70 20.66 -13.87
C ILE B 163 -24.41 21.14 -13.24
N ARG B 164 -24.22 22.44 -13.12
CA ARG B 164 -23.01 22.98 -12.52
C ARG B 164 -22.73 22.38 -11.13
N GLY B 165 -23.73 22.32 -10.25
CA GLY B 165 -23.53 21.87 -8.89
C GLY B 165 -23.29 20.36 -8.84
N LEU B 166 -23.86 19.61 -9.78
CA LEU B 166 -23.66 18.19 -9.84
C LEU B 166 -22.32 17.79 -10.47
N MET B 167 -21.55 18.72 -11.01
CA MET B 167 -20.47 18.33 -11.90
C MET B 167 -19.26 17.84 -11.09
N GLU B 168 -18.97 18.35 -9.89
CA GLU B 168 -17.94 17.70 -9.04
C GLU B 168 -18.18 16.15 -9.01
N LYS B 169 -19.44 15.68 -8.84
CA LYS B 169 -19.78 14.26 -8.67
C LYS B 169 -19.81 13.41 -9.97
N ALA B 170 -20.47 13.87 -11.02
CA ALA B 170 -20.59 13.13 -12.29
C ALA B 170 -19.27 12.91 -13.04
N TYR B 171 -18.22 13.79 -12.86
CA TYR B 171 -16.82 13.65 -13.34
C TYR B 171 -15.91 12.77 -12.41
N THR B 172 -16.19 11.46 -12.52
CA THR B 172 -15.49 10.36 -11.89
C THR B 172 -14.15 10.12 -12.60
N LYS B 173 -13.16 9.66 -11.81
CA LYS B 173 -11.75 9.67 -12.21
C LYS B 173 -11.34 8.22 -12.48
N GLY B 174 -10.01 7.92 -12.33
CA GLY B 174 -9.43 6.59 -12.56
C GLY B 174 -9.45 6.10 -14.03
N ASN B 175 -9.81 6.95 -15.00
CA ASN B 175 -9.78 6.60 -16.43
C ASN B 175 -8.34 6.79 -16.92
N ALA B 176 -7.87 5.83 -17.73
CA ALA B 176 -6.62 5.87 -18.48
C ALA B 176 -6.52 7.14 -19.33
N SER B 177 -7.63 7.63 -19.90
CA SER B 177 -7.62 8.87 -20.68
C SER B 177 -8.98 9.55 -20.52
N GLN B 178 -8.97 10.77 -19.95
CA GLN B 178 -10.14 11.66 -19.83
C GLN B 178 -9.67 13.14 -19.73
N THR B 179 -10.36 14.07 -20.39
CA THR B 179 -10.00 15.49 -20.34
C THR B 179 -11.31 16.27 -20.42
N SER B 180 -11.71 16.90 -19.32
CA SER B 180 -12.88 17.75 -19.20
C SER B 180 -12.59 19.09 -19.82
N PHE B 181 -13.59 19.99 -19.88
CA PHE B 181 -13.38 21.31 -20.47
C PHE B 181 -14.19 22.41 -19.82
N SER B 182 -15.32 22.10 -19.20
CA SER B 182 -16.16 23.12 -18.61
C SER B 182 -17.00 22.58 -17.47
N PRO B 183 -17.26 23.42 -16.44
CA PRO B 183 -18.16 23.01 -15.35
C PRO B 183 -19.57 22.85 -15.84
N THR B 184 -19.92 23.40 -17.03
CA THR B 184 -21.26 23.17 -17.59
C THR B 184 -21.19 22.47 -18.95
N GLY B 185 -20.13 21.70 -19.21
CA GLY B 185 -19.99 21.04 -20.51
C GLY B 185 -20.53 19.59 -20.47
N VAL B 186 -21.17 19.19 -21.56
CA VAL B 186 -21.82 17.92 -21.68
C VAL B 186 -21.58 17.38 -23.08
N GLN B 187 -21.78 16.07 -23.21
CA GLN B 187 -21.68 15.40 -24.48
C GLN B 187 -23.02 15.33 -25.21
N THR B 188 -22.96 14.93 -26.49
CA THR B 188 -24.11 14.54 -27.27
C THR B 188 -23.86 13.10 -27.66
N SER B 189 -24.93 12.36 -27.97
CA SER B 189 -26.31 12.84 -27.91
C SER B 189 -26.78 13.25 -26.50
N LEU B 190 -27.44 14.39 -26.40
CA LEU B 190 -27.95 14.91 -25.16
C LEU B 190 -29.47 14.81 -25.20
N MET B 191 -30.06 14.28 -24.13
CA MET B 191 -31.48 14.00 -24.11
C MET B 191 -32.10 14.88 -23.04
N MET B 192 -33.29 15.42 -23.34
CA MET B 192 -33.94 16.33 -22.43
C MET B 192 -35.44 16.07 -22.47
N LYS B 193 -36.09 16.47 -21.37
CA LYS B 193 -37.53 16.56 -21.27
C LYS B 193 -37.95 17.90 -20.67
N SER B 194 -38.79 18.65 -21.36
CA SER B 194 -39.23 19.95 -20.90
C SER B 194 -40.23 19.83 -19.77
N GLN B 195 -40.42 20.93 -19.03
CA GLN B 195 -41.27 20.90 -17.85
C GLN B 195 -42.66 20.54 -18.31
N ASP B 196 -42.97 20.70 -19.60
CA ASP B 196 -44.33 20.52 -20.10
C ASP B 196 -44.41 19.30 -21.01
N GLY B 197 -43.52 18.34 -20.87
CA GLY B 197 -43.70 17.06 -21.56
C GLY B 197 -43.15 16.89 -22.98
N LEU B 198 -42.31 17.77 -23.54
CA LEU B 198 -41.67 17.53 -24.82
C LEU B 198 -40.31 16.85 -24.66
N TYR B 199 -39.99 15.95 -25.56
CA TYR B 199 -38.72 15.27 -25.55
C TYR B 199 -37.86 15.84 -26.67
N ILE B 200 -36.64 16.23 -26.26
CA ILE B 200 -35.76 16.99 -27.12
C ILE B 200 -34.36 16.38 -27.09
N ASN B 201 -33.81 16.00 -28.24
CA ASN B 201 -32.48 15.44 -28.37
C ASN B 201 -31.59 16.37 -29.19
N LEU B 202 -30.43 16.70 -28.68
CA LEU B 202 -29.41 17.41 -29.45
C LEU B 202 -28.26 16.47 -29.81
N HIS B 203 -27.90 16.44 -31.07
CA HIS B 203 -26.84 15.58 -31.54
C HIS B 203 -26.27 16.10 -32.87
N GLU B 204 -25.55 15.24 -33.60
CA GLU B 204 -25.06 15.58 -34.91
C GLU B 204 -25.12 14.29 -35.71
N ALA B 205 -25.05 14.45 -37.03
CA ALA B 205 -24.93 13.37 -37.99
C ALA B 205 -23.82 13.66 -39.01
N ALA B 206 -23.19 12.57 -39.47
CA ALA B 206 -22.20 12.54 -40.52
C ALA B 206 -20.95 13.31 -40.03
N LEU B 207 -20.33 12.81 -38.97
CA LEU B 207 -19.11 13.35 -38.41
C LEU B 207 -17.91 12.90 -39.24
N ILE B 208 -17.66 13.67 -40.29
CA ILE B 208 -16.67 13.31 -41.30
C ILE B 208 -15.78 14.50 -41.54
N ASN B 209 -14.47 14.26 -41.28
CA ASN B 209 -13.44 15.22 -41.61
C ASN B 209 -13.72 16.56 -40.86
N TYR B 210 -13.90 16.45 -39.55
CA TYR B 210 -14.34 17.54 -38.68
C TYR B 210 -14.16 17.06 -37.24
N SER B 211 -14.11 17.96 -36.28
CA SER B 211 -13.94 17.67 -34.87
C SER B 211 -15.29 17.43 -34.20
N CYS B 212 -15.31 16.48 -33.25
CA CYS B 212 -16.49 16.01 -32.55
C CYS B 212 -17.11 17.15 -31.73
N MET B 213 -18.42 17.33 -31.81
CA MET B 213 -19.15 18.44 -31.16
C MET B 213 -19.62 18.08 -29.76
N HIS B 214 -19.26 18.93 -28.78
CA HIS B 214 -19.75 18.86 -27.41
C HIS B 214 -20.64 20.08 -27.15
N LEU B 215 -21.27 20.13 -25.98
CA LEU B 215 -22.11 21.29 -25.76
C LEU B 215 -21.67 21.95 -24.47
N ASN B 216 -21.60 23.27 -24.56
CA ASN B 216 -21.37 24.03 -23.35
C ASN B 216 -22.64 24.82 -23.02
N LEU B 217 -23.09 24.68 -21.76
CA LEU B 217 -24.33 25.29 -21.29
C LEU B 217 -24.04 26.63 -20.62
N ASP B 218 -24.66 27.69 -21.15
CA ASP B 218 -24.86 28.94 -20.44
C ASP B 218 -26.11 28.79 -19.57
N ASP B 219 -25.90 28.70 -18.25
CA ASP B 219 -26.94 28.34 -17.30
C ASP B 219 -27.58 29.58 -16.69
N LYS B 220 -27.24 30.78 -17.18
CA LYS B 220 -28.02 31.98 -16.96
C LYS B 220 -29.23 32.00 -17.90
N ASN B 221 -29.08 31.76 -19.22
CA ASN B 221 -30.15 31.93 -20.21
C ASN B 221 -30.61 30.60 -20.82
N PHE B 222 -30.03 29.49 -20.36
CA PHE B 222 -30.36 28.16 -20.87
C PHE B 222 -30.10 28.10 -22.39
N VAL B 223 -28.89 28.50 -22.77
CA VAL B 223 -28.41 28.34 -24.13
C VAL B 223 -27.20 27.40 -24.20
N PHE B 224 -27.35 26.29 -24.93
CA PHE B 224 -26.22 25.42 -25.30
C PHE B 224 -25.52 25.95 -26.57
N GLU B 225 -24.19 25.84 -26.60
CA GLU B 225 -23.35 26.26 -27.74
C GLU B 225 -22.30 25.18 -28.05
N SER B 226 -22.14 24.92 -29.36
CA SER B 226 -21.13 24.00 -29.89
C SER B 226 -19.74 24.28 -29.33
N TRP B 227 -19.15 23.29 -28.67
CA TRP B 227 -17.79 23.32 -28.15
C TRP B 227 -17.08 22.10 -28.73
N LEU B 228 -16.34 22.29 -29.80
CA LEU B 228 -15.73 21.20 -30.52
C LEU B 228 -14.44 20.78 -29.82
N THR B 229 -13.88 19.65 -30.27
CA THR B 229 -12.73 19.01 -29.61
C THR B 229 -11.40 19.55 -30.16
N PRO B 230 -10.46 20.06 -29.34
CA PRO B 230 -9.16 20.52 -29.85
C PRO B 230 -8.30 19.37 -30.31
N ASP B 231 -7.49 19.60 -31.32
CA ASP B 231 -6.46 18.66 -31.73
C ASP B 231 -5.21 18.91 -30.90
N SER B 232 -4.06 18.37 -31.37
CA SER B 232 -2.86 18.46 -30.56
C SER B 232 -2.28 19.87 -30.56
N HIS B 233 -2.69 20.72 -31.51
CA HIS B 233 -2.22 22.11 -31.58
C HIS B 233 -3.31 23.04 -31.01
N GLY B 234 -4.38 22.50 -30.47
CA GLY B 234 -5.40 23.33 -29.87
C GLY B 234 -6.44 23.82 -30.90
N ASP B 235 -6.38 23.38 -32.17
CA ASP B 235 -7.30 23.89 -33.16
C ASP B 235 -8.55 23.01 -33.27
N LYS B 236 -9.65 23.59 -33.77
CA LYS B 236 -10.93 22.89 -33.91
C LYS B 236 -11.51 22.73 -35.31
N GLY B 237 -10.60 22.46 -36.27
CA GLY B 237 -10.93 22.20 -37.66
C GLY B 237 -9.97 22.90 -38.63
N LYS B 238 -9.09 22.11 -39.30
CA LYS B 238 -8.32 22.55 -40.44
C LYS B 238 -9.20 22.36 -41.65
N MET B 239 -9.67 23.47 -42.20
CA MET B 239 -10.64 23.38 -43.26
C MET B 239 -10.05 23.88 -44.58
N GLN B 240 -10.62 23.33 -45.66
CA GLN B 240 -10.35 23.75 -47.02
C GLN B 240 -11.67 23.78 -47.82
N ALA B 241 -12.10 24.97 -48.25
CA ALA B 241 -13.23 25.03 -49.19
C ALA B 241 -12.90 24.50 -50.56
N PRO B 242 -13.86 23.89 -51.29
CA PRO B 242 -15.23 23.59 -50.82
C PRO B 242 -15.34 22.45 -49.80
N CYS B 243 -16.09 22.67 -48.73
CA CYS B 243 -16.21 21.77 -47.60
C CYS B 243 -17.53 22.04 -46.84
N LYS B 244 -17.89 21.11 -45.94
CA LYS B 244 -19.08 21.26 -45.12
C LYS B 244 -18.97 20.65 -43.74
N THR B 245 -19.73 21.18 -42.78
CA THR B 245 -19.79 20.55 -41.47
C THR B 245 -20.65 19.31 -41.48
N PRO B 246 -20.56 18.51 -40.44
CA PRO B 246 -21.61 17.57 -40.10
C PRO B 246 -22.90 18.33 -39.87
N TRP B 247 -24.00 17.58 -39.87
CA TRP B 247 -25.31 18.13 -39.54
C TRP B 247 -25.41 18.26 -38.02
N ARG B 248 -26.15 19.26 -37.56
CA ARG B 248 -26.62 19.34 -36.19
C ARG B 248 -28.12 19.03 -36.14
N THR B 249 -28.52 18.18 -35.20
CA THR B 249 -29.83 17.58 -35.12
C THR B 249 -30.54 17.91 -33.81
N VAL B 250 -31.84 18.24 -33.98
CA VAL B 250 -32.79 18.52 -32.90
C VAL B 250 -33.97 17.60 -33.15
N ILE B 251 -33.97 16.46 -32.44
CA ILE B 251 -34.97 15.42 -32.59
C ILE B 251 -36.00 15.62 -31.48
N VAL B 252 -37.28 15.82 -31.86
CA VAL B 252 -38.31 16.26 -30.94
C VAL B 252 -39.59 15.47 -31.14
N SER B 253 -40.27 15.15 -30.05
CA SER B 253 -41.61 14.56 -30.09
C SER B 253 -42.25 14.77 -28.72
N ASP B 254 -43.57 14.69 -28.67
CA ASP B 254 -44.30 14.72 -27.41
C ASP B 254 -44.53 13.30 -26.90
N ASP B 255 -44.04 12.32 -27.67
CA ASP B 255 -44.07 10.90 -27.31
C ASP B 255 -42.61 10.41 -27.33
N ALA B 256 -42.13 9.96 -26.16
CA ALA B 256 -40.76 9.57 -25.98
C ALA B 256 -40.41 8.45 -26.94
N ARG B 257 -41.41 7.67 -27.31
CA ARG B 257 -41.14 6.48 -28.10
C ARG B 257 -40.68 6.85 -29.51
N ASN B 258 -41.08 8.02 -30.01
CA ASN B 258 -40.74 8.38 -31.37
C ASN B 258 -39.26 8.77 -31.47
N ILE B 259 -38.65 9.25 -30.37
CA ILE B 259 -37.21 9.58 -30.34
C ILE B 259 -36.46 8.29 -30.64
N LEU B 260 -36.89 7.17 -30.04
CA LEU B 260 -36.20 5.91 -30.21
C LEU B 260 -36.40 5.38 -31.60
N ALA B 261 -37.54 5.64 -32.19
CA ALA B 261 -37.85 5.10 -33.52
C ALA B 261 -37.15 5.92 -34.64
N SER B 262 -36.74 7.16 -34.36
CA SER B 262 -36.33 8.05 -35.43
C SER B 262 -35.13 7.46 -36.16
N LYS B 263 -35.19 7.57 -37.49
CA LYS B 263 -34.06 7.25 -38.37
C LYS B 263 -33.45 8.53 -38.97
N LEU B 264 -33.85 9.71 -38.48
CA LEU B 264 -33.29 10.98 -38.95
C LEU B 264 -31.78 11.00 -38.98
N THR B 265 -31.12 10.51 -37.93
CA THR B 265 -29.67 10.47 -37.89
C THR B 265 -29.13 9.75 -39.14
N TYR B 266 -29.66 8.59 -39.44
CA TYR B 266 -29.18 7.79 -40.56
C TYR B 266 -29.55 8.52 -41.85
N ASN B 267 -30.72 9.17 -41.85
CA ASN B 267 -31.24 9.74 -43.08
C ASN B 267 -30.33 10.85 -43.61
N LEU B 268 -29.62 11.49 -42.68
CA LEU B 268 -28.78 12.62 -43.00
C LEU B 268 -27.37 12.17 -43.41
N ASN B 269 -27.10 10.87 -43.45
CA ASN B 269 -25.83 10.33 -43.92
C ASN B 269 -26.01 9.91 -45.37
N GLU B 270 -24.91 9.88 -46.10
CA GLU B 270 -24.97 9.59 -47.53
C GLU B 270 -25.29 8.10 -47.68
N PRO B 271 -25.95 7.68 -48.78
CA PRO B 271 -26.19 6.27 -49.09
C PRO B 271 -24.97 5.39 -49.07
N SER B 272 -25.16 4.12 -48.75
CA SER B 272 -24.10 3.12 -48.68
C SER B 272 -23.11 3.30 -49.83
N LYS B 273 -21.81 3.23 -49.53
CA LYS B 273 -20.81 3.14 -50.60
C LYS B 273 -20.23 1.73 -50.67
N ILE B 274 -20.84 0.78 -49.94
CA ILE B 274 -20.53 -0.61 -50.22
C ILE B 274 -21.59 -1.18 -51.13
N GLN B 275 -21.14 -1.62 -52.34
CA GLN B 275 -22.00 -2.00 -53.44
C GLN B 275 -22.56 -3.39 -53.15
N GLU B 276 -21.69 -4.35 -52.81
CA GLU B 276 -22.07 -5.73 -52.51
C GLU B 276 -21.95 -5.94 -50.99
N THR B 277 -23.07 -6.13 -50.24
CA THR B 277 -23.05 -6.06 -48.76
C THR B 277 -23.27 -7.41 -48.07
N SER B 278 -23.35 -8.51 -48.82
CA SER B 278 -23.80 -9.78 -48.26
C SER B 278 -22.70 -10.40 -47.39
N TRP B 279 -21.47 -9.91 -47.42
CA TRP B 279 -20.41 -10.40 -46.53
C TRP B 279 -20.56 -9.80 -45.13
N ILE B 280 -21.45 -8.80 -45.01
CA ILE B 280 -21.69 -8.08 -43.78
C ILE B 280 -22.72 -8.89 -42.98
N LYS B 281 -22.31 -9.44 -41.86
CA LYS B 281 -23.13 -10.45 -41.21
C LYS B 281 -23.41 -10.08 -39.75
N PRO B 282 -24.69 -9.78 -39.43
CA PRO B 282 -25.07 -9.63 -38.01
C PRO B 282 -24.65 -10.88 -37.24
N THR B 283 -24.24 -10.73 -36.00
CA THR B 283 -23.36 -11.69 -35.33
C THR B 283 -23.76 -11.81 -33.87
N LYS B 284 -23.99 -13.07 -33.40
CA LYS B 284 -24.12 -13.30 -31.97
C LYS B 284 -22.86 -14.01 -31.51
N TYR B 285 -22.21 -13.55 -30.44
CA TYR B 285 -20.91 -14.11 -30.14
C TYR B 285 -20.68 -14.32 -28.66
N VAL B 286 -19.72 -15.19 -28.32
CA VAL B 286 -19.22 -15.27 -26.95
C VAL B 286 -17.76 -14.86 -27.00
N GLY B 287 -17.05 -14.93 -25.85
CA GLY B 287 -15.61 -14.81 -25.93
C GLY B 287 -14.78 -15.01 -24.66
N VAL B 288 -13.48 -15.16 -24.94
CA VAL B 288 -12.46 -15.04 -23.91
C VAL B 288 -12.28 -13.57 -23.66
N TRP B 289 -13.03 -13.07 -22.68
CA TRP B 289 -13.21 -11.65 -22.52
C TRP B 289 -13.53 -11.32 -21.08
N TRP B 290 -14.73 -11.74 -20.62
CA TRP B 290 -15.14 -11.29 -19.31
C TRP B 290 -14.18 -11.82 -18.26
N GLU B 291 -13.53 -12.96 -18.57
CA GLU B 291 -12.59 -13.50 -17.59
C GLU B 291 -11.54 -12.47 -17.20
N MET B 292 -11.04 -11.73 -18.18
CA MET B 292 -9.98 -10.77 -17.90
C MET B 292 -10.60 -9.54 -17.28
N ILE B 293 -11.73 -9.09 -17.82
CA ILE B 293 -12.37 -7.87 -17.34
C ILE B 293 -12.70 -7.97 -15.84
N SER B 294 -13.09 -9.17 -15.38
CA SER B 294 -13.53 -9.38 -14.01
C SER B 294 -12.42 -9.90 -13.11
N GLY B 295 -11.18 -10.02 -13.61
CA GLY B 295 -10.05 -10.23 -12.73
C GLY B 295 -9.78 -11.71 -12.45
N LYS B 296 -10.26 -12.58 -13.34
CA LYS B 296 -9.97 -13.97 -13.16
C LYS B 296 -8.77 -14.44 -13.95
N SER B 297 -8.55 -13.82 -15.12
CA SER B 297 -7.45 -14.15 -16.01
C SER B 297 -6.67 -12.89 -16.35
N THR B 298 -5.51 -13.06 -17.03
CA THR B 298 -4.81 -11.92 -17.64
C THR B 298 -4.83 -11.92 -19.16
N TRP B 299 -4.64 -10.71 -19.72
CA TRP B 299 -4.36 -10.56 -21.14
C TRP B 299 -2.92 -11.01 -21.46
N SER B 300 -2.04 -10.83 -20.46
CA SER B 300 -0.62 -11.07 -20.58
C SER B 300 -0.28 -12.54 -20.48
N TYR B 301 0.84 -12.92 -21.11
CA TYR B 301 1.37 -14.29 -21.00
C TYR B 301 2.39 -14.45 -19.86
N THR B 302 3.25 -13.45 -19.58
CA THR B 302 4.33 -13.59 -18.62
C THR B 302 4.50 -12.33 -17.79
N ASP B 303 5.11 -12.52 -16.61
CA ASP B 303 5.38 -11.48 -15.62
C ASP B 303 6.87 -11.61 -15.29
N GLU B 304 7.65 -12.33 -16.07
CA GLU B 304 9.07 -12.36 -15.84
C GLU B 304 9.66 -10.95 -15.96
N PHE B 305 9.09 -10.08 -16.83
CA PHE B 305 9.88 -8.95 -17.34
C PHE B 305 9.36 -7.63 -16.83
N PRO B 306 10.22 -6.71 -16.45
CA PRO B 306 9.79 -5.34 -16.21
C PRO B 306 9.00 -4.76 -17.39
N SER B 307 9.54 -4.88 -18.62
CA SER B 307 8.82 -4.47 -19.83
C SER B 307 9.13 -5.47 -20.91
N VAL B 308 8.37 -5.44 -22.00
CA VAL B 308 8.71 -6.26 -23.15
C VAL B 308 9.06 -5.39 -24.38
N GLN B 309 9.89 -5.92 -25.25
CA GLN B 309 10.24 -5.25 -26.51
C GLN B 309 9.94 -6.20 -27.67
N LEU B 310 8.91 -5.88 -28.47
CA LEU B 310 8.55 -6.81 -29.54
C LEU B 310 9.72 -7.02 -30.49
N GLY B 311 9.91 -8.28 -30.89
CA GLY B 311 11.00 -8.69 -31.74
C GLY B 311 12.30 -8.94 -30.95
N VAL B 312 12.33 -8.68 -29.63
CA VAL B 312 13.53 -8.91 -28.81
C VAL B 312 13.17 -9.93 -27.73
N THR B 313 12.12 -9.65 -26.94
CA THR B 313 11.72 -10.57 -25.91
C THR B 313 11.41 -11.90 -26.58
N ASP B 314 12.01 -13.03 -26.12
CA ASP B 314 11.65 -14.34 -26.65
C ASP B 314 10.60 -14.99 -25.73
N PHE B 315 9.33 -14.85 -26.14
CA PHE B 315 8.17 -15.33 -25.40
C PHE B 315 8.19 -16.86 -25.28
N SER B 316 8.62 -17.58 -26.34
CA SER B 316 8.71 -19.05 -26.37
C SER B 316 9.57 -19.54 -25.19
N LYS B 317 10.44 -18.69 -24.64
CA LYS B 317 11.37 -19.05 -23.58
C LYS B 317 11.06 -18.32 -22.27
N ALA B 318 10.01 -17.51 -22.22
CA ALA B 318 9.63 -16.82 -20.99
C ALA B 318 8.80 -17.75 -20.08
N LYS B 319 8.88 -17.50 -18.76
CA LYS B 319 8.02 -18.17 -17.77
C LYS B 319 6.58 -17.73 -17.97
N PRO B 320 5.64 -18.65 -18.31
CA PRO B 320 4.22 -18.33 -18.32
C PRO B 320 3.90 -17.85 -16.90
N ASN B 321 3.10 -16.77 -16.77
CA ASN B 321 2.61 -16.33 -15.48
C ASN B 321 1.46 -17.24 -15.03
N ARG B 322 0.91 -18.03 -15.98
CA ARG B 322 -0.01 -19.13 -15.71
C ARG B 322 -1.38 -18.55 -15.37
N LYS B 323 -1.65 -17.29 -15.67
CA LYS B 323 -2.97 -16.71 -15.48
C LYS B 323 -3.60 -16.34 -16.83
N HIS B 324 -2.88 -16.64 -17.91
CA HIS B 324 -3.23 -16.11 -19.21
C HIS B 324 -4.54 -16.73 -19.66
N GLY B 325 -5.48 -15.95 -20.15
CA GLY B 325 -6.75 -16.48 -20.55
C GLY B 325 -6.75 -17.11 -21.91
N ALA B 326 -6.06 -16.51 -22.89
CA ALA B 326 -6.21 -16.92 -24.27
C ALA B 326 -5.27 -18.07 -24.58
N THR B 327 -5.41 -19.18 -23.82
CA THR B 327 -4.73 -20.43 -24.09
C THR B 327 -5.54 -21.16 -25.16
N THR B 328 -4.81 -21.98 -25.93
CA THR B 328 -5.42 -22.87 -26.91
C THR B 328 -6.55 -23.66 -26.24
N ALA B 329 -6.31 -24.30 -25.07
CA ALA B 329 -7.32 -25.12 -24.40
C ALA B 329 -8.58 -24.29 -24.02
N ASN B 330 -8.32 -23.09 -23.49
CA ASN B 330 -9.42 -22.26 -23.03
C ASN B 330 -10.26 -21.73 -24.21
N VAL B 331 -9.61 -21.32 -25.30
CA VAL B 331 -10.37 -20.83 -26.44
C VAL B 331 -11.25 -21.93 -27.00
N LYS B 332 -10.71 -23.16 -27.13
CA LYS B 332 -11.44 -24.34 -27.57
C LYS B 332 -12.72 -24.54 -26.72
N ARG B 333 -12.66 -24.32 -25.41
CA ARG B 333 -13.86 -24.44 -24.57
C ARG B 333 -14.93 -23.47 -25.07
N TYR B 334 -14.53 -22.22 -25.38
CA TYR B 334 -15.56 -21.27 -25.80
C TYR B 334 -16.06 -21.62 -27.21
N ILE B 335 -15.17 -22.11 -28.07
CA ILE B 335 -15.58 -22.56 -29.38
C ILE B 335 -16.62 -23.68 -29.27
N ASP B 336 -16.32 -24.68 -28.41
CA ASP B 336 -17.21 -25.82 -28.13
C ASP B 336 -18.59 -25.30 -27.71
N PHE B 337 -18.58 -24.35 -26.79
CA PHE B 337 -19.79 -23.75 -26.27
C PHE B 337 -20.54 -22.99 -27.35
N ALA B 338 -19.81 -22.21 -28.16
CA ALA B 338 -20.50 -21.44 -29.17
C ALA B 338 -21.21 -22.35 -30.17
N ALA B 339 -20.49 -23.39 -30.61
CA ALA B 339 -21.01 -24.29 -31.64
C ALA B 339 -22.22 -25.04 -31.13
N LYS B 340 -22.13 -25.52 -29.89
CA LYS B 340 -23.22 -26.24 -29.23
C LYS B 340 -24.51 -25.41 -29.21
N ASN B 341 -24.43 -24.08 -29.12
CA ASN B 341 -25.59 -23.25 -28.81
C ASN B 341 -25.98 -22.34 -30.01
N GLY B 342 -25.41 -22.58 -31.18
CA GLY B 342 -25.79 -21.84 -32.38
C GLY B 342 -25.27 -20.39 -32.39
N PHE B 343 -24.17 -20.12 -31.68
CA PHE B 343 -23.54 -18.82 -31.80
C PHE B 343 -22.69 -18.80 -33.08
N ASP B 344 -22.61 -17.64 -33.74
CA ASP B 344 -21.82 -17.43 -34.94
C ASP B 344 -20.29 -17.30 -34.68
N ALA B 345 -19.83 -16.67 -33.58
CA ALA B 345 -18.41 -16.31 -33.44
C ALA B 345 -17.94 -16.25 -31.99
N VAL B 346 -16.61 -16.18 -31.83
CA VAL B 346 -15.93 -16.11 -30.57
C VAL B 346 -14.81 -15.06 -30.62
N LEU B 347 -14.91 -14.07 -29.74
CA LEU B 347 -13.89 -13.06 -29.61
C LEU B 347 -12.83 -13.65 -28.71
N VAL B 348 -11.59 -13.25 -28.95
CA VAL B 348 -10.47 -13.65 -28.13
C VAL B 348 -9.57 -12.45 -27.97
N GLU B 349 -9.29 -12.12 -26.72
CA GLU B 349 -8.41 -11.04 -26.37
C GLU B 349 -7.22 -11.63 -25.61
N GLY B 350 -6.06 -10.98 -25.84
CA GLY B 350 -4.80 -11.38 -25.25
C GLY B 350 -4.10 -12.45 -26.09
N TRP B 351 -4.46 -12.52 -27.38
CA TRP B 351 -3.93 -13.58 -28.23
C TRP B 351 -2.51 -13.28 -28.71
N ASN B 352 -2.10 -11.99 -28.68
CA ASN B 352 -0.94 -11.50 -29.42
C ASN B 352 0.14 -10.95 -28.48
N GLU B 353 1.40 -11.05 -28.89
CA GLU B 353 2.47 -10.53 -28.07
C GLU B 353 2.23 -9.03 -27.79
N GLY B 354 2.50 -8.59 -26.55
CA GLY B 354 2.59 -7.20 -26.11
C GLY B 354 1.67 -6.84 -24.92
N TRP B 355 0.74 -7.72 -24.52
CA TRP B 355 -0.21 -7.35 -23.47
C TRP B 355 0.48 -7.01 -22.15
N GLU B 356 1.71 -7.44 -21.92
CA GLU B 356 2.36 -7.13 -20.64
C GLU B 356 2.51 -5.62 -20.45
N ASP B 357 2.54 -4.83 -21.54
CA ASP B 357 2.69 -3.39 -21.44
C ASP B 357 1.49 -2.63 -22.02
N TRP B 358 0.33 -3.22 -22.05
CA TRP B 358 -0.78 -2.63 -22.79
C TRP B 358 -1.35 -1.33 -22.21
N ILE B 359 -1.25 -1.14 -20.88
CA ILE B 359 -1.96 -0.02 -20.28
C ILE B 359 -1.02 0.90 -19.47
N GLY B 360 -1.14 2.22 -19.73
CA GLY B 360 -0.54 3.28 -18.93
C GLY B 360 0.92 3.60 -19.24
N HIS B 361 1.48 3.11 -20.31
CA HIS B 361 2.90 3.30 -20.57
C HIS B 361 3.12 4.25 -21.73
N GLU B 362 2.11 4.61 -22.51
CA GLU B 362 2.22 5.58 -23.55
C GLU B 362 3.32 5.13 -24.53
N LYS B 363 3.19 3.85 -24.92
CA LYS B 363 4.22 3.08 -25.60
C LYS B 363 3.79 2.92 -27.06
N ASP B 364 4.71 3.27 -27.95
CA ASP B 364 4.46 3.35 -29.38
C ASP B 364 4.32 1.93 -29.92
N TYR B 365 5.41 1.18 -29.92
CA TYR B 365 5.49 -0.13 -30.53
C TYR B 365 4.96 -1.14 -29.52
N VAL B 366 3.64 -1.12 -29.31
CA VAL B 366 3.04 -1.84 -28.18
C VAL B 366 2.51 -3.19 -28.64
N PHE B 367 2.01 -3.22 -29.88
CA PHE B 367 1.53 -4.44 -30.53
C PHE B 367 1.95 -4.43 -31.99
N ASP B 368 2.00 -5.62 -32.61
CA ASP B 368 2.23 -5.79 -34.05
C ASP B 368 1.00 -6.36 -34.76
N PHE B 369 0.00 -6.81 -34.01
CA PHE B 369 -1.30 -7.20 -34.58
C PHE B 369 -1.25 -8.48 -35.37
N VAL B 370 -0.10 -9.19 -35.32
CA VAL B 370 0.07 -10.40 -36.12
C VAL B 370 0.69 -11.58 -35.35
N THR B 371 1.46 -11.36 -34.29
CA THR B 371 2.30 -12.41 -33.77
C THR B 371 1.62 -13.03 -32.55
N PRO B 372 1.15 -14.30 -32.64
CA PRO B 372 0.57 -14.96 -31.49
C PRO B 372 1.52 -15.25 -30.33
N TYR B 373 0.95 -15.29 -29.11
CA TYR B 373 1.67 -15.78 -27.95
C TYR B 373 1.97 -17.27 -28.18
N PRO B 374 2.99 -17.82 -27.53
CA PRO B 374 3.29 -19.23 -27.70
C PRO B 374 2.16 -20.21 -27.30
N ASP B 375 1.20 -19.80 -26.46
CA ASP B 375 0.23 -20.71 -25.88
C ASP B 375 -1.07 -20.59 -26.66
N PHE B 376 -1.04 -19.80 -27.75
CA PHE B 376 -2.21 -19.61 -28.61
C PHE B 376 -1.88 -20.06 -30.03
N ASP B 377 -2.48 -21.18 -30.44
CA ASP B 377 -2.22 -21.82 -31.73
C ASP B 377 -3.19 -21.25 -32.76
N ILE B 378 -2.79 -20.18 -33.41
CA ILE B 378 -3.70 -19.44 -34.24
C ILE B 378 -4.25 -20.29 -35.37
N LYS B 379 -3.35 -21.08 -35.97
CA LYS B 379 -3.75 -21.90 -37.11
C LYS B 379 -4.76 -22.99 -36.69
N GLY B 380 -4.40 -23.82 -35.70
CA GLY B 380 -5.29 -24.84 -35.19
C GLY B 380 -6.66 -24.31 -34.73
N LEU B 381 -6.67 -23.16 -34.03
CA LEU B 381 -7.89 -22.69 -33.41
C LEU B 381 -8.85 -22.21 -34.49
N ASN B 382 -8.30 -21.61 -35.54
CA ASN B 382 -9.15 -21.06 -36.58
C ASN B 382 -9.69 -22.25 -37.38
N GLU B 383 -8.85 -23.27 -37.66
CA GLU B 383 -9.35 -24.46 -38.35
C GLU B 383 -10.42 -25.19 -37.51
N TYR B 384 -10.22 -25.27 -36.19
CA TYR B 384 -11.14 -25.94 -35.29
C TYR B 384 -12.48 -25.20 -35.29
N ALA B 385 -12.43 -23.86 -35.32
CA ALA B 385 -13.65 -23.11 -35.28
C ALA B 385 -14.44 -23.33 -36.56
N HIS B 386 -13.76 -23.24 -37.72
CA HIS B 386 -14.40 -23.33 -39.03
C HIS B 386 -14.98 -24.73 -39.20
N ALA B 387 -14.32 -25.74 -38.65
CA ALA B 387 -14.80 -27.10 -38.75
C ALA B 387 -16.11 -27.24 -37.95
N LYS B 388 -16.35 -26.36 -36.96
CA LYS B 388 -17.58 -26.40 -36.17
C LYS B 388 -18.49 -25.24 -36.56
N LYS B 389 -18.24 -24.60 -37.73
CA LYS B 389 -19.17 -23.64 -38.31
C LYS B 389 -19.14 -22.33 -37.51
N VAL B 390 -17.99 -22.02 -36.96
CA VAL B 390 -17.88 -20.84 -36.12
C VAL B 390 -16.70 -19.99 -36.59
N LYS B 391 -16.76 -18.69 -36.34
CA LYS B 391 -15.62 -17.83 -36.67
C LYS B 391 -15.03 -17.23 -35.40
N LEU B 392 -13.76 -16.83 -35.49
CA LEU B 392 -13.19 -15.99 -34.46
C LEU B 392 -13.34 -14.52 -34.85
N ILE B 393 -13.39 -13.69 -33.81
CA ILE B 393 -13.34 -12.26 -33.96
C ILE B 393 -11.96 -11.81 -33.51
N MET B 394 -11.36 -11.03 -34.40
CA MET B 394 -10.03 -10.52 -34.22
C MET B 394 -10.18 -9.37 -33.24
N HIS B 395 -9.14 -9.21 -32.42
CA HIS B 395 -9.03 -8.07 -31.52
C HIS B 395 -7.73 -7.31 -31.81
N HIS B 396 -7.86 -6.00 -32.02
CA HIS B 396 -6.78 -5.06 -32.31
C HIS B 396 -6.82 -3.90 -31.32
N GLU B 397 -6.47 -4.16 -30.07
CA GLU B 397 -6.24 -3.08 -29.14
C GLU B 397 -4.98 -2.34 -29.60
N THR B 398 -5.04 -0.99 -29.65
CA THR B 398 -3.95 -0.14 -30.12
C THR B 398 -3.21 0.51 -28.97
N SER B 399 -3.87 0.62 -27.83
CA SER B 399 -3.28 1.25 -26.65
C SER B 399 -2.87 2.66 -26.96
N GLY B 400 -3.60 3.30 -27.89
CA GLY B 400 -3.47 4.70 -28.15
C GLY B 400 -2.44 5.00 -29.23
N ALA B 401 -1.62 4.02 -29.59
CA ALA B 401 -0.55 4.20 -30.56
C ALA B 401 -1.07 4.12 -32.00
N VAL B 402 -1.70 5.19 -32.46
CA VAL B 402 -2.38 5.22 -33.75
C VAL B 402 -1.40 5.06 -34.94
N ARG B 403 -0.26 5.78 -34.95
CA ARG B 403 0.70 5.57 -36.03
C ARG B 403 1.14 4.12 -36.02
N ASN B 404 1.39 3.52 -34.85
CA ASN B 404 1.75 2.09 -34.79
C ASN B 404 0.64 1.19 -35.37
N TYR B 405 -0.64 1.55 -35.24
CA TYR B 405 -1.68 0.70 -35.83
C TYR B 405 -1.71 0.90 -37.33
N GLU B 406 -1.75 2.15 -37.78
CA GLU B 406 -1.71 2.44 -39.25
C GLU B 406 -0.55 1.74 -39.95
N ARG B 407 0.63 1.69 -39.36
CA ARG B 407 1.74 1.05 -40.06
C ARG B 407 1.53 -0.43 -40.19
N HIS B 408 0.89 -1.07 -39.18
CA HIS B 408 0.69 -2.51 -39.21
C HIS B 408 -0.61 -2.90 -39.87
N MET B 409 -1.45 -1.94 -40.20
CA MET B 409 -2.85 -2.23 -40.50
C MET B 409 -3.06 -3.21 -41.64
N ASP B 410 -2.41 -2.98 -42.78
CA ASP B 410 -2.54 -3.80 -43.99
C ASP B 410 -2.11 -5.23 -43.67
N ALA B 411 -0.95 -5.40 -43.01
CA ALA B 411 -0.50 -6.75 -42.69
C ALA B 411 -1.53 -7.41 -41.73
N ALA B 412 -2.16 -6.61 -40.81
CA ALA B 412 -3.05 -7.20 -39.82
C ALA B 412 -4.37 -7.66 -40.44
N TYR B 413 -4.91 -6.88 -41.37
CA TYR B 413 -6.11 -7.21 -42.09
C TYR B 413 -5.80 -8.38 -43.01
N LYS B 414 -4.58 -8.42 -43.63
CA LYS B 414 -4.25 -9.55 -44.47
C LYS B 414 -4.27 -10.85 -43.67
N LEU B 415 -3.69 -10.81 -42.50
CA LEU B 415 -3.65 -11.98 -41.64
C LEU B 415 -5.07 -12.40 -41.26
N MET B 416 -5.96 -11.44 -40.94
CA MET B 416 -7.37 -11.76 -40.72
C MET B 416 -7.92 -12.60 -41.87
N LYS B 417 -7.77 -12.10 -43.11
CA LYS B 417 -8.29 -12.83 -44.27
C LYS B 417 -7.65 -14.21 -44.41
N GLN B 418 -6.36 -14.32 -44.16
CA GLN B 418 -5.66 -15.58 -44.33
C GLN B 418 -6.27 -16.62 -43.40
N TYR B 419 -6.74 -16.24 -42.20
CA TYR B 419 -7.25 -17.24 -41.27
C TYR B 419 -8.78 -17.25 -41.14
N GLY B 420 -9.50 -16.47 -41.96
CA GLY B 420 -10.96 -16.50 -41.98
C GLY B 420 -11.62 -15.72 -40.83
N TYR B 421 -10.92 -14.72 -40.30
CA TYR B 421 -11.56 -13.69 -39.49
C TYR B 421 -12.16 -12.65 -40.42
N ASP B 422 -13.43 -12.28 -40.20
CA ASP B 422 -14.07 -11.30 -41.05
C ASP B 422 -14.55 -10.11 -40.22
N ALA B 423 -14.24 -10.09 -38.91
CA ALA B 423 -14.61 -8.91 -38.15
C ALA B 423 -13.55 -8.61 -37.11
N VAL B 424 -13.38 -7.33 -36.77
CA VAL B 424 -12.36 -6.98 -35.80
C VAL B 424 -12.95 -6.04 -34.78
N LYS B 425 -12.59 -6.30 -33.53
CA LYS B 425 -12.85 -5.34 -32.49
C LYS B 425 -11.57 -4.56 -32.23
N SER B 426 -11.62 -3.24 -32.42
CA SER B 426 -10.46 -2.39 -32.19
C SER B 426 -10.63 -1.72 -30.85
N GLY B 427 -9.52 -1.20 -30.31
CA GLY B 427 -9.55 -0.41 -29.07
C GLY B 427 -8.55 0.78 -29.10
N TYR B 428 -8.84 1.83 -28.31
CA TYR B 428 -8.01 3.02 -28.21
C TYR B 428 -7.91 3.43 -26.74
N VAL B 429 -7.43 2.49 -25.89
CA VAL B 429 -7.27 2.72 -24.47
C VAL B 429 -5.96 3.44 -24.18
N GLY B 430 -6.05 4.43 -23.28
CA GLY B 430 -4.90 5.24 -22.96
C GLY B 430 -4.88 6.51 -23.82
N ASN B 431 -3.99 7.42 -23.49
CA ASN B 431 -3.88 8.68 -24.19
C ASN B 431 -3.45 8.35 -25.60
N ILE B 432 -4.06 9.08 -26.57
CA ILE B 432 -3.61 8.96 -27.94
C ILE B 432 -2.19 9.50 -28.03
N LEU B 433 -1.35 8.79 -28.80
CA LEU B 433 0.02 9.20 -29.08
C LEU B 433 0.12 9.89 -30.45
N PRO B 434 0.97 10.92 -30.57
CA PRO B 434 1.78 11.41 -29.42
C PRO B 434 1.03 12.24 -28.41
N LEU B 435 1.54 12.29 -27.18
CA LEU B 435 0.82 13.01 -26.14
C LEU B 435 0.40 14.39 -26.61
N GLY B 436 -0.86 14.76 -26.29
CA GLY B 436 -1.42 16.07 -26.55
C GLY B 436 -2.63 15.94 -27.45
N GLU B 437 -2.59 14.83 -28.22
CA GLU B 437 -3.69 14.53 -29.14
C GLU B 437 -4.87 14.10 -28.27
N THR B 438 -6.08 14.19 -28.83
CA THR B 438 -7.32 13.83 -28.12
C THR B 438 -8.05 12.76 -28.92
N HIS B 439 -8.97 12.02 -28.25
CA HIS B 439 -9.58 10.88 -28.90
C HIS B 439 -10.58 11.31 -29.96
N TYR B 440 -11.16 12.53 -29.85
CA TYR B 440 -12.26 12.94 -30.74
C TYR B 440 -11.93 14.15 -31.62
N SER B 441 -10.64 14.45 -31.82
CA SER B 441 -10.26 15.59 -32.67
C SER B 441 -10.57 15.27 -34.12
N GLN B 442 -10.47 16.28 -34.98
CA GLN B 442 -10.61 16.06 -36.38
C GLN B 442 -9.60 15.02 -36.84
N TRP B 443 -8.40 15.14 -36.28
CA TRP B 443 -7.27 14.34 -36.69
C TRP B 443 -7.45 12.86 -36.32
N THR B 444 -7.81 12.57 -35.07
CA THR B 444 -8.01 11.18 -34.67
C THR B 444 -9.33 10.69 -35.31
N ASN B 445 -10.32 11.57 -35.47
CA ASN B 445 -11.53 11.12 -36.10
C ASN B 445 -11.22 10.57 -37.47
N ASN B 446 -10.24 11.15 -38.17
CA ASN B 446 -9.89 10.73 -39.51
C ASN B 446 -9.32 9.30 -39.50
N HIS B 447 -8.50 8.98 -38.48
CA HIS B 447 -7.98 7.63 -38.33
C HIS B 447 -9.14 6.61 -38.24
N TYR B 448 -10.16 6.87 -37.43
CA TYR B 448 -11.20 5.86 -37.24
C TYR B 448 -11.84 5.61 -38.59
N GLN B 449 -12.08 6.73 -39.30
CA GLN B 449 -12.69 6.70 -40.62
C GLN B 449 -11.83 5.87 -41.56
N TYR B 450 -10.51 6.05 -41.51
CA TYR B 450 -9.64 5.36 -42.42
C TYR B 450 -9.63 3.88 -42.13
N ALA B 451 -9.59 3.50 -40.83
CA ALA B 451 -9.67 2.11 -40.41
C ALA B 451 -10.93 1.43 -41.00
N ILE B 452 -12.04 2.14 -40.99
CA ILE B 452 -13.31 1.56 -41.43
C ILE B 452 -13.30 1.37 -42.94
N GLU B 453 -12.84 2.40 -43.64
CA GLU B 453 -12.81 2.43 -45.11
C GLU B 453 -11.86 1.36 -45.63
N LYS B 454 -10.70 1.25 -44.98
CA LYS B 454 -9.73 0.24 -45.37
C LYS B 454 -10.28 -1.15 -45.06
N ALA B 455 -10.95 -1.29 -43.93
CA ALA B 455 -11.54 -2.57 -43.59
C ALA B 455 -12.49 -3.00 -44.68
N ALA B 456 -13.28 -2.06 -45.15
CA ALA B 456 -14.28 -2.30 -46.20
C ALA B 456 -13.63 -2.80 -47.48
N ASP B 457 -12.49 -2.21 -47.86
CA ASP B 457 -11.78 -2.70 -49.05
C ASP B 457 -11.38 -4.17 -48.86
N TYR B 458 -11.19 -4.64 -47.61
CA TYR B 458 -10.81 -6.04 -47.36
C TYR B 458 -12.05 -6.91 -47.04
N GLN B 459 -13.26 -6.30 -47.08
CA GLN B 459 -14.51 -6.94 -46.64
C GLN B 459 -14.38 -7.46 -45.21
N ILE B 460 -13.98 -6.54 -44.35
CA ILE B 460 -13.87 -6.76 -42.93
C ILE B 460 -14.85 -5.84 -42.19
N MET B 461 -15.49 -6.40 -41.13
CA MET B 461 -16.37 -5.57 -40.34
C MET B 461 -15.60 -5.00 -39.15
N VAL B 462 -16.03 -3.84 -38.63
CA VAL B 462 -15.32 -3.20 -37.56
C VAL B 462 -16.19 -2.86 -36.38
N ASN B 463 -15.62 -3.00 -35.18
CA ASN B 463 -16.31 -2.70 -33.95
C ASN B 463 -15.29 -1.98 -33.09
N ALA B 464 -15.46 -0.67 -32.89
CA ALA B 464 -14.36 0.09 -32.38
C ALA B 464 -14.67 0.60 -30.99
N HIS B 465 -13.95 0.09 -29.98
CA HIS B 465 -14.11 0.60 -28.64
C HIS B 465 -13.18 1.82 -28.49
N GLU B 466 -13.64 2.79 -27.69
CA GLU B 466 -12.92 3.99 -27.29
C GLU B 466 -12.85 4.98 -28.45
N ALA B 467 -13.47 4.69 -29.60
CA ALA B 467 -13.57 5.68 -30.66
C ALA B 467 -14.59 6.78 -30.35
N VAL B 468 -14.71 7.71 -31.31
CA VAL B 468 -15.71 8.73 -31.24
C VAL B 468 -17.10 8.09 -31.31
N ARG B 469 -18.08 8.67 -30.62
CA ARG B 469 -19.43 8.10 -30.63
C ARG B 469 -20.06 8.35 -31.99
N PRO B 470 -20.82 7.37 -32.47
CA PRO B 470 -21.30 7.40 -33.85
C PRO B 470 -22.37 8.43 -34.14
N THR B 471 -22.53 8.68 -35.45
CA THR B 471 -23.33 9.79 -35.96
C THR B 471 -24.04 9.37 -37.24
N GLY B 472 -24.34 8.07 -37.36
CA GLY B 472 -25.08 7.57 -38.49
C GLY B 472 -24.21 7.12 -39.65
N ILE B 473 -22.90 7.03 -39.46
CA ILE B 473 -22.01 6.81 -40.58
C ILE B 473 -22.17 5.41 -41.13
N ALA B 474 -22.71 4.50 -40.36
CA ALA B 474 -22.90 3.13 -40.86
C ALA B 474 -23.87 3.03 -42.07
N ARG B 475 -24.74 3.99 -42.26
CA ARG B 475 -25.48 3.94 -43.52
C ARG B 475 -24.47 3.96 -44.68
N THR B 476 -23.41 4.76 -44.56
CA THR B 476 -22.50 5.00 -45.66
C THR B 476 -21.50 3.83 -45.72
N TYR B 477 -21.11 3.34 -44.51
CA TYR B 477 -20.16 2.23 -44.35
C TYR B 477 -20.80 1.22 -43.40
N PRO B 478 -21.72 0.38 -43.87
CA PRO B 478 -22.40 -0.57 -42.99
C PRO B 478 -21.51 -1.70 -42.49
N ASN B 479 -20.21 -1.64 -42.79
CA ASN B 479 -19.29 -2.58 -42.18
C ASN B 479 -18.92 -2.14 -40.79
N LEU B 480 -19.29 -0.90 -40.39
CA LEU B 480 -19.13 -0.47 -39.01
C LEU B 480 -20.27 -1.02 -38.14
N ILE B 481 -20.07 -2.25 -37.64
CA ILE B 481 -21.19 -2.95 -37.04
C ILE B 481 -21.29 -2.63 -35.56
N GLY B 482 -20.30 -1.92 -35.03
CA GLY B 482 -20.49 -1.28 -33.75
C GLY B 482 -19.33 -0.43 -33.29
N ASN B 483 -19.61 0.23 -32.18
CA ASN B 483 -18.66 0.87 -31.31
C ASN B 483 -19.07 0.50 -29.89
N GLU B 484 -18.25 0.94 -28.90
CA GLU B 484 -18.68 1.06 -27.50
C GLU B 484 -19.03 2.51 -27.32
N ALA B 485 -17.99 3.34 -27.09
CA ALA B 485 -18.13 4.81 -27.15
C ALA B 485 -19.15 5.28 -26.10
N ALA B 486 -19.21 4.55 -24.96
CA ALA B 486 -20.04 4.84 -23.80
C ALA B 486 -19.66 3.86 -22.68
N ARG B 487 -20.32 4.00 -21.53
CA ARG B 487 -20.06 3.15 -20.41
C ARG B 487 -20.84 1.86 -20.62
N GLY B 488 -20.08 0.76 -20.85
CA GLY B 488 -20.71 -0.52 -21.12
C GLY B 488 -20.71 -1.46 -19.93
N THR B 489 -20.97 -2.73 -20.21
CA THR B 489 -21.12 -3.73 -19.16
C THR B 489 -19.81 -3.92 -18.40
N GLN B 490 -18.70 -3.74 -19.08
CA GLN B 490 -17.41 -3.86 -18.41
C GLN B 490 -17.37 -3.07 -17.10
N TYR B 491 -18.06 -1.92 -16.95
CA TYR B 491 -17.92 -1.14 -15.74
C TYR B 491 -18.65 -1.84 -14.59
N GLN B 492 -19.53 -2.81 -14.92
CA GLN B 492 -20.19 -3.59 -13.92
C GLN B 492 -19.17 -4.42 -13.17
N ALA B 493 -17.98 -4.56 -13.76
CA ALA B 493 -16.92 -5.36 -13.16
C ALA B 493 -15.78 -4.52 -12.58
N PHE B 494 -15.95 -3.20 -12.59
CA PHE B 494 -14.87 -2.29 -12.25
C PHE B 494 -15.09 -1.63 -10.90
N GLY B 495 -15.86 -2.24 -10.03
CA GLY B 495 -16.11 -1.63 -8.74
C GLY B 495 -16.64 -0.18 -8.85
N ASN B 496 -16.28 0.63 -7.83
CA ASN B 496 -16.94 1.93 -7.63
C ASN B 496 -18.47 1.75 -7.70
N ASP B 497 -19.21 2.57 -8.44
CA ASP B 497 -20.64 2.58 -8.57
C ASP B 497 -21.17 1.69 -9.71
N ARG B 498 -20.25 1.03 -10.43
CA ARG B 498 -20.63 0.25 -11.60
C ARG B 498 -21.56 1.08 -12.48
N ASN B 499 -22.63 0.48 -13.02
CA ASN B 499 -23.62 1.19 -13.79
C ASN B 499 -24.87 1.36 -12.97
N ASN B 500 -25.38 2.59 -12.93
CA ASN B 500 -26.69 2.84 -12.32
C ASN B 500 -27.70 1.83 -12.89
N ALA B 501 -28.67 1.50 -12.07
CA ALA B 501 -29.69 0.54 -12.47
C ALA B 501 -30.44 1.03 -13.67
N ASN B 502 -30.62 2.32 -13.83
CA ASN B 502 -31.41 2.86 -14.96
C ASN B 502 -30.54 3.21 -16.19
N HIS B 503 -29.26 2.81 -16.19
CA HIS B 503 -28.36 3.09 -17.27
C HIS B 503 -28.93 2.74 -18.67
N VAL B 504 -29.44 1.53 -18.78
CA VAL B 504 -29.89 1.02 -20.07
C VAL B 504 -31.26 1.57 -20.46
N THR B 505 -31.89 2.36 -19.59
CA THR B 505 -33.07 3.14 -19.94
C THR B 505 -32.70 4.56 -20.37
N ILE B 506 -31.40 4.89 -20.38
CA ILE B 506 -30.97 6.16 -20.93
C ILE B 506 -30.16 6.01 -22.21
N LEU B 507 -29.30 4.99 -22.25
CA LEU B 507 -28.44 4.81 -23.42
C LEU B 507 -29.22 4.91 -24.74
N PRO B 508 -30.41 4.29 -24.90
CA PRO B 508 -31.10 4.36 -26.21
C PRO B 508 -31.50 5.76 -26.65
N PHE B 509 -31.65 6.64 -25.67
CA PHE B 509 -32.14 7.98 -25.94
C PHE B 509 -30.96 8.93 -26.13
N THR B 510 -29.72 8.43 -26.00
CA THR B 510 -28.50 9.22 -26.06
C THR B 510 -27.52 8.48 -26.96
N ARG B 511 -26.66 7.69 -26.33
CA ARG B 511 -25.65 7.00 -27.10
C ARG B 511 -26.22 6.33 -28.34
N LEU B 512 -27.37 5.62 -28.29
CA LEU B 512 -27.74 4.79 -29.46
C LEU B 512 -28.11 5.61 -30.69
N ILE B 513 -28.43 6.89 -30.49
CA ILE B 513 -28.72 7.79 -31.57
C ILE B 513 -27.37 8.00 -32.29
N GLY B 514 -27.23 7.43 -33.48
CA GLY B 514 -25.99 7.50 -34.23
C GLY B 514 -25.51 6.15 -34.70
N GLY B 515 -25.82 5.13 -33.90
CA GLY B 515 -25.53 3.76 -34.30
C GLY B 515 -25.48 2.87 -33.07
N PRO B 516 -25.36 1.54 -33.26
CA PRO B 516 -25.42 0.56 -32.19
C PRO B 516 -24.22 0.56 -31.28
N MET B 517 -24.45 -0.10 -30.13
CA MET B 517 -23.41 -0.33 -29.14
C MET B 517 -23.25 -1.83 -28.92
N ASP B 518 -22.00 -2.24 -28.82
CA ASP B 518 -21.50 -3.50 -28.30
C ASP B 518 -21.51 -3.36 -26.78
N TYR B 519 -22.71 -3.58 -26.16
CA TYR B 519 -22.89 -3.34 -24.73
C TYR B 519 -22.41 -4.56 -23.93
N THR B 520 -22.32 -5.74 -24.57
CA THR B 520 -21.90 -7.01 -23.98
C THR B 520 -22.84 -7.40 -22.84
N PRO B 521 -24.12 -7.63 -23.16
CA PRO B 521 -25.07 -8.01 -22.13
C PRO B 521 -24.94 -9.52 -21.83
N GLY B 522 -25.86 -10.03 -21.06
CA GLY B 522 -25.97 -11.44 -20.93
C GLY B 522 -25.29 -11.95 -19.65
N ILE B 523 -25.13 -11.12 -18.59
CA ILE B 523 -24.46 -11.58 -17.37
C ILE B 523 -25.43 -12.30 -16.48
N PHE B 524 -25.09 -13.52 -16.09
CA PHE B 524 -25.90 -14.32 -15.19
C PHE B 524 -25.28 -14.37 -13.78
N GLU B 525 -23.95 -14.40 -13.63
CA GLU B 525 -23.30 -14.36 -12.32
C GLU B 525 -22.95 -12.90 -12.05
N MET B 526 -23.69 -12.24 -11.13
CA MET B 526 -23.52 -10.83 -10.89
C MET B 526 -22.40 -10.53 -9.87
N ASP B 527 -21.96 -11.53 -9.06
CA ASP B 527 -20.86 -11.35 -8.11
C ASP B 527 -19.56 -11.99 -8.62
N VAL B 528 -18.68 -11.18 -9.21
CA VAL B 528 -17.68 -11.74 -10.11
C VAL B 528 -16.37 -11.88 -9.36
N THR B 529 -15.32 -12.38 -10.05
CA THR B 529 -14.13 -12.83 -9.34
C THR B 529 -13.50 -11.70 -8.53
N ASN B 530 -13.35 -10.47 -9.08
CA ASN B 530 -12.69 -9.39 -8.34
C ASN B 530 -13.59 -8.71 -7.29
N GLY B 531 -14.82 -9.21 -7.00
CA GLY B 531 -15.66 -8.71 -5.89
C GLY B 531 -16.69 -7.64 -6.32
N SER B 532 -16.69 -7.31 -7.60
CA SER B 532 -17.54 -6.23 -8.10
C SER B 532 -18.95 -6.81 -8.29
N HIS B 533 -19.98 -6.00 -8.06
CA HIS B 533 -21.37 -6.40 -8.18
C HIS B 533 -22.07 -5.75 -9.39
N VAL B 534 -22.49 -6.60 -10.32
CA VAL B 534 -23.18 -6.15 -11.50
C VAL B 534 -24.63 -5.76 -11.11
N ASN B 535 -25.01 -4.51 -11.41
CA ASN B 535 -26.31 -4.00 -10.99
C ASN B 535 -27.41 -4.37 -11.98
N ALA B 536 -27.79 -5.68 -12.00
CA ALA B 536 -28.91 -6.11 -12.83
C ALA B 536 -29.48 -7.44 -12.35
N THR B 537 -30.69 -7.80 -12.85
CA THR B 537 -31.28 -9.12 -12.64
C THR B 537 -31.04 -9.90 -13.90
N ILE B 538 -31.26 -11.22 -13.82
CA ILE B 538 -31.08 -12.06 -14.98
C ILE B 538 -32.05 -11.65 -16.08
N ALA B 539 -33.23 -11.26 -15.71
CA ALA B 539 -34.27 -10.96 -16.67
C ALA B 539 -33.94 -9.66 -17.38
N ASN B 540 -33.31 -8.72 -16.68
CA ASN B 540 -32.85 -7.50 -17.30
C ASN B 540 -31.84 -7.89 -18.38
N GLN B 541 -30.97 -8.85 -18.06
CA GLN B 541 -29.92 -9.24 -18.99
C GLN B 541 -30.44 -9.93 -20.22
N LEU B 542 -31.55 -10.65 -20.08
CA LEU B 542 -32.13 -11.25 -21.27
C LEU B 542 -32.76 -10.16 -22.13
N ALA B 543 -33.30 -9.11 -21.50
CA ALA B 543 -34.13 -8.17 -22.24
C ALA B 543 -33.26 -7.33 -23.19
N LEU B 544 -31.99 -7.19 -22.80
CA LEU B 544 -31.08 -6.28 -23.48
C LEU B 544 -30.87 -6.71 -24.94
N TYR B 545 -30.99 -7.99 -25.27
CA TYR B 545 -30.89 -8.48 -26.65
C TYR B 545 -31.96 -7.83 -27.56
N VAL B 546 -33.02 -7.23 -26.96
CA VAL B 546 -34.04 -6.46 -27.66
C VAL B 546 -33.97 -4.96 -27.33
N THR B 547 -33.68 -4.53 -26.09
CA THR B 547 -33.86 -3.12 -25.77
C THR B 547 -32.60 -2.30 -26.05
N MET B 548 -31.47 -2.99 -26.30
CA MET B 548 -30.25 -2.35 -26.73
C MET B 548 -29.93 -2.86 -28.10
N TYR B 549 -30.54 -2.24 -29.09
CA TYR B 549 -30.40 -2.64 -30.48
C TYR B 549 -28.92 -2.72 -30.85
N SER B 550 -28.53 -3.82 -31.50
CA SER B 550 -27.25 -3.95 -32.15
C SER B 550 -27.24 -5.16 -33.09
N PRO B 551 -26.62 -5.06 -34.27
CA PRO B 551 -26.40 -6.21 -35.15
C PRO B 551 -25.31 -7.09 -34.60
N LEU B 552 -24.58 -6.60 -33.59
CA LEU B 552 -23.48 -7.34 -32.96
C LEU B 552 -23.80 -7.58 -31.48
N GLN B 553 -24.10 -8.84 -31.08
CA GLN B 553 -24.66 -9.05 -29.74
C GLN B 553 -23.86 -10.14 -29.02
N MET B 554 -23.28 -9.76 -27.87
CA MET B 554 -22.47 -10.67 -27.09
C MET B 554 -23.27 -11.33 -25.95
N ALA B 555 -22.89 -12.58 -25.66
CA ALA B 555 -23.18 -13.19 -24.38
C ALA B 555 -21.86 -13.32 -23.63
N ALA B 556 -21.69 -12.40 -22.70
CA ALA B 556 -20.41 -12.04 -22.15
C ALA B 556 -19.99 -12.98 -21.02
N ASP B 557 -20.92 -13.73 -20.45
CA ASP B 557 -20.59 -14.53 -19.28
C ASP B 557 -19.87 -15.82 -19.70
N PHE B 558 -19.46 -16.59 -18.67
CA PHE B 558 -18.72 -17.81 -18.89
C PHE B 558 -19.71 -18.90 -19.31
N PRO B 559 -19.22 -19.86 -20.13
CA PRO B 559 -19.99 -21.03 -20.48
C PRO B 559 -20.63 -21.76 -19.28
N GLU B 560 -19.83 -21.97 -18.23
CA GLU B 560 -20.27 -22.53 -16.98
C GLU B 560 -21.59 -21.94 -16.50
N ASN B 561 -21.68 -20.60 -16.54
CA ASN B 561 -22.72 -19.90 -15.87
C ASN B 561 -23.98 -20.00 -16.71
N TYR B 562 -23.84 -20.04 -18.03
CA TYR B 562 -25.01 -20.16 -18.85
C TYR B 562 -25.56 -21.58 -18.81
N GLU B 563 -24.68 -22.58 -18.67
CA GLU B 563 -25.14 -23.96 -18.60
C GLU B 563 -25.90 -24.19 -17.28
N ARG B 564 -25.44 -23.53 -16.20
CA ARG B 564 -26.02 -23.62 -14.86
C ARG B 564 -27.46 -23.13 -14.89
N PHE B 565 -27.75 -22.13 -15.73
CA PHE B 565 -29.05 -21.45 -15.82
C PHE B 565 -29.55 -21.62 -17.24
N ALA B 566 -29.58 -22.88 -17.70
CA ALA B 566 -29.85 -23.27 -19.06
C ALA B 566 -31.26 -22.87 -19.48
N ASP B 567 -32.22 -22.94 -18.55
CA ASP B 567 -33.60 -22.59 -18.85
C ASP B 567 -33.61 -21.12 -19.33
N ALA B 568 -32.94 -20.22 -18.60
CA ALA B 568 -32.95 -18.81 -18.91
C ALA B 568 -32.15 -18.53 -20.19
N PHE B 569 -31.08 -19.30 -20.36
CA PHE B 569 -30.20 -19.08 -21.49
C PHE B 569 -30.89 -19.35 -22.82
N GLN B 570 -32.00 -20.07 -22.80
CA GLN B 570 -32.74 -20.37 -24.02
C GLN B 570 -33.10 -19.09 -24.77
N PHE B 571 -33.50 -18.04 -24.04
CA PHE B 571 -33.93 -16.83 -24.72
C PHE B 571 -32.75 -16.24 -25.53
N ILE B 572 -31.56 -16.27 -24.93
CA ILE B 572 -30.41 -15.76 -25.62
C ILE B 572 -30.14 -16.61 -26.83
N LYS B 573 -30.32 -17.91 -26.74
CA LYS B 573 -30.03 -18.73 -27.89
C LYS B 573 -31.06 -18.49 -28.99
N ASP B 574 -32.31 -18.22 -28.60
CA ASP B 574 -33.42 -18.07 -29.52
C ASP B 574 -33.43 -16.73 -30.23
N VAL B 575 -33.08 -15.67 -29.50
CA VAL B 575 -33.30 -14.30 -29.96
C VAL B 575 -32.51 -14.04 -31.25
N ALA B 576 -33.14 -13.28 -32.16
CA ALA B 576 -32.48 -12.86 -33.36
C ALA B 576 -31.62 -11.59 -33.12
N VAL B 577 -30.90 -11.14 -34.17
CA VAL B 577 -30.06 -9.95 -34.08
C VAL B 577 -30.26 -9.00 -35.26
N ASP B 578 -31.28 -9.27 -36.07
CA ASP B 578 -31.60 -8.41 -37.19
C ASP B 578 -33.10 -8.47 -37.42
N TRP B 579 -33.70 -7.39 -37.90
CA TRP B 579 -35.15 -7.23 -37.77
C TRP B 579 -35.82 -6.61 -39.00
N ASP B 580 -37.02 -7.13 -39.36
CA ASP B 580 -37.88 -6.53 -40.40
C ASP B 580 -38.75 -5.40 -39.84
N ASP B 581 -38.96 -5.38 -38.52
CA ASP B 581 -39.72 -4.29 -37.98
C ASP B 581 -39.48 -4.21 -36.49
N SER B 582 -39.79 -3.05 -35.91
CA SER B 582 -39.62 -2.81 -34.48
C SER B 582 -40.75 -1.91 -34.00
N ARG B 583 -41.31 -2.08 -32.80
CA ARG B 583 -42.30 -1.14 -32.27
C ARG B 583 -41.97 -0.86 -30.82
N TYR B 584 -41.75 0.45 -30.56
CA TYR B 584 -41.49 0.89 -29.21
C TYR B 584 -42.84 0.96 -28.50
N LEU B 585 -43.05 0.16 -27.45
CA LEU B 585 -44.37 0.05 -26.86
C LEU B 585 -44.50 0.99 -25.68
N GLU B 586 -43.41 1.13 -24.87
CA GLU B 586 -43.39 2.10 -23.79
C GLU B 586 -41.98 2.61 -23.68
N ALA B 587 -41.80 3.84 -23.23
CA ALA B 587 -40.48 4.39 -23.03
C ALA B 587 -40.57 5.72 -22.32
N GLU B 588 -39.68 5.86 -21.33
CA GLU B 588 -39.48 7.08 -20.60
C GLU B 588 -38.02 7.04 -20.19
N PRO B 589 -37.23 8.04 -20.63
CA PRO B 589 -35.81 8.07 -20.33
C PRO B 589 -35.56 8.04 -18.81
N GLY B 590 -34.66 7.14 -18.43
CA GLY B 590 -34.28 6.99 -17.05
C GLY B 590 -35.22 6.07 -16.25
N GLN B 591 -36.35 5.63 -16.84
CA GLN B 591 -37.32 4.85 -16.07
C GLN B 591 -37.60 3.48 -16.68
N TYR B 592 -37.94 3.41 -17.99
CA TYR B 592 -38.30 2.11 -18.58
C TYR B 592 -38.25 2.18 -20.10
N ILE B 593 -38.02 1.03 -20.76
CA ILE B 593 -38.21 0.91 -22.19
C ILE B 593 -38.82 -0.45 -22.48
N THR B 594 -39.82 -0.53 -23.33
CA THR B 594 -40.38 -1.79 -23.74
C THR B 594 -40.51 -1.79 -25.27
N VAL B 595 -39.96 -2.81 -25.93
CA VAL B 595 -40.00 -2.78 -27.39
C VAL B 595 -40.09 -4.21 -27.90
N ALA B 596 -40.79 -4.38 -29.02
CA ALA B 596 -40.88 -5.66 -29.68
C ALA B 596 -40.35 -5.53 -31.11
N ARG B 597 -39.68 -6.60 -31.58
CA ARG B 597 -39.05 -6.61 -32.89
C ARG B 597 -39.38 -7.91 -33.59
N LYS B 598 -39.45 -7.85 -34.92
CA LYS B 598 -39.75 -9.04 -35.70
C LYS B 598 -38.50 -9.59 -36.40
N ALA B 599 -38.11 -10.83 -36.13
CA ALA B 599 -36.87 -11.39 -36.65
C ALA B 599 -36.88 -11.39 -38.18
N LYS B 600 -35.80 -10.86 -38.79
CA LYS B 600 -35.70 -10.72 -40.23
C LYS B 600 -36.02 -12.04 -40.94
N GLY B 601 -36.83 -11.95 -42.00
CA GLY B 601 -37.19 -13.11 -42.81
C GLY B 601 -38.14 -14.09 -42.13
N THR B 602 -38.70 -13.77 -40.94
CA THR B 602 -39.52 -14.70 -40.16
C THR B 602 -40.84 -14.02 -39.74
N ASP B 603 -41.77 -14.81 -39.21
CA ASP B 603 -42.99 -14.31 -38.57
C ASP B 603 -42.90 -14.31 -37.04
N ASN B 604 -41.68 -14.46 -36.51
CA ASN B 604 -41.39 -14.49 -35.10
C ASN B 604 -41.02 -13.13 -34.52
N TRP B 605 -41.43 -12.89 -33.26
CA TRP B 605 -41.24 -11.61 -32.60
C TRP B 605 -40.54 -11.85 -31.27
N PHE B 606 -39.81 -10.85 -30.84
CA PHE B 606 -39.09 -10.90 -29.61
C PHE B 606 -39.29 -9.54 -28.96
N LEU B 607 -39.48 -9.57 -27.64
CA LEU B 607 -39.82 -8.38 -26.90
C LEU B 607 -38.90 -8.27 -25.71
N GLY B 608 -38.58 -7.04 -25.34
CA GLY B 608 -37.82 -6.80 -24.13
C GLY B 608 -38.35 -5.58 -23.38
N ASN B 609 -38.29 -5.70 -22.04
CA ASN B 609 -38.49 -4.59 -21.12
C ASN B 609 -37.24 -4.43 -20.26
N VAL B 610 -36.76 -3.20 -20.10
CA VAL B 610 -35.76 -2.90 -19.06
C VAL B 610 -36.34 -1.83 -18.14
N ASN B 611 -36.03 -1.94 -16.84
CA ASN B 611 -36.68 -1.10 -15.85
C ASN B 611 -35.65 -0.51 -14.89
N GLY B 612 -35.87 0.75 -14.54
CA GLY B 612 -34.97 1.56 -13.75
C GLY B 612 -35.12 1.34 -12.23
N GLU B 613 -34.83 2.41 -11.46
CA GLU B 613 -34.73 2.33 -10.02
C GLU B 613 -36.03 1.83 -9.39
N THR B 614 -37.17 2.28 -9.93
CA THR B 614 -38.46 2.01 -9.32
C THR B 614 -39.05 0.75 -9.96
N ALA B 615 -39.27 -0.28 -9.13
CA ALA B 615 -40.12 -1.40 -9.50
C ALA B 615 -41.45 -0.95 -10.11
N ARG B 616 -41.95 -1.67 -11.12
CA ARG B 616 -43.14 -1.24 -11.86
C ARG B 616 -43.78 -2.41 -12.60
N VAL B 617 -45.10 -2.29 -12.71
CA VAL B 617 -45.93 -3.19 -13.47
C VAL B 617 -46.14 -2.55 -14.85
N SER B 618 -45.77 -3.29 -15.88
CA SER B 618 -45.87 -2.87 -17.29
C SER B 618 -47.20 -3.39 -17.84
N ASN B 619 -47.94 -2.63 -18.64
CA ASN B 619 -49.20 -3.16 -19.18
C ASN B 619 -49.31 -2.88 -20.67
N ILE B 620 -49.21 -3.95 -21.46
CA ILE B 620 -48.94 -3.79 -22.89
C ILE B 620 -50.03 -4.45 -23.73
N ASP B 621 -50.16 -3.88 -24.93
CA ASP B 621 -51.04 -4.40 -25.96
C ASP B 621 -50.17 -5.25 -26.90
N LEU B 622 -50.61 -6.46 -27.26
CA LEU B 622 -49.86 -7.33 -28.16
C LEU B 622 -50.32 -7.16 -29.63
N GLY B 623 -50.85 -5.98 -29.95
CA GLY B 623 -51.43 -5.72 -31.25
C GLY B 623 -50.42 -5.72 -32.40
N PHE B 624 -49.11 -5.75 -32.15
CA PHE B 624 -48.13 -5.77 -33.23
C PHE B 624 -48.07 -7.13 -33.92
N LEU B 625 -48.57 -8.17 -33.23
CA LEU B 625 -48.69 -9.51 -33.77
C LEU B 625 -49.71 -9.51 -34.89
N GLU B 626 -49.66 -10.51 -35.79
CA GLU B 626 -50.51 -10.46 -36.95
C GLU B 626 -51.95 -10.89 -36.56
N LYS B 627 -52.95 -10.19 -37.08
CA LYS B 627 -54.34 -10.41 -36.70
C LYS B 627 -54.73 -11.84 -37.13
N GLY B 628 -55.52 -12.55 -36.31
CA GLY B 628 -56.06 -13.88 -36.60
C GLY B 628 -55.04 -15.00 -36.39
N LYS B 629 -53.93 -14.77 -35.70
CA LYS B 629 -52.94 -15.84 -35.51
C LYS B 629 -52.62 -16.04 -34.03
N LYS B 630 -52.31 -17.29 -33.70
CA LYS B 630 -51.91 -17.72 -32.38
C LYS B 630 -50.39 -17.92 -32.29
N TYR B 631 -49.80 -17.38 -31.20
CA TYR B 631 -48.39 -17.58 -30.92
C TYR B 631 -48.20 -18.29 -29.58
N THR B 632 -47.23 -19.20 -29.52
CA THR B 632 -46.56 -19.55 -28.27
C THR B 632 -45.66 -18.39 -27.80
N ALA B 633 -46.07 -17.76 -26.70
CA ALA B 633 -45.26 -16.82 -25.95
C ALA B 633 -44.50 -17.55 -24.86
N VAL B 634 -43.19 -17.30 -24.73
CA VAL B 634 -42.46 -17.66 -23.52
C VAL B 634 -41.96 -16.39 -22.83
N ILE B 635 -42.37 -16.22 -21.57
CA ILE B 635 -42.05 -15.03 -20.79
C ILE B 635 -41.01 -15.33 -19.71
N TYR B 636 -39.87 -14.66 -19.85
CA TYR B 636 -38.78 -14.73 -18.90
C TYR B 636 -38.76 -13.44 -18.10
N ALA B 637 -39.06 -13.53 -16.81
CA ALA B 637 -39.43 -12.37 -16.04
C ALA B 637 -38.70 -12.38 -14.70
N ASP B 638 -38.75 -11.22 -14.04
CA ASP B 638 -38.27 -11.18 -12.69
C ASP B 638 -39.24 -11.86 -11.75
N ALA B 639 -38.74 -12.63 -10.80
CA ALA B 639 -39.57 -13.01 -9.69
C ALA B 639 -40.02 -11.78 -8.91
N LYS B 640 -41.09 -11.84 -8.10
CA LYS B 640 -41.61 -10.70 -7.36
C LYS B 640 -40.59 -10.05 -6.40
N ASP B 641 -39.69 -10.89 -5.82
CA ASP B 641 -38.72 -10.49 -4.83
C ASP B 641 -37.33 -10.26 -5.48
N ALA B 642 -37.27 -10.22 -6.84
CA ALA B 642 -35.99 -9.98 -7.48
C ALA B 642 -35.58 -8.53 -7.25
N ASN B 643 -34.28 -8.31 -7.27
CA ASN B 643 -33.78 -6.99 -6.99
C ASN B 643 -32.36 -6.94 -7.53
N TYR B 644 -31.93 -5.84 -8.17
CA TYR B 644 -30.62 -5.75 -8.73
C TYR B 644 -29.51 -5.74 -7.69
N LYS B 645 -29.75 -5.34 -6.43
CA LYS B 645 -28.71 -5.33 -5.40
C LYS B 645 -28.60 -6.67 -4.65
N THR B 646 -29.75 -7.21 -4.21
CA THR B 646 -29.82 -8.28 -3.21
C THR B 646 -30.38 -9.60 -3.74
N ASN B 647 -30.93 -9.68 -4.94
CA ASN B 647 -31.58 -10.90 -5.37
C ASN B 647 -31.63 -10.96 -6.89
N THR B 648 -30.45 -11.16 -7.49
CA THR B 648 -30.21 -10.90 -8.90
C THR B 648 -30.59 -12.08 -9.77
N GLN B 649 -30.66 -13.29 -9.23
CA GLN B 649 -30.74 -14.49 -10.06
C GLN B 649 -32.13 -15.15 -9.99
N ALA B 650 -33.15 -14.42 -9.57
CA ALA B 650 -34.49 -14.96 -9.33
C ALA B 650 -35.41 -14.54 -10.47
N TYR B 651 -35.72 -15.51 -11.32
CA TYR B 651 -36.55 -15.29 -12.50
C TYR B 651 -37.57 -16.45 -12.58
N THR B 652 -38.67 -16.16 -13.30
CA THR B 652 -39.72 -17.11 -13.66
C THR B 652 -39.73 -17.29 -15.17
N ILE B 653 -40.22 -18.44 -15.63
CA ILE B 653 -40.35 -18.72 -17.04
C ILE B 653 -41.70 -19.41 -17.20
N ARG B 654 -42.62 -18.83 -17.98
CA ARG B 654 -43.89 -19.50 -18.22
C ARG B 654 -44.29 -19.35 -19.69
N LYS B 655 -44.97 -20.40 -20.19
CA LYS B 655 -45.50 -20.46 -21.56
C LYS B 655 -47.00 -20.19 -21.53
N VAL B 656 -47.51 -19.49 -22.54
CA VAL B 656 -48.92 -19.16 -22.71
C VAL B 656 -49.17 -18.84 -24.20
N VAL B 657 -50.36 -19.22 -24.70
CA VAL B 657 -50.77 -18.97 -26.07
C VAL B 657 -51.47 -17.62 -26.13
N VAL B 658 -51.18 -16.81 -27.14
CA VAL B 658 -51.65 -15.43 -27.18
C VAL B 658 -52.06 -15.07 -28.61
N THR B 659 -52.81 -13.97 -28.76
CA THR B 659 -53.17 -13.42 -30.06
C THR B 659 -53.00 -11.92 -30.00
N SER B 660 -53.33 -11.23 -31.11
CA SER B 660 -53.16 -9.77 -31.21
C SER B 660 -54.06 -9.04 -30.22
N ASN B 661 -55.10 -9.77 -29.76
CA ASN B 661 -56.03 -9.20 -28.80
C ASN B 661 -55.65 -9.46 -27.35
N SER B 662 -54.65 -10.34 -27.08
CA SER B 662 -54.10 -10.47 -25.73
C SER B 662 -53.53 -9.14 -25.22
N LYS B 663 -53.63 -9.00 -23.88
CA LYS B 663 -53.05 -7.92 -23.10
C LYS B 663 -52.20 -8.64 -22.07
N LEU B 664 -51.10 -8.00 -21.68
CA LEU B 664 -50.20 -8.60 -20.71
C LEU B 664 -49.88 -7.58 -19.62
N SER B 665 -49.71 -8.12 -18.41
CA SER B 665 -49.43 -7.36 -17.22
C SER B 665 -48.19 -8.00 -16.59
N GLN B 666 -47.10 -7.27 -16.41
CA GLN B 666 -45.88 -7.94 -15.96
C GLN B 666 -45.08 -6.99 -15.05
N PHE B 667 -44.82 -7.53 -13.84
CA PHE B 667 -43.97 -6.90 -12.84
C PHE B 667 -42.54 -6.93 -13.37
N SER B 668 -41.81 -5.81 -13.23
CA SER B 668 -40.38 -5.78 -13.51
C SER B 668 -39.68 -5.22 -12.28
N ALA B 669 -38.60 -5.87 -11.83
CA ALA B 669 -37.99 -5.44 -10.58
C ALA B 669 -37.19 -4.18 -10.78
N SER B 670 -36.71 -3.69 -9.65
CA SER B 670 -35.76 -2.59 -9.62
C SER B 670 -34.46 -3.06 -10.30
N GLY B 671 -34.09 -2.39 -11.41
CA GLY B 671 -32.97 -2.76 -12.27
C GLY B 671 -33.21 -4.11 -12.98
N GLY B 672 -34.51 -4.42 -13.13
CA GLY B 672 -34.95 -5.69 -13.69
C GLY B 672 -35.46 -5.46 -15.11
N GLY B 673 -36.36 -6.33 -15.58
CA GLY B 673 -36.90 -6.30 -16.94
C GLY B 673 -37.62 -7.62 -17.23
N TYR B 674 -38.10 -7.80 -18.48
CA TYR B 674 -38.62 -9.10 -18.92
C TYR B 674 -38.36 -9.32 -20.40
N ALA B 675 -38.31 -10.58 -20.81
CA ALA B 675 -38.10 -10.94 -22.21
C ALA B 675 -39.12 -11.99 -22.64
N ILE B 676 -39.55 -11.87 -23.92
CA ILE B 676 -40.63 -12.68 -24.48
C ILE B 676 -40.28 -13.04 -25.90
N SER B 677 -40.29 -14.34 -26.20
CA SER B 677 -40.31 -14.88 -27.54
C SER B 677 -41.72 -15.28 -27.95
N PHE B 678 -42.07 -14.90 -29.17
CA PHE B 678 -43.34 -15.28 -29.79
C PHE B 678 -43.11 -16.01 -31.11
N TYR B 679 -43.45 -17.30 -31.14
CA TYR B 679 -43.39 -18.16 -32.31
C TYR B 679 -44.82 -18.61 -32.69
N PRO B 680 -45.17 -18.53 -33.98
CA PRO B 680 -46.48 -19.01 -34.43
C PRO B 680 -46.69 -20.49 -34.11
N VAL B 681 -47.96 -20.87 -33.85
CA VAL B 681 -48.37 -22.25 -33.93
C VAL B 681 -48.82 -22.47 -35.37
N SER C 1 24.41 -42.23 55.06
CA SER C 1 23.75 -43.27 54.20
C SER C 1 22.42 -43.91 54.75
N ASP C 2 22.28 -44.10 56.08
CA ASP C 2 21.01 -44.56 56.66
C ASP C 2 20.45 -43.57 57.69
N LEU C 3 19.18 -43.77 58.05
CA LEU C 3 18.59 -42.85 59.03
C LEU C 3 17.40 -43.46 59.79
N LYS C 4 17.33 -43.15 61.10
CA LYS C 4 16.32 -43.73 61.97
C LYS C 4 15.49 -42.64 62.64
N SER C 5 14.23 -42.95 62.93
CA SER C 5 13.44 -42.11 63.81
C SER C 5 14.05 -42.11 65.22
N PRO C 6 13.80 -41.07 66.05
CA PRO C 6 14.21 -41.10 67.47
C PRO C 6 13.82 -42.36 68.24
N ASP C 7 12.64 -42.95 67.96
CA ASP C 7 12.15 -44.16 68.62
C ASP C 7 12.64 -45.45 67.93
N GLY C 8 13.42 -45.37 66.86
CA GLY C 8 13.91 -46.61 66.24
C GLY C 8 12.92 -47.27 65.26
N ASN C 9 11.66 -46.81 65.18
CA ASN C 9 10.65 -47.56 64.46
C ASN C 9 10.78 -47.38 62.94
N PHE C 10 11.20 -46.20 62.49
CA PHE C 10 11.44 -45.96 61.07
C PHE C 10 12.92 -46.05 60.70
N LEU C 11 13.17 -46.72 59.57
CA LEU C 11 14.46 -46.68 58.90
C LEU C 11 14.30 -46.20 57.46
N MET C 12 15.13 -45.22 57.05
CA MET C 12 15.19 -44.73 55.67
C MET C 12 16.59 -45.02 55.13
N HIS C 13 16.69 -45.85 54.06
CA HIS C 13 17.94 -46.14 53.34
C HIS C 13 17.94 -45.19 52.13
N PHE C 14 19.04 -44.44 51.95
CA PHE C 14 19.29 -43.75 50.70
C PHE C 14 20.45 -44.37 49.95
N SER C 15 20.28 -44.60 48.64
CA SER C 15 21.36 -45.06 47.77
C SER C 15 21.21 -44.48 46.35
N LEU C 16 22.21 -44.74 45.50
CA LEU C 16 22.21 -44.41 44.07
C LEU C 16 22.22 -45.72 43.26
N GLU C 17 21.43 -45.75 42.16
CA GLU C 17 21.40 -46.91 41.29
C GLU C 17 22.70 -46.98 40.47
N ALA C 18 22.89 -48.09 39.73
CA ALA C 18 24.01 -48.23 38.84
C ALA C 18 24.20 -46.96 37.98
N ASP C 19 23.09 -46.39 37.43
CA ASP C 19 23.22 -45.27 36.52
C ASP C 19 23.28 -43.93 37.26
N GLY C 20 23.31 -43.89 38.60
CA GLY C 20 23.43 -42.60 39.29
C GLY C 20 22.08 -41.94 39.65
N THR C 21 20.96 -42.65 39.44
CA THR C 21 19.66 -42.21 39.90
C THR C 21 19.60 -42.26 41.44
N PRO C 22 19.27 -41.16 42.14
CA PRO C 22 19.03 -41.24 43.59
C PRO C 22 17.71 -41.91 43.96
N VAL C 23 17.75 -42.82 44.97
CA VAL C 23 16.59 -43.59 45.41
C VAL C 23 16.53 -43.64 46.93
N TYR C 24 15.30 -43.73 47.43
CA TYR C 24 15.05 -43.81 48.86
C TYR C 24 14.03 -44.91 49.11
N LYS C 25 14.03 -45.37 50.36
CA LYS C 25 13.27 -46.53 50.84
C LYS C 25 12.88 -46.24 52.30
N LEU C 26 11.62 -46.54 52.66
CA LEU C 26 11.17 -46.31 54.04
C LEU C 26 10.57 -47.56 54.66
N ILE C 27 11.03 -47.84 55.89
CA ILE C 27 10.64 -49.04 56.61
C ILE C 27 10.08 -48.64 57.96
N TYR C 28 8.88 -49.15 58.28
CA TYR C 28 8.20 -48.94 59.58
C TYR C 28 8.04 -50.30 60.26
N LYS C 29 8.62 -50.47 61.45
CA LYS C 29 8.46 -51.68 62.25
C LYS C 29 8.70 -52.93 61.41
N GLY C 30 9.88 -52.98 60.79
CA GLY C 30 10.28 -54.07 59.91
C GLY C 30 9.43 -54.17 58.64
N LYS C 31 8.47 -53.28 58.36
CA LYS C 31 7.63 -53.44 57.18
C LYS C 31 7.93 -52.34 56.15
N ASP C 32 7.97 -52.73 54.89
CA ASP C 32 8.09 -51.78 53.80
C ASP C 32 6.85 -50.89 53.75
N VAL C 33 7.09 -49.58 53.84
CA VAL C 33 6.04 -48.61 53.62
C VAL C 33 6.21 -47.93 52.27
N ILE C 34 7.45 -47.44 52.02
CA ILE C 34 7.87 -46.87 50.74
C ILE C 34 9.00 -47.71 50.19
N LYS C 35 8.73 -48.36 49.07
CA LYS C 35 9.76 -49.17 48.43
C LYS C 35 10.71 -48.26 47.65
N ALA C 36 11.73 -48.87 47.04
CA ALA C 36 12.71 -48.15 46.25
C ALA C 36 12.02 -47.11 45.36
N SER C 37 12.37 -45.82 45.53
CA SER C 37 11.67 -44.70 44.95
C SER C 37 12.67 -43.69 44.34
N LYS C 38 12.51 -43.29 43.09
CA LYS C 38 13.46 -42.38 42.44
C LYS C 38 13.22 -40.93 42.84
N LEU C 39 14.25 -40.10 42.70
CA LEU C 39 14.19 -38.69 43.06
C LEU C 39 14.84 -37.87 41.95
N GLY C 40 14.51 -36.55 41.89
CA GLY C 40 15.11 -35.63 40.95
C GLY C 40 14.09 -34.92 40.05
N PHE C 41 14.56 -34.31 38.94
CA PHE C 41 13.75 -33.41 38.12
C PHE C 41 14.05 -33.57 36.63
N THR C 42 12.99 -33.47 35.80
CA THR C 42 13.10 -33.17 34.38
C THR C 42 13.05 -31.65 34.17
N LEU C 43 14.07 -31.07 33.51
CA LEU C 43 14.16 -29.60 33.36
C LEU C 43 13.86 -29.25 31.93
N LYS C 44 13.30 -28.09 31.66
CA LYS C 44 13.00 -27.68 30.29
C LYS C 44 14.29 -27.20 29.61
N ASN C 45 14.41 -27.46 28.29
CA ASN C 45 15.53 -27.00 27.45
C ASN C 45 16.86 -27.36 28.10
N ASP C 46 17.00 -28.67 28.34
CA ASP C 46 18.11 -29.21 29.09
C ASP C 46 18.46 -30.61 28.60
N ASN C 47 19.68 -30.74 28.07
CA ASN C 47 20.23 -31.98 27.60
C ASN C 47 19.85 -33.11 28.54
N LYS C 48 20.31 -32.99 29.79
CA LYS C 48 20.51 -34.12 30.69
C LYS C 48 19.50 -34.17 31.85
N SER C 49 19.01 -33.02 32.26
CA SER C 49 18.10 -32.93 33.40
C SER C 49 18.82 -33.31 34.67
N LEU C 50 18.07 -33.56 35.75
CA LEU C 50 18.59 -33.94 37.07
C LEU C 50 17.98 -35.25 37.58
N LEU C 51 18.21 -36.32 36.81
CA LEU C 51 17.53 -37.61 36.94
C LEU C 51 18.49 -38.70 37.42
N ASN C 52 19.76 -38.55 37.05
CA ASN C 52 20.75 -39.61 37.16
C ASN C 52 22.16 -39.03 37.00
N ASP C 53 23.15 -39.91 37.00
CA ASP C 53 24.55 -39.55 36.82
C ASP C 53 25.09 -38.69 37.98
N PHE C 54 24.50 -38.84 39.16
CA PHE C 54 25.05 -38.19 40.33
C PHE C 54 26.07 -39.06 41.05
N LYS C 55 26.94 -38.41 41.83
CA LYS C 55 27.77 -39.09 42.80
C LYS C 55 27.55 -38.38 44.13
N ILE C 56 27.79 -39.12 45.22
CA ILE C 56 27.64 -38.59 46.56
C ILE C 56 28.92 -37.81 46.86
N GLU C 57 28.80 -36.51 47.09
CA GLU C 57 29.96 -35.66 47.32
C GLU C 57 30.18 -35.62 48.83
N ASP C 58 29.10 -35.66 49.61
CA ASP C 58 29.21 -35.55 51.05
C ASP C 58 27.88 -36.02 51.65
N THR C 59 27.91 -36.53 52.89
CA THR C 59 26.70 -36.64 53.71
C THR C 59 26.94 -35.99 55.07
N LYS C 60 25.88 -35.55 55.75
CA LYS C 60 25.94 -34.98 57.08
C LYS C 60 24.70 -35.42 57.87
N THR C 61 24.87 -35.74 59.16
CA THR C 61 23.78 -36.15 60.04
C THR C 61 23.74 -35.17 61.21
N SER C 62 22.53 -34.97 61.73
CA SER C 62 22.34 -34.16 62.93
C SER C 62 20.99 -34.51 63.57
N SER C 63 20.79 -34.00 64.81
CA SER C 63 19.55 -34.22 65.56
C SER C 63 18.99 -32.91 66.11
N PHE C 64 17.68 -32.90 66.37
CA PHE C 64 17.02 -31.68 66.83
C PHE C 64 15.87 -32.15 67.71
N ASP C 65 15.72 -31.45 68.84
CA ASP C 65 14.63 -31.69 69.77
C ASP C 65 14.42 -30.39 70.53
N GLU C 66 13.37 -29.65 70.15
CA GLU C 66 12.91 -28.41 70.79
C GLU C 66 11.39 -28.39 70.77
N ASN C 67 10.79 -27.61 71.67
CA ASN C 67 9.37 -27.33 71.69
C ASN C 67 9.13 -25.89 71.25
N TRP C 68 8.00 -25.63 70.58
CA TRP C 68 7.58 -24.28 70.29
C TRP C 68 6.12 -24.19 70.69
N LYS C 69 5.67 -22.94 70.95
CA LYS C 69 4.32 -22.60 71.39
C LYS C 69 3.57 -22.04 70.18
N PRO C 70 2.50 -22.71 69.66
CA PRO C 70 1.74 -22.17 68.55
C PRO C 70 1.01 -20.93 68.99
N VAL C 71 0.62 -20.07 68.03
CA VAL C 71 -0.25 -18.99 68.45
C VAL C 71 -1.64 -19.57 68.78
N TRP C 72 -2.09 -20.51 67.96
CA TRP C 72 -3.37 -21.16 68.12
C TRP C 72 -3.18 -22.58 67.60
N GLY C 73 -4.04 -23.46 68.06
CA GLY C 73 -3.80 -24.84 67.78
C GLY C 73 -4.53 -25.82 68.67
N GLU C 74 -4.14 -27.08 68.48
CA GLU C 74 -4.75 -28.25 69.10
C GLU C 74 -4.10 -28.48 70.46
N VAL C 75 -2.88 -27.92 70.61
CA VAL C 75 -2.09 -28.09 71.83
C VAL C 75 -1.37 -26.79 72.14
N SER C 76 -0.99 -26.66 73.42
CA SER C 76 -0.29 -25.49 73.92
C SER C 76 1.20 -25.56 73.56
N SER C 77 1.75 -26.78 73.42
CA SER C 77 3.16 -26.97 73.15
C SER C 77 3.39 -28.08 72.11
N ILE C 78 4.26 -27.81 71.13
CA ILE C 78 4.47 -28.79 70.06
C ILE C 78 5.93 -29.18 70.02
N ARG C 79 6.11 -30.50 70.03
CA ARG C 79 7.44 -31.07 70.06
C ARG C 79 7.96 -31.33 68.65
N ASN C 80 9.16 -30.81 68.37
CA ASN C 80 9.81 -30.93 67.07
C ASN C 80 11.06 -31.77 67.26
N ASN C 81 10.95 -33.06 66.94
CA ASN C 81 11.98 -34.03 67.31
C ASN C 81 12.27 -34.88 66.10
N TYR C 82 13.49 -34.78 65.54
CA TYR C 82 13.84 -35.58 64.37
C TYR C 82 15.34 -35.82 64.33
N ASN C 83 15.73 -36.81 63.51
CA ASN C 83 17.11 -36.99 63.04
C ASN C 83 17.17 -36.62 61.56
N GLU C 84 18.31 -36.04 61.11
CA GLU C 84 18.46 -35.48 59.77
C GLU C 84 19.63 -36.16 59.05
N LEU C 85 19.40 -36.45 57.76
CA LEU C 85 20.42 -36.80 56.79
C LEU C 85 20.39 -35.84 55.60
N ALA C 86 21.52 -35.16 55.39
CA ALA C 86 21.69 -34.26 54.26
C ALA C 86 22.67 -34.88 53.27
N VAL C 87 22.20 -35.21 52.09
CA VAL C 87 23.08 -35.79 51.07
C VAL C 87 23.38 -34.75 50.01
N SER C 88 24.64 -34.32 49.90
CA SER C 88 25.09 -33.45 48.82
C SER C 88 25.44 -34.31 47.61
N LEU C 89 24.70 -34.10 46.51
CA LEU C 89 25.02 -34.77 45.27
C LEU C 89 25.75 -33.79 44.34
N SER C 90 26.45 -34.40 43.37
CA SER C 90 27.13 -33.69 42.30
C SER C 90 26.89 -34.48 41.01
N GLN C 91 26.46 -33.79 39.94
CA GLN C 91 26.17 -34.50 38.71
C GLN C 91 27.45 -34.53 37.86
N LYS C 92 27.71 -35.68 37.24
CA LYS C 92 28.84 -35.76 36.32
C LYS C 92 28.57 -34.86 35.12
N GLU C 93 29.65 -34.39 34.49
CA GLU C 93 29.64 -33.54 33.28
C GLU C 93 29.25 -32.09 33.58
N THR C 94 28.11 -31.87 34.23
CA THR C 94 27.63 -30.54 34.47
C THR C 94 28.19 -29.96 35.78
N ASP C 95 28.64 -30.84 36.69
CA ASP C 95 29.06 -30.42 38.02
C ASP C 95 28.03 -29.64 38.84
N ARG C 96 26.77 -29.95 38.60
CA ARG C 96 25.71 -29.26 39.30
C ARG C 96 25.47 -29.90 40.63
N LYS C 97 25.14 -29.05 41.62
CA LYS C 97 25.02 -29.49 43.00
C LYS C 97 23.53 -29.54 43.38
N MET C 98 23.09 -30.68 43.91
CA MET C 98 21.76 -30.80 44.45
C MET C 98 21.83 -31.58 45.77
N ILE C 99 21.33 -30.98 46.84
CA ILE C 99 21.21 -31.59 48.14
C ILE C 99 19.81 -32.21 48.30
N ILE C 100 19.77 -33.46 48.79
CA ILE C 100 18.52 -34.02 49.28
C ILE C 100 18.56 -34.12 50.80
N ARG C 101 17.60 -33.45 51.43
CA ARG C 101 17.58 -33.38 52.88
C ARG C 101 16.45 -34.24 53.44
N PHE C 102 16.78 -35.19 54.32
CA PHE C 102 15.76 -36.03 54.96
C PHE C 102 15.65 -35.77 56.45
N ARG C 103 14.42 -35.73 56.95
CA ARG C 103 14.12 -35.63 58.36
C ARG C 103 13.17 -36.76 58.72
N LEU C 104 13.56 -37.50 59.75
CA LEU C 104 12.78 -38.65 60.14
C LEU C 104 12.32 -38.47 61.58
N PHE C 105 10.99 -38.44 61.74
CA PHE C 105 10.31 -38.26 63.03
C PHE C 105 9.67 -39.56 63.48
N ASP C 106 9.11 -39.55 64.68
CA ASP C 106 8.39 -40.73 65.15
C ASP C 106 7.11 -40.83 64.33
N ASP C 107 6.65 -39.75 63.73
CA ASP C 107 5.42 -39.76 62.96
C ASP C 107 5.70 -40.06 61.46
N GLY C 108 6.98 -40.06 61.00
CA GLY C 108 7.32 -40.40 59.64
C GLY C 108 8.36 -39.46 59.03
N LEU C 109 8.32 -39.29 57.69
CA LEU C 109 9.44 -38.79 56.94
C LEU C 109 9.08 -37.50 56.24
N GLY C 110 10.04 -36.59 56.23
CA GLY C 110 9.98 -35.45 55.32
C GLY C 110 11.25 -35.36 54.50
N PHE C 111 11.13 -35.09 53.22
CA PHE C 111 12.36 -34.77 52.49
C PHE C 111 12.13 -33.63 51.52
N ARG C 112 13.19 -32.89 51.21
CA ARG C 112 13.13 -31.84 50.18
C ARG C 112 14.42 -31.74 49.38
N TYR C 113 14.37 -31.01 48.26
CA TYR C 113 15.57 -30.79 47.48
C TYR C 113 16.09 -29.36 47.70
N GLU C 114 17.43 -29.18 47.70
CA GLU C 114 18.02 -27.85 47.84
C GLU C 114 19.11 -27.65 46.78
N PHE C 115 19.14 -26.43 46.21
CA PHE C 115 20.16 -26.10 45.24
C PHE C 115 20.96 -24.96 45.81
N PRO C 116 22.22 -25.16 46.18
CA PRO C 116 23.06 -24.06 46.63
C PRO C 116 23.56 -23.24 45.46
N GLN C 117 24.08 -22.06 45.81
CA GLN C 117 24.81 -21.17 44.91
C GLN C 117 25.91 -21.95 44.21
N GLN C 118 25.90 -21.96 42.89
CA GLN C 118 26.89 -22.64 42.09
C GLN C 118 27.00 -21.98 40.71
N ASN C 119 27.97 -22.41 39.93
CA ASN C 119 28.25 -21.71 38.70
C ASN C 119 27.48 -22.22 37.48
N ASN C 120 27.01 -23.48 37.45
CA ASN C 120 26.49 -24.07 36.21
C ASN C 120 24.98 -24.34 36.37
N LEU C 121 24.38 -23.71 37.38
CA LEU C 121 22.95 -23.73 37.56
C LEU C 121 22.53 -22.45 38.30
N ILE C 122 21.86 -21.56 37.57
CA ILE C 122 21.42 -20.33 38.18
C ILE C 122 19.93 -20.24 37.92
N TYR C 123 19.54 -19.89 36.67
CA TYR C 123 18.13 -19.80 36.28
C TYR C 123 17.76 -21.10 35.57
N PHE C 124 16.72 -21.76 36.08
CA PHE C 124 16.27 -22.99 35.47
C PHE C 124 14.77 -23.20 35.68
N THR C 125 14.19 -24.00 34.80
CA THR C 125 12.76 -24.20 34.74
C THR C 125 12.46 -25.71 34.90
N ILE C 126 11.59 -26.06 35.86
CA ILE C 126 11.18 -27.43 36.04
C ILE C 126 10.09 -27.76 35.03
N LYS C 127 10.36 -28.79 34.21
CA LYS C 127 9.31 -29.34 33.38
C LYS C 127 8.41 -30.30 34.17
N GLU C 128 9.01 -31.19 34.95
CA GLU C 128 8.29 -32.15 35.81
C GLU C 128 9.17 -32.50 36.97
N GLU C 129 8.57 -32.60 38.16
CA GLU C 129 9.26 -33.18 39.32
C GLU C 129 9.17 -34.71 39.22
N ARG C 130 10.28 -35.42 39.44
CA ARG C 130 10.31 -36.86 39.31
C ARG C 130 10.59 -37.47 40.72
N THR C 131 9.65 -37.21 41.63
CA THR C 131 9.71 -37.72 42.99
C THR C 131 8.66 -38.83 43.11
N GLN C 132 9.11 -40.01 43.51
CA GLN C 132 8.27 -41.20 43.49
C GLN C 132 7.92 -41.61 44.91
N PHE C 133 6.76 -42.23 45.02
CA PHE C 133 6.39 -42.95 46.23
C PHE C 133 5.96 -44.37 45.88
N ALA C 134 6.90 -45.33 45.93
CA ALA C 134 6.56 -46.73 45.58
C ALA C 134 5.81 -47.39 46.74
N MET C 135 4.55 -47.79 46.52
CA MET C 135 3.76 -48.46 47.57
C MET C 135 4.11 -49.95 47.59
N ALA C 136 3.87 -50.61 48.72
CA ALA C 136 4.19 -52.03 48.94
C ALA C 136 3.08 -52.94 48.37
N GLY C 137 1.86 -52.40 48.23
CA GLY C 137 0.74 -53.24 47.81
C GLY C 137 -0.40 -52.39 47.25
N ASP C 138 -1.49 -53.06 46.88
CA ASP C 138 -2.70 -52.42 46.41
C ASP C 138 -3.51 -51.89 47.59
N HIS C 139 -2.99 -50.83 48.22
CA HIS C 139 -3.61 -50.24 49.40
C HIS C 139 -5.04 -49.75 49.09
N THR C 140 -5.84 -49.50 50.17
CA THR C 140 -7.07 -48.73 50.09
C THR C 140 -6.67 -47.25 50.16
N ALA C 141 -7.24 -46.41 49.25
CA ALA C 141 -7.02 -44.98 49.32
C ALA C 141 -8.32 -44.21 49.49
N TYR C 142 -8.19 -43.03 50.08
CA TYR C 142 -9.28 -42.08 50.20
C TYR C 142 -8.83 -40.81 49.50
N TRP C 143 -9.44 -40.54 48.34
CA TRP C 143 -8.86 -39.68 47.32
C TRP C 143 -9.90 -38.85 46.61
N ILE C 144 -9.43 -37.69 46.17
CA ILE C 144 -10.15 -36.86 45.20
C ILE C 144 -9.35 -36.73 43.89
N PRO C 145 -10.04 -36.49 42.76
CA PRO C 145 -9.38 -36.41 41.47
C PRO C 145 -8.38 -35.29 41.44
N GLY C 146 -7.26 -35.57 40.80
CA GLY C 146 -6.24 -34.56 40.54
C GLY C 146 -6.81 -33.44 39.68
N ASP C 147 -6.61 -32.18 40.13
CA ASP C 147 -7.18 -31.03 39.50
C ASP C 147 -6.35 -29.77 39.79
N TYR C 148 -6.25 -28.90 38.79
CA TYR C 148 -5.40 -27.74 38.89
C TYR C 148 -6.20 -26.55 39.39
N ASP C 149 -7.52 -26.66 39.52
CA ASP C 149 -8.35 -25.50 39.79
C ASP C 149 -9.40 -25.63 40.92
N THR C 150 -9.71 -26.87 41.36
CA THR C 150 -10.63 -27.04 42.48
C THR C 150 -10.27 -28.28 43.26
N GLN C 151 -10.59 -28.25 44.56
CA GLN C 151 -10.55 -29.48 45.36
C GLN C 151 -11.95 -29.83 45.89
N GLU C 152 -13.03 -29.30 45.28
CA GLU C 152 -14.36 -29.38 45.88
C GLU C 152 -15.07 -30.69 45.56
N TYR C 153 -14.40 -31.83 45.65
CA TYR C 153 -15.01 -33.11 45.32
C TYR C 153 -15.33 -33.92 46.57
N ASN C 154 -16.35 -34.75 46.46
CA ASN C 154 -16.53 -35.89 47.35
C ASN C 154 -15.35 -36.87 47.20
N TYR C 155 -14.99 -37.48 48.31
CA TYR C 155 -13.93 -38.44 48.37
C TYR C 155 -14.45 -39.75 47.82
N SER C 156 -13.52 -40.58 47.31
CA SER C 156 -13.80 -41.94 46.93
C SER C 156 -12.94 -42.84 47.82
N THR C 157 -13.57 -43.94 48.31
CA THR C 157 -12.81 -44.98 49.00
C THR C 157 -12.63 -46.17 48.05
N SER C 158 -11.39 -46.56 47.75
CA SER C 158 -11.22 -47.68 46.83
C SER C 158 -9.82 -48.24 46.91
N LYS C 159 -9.59 -49.37 46.27
CA LYS C 159 -8.22 -49.82 46.09
C LYS C 159 -7.53 -48.90 45.08
N LEU C 160 -6.20 -48.91 45.06
CA LEU C 160 -5.40 -48.19 44.06
C LEU C 160 -5.74 -48.67 42.65
N SER C 161 -5.91 -49.99 42.47
CA SER C 161 -6.19 -50.58 41.18
C SER C 161 -7.56 -50.17 40.63
N GLU C 162 -8.43 -49.60 41.49
CA GLU C 162 -9.81 -49.31 41.08
C GLU C 162 -9.96 -47.83 40.75
N ILE C 163 -8.90 -47.04 41.05
CA ILE C 163 -8.98 -45.61 40.80
C ILE C 163 -9.30 -45.33 39.34
N ARG C 164 -8.56 -45.96 38.40
CA ARG C 164 -8.78 -45.69 36.99
C ARG C 164 -10.25 -45.87 36.58
N GLY C 165 -10.87 -47.01 36.96
CA GLY C 165 -12.22 -47.32 36.52
C GLY C 165 -13.24 -46.40 37.18
N LEU C 166 -12.96 -45.96 38.41
CA LEU C 166 -13.83 -45.08 39.14
C LEU C 166 -13.75 -43.62 38.67
N MET C 167 -12.79 -43.27 37.82
CA MET C 167 -12.47 -41.86 37.62
C MET C 167 -13.55 -41.17 36.76
N GLU C 168 -14.17 -41.82 35.75
CA GLU C 168 -15.27 -41.13 35.07
C GLU C 168 -16.32 -40.60 36.08
N LYS C 169 -16.65 -41.36 37.16
CA LYS C 169 -17.70 -41.01 38.12
C LYS C 169 -17.31 -40.00 39.24
N ALA C 170 -16.19 -40.21 39.95
CA ALA C 170 -15.68 -39.32 40.99
C ALA C 170 -15.38 -37.87 40.51
N TYR C 171 -15.01 -37.66 39.19
CA TYR C 171 -14.80 -36.37 38.45
C TYR C 171 -16.16 -35.77 37.99
N THR C 172 -16.87 -35.19 38.98
CA THR C 172 -18.14 -34.48 38.80
C THR C 172 -17.89 -33.09 38.16
N LYS C 173 -18.87 -32.62 37.38
CA LYS C 173 -18.79 -31.34 36.69
C LYS C 173 -19.64 -30.29 37.43
N GLY C 174 -20.02 -29.24 36.70
CA GLY C 174 -20.82 -28.14 37.22
C GLY C 174 -19.98 -27.09 37.94
N ASN C 175 -18.63 -27.29 38.06
CA ASN C 175 -17.78 -26.30 38.73
C ASN C 175 -17.44 -25.18 37.75
N ALA C 176 -17.43 -23.94 38.26
CA ALA C 176 -17.01 -22.73 37.57
C ALA C 176 -15.55 -22.82 37.08
N SER C 177 -14.68 -23.55 37.79
CA SER C 177 -13.30 -23.78 37.37
C SER C 177 -12.83 -25.16 37.86
N GLN C 178 -12.49 -26.06 36.92
CA GLN C 178 -11.85 -27.36 37.19
C GLN C 178 -11.03 -27.83 35.98
N THR C 179 -9.84 -28.42 36.21
CA THR C 179 -9.02 -28.95 35.11
C THR C 179 -8.36 -30.25 35.62
N SER C 180 -8.76 -31.40 35.05
CA SER C 180 -8.20 -32.71 35.37
C SER C 180 -6.86 -32.84 34.68
N PHE C 181 -6.13 -33.95 34.89
CA PHE C 181 -4.85 -34.12 34.19
C PHE C 181 -4.54 -35.57 33.84
N SER C 182 -5.09 -36.53 34.58
CA SER C 182 -4.82 -37.94 34.31
C SER C 182 -5.93 -38.83 34.87
N PRO C 183 -6.19 -39.98 34.21
CA PRO C 183 -7.19 -40.92 34.72
C PRO C 183 -6.73 -41.54 36.03
N THR C 184 -5.42 -41.44 36.38
CA THR C 184 -4.99 -41.98 37.67
C THR C 184 -4.37 -40.86 38.52
N GLY C 185 -4.75 -39.61 38.29
CA GLY C 185 -4.21 -38.51 39.10
C GLY C 185 -5.14 -38.17 40.27
N VAL C 186 -4.53 -37.90 41.43
CA VAL C 186 -5.23 -37.57 42.67
C VAL C 186 -4.49 -36.43 43.34
N GLN C 187 -5.18 -35.79 44.27
CA GLN C 187 -4.62 -34.73 45.09
C GLN C 187 -3.98 -35.28 46.38
N THR C 188 -3.21 -34.38 47.00
CA THR C 188 -2.74 -34.55 48.35
C THR C 188 -3.42 -33.44 49.18
N SER C 189 -3.54 -33.66 50.50
CA SER C 189 -3.07 -34.85 51.18
C SER C 189 -3.84 -36.10 50.76
N LEU C 190 -3.09 -37.21 50.56
CA LEU C 190 -3.67 -38.47 50.16
C LEU C 190 -3.57 -39.45 51.30
N MET C 191 -4.69 -40.10 51.63
CA MET C 191 -4.71 -40.99 52.76
C MET C 191 -4.87 -42.42 52.27
N MET C 192 -4.12 -43.36 52.93
CA MET C 192 -4.20 -44.73 52.52
C MET C 192 -4.17 -45.63 53.74
N LYS C 193 -4.74 -46.83 53.56
CA LYS C 193 -4.63 -47.91 54.52
C LYS C 193 -4.23 -49.20 53.79
N SER C 194 -3.11 -49.80 54.20
CA SER C 194 -2.65 -51.03 53.57
C SER C 194 -3.52 -52.22 54.03
N GLN C 195 -3.48 -53.32 53.28
CA GLN C 195 -4.33 -54.45 53.58
C GLN C 195 -3.94 -54.96 54.96
N ASP C 196 -2.73 -54.61 55.43
CA ASP C 196 -2.19 -55.16 56.67
C ASP C 196 -2.24 -54.12 57.79
N GLY C 197 -3.09 -53.10 57.67
CA GLY C 197 -3.40 -52.20 58.79
C GLY C 197 -2.43 -51.02 59.01
N LEU C 198 -1.60 -50.61 58.03
CA LEU C 198 -0.77 -49.40 58.16
C LEU C 198 -1.53 -48.21 57.60
N TYR C 199 -1.41 -47.06 58.28
CA TYR C 199 -1.99 -45.86 57.78
C TYR C 199 -0.85 -44.99 57.25
N ILE C 200 -1.01 -44.59 55.99
CA ILE C 200 0.03 -43.90 55.25
C ILE C 200 -0.53 -42.64 54.59
N ASN C 201 0.09 -41.50 54.86
CA ASN C 201 -0.36 -40.22 54.31
C ASN C 201 0.75 -39.63 53.43
N LEU C 202 0.39 -39.28 52.17
CA LEU C 202 1.33 -38.56 51.31
C LEU C 202 0.92 -37.10 51.16
N HIS C 203 1.84 -36.18 51.43
CA HIS C 203 1.50 -34.76 51.37
C HIS C 203 2.79 -33.96 51.15
N GLU C 204 2.70 -32.62 51.31
CA GLU C 204 3.88 -31.77 51.34
C GLU C 204 3.72 -30.70 52.42
N ALA C 205 4.84 -30.02 52.73
CA ALA C 205 4.93 -28.94 53.67
C ALA C 205 5.75 -27.77 53.08
N ALA C 206 5.32 -26.55 53.42
CA ALA C 206 6.01 -25.30 53.15
C ALA C 206 6.01 -25.01 51.65
N LEU C 207 4.80 -24.95 51.10
CA LEU C 207 4.56 -24.67 49.70
C LEU C 207 4.69 -23.16 49.47
N ILE C 208 5.94 -22.76 49.25
CA ILE C 208 6.36 -21.41 49.07
C ILE C 208 7.18 -21.36 47.80
N ASN C 209 6.78 -20.50 46.89
CA ASN C 209 7.57 -20.16 45.73
C ASN C 209 7.82 -21.41 44.86
N TYR C 210 6.73 -22.10 44.51
CA TYR C 210 6.78 -23.44 43.93
C TYR C 210 5.34 -23.81 43.57
N SER C 211 5.17 -24.71 42.61
CA SER C 211 3.89 -25.22 42.16
C SER C 211 3.39 -26.33 43.08
N CYS C 212 2.06 -26.37 43.24
CA CYS C 212 1.37 -27.31 44.10
C CYS C 212 1.56 -28.72 43.56
N MET C 213 1.89 -29.67 44.44
CA MET C 213 2.12 -31.04 44.04
C MET C 213 0.85 -31.89 44.03
N HIS C 214 0.60 -32.57 42.89
CA HIS C 214 -0.41 -33.64 42.78
C HIS C 214 0.29 -35.01 42.60
N LEU C 215 -0.47 -36.10 42.63
CA LEU C 215 0.16 -37.39 42.46
C LEU C 215 -0.49 -38.08 41.29
N ASN C 216 0.37 -38.64 40.46
CA ASN C 216 -0.10 -39.50 39.40
C ASN C 216 0.31 -40.95 39.69
N LEU C 217 -0.66 -41.84 39.62
CA LEU C 217 -0.49 -43.24 39.97
C LEU C 217 -0.21 -44.10 38.73
N ASP C 218 0.90 -44.83 38.83
CA ASP C 218 1.19 -45.95 37.95
C ASP C 218 0.53 -47.18 38.59
N ASP C 219 -0.56 -47.66 37.97
CA ASP C 219 -1.40 -48.68 38.60
C ASP C 219 -1.00 -50.09 38.14
N LYS C 220 0.08 -50.19 37.34
CA LYS C 220 0.76 -51.46 37.14
C LYS C 220 1.65 -51.79 38.34
N ASN C 221 2.49 -50.85 38.85
CA ASN C 221 3.49 -51.13 39.90
C ASN C 221 3.17 -50.50 41.25
N PHE C 222 2.04 -49.80 41.32
CA PHE C 222 1.62 -49.10 42.52
C PHE C 222 2.68 -48.06 42.92
N VAL C 223 3.06 -47.23 41.93
CA VAL C 223 4.00 -46.14 42.18
C VAL C 223 3.32 -44.80 41.94
N PHE C 224 3.25 -43.95 42.97
CA PHE C 224 2.86 -42.57 42.79
C PHE C 224 4.08 -41.74 42.38
N GLU C 225 3.84 -40.73 41.51
CA GLU C 225 4.86 -39.78 41.11
C GLU C 225 4.30 -38.34 41.21
N SER C 226 5.16 -37.43 41.71
CA SER C 226 4.89 -36.00 41.70
C SER C 226 4.49 -35.48 40.34
N TRP C 227 3.33 -34.85 40.24
CA TRP C 227 2.84 -34.20 39.05
C TRP C 227 2.40 -32.81 39.49
N LEU C 228 3.25 -31.84 39.29
CA LEU C 228 3.05 -30.47 39.75
C LEU C 228 2.10 -29.75 38.80
N THR C 229 1.69 -28.54 39.20
CA THR C 229 0.64 -27.80 38.50
C THR C 229 1.25 -26.86 37.44
N PRO C 230 0.86 -26.92 36.16
CA PRO C 230 1.38 -26.00 35.15
C PRO C 230 0.86 -24.58 35.38
N ASP C 231 1.71 -23.60 35.06
CA ASP C 231 1.30 -22.21 35.04
C ASP C 231 0.68 -21.95 33.68
N SER C 232 0.58 -20.64 33.32
CA SER C 232 -0.14 -20.23 32.11
C SER C 232 0.69 -20.55 30.91
N HIS C 233 2.02 -20.76 31.06
CA HIS C 233 2.92 -21.07 29.94
C HIS C 233 3.19 -22.57 29.95
N GLY C 234 2.52 -23.33 30.82
CA GLY C 234 2.74 -24.75 30.86
C GLY C 234 3.97 -25.14 31.69
N ASP C 235 4.65 -24.23 32.42
CA ASP C 235 5.85 -24.60 33.15
C ASP C 235 5.47 -25.02 34.59
N LYS C 236 6.44 -25.69 35.26
CA LYS C 236 6.19 -26.25 36.59
C LYS C 236 7.21 -25.84 37.65
N GLY C 237 7.67 -24.58 37.51
CA GLY C 237 8.55 -23.96 38.48
C GLY C 237 9.68 -23.20 37.78
N LYS C 238 9.62 -21.88 37.82
CA LYS C 238 10.69 -20.99 37.40
C LYS C 238 11.58 -20.80 38.61
N MET C 239 12.77 -21.36 38.58
CA MET C 239 13.64 -21.40 39.72
C MET C 239 14.88 -20.54 39.46
N GLN C 240 15.45 -20.10 40.58
CA GLN C 240 16.74 -19.43 40.64
C GLN C 240 17.51 -19.96 41.88
N ALA C 241 18.67 -20.56 41.66
CA ALA C 241 19.52 -20.92 42.79
C ALA C 241 20.21 -19.72 43.39
N PRO C 242 20.48 -19.72 44.72
CA PRO C 242 20.05 -20.77 45.69
C PRO C 242 18.57 -20.77 46.05
N CYS C 243 17.96 -21.95 46.09
CA CYS C 243 16.54 -22.18 46.25
C CYS C 243 16.25 -23.65 46.66
N LYS C 244 15.02 -23.91 47.13
CA LYS C 244 14.63 -25.22 47.61
C LYS C 244 13.17 -25.57 47.36
N THR C 245 12.88 -26.90 47.30
CA THR C 245 11.52 -27.34 47.18
C THR C 245 10.86 -27.31 48.54
N PRO C 246 9.51 -27.36 48.53
CA PRO C 246 8.76 -27.72 49.71
C PRO C 246 9.18 -29.16 50.06
N TRP C 247 8.87 -29.54 51.31
CA TRP C 247 9.12 -30.88 51.78
C TRP C 247 8.02 -31.79 51.21
N ARG C 248 8.38 -33.07 51.04
CA ARG C 248 7.41 -34.12 50.77
C ARG C 248 7.34 -35.03 51.98
N THR C 249 6.12 -35.45 52.35
CA THR C 249 5.86 -36.04 53.64
C THR C 249 5.13 -37.37 53.49
N VAL C 250 5.58 -38.31 54.34
CA VAL C 250 5.11 -39.68 54.42
C VAL C 250 4.86 -39.93 55.90
N ILE C 251 3.61 -39.75 56.31
CA ILE C 251 3.22 -39.84 57.70
C ILE C 251 2.57 -41.20 57.88
N VAL C 252 3.08 -42.01 58.81
CA VAL C 252 2.72 -43.41 58.93
C VAL C 252 2.51 -43.79 60.39
N SER C 253 1.51 -44.64 60.67
CA SER C 253 1.32 -45.19 61.99
C SER C 253 0.48 -46.47 61.86
N ASP C 254 0.60 -47.35 62.86
CA ASP C 254 -0.29 -48.52 62.95
C ASP C 254 -1.56 -48.20 63.71
N ASP C 255 -1.67 -46.93 64.16
CA ASP C 255 -2.83 -46.40 64.85
C ASP C 255 -3.23 -45.12 64.12
N ALA C 256 -4.42 -45.15 63.54
CA ALA C 256 -4.94 -44.09 62.70
C ALA C 256 -5.04 -42.81 63.50
N ARG C 257 -5.14 -42.92 64.82
CA ARG C 257 -5.32 -41.73 65.63
C ARG C 257 -4.08 -40.85 65.61
N ASN C 258 -2.90 -41.48 65.46
CA ASN C 258 -1.64 -40.76 65.48
C ASN C 258 -1.48 -39.94 64.21
N ILE C 259 -2.08 -40.33 63.08
CA ILE C 259 -2.06 -39.53 61.85
C ILE C 259 -2.64 -38.16 62.15
N LEU C 260 -3.78 -38.16 62.83
CA LEU C 260 -4.51 -36.94 63.13
C LEU C 260 -3.71 -36.08 64.07
N ALA C 261 -3.01 -36.73 65.00
CA ALA C 261 -2.33 -35.98 66.04
C ALA C 261 -0.99 -35.43 65.58
N SER C 262 -0.43 -35.97 64.50
CA SER C 262 0.89 -35.53 64.06
C SER C 262 0.89 -34.02 63.82
N LYS C 263 1.98 -33.38 64.25
CA LYS C 263 2.34 -32.01 63.99
C LYS C 263 3.52 -31.91 63.02
N LEU C 264 3.90 -33.04 62.38
CA LEU C 264 5.04 -33.07 61.47
C LEU C 264 4.93 -31.98 60.39
N THR C 265 3.75 -31.82 59.78
CA THR C 265 3.64 -30.85 58.69
C THR C 265 4.05 -29.45 59.22
N TYR C 266 3.53 -29.05 60.41
CA TYR C 266 3.85 -27.77 60.98
C TYR C 266 5.32 -27.73 61.36
N ASN C 267 5.86 -28.87 61.82
CA ASN C 267 7.25 -28.91 62.30
C ASN C 267 8.23 -28.58 61.20
N LEU C 268 7.86 -28.91 59.98
CA LEU C 268 8.74 -28.72 58.82
C LEU C 268 8.64 -27.31 58.23
N ASN C 269 7.75 -26.44 58.77
CA ASN C 269 7.65 -25.06 58.33
C ASN C 269 8.55 -24.21 59.22
N GLU C 270 9.02 -23.08 58.74
CA GLU C 270 9.91 -22.16 59.44
C GLU C 270 9.09 -21.59 60.61
N PRO C 271 9.70 -21.28 61.76
CA PRO C 271 9.05 -20.57 62.85
C PRO C 271 8.38 -19.26 62.42
N SER C 272 7.39 -18.85 63.20
CA SER C 272 6.63 -17.63 62.96
C SER C 272 7.54 -16.48 62.57
N LYS C 273 7.17 -15.75 61.51
CA LYS C 273 7.79 -14.48 61.22
C LYS C 273 6.95 -13.29 61.70
N ILE C 274 5.86 -13.54 62.39
CA ILE C 274 5.15 -12.49 63.11
C ILE C 274 5.59 -12.53 64.57
N GLN C 275 6.20 -11.41 65.05
CA GLN C 275 6.81 -11.27 66.37
C GLN C 275 5.72 -11.18 67.42
N GLU C 276 4.72 -10.33 67.20
CA GLU C 276 3.67 -10.03 68.17
C GLU C 276 2.36 -10.58 67.65
N THR C 277 1.82 -11.69 68.24
CA THR C 277 0.70 -12.39 67.64
C THR C 277 -0.63 -12.23 68.39
N SER C 278 -0.75 -11.38 69.40
CA SER C 278 -1.96 -11.42 70.22
C SER C 278 -3.17 -10.82 69.47
N TRP C 279 -2.96 -10.02 68.38
CA TRP C 279 -4.05 -9.50 67.57
C TRP C 279 -4.72 -10.62 66.77
N ILE C 280 -4.08 -11.81 66.72
CA ILE C 280 -4.58 -12.96 66.00
C ILE C 280 -5.55 -13.71 66.93
N LYS C 281 -6.81 -13.71 66.57
CA LYS C 281 -7.83 -14.04 67.56
C LYS C 281 -8.74 -15.14 67.08
N PRO C 282 -8.61 -16.37 67.63
CA PRO C 282 -9.54 -17.43 67.24
C PRO C 282 -10.95 -16.88 67.40
N THR C 283 -11.85 -17.28 66.51
CA THR C 283 -13.08 -16.54 66.24
C THR C 283 -14.23 -17.49 66.03
N LYS C 284 -15.31 -17.26 66.79
CA LYS C 284 -16.57 -17.95 66.50
C LYS C 284 -17.52 -16.97 65.86
N TYR C 285 -18.14 -17.32 64.72
CA TYR C 285 -18.86 -16.25 63.99
C TYR C 285 -20.14 -16.77 63.38
N VAL C 286 -21.04 -15.86 63.08
CA VAL C 286 -22.23 -16.15 62.29
C VAL C 286 -22.11 -15.27 61.07
N GLY C 287 -23.05 -15.32 60.16
CA GLY C 287 -23.07 -14.36 59.06
C GLY C 287 -24.26 -14.42 58.09
N VAL C 288 -24.34 -13.31 57.36
CA VAL C 288 -25.25 -13.19 56.24
C VAL C 288 -24.54 -13.90 55.10
N TRP C 289 -24.90 -15.17 54.94
CA TRP C 289 -24.15 -16.11 54.17
C TRP C 289 -25.03 -17.25 53.73
N TRP C 290 -25.51 -18.07 54.67
CA TRP C 290 -26.21 -19.27 54.23
C TRP C 290 -27.48 -18.88 53.51
N GLU C 291 -28.01 -17.70 53.82
CA GLU C 291 -29.20 -17.23 53.10
C GLU C 291 -29.00 -17.28 51.58
N MET C 292 -27.81 -16.81 51.11
CA MET C 292 -27.55 -16.73 49.70
C MET C 292 -27.18 -18.11 49.19
N ILE C 293 -26.40 -18.86 49.95
CA ILE C 293 -25.93 -20.17 49.53
C ILE C 293 -27.11 -21.11 49.30
N SER C 294 -28.16 -20.99 50.16
CA SER C 294 -29.30 -21.87 50.12
C SER C 294 -30.47 -21.30 49.30
N GLY C 295 -30.29 -20.15 48.62
CA GLY C 295 -31.24 -19.72 47.62
C GLY C 295 -32.41 -18.92 48.20
N LYS C 296 -32.26 -18.36 49.41
CA LYS C 296 -33.30 -17.50 49.93
C LYS C 296 -33.11 -16.03 49.65
N SER C 297 -31.86 -15.58 49.53
CA SER C 297 -31.50 -14.21 49.20
C SER C 297 -30.47 -14.19 48.04
N THR C 298 -30.11 -12.98 47.60
CA THR C 298 -29.05 -12.77 46.59
C THR C 298 -27.87 -11.99 47.15
N TRP C 299 -26.71 -12.20 46.50
CA TRP C 299 -25.55 -11.32 46.75
C TRP C 299 -25.77 -9.97 46.12
N SER C 300 -26.54 -9.93 45.02
CA SER C 300 -26.76 -8.78 44.19
C SER C 300 -27.80 -7.85 44.80
N TYR C 301 -27.67 -6.55 44.45
CA TYR C 301 -28.63 -5.54 44.85
C TYR C 301 -29.74 -5.36 43.82
N THR C 302 -29.40 -5.40 42.50
CA THR C 302 -30.39 -5.09 41.47
C THR C 302 -30.28 -6.10 40.31
N ASP C 303 -31.38 -6.17 39.57
CA ASP C 303 -31.61 -7.02 38.42
C ASP C 303 -31.89 -6.13 37.21
N GLU C 304 -31.87 -4.80 37.38
CA GLU C 304 -32.21 -3.87 36.30
C GLU C 304 -31.32 -4.13 35.09
N PHE C 305 -30.06 -4.53 35.28
CA PHE C 305 -29.03 -4.37 34.25
C PHE C 305 -28.57 -5.71 33.71
N PRO C 306 -28.38 -5.83 32.39
CA PRO C 306 -27.72 -7.02 31.84
C PRO C 306 -26.33 -7.25 32.42
N SER C 307 -25.53 -6.19 32.57
CA SER C 307 -24.24 -6.27 33.22
C SER C 307 -24.09 -4.97 33.97
N VAL C 308 -23.10 -4.94 34.85
CA VAL C 308 -22.77 -3.69 35.50
C VAL C 308 -21.32 -3.31 35.21
N GLN C 309 -21.07 -2.00 35.28
CA GLN C 309 -19.70 -1.47 35.11
C GLN C 309 -19.39 -0.56 36.29
N LEU C 310 -18.54 -0.97 37.21
CA LEU C 310 -18.26 -0.13 38.36
C LEU C 310 -17.80 1.27 37.95
N GLY C 311 -18.27 2.28 38.66
CA GLY C 311 -17.88 3.62 38.27
C GLY C 311 -18.81 4.21 37.22
N VAL C 312 -19.65 3.39 36.57
CA VAL C 312 -20.61 3.83 35.55
C VAL C 312 -22.03 3.54 36.03
N THR C 313 -22.31 2.28 36.37
CA THR C 313 -23.63 1.94 36.87
C THR C 313 -23.90 2.73 38.16
N ASP C 314 -25.04 3.46 38.24
CA ASP C 314 -25.40 4.23 39.44
C ASP C 314 -26.33 3.39 40.31
N PHE C 315 -25.77 2.74 41.32
CA PHE C 315 -26.53 1.81 42.15
C PHE C 315 -27.58 2.54 43.00
N SER C 316 -27.26 3.76 43.49
CA SER C 316 -28.13 4.63 44.27
C SER C 316 -29.45 4.81 43.54
N LYS C 317 -29.47 4.69 42.23
CA LYS C 317 -30.63 4.96 41.40
C LYS C 317 -31.22 3.71 40.76
N ALA C 318 -30.56 2.57 40.92
CA ALA C 318 -31.04 1.34 40.30
C ALA C 318 -32.20 0.73 41.14
N LYS C 319 -33.09 0.03 40.42
CA LYS C 319 -34.20 -0.68 41.04
C LYS C 319 -33.71 -1.83 41.90
N PRO C 320 -33.94 -1.79 43.25
CA PRO C 320 -33.57 -2.88 44.14
C PRO C 320 -34.33 -4.10 43.65
N ASN C 321 -33.68 -5.26 43.60
CA ASN C 321 -34.38 -6.47 43.24
C ASN C 321 -35.13 -7.04 44.44
N ARG C 322 -34.81 -6.51 45.65
CA ARG C 322 -35.53 -6.83 46.88
C ARG C 322 -35.27 -8.27 47.32
N LYS C 323 -34.20 -8.89 46.87
CA LYS C 323 -33.83 -10.21 47.37
C LYS C 323 -32.51 -10.11 48.13
N HIS C 324 -31.98 -8.89 48.28
CA HIS C 324 -30.58 -8.73 48.64
C HIS C 324 -30.40 -9.16 50.07
N GLY C 325 -29.39 -9.95 50.41
CA GLY C 325 -29.19 -10.35 51.80
C GLY C 325 -28.55 -9.27 52.67
N ALA C 326 -27.55 -8.56 52.17
CA ALA C 326 -26.74 -7.69 53.03
C ALA C 326 -27.38 -6.33 53.22
N THR C 327 -28.60 -6.29 53.74
CA THR C 327 -29.26 -5.02 54.08
C THR C 327 -28.78 -4.63 55.48
N THR C 328 -28.80 -3.31 55.73
CA THR C 328 -28.54 -2.76 57.04
C THR C 328 -29.40 -3.47 58.07
N ALA C 329 -30.75 -3.62 57.86
CA ALA C 329 -31.57 -4.20 58.89
C ALA C 329 -31.19 -5.66 59.08
N ASN C 330 -30.90 -6.37 57.96
CA ASN C 330 -30.61 -7.80 58.08
C ASN C 330 -29.30 -8.04 58.83
N VAL C 331 -28.27 -7.25 58.51
CA VAL C 331 -26.99 -7.43 59.21
C VAL C 331 -27.16 -7.18 60.71
N LYS C 332 -27.90 -6.13 61.10
CA LYS C 332 -28.22 -5.81 62.47
C LYS C 332 -28.81 -7.03 63.21
N ARG C 333 -29.71 -7.80 62.54
CA ARG C 333 -30.32 -8.97 63.16
C ARG C 333 -29.18 -9.94 63.52
N TYR C 334 -28.23 -10.14 62.59
CA TYR C 334 -27.17 -11.10 62.88
C TYR C 334 -26.24 -10.58 63.99
N ILE C 335 -25.96 -9.27 63.97
CA ILE C 335 -25.14 -8.69 65.02
C ILE C 335 -25.81 -8.90 66.38
N ASP C 336 -27.12 -8.66 66.45
CA ASP C 336 -27.93 -8.77 67.67
C ASP C 336 -27.83 -10.19 68.20
N PHE C 337 -27.97 -11.14 67.29
CA PHE C 337 -27.86 -12.55 67.63
C PHE C 337 -26.45 -12.88 68.08
N ALA C 338 -25.43 -12.41 67.36
CA ALA C 338 -24.09 -12.73 67.79
C ALA C 338 -23.82 -12.23 69.21
N ALA C 339 -24.16 -10.97 69.47
CA ALA C 339 -23.81 -10.34 70.74
C ALA C 339 -24.56 -10.99 71.88
N LYS C 340 -25.84 -11.35 71.66
CA LYS C 340 -26.64 -12.02 72.67
C LYS C 340 -26.03 -13.37 73.09
N ASN C 341 -25.33 -14.04 72.21
CA ASN C 341 -24.94 -15.44 72.39
C ASN C 341 -23.42 -15.57 72.50
N GLY C 342 -22.70 -14.47 72.72
CA GLY C 342 -21.26 -14.55 72.98
C GLY C 342 -20.43 -14.86 71.74
N PHE C 343 -20.95 -14.65 70.52
CA PHE C 343 -20.15 -14.79 69.32
C PHE C 343 -19.25 -13.57 69.18
N ASP C 344 -18.06 -13.78 68.60
CA ASP C 344 -17.08 -12.73 68.33
C ASP C 344 -17.45 -11.87 67.10
N ALA C 345 -18.08 -12.44 66.05
CA ALA C 345 -18.10 -11.78 64.76
C ALA C 345 -19.25 -12.17 63.86
N VAL C 346 -19.46 -11.37 62.80
CA VAL C 346 -20.44 -11.60 61.75
C VAL C 346 -19.82 -11.35 60.38
N LEU C 347 -19.90 -12.34 59.53
CA LEU C 347 -19.45 -12.23 58.17
C LEU C 347 -20.61 -11.65 57.37
N VAL C 348 -20.31 -10.82 56.38
CA VAL C 348 -21.33 -10.27 55.51
C VAL C 348 -20.84 -10.36 54.07
N GLU C 349 -21.60 -11.05 53.24
CA GLU C 349 -21.30 -11.19 51.85
C GLU C 349 -22.38 -10.50 51.04
N GLY C 350 -21.94 -9.91 49.93
CA GLY C 350 -22.81 -9.14 49.07
C GLY C 350 -22.91 -7.70 49.55
N TRP C 351 -21.92 -7.23 50.36
CA TRP C 351 -21.95 -5.88 50.87
C TRP C 351 -21.56 -4.85 49.79
N ASN C 352 -20.84 -5.28 48.72
CA ASN C 352 -20.11 -4.35 47.88
C ASN C 352 -20.60 -4.39 46.44
N GLU C 353 -20.46 -3.26 45.73
CA GLU C 353 -20.91 -3.18 44.37
C GLU C 353 -20.23 -4.27 43.57
N GLY C 354 -20.96 -4.92 42.67
CA GLY C 354 -20.44 -5.80 41.64
C GLY C 354 -21.04 -7.23 41.63
N TRP C 355 -21.82 -7.62 42.65
CA TRP C 355 -22.25 -9.01 42.75
C TRP C 355 -23.18 -9.39 41.60
N GLU C 356 -23.72 -8.42 40.85
CA GLU C 356 -24.56 -8.73 39.71
C GLU C 356 -23.80 -9.58 38.71
N ASP C 357 -22.45 -9.45 38.64
CA ASP C 357 -21.67 -10.17 37.65
C ASP C 357 -20.63 -11.09 38.28
N TRP C 358 -20.82 -11.52 39.53
CA TRP C 358 -19.77 -12.17 40.25
C TRP C 358 -19.31 -13.51 39.70
N ILE C 359 -20.18 -14.25 38.97
CA ILE C 359 -19.79 -15.60 38.59
C ILE C 359 -19.94 -15.80 37.10
N GLY C 360 -18.87 -16.39 36.52
CA GLY C 360 -18.93 -17.02 35.20
C GLY C 360 -18.65 -16.05 34.04
N HIS C 361 -18.19 -14.80 34.31
CA HIS C 361 -18.07 -13.83 33.24
C HIS C 361 -16.59 -13.58 32.90
N GLU C 362 -15.65 -14.08 33.70
CA GLU C 362 -14.22 -13.96 33.41
C GLU C 362 -13.89 -12.48 33.26
N LYS C 363 -14.35 -11.72 34.26
CA LYS C 363 -14.43 -10.26 34.24
C LYS C 363 -13.35 -9.69 35.13
N ASP C 364 -12.57 -8.79 34.60
CA ASP C 364 -11.40 -8.21 35.25
C ASP C 364 -11.87 -7.28 36.37
N TYR C 365 -12.49 -6.17 36.03
CA TYR C 365 -12.81 -5.10 36.98
C TYR C 365 -14.16 -5.46 37.61
N VAL C 366 -14.19 -6.53 38.40
CA VAL C 366 -15.44 -7.18 38.83
C VAL C 366 -15.87 -6.65 40.20
N PHE C 367 -14.92 -6.32 41.03
CA PHE C 367 -15.14 -5.65 42.31
C PHE C 367 -14.05 -4.62 42.59
N ASP C 368 -14.35 -3.64 43.45
CA ASP C 368 -13.34 -2.69 43.93
C ASP C 368 -13.00 -2.87 45.40
N PHE C 369 -13.75 -3.68 46.12
CA PHE C 369 -13.45 -4.10 47.49
C PHE C 369 -13.57 -2.95 48.45
N VAL C 370 -14.16 -1.81 48.03
CA VAL C 370 -14.33 -0.68 48.91
C VAL C 370 -15.73 -0.08 48.88
N THR C 371 -16.50 -0.21 47.79
CA THR C 371 -17.68 0.63 47.63
C THR C 371 -18.94 -0.11 48.06
N PRO C 372 -19.57 0.28 49.19
CA PRO C 372 -20.80 -0.41 49.61
C PRO C 372 -22.02 -0.24 48.71
N TYR C 373 -22.89 -1.28 48.66
CA TYR C 373 -24.23 -1.13 48.10
C TYR C 373 -25.01 -0.04 48.83
N PRO C 374 -25.98 0.62 48.16
CA PRO C 374 -26.77 1.67 48.81
C PRO C 374 -27.56 1.23 50.07
N ASP C 375 -27.83 -0.08 50.22
CA ASP C 375 -28.72 -0.57 51.29
C ASP C 375 -27.86 -1.09 52.45
N PHE C 376 -26.54 -0.93 52.37
CA PHE C 376 -25.59 -1.40 53.36
C PHE C 376 -24.82 -0.20 53.91
N ASP C 377 -25.09 0.13 55.17
CA ASP C 377 -24.51 1.26 55.84
C ASP C 377 -23.20 0.84 56.52
N ILE C 378 -22.09 0.99 55.80
CA ILE C 378 -20.85 0.45 56.31
C ILE C 378 -20.47 1.11 57.63
N LYS C 379 -20.68 2.43 57.68
CA LYS C 379 -20.31 3.19 58.88
C LYS C 379 -21.17 2.79 60.07
N GLY C 380 -22.50 2.91 59.94
CA GLY C 380 -23.47 2.56 60.98
C GLY C 380 -23.25 1.14 61.51
N LEU C 381 -23.03 0.17 60.61
CA LEU C 381 -23.07 -1.22 61.00
C LEU C 381 -21.82 -1.50 61.81
N ASN C 382 -20.73 -0.87 61.44
CA ASN C 382 -19.46 -1.17 62.10
C ASN C 382 -19.50 -0.52 63.49
N GLU C 383 -20.02 0.68 63.59
CA GLU C 383 -20.23 1.35 64.88
C GLU C 383 -21.19 0.56 65.79
N TYR C 384 -22.25 0.04 65.20
CA TYR C 384 -23.28 -0.71 65.92
C TYR C 384 -22.67 -2.01 66.46
N ALA C 385 -21.80 -2.64 65.65
CA ALA C 385 -21.27 -3.92 66.09
C ALA C 385 -20.31 -3.70 67.23
N HIS C 386 -19.47 -2.67 67.12
CA HIS C 386 -18.41 -2.38 68.12
C HIS C 386 -19.06 -2.00 69.43
N ALA C 387 -20.23 -1.34 69.33
CA ALA C 387 -20.96 -0.95 70.52
C ALA C 387 -21.44 -2.20 71.27
N LYS C 388 -21.62 -3.31 70.58
CA LYS C 388 -22.10 -4.55 71.17
C LYS C 388 -20.94 -5.56 71.31
N LYS C 389 -19.68 -5.13 71.14
CA LYS C 389 -18.52 -5.96 71.38
C LYS C 389 -18.44 -7.08 70.33
N VAL C 390 -18.86 -6.72 69.13
CA VAL C 390 -18.79 -7.63 68.01
C VAL C 390 -18.01 -6.99 66.85
N LYS C 391 -17.48 -7.81 65.97
CA LYS C 391 -16.81 -7.30 64.78
C LYS C 391 -17.53 -7.84 63.56
N LEU C 392 -17.35 -7.13 62.42
CA LEU C 392 -17.71 -7.71 61.16
C LEU C 392 -16.48 -8.36 60.52
N ILE C 393 -16.70 -9.42 59.71
CA ILE C 393 -15.66 -10.04 58.93
C ILE C 393 -15.82 -9.55 57.50
N MET C 394 -14.70 -9.06 56.96
CA MET C 394 -14.69 -8.49 55.63
C MET C 394 -14.71 -9.68 54.67
N HIS C 395 -15.37 -9.47 53.52
CA HIS C 395 -15.41 -10.45 52.45
C HIS C 395 -14.84 -9.80 51.18
N HIS C 396 -13.84 -10.47 50.60
CA HIS C 396 -13.17 -10.10 49.36
C HIS C 396 -13.21 -11.27 48.38
N GLU C 397 -14.37 -11.54 47.83
CA GLU C 397 -14.42 -12.38 46.64
C GLU C 397 -13.73 -11.65 45.48
N THR C 398 -12.86 -12.34 44.73
CA THR C 398 -12.10 -11.79 43.60
C THR C 398 -12.68 -12.23 42.28
N SER C 399 -13.43 -13.32 42.25
CA SER C 399 -13.97 -13.88 41.02
C SER C 399 -12.88 -14.14 40.01
N GLY C 400 -11.71 -14.47 40.49
CA GLY C 400 -10.63 -14.94 39.64
C GLY C 400 -9.70 -13.82 39.19
N ALA C 401 -10.12 -12.57 39.42
CA ALA C 401 -9.39 -11.44 38.87
C ALA C 401 -8.27 -11.00 39.81
N VAL C 402 -7.16 -11.70 39.71
CA VAL C 402 -6.06 -11.57 40.66
C VAL C 402 -5.39 -10.19 40.54
N ARG C 403 -5.05 -9.76 39.32
CA ARG C 403 -4.50 -8.43 39.14
C ARG C 403 -5.46 -7.41 39.71
N ASN C 404 -6.77 -7.53 39.45
CA ASN C 404 -7.75 -6.60 39.98
C ASN C 404 -7.73 -6.58 41.51
N TYR C 405 -7.51 -7.72 42.21
CA TYR C 405 -7.42 -7.69 43.68
C TYR C 405 -6.14 -7.04 44.14
N GLU C 406 -4.99 -7.46 43.58
CA GLU C 406 -3.69 -6.85 43.98
C GLU C 406 -3.70 -5.35 43.84
N ARG C 407 -4.30 -4.82 42.76
CA ARG C 407 -4.31 -3.36 42.61
C ARG C 407 -5.18 -2.72 43.68
N HIS C 408 -6.27 -3.38 44.15
CA HIS C 408 -7.14 -2.78 45.15
C HIS C 408 -6.73 -3.12 46.56
N MET C 409 -5.78 -4.01 46.73
CA MET C 409 -5.60 -4.63 48.04
C MET C 409 -5.23 -3.63 49.15
N ASP C 410 -4.26 -2.72 48.91
CA ASP C 410 -3.88 -1.77 49.94
C ASP C 410 -5.08 -0.93 50.37
N ALA C 411 -5.83 -0.40 49.40
CA ALA C 411 -6.97 0.43 49.73
C ALA C 411 -7.99 -0.42 50.48
N ALA C 412 -8.11 -1.70 50.16
CA ALA C 412 -9.14 -2.53 50.78
C ALA C 412 -8.78 -2.85 52.22
N TYR C 413 -7.49 -3.13 52.49
CA TYR C 413 -7.02 -3.41 53.81
C TYR C 413 -7.07 -2.14 54.63
N LYS C 414 -6.82 -0.97 54.00
CA LYS C 414 -6.94 0.28 54.71
C LYS C 414 -8.35 0.51 55.20
N LEU C 415 -9.29 0.24 54.34
CA LEU C 415 -10.68 0.40 54.71
C LEU C 415 -11.05 -0.53 55.86
N MET C 416 -10.57 -1.77 55.84
CA MET C 416 -10.78 -2.70 56.93
C MET C 416 -10.32 -2.05 58.22
N LYS C 417 -9.10 -1.57 58.29
CA LYS C 417 -8.57 -0.96 59.50
C LYS C 417 -9.39 0.23 59.94
N GLN C 418 -9.78 1.06 59.00
CA GLN C 418 -10.54 2.25 59.30
C GLN C 418 -11.83 1.88 60.05
N TYR C 419 -12.47 0.75 59.70
CA TYR C 419 -13.76 0.43 60.29
C TYR C 419 -13.67 -0.70 61.32
N GLY C 420 -12.46 -1.15 61.70
CA GLY C 420 -12.33 -2.15 62.73
C GLY C 420 -12.62 -3.59 62.28
N TYR C 421 -12.47 -3.88 60.98
CA TYR C 421 -12.39 -5.26 60.52
C TYR C 421 -10.94 -5.70 60.70
N ASP C 422 -10.74 -6.85 61.35
CA ASP C 422 -9.43 -7.38 61.58
C ASP C 422 -9.29 -8.70 60.83
N ALA C 423 -10.30 -9.14 60.07
CA ALA C 423 -10.16 -10.42 59.40
C ALA C 423 -10.90 -10.35 58.08
N VAL C 424 -10.42 -11.13 57.09
CA VAL C 424 -11.04 -11.13 55.80
C VAL C 424 -11.22 -12.54 55.31
N LYS C 425 -12.38 -12.80 54.73
CA LYS C 425 -12.60 -13.99 53.93
C LYS C 425 -12.42 -13.67 52.45
N SER C 426 -11.45 -14.28 51.79
CA SER C 426 -11.23 -14.06 50.37
C SER C 426 -11.83 -15.20 49.56
N GLY C 427 -11.92 -15.00 48.26
CA GLY C 427 -12.41 -16.02 47.35
C GLY C 427 -11.77 -15.92 45.94
N TYR C 428 -11.66 -17.08 45.26
CA TYR C 428 -11.08 -17.17 43.93
C TYR C 428 -11.99 -18.05 43.07
N VAL C 429 -13.26 -17.67 42.94
CA VAL C 429 -14.24 -18.44 42.18
C VAL C 429 -14.16 -18.12 40.71
N GLY C 430 -14.21 -19.16 39.87
CA GLY C 430 -14.07 -18.93 38.43
C GLY C 430 -12.62 -19.12 37.98
N ASN C 431 -12.41 -19.16 36.67
CA ASN C 431 -11.07 -19.36 36.14
C ASN C 431 -10.23 -18.13 36.50
N ILE C 432 -8.97 -18.40 36.87
CA ILE C 432 -8.04 -17.32 37.17
C ILE C 432 -7.75 -16.55 35.88
N LEU C 433 -7.71 -15.21 36.03
CA LEU C 433 -7.39 -14.33 34.92
C LEU C 433 -5.93 -13.87 34.92
N PRO C 434 -5.36 -13.72 33.71
CA PRO C 434 -6.04 -14.04 32.46
C PRO C 434 -6.11 -15.54 32.15
N LEU C 435 -7.05 -15.89 31.28
CA LEU C 435 -7.29 -17.28 30.93
C LEU C 435 -5.98 -17.98 30.58
N GLY C 436 -5.87 -19.19 31.16
CA GLY C 436 -4.79 -20.14 30.91
C GLY C 436 -4.08 -20.36 32.23
N GLU C 437 -4.19 -19.39 33.14
CA GLU C 437 -3.59 -19.52 34.47
C GLU C 437 -4.41 -20.56 35.23
N THR C 438 -3.82 -21.14 36.26
CA THR C 438 -4.43 -22.18 37.10
C THR C 438 -4.44 -21.72 38.53
N HIS C 439 -5.32 -22.33 39.35
CA HIS C 439 -5.44 -21.89 40.72
C HIS C 439 -4.22 -22.23 41.57
N TYR C 440 -3.50 -23.32 41.25
CA TYR C 440 -2.43 -23.79 42.14
C TYR C 440 -1.05 -23.77 41.53
N SER C 441 -0.82 -22.96 40.48
CA SER C 441 0.51 -22.81 39.91
C SER C 441 1.42 -22.07 40.88
N GLN C 442 2.73 -22.11 40.60
CA GLN C 442 3.70 -21.33 41.33
C GLN C 442 3.27 -19.88 41.39
N TRP C 443 2.76 -19.38 40.26
CA TRP C 443 2.48 -17.98 40.06
C TRP C 443 1.27 -17.59 40.91
N THR C 444 0.17 -18.34 40.83
CA THR C 444 -0.98 -17.99 41.65
C THR C 444 -0.66 -18.30 43.10
N ASN C 445 0.10 -19.35 43.40
CA ASN C 445 0.44 -19.61 44.78
C ASN C 445 1.18 -18.46 45.41
N ASN C 446 1.99 -17.74 44.66
CA ASN C 446 2.70 -16.57 45.17
C ASN C 446 1.66 -15.43 45.50
N HIS C 447 0.60 -15.29 44.70
CA HIS C 447 -0.46 -14.35 45.02
C HIS C 447 -1.03 -14.61 46.39
N TYR C 448 -1.36 -15.86 46.71
CA TYR C 448 -2.02 -16.15 47.95
C TYR C 448 -1.06 -15.76 49.05
N GLN C 449 0.19 -16.15 48.87
CA GLN C 449 1.25 -15.86 49.83
C GLN C 449 1.37 -14.34 50.01
N TYR C 450 1.30 -13.57 48.91
CA TYR C 450 1.47 -12.13 49.02
C TYR C 450 0.32 -11.51 49.79
N ALA C 451 -0.92 -11.96 49.51
CA ALA C 451 -2.09 -11.53 50.26
C ALA C 451 -1.90 -11.71 51.75
N ILE C 452 -1.38 -12.88 52.13
CA ILE C 452 -1.21 -13.22 53.54
C ILE C 452 -0.19 -12.32 54.22
N GLU C 453 0.94 -12.14 53.55
CA GLU C 453 2.08 -11.37 54.03
C GLU C 453 1.70 -9.92 54.18
N LYS C 454 1.00 -9.40 53.17
CA LYS C 454 0.59 -7.99 53.24
C LYS C 454 -0.44 -7.83 54.35
N ALA C 455 -1.34 -8.80 54.48
CA ALA C 455 -2.32 -8.69 55.53
C ALA C 455 -1.64 -8.60 56.89
N ALA C 456 -0.58 -9.38 57.06
CA ALA C 456 0.18 -9.44 58.32
C ALA C 456 0.82 -8.09 58.65
N ASP C 457 1.31 -7.40 57.66
CA ASP C 457 1.79 -6.03 57.83
C ASP C 457 0.68 -5.12 58.32
N TYR C 458 -0.59 -5.41 58.01
CA TYR C 458 -1.71 -4.59 58.46
C TYR C 458 -2.30 -5.13 59.75
N GLN C 459 -1.77 -6.26 60.28
CA GLN C 459 -2.37 -7.03 61.37
C GLN C 459 -3.83 -7.37 61.03
N ILE C 460 -4.00 -7.97 59.88
CA ILE C 460 -5.26 -8.53 59.43
C ILE C 460 -5.12 -10.08 59.30
N MET C 461 -6.17 -10.79 59.62
CA MET C 461 -6.17 -12.23 59.48
C MET C 461 -6.79 -12.57 58.13
N VAL C 462 -6.42 -13.74 57.56
CA VAL C 462 -6.96 -14.16 56.28
C VAL C 462 -7.57 -15.54 56.29
N ASN C 463 -8.66 -15.69 55.53
CA ASN C 463 -9.35 -16.95 55.36
C ASN C 463 -9.67 -17.05 53.90
N ALA C 464 -8.94 -17.89 53.18
CA ALA C 464 -9.01 -17.82 51.73
C ALA C 464 -9.74 -19.01 51.15
N HIS C 465 -10.91 -18.78 50.57
CA HIS C 465 -11.65 -19.81 49.84
C HIS C 465 -11.04 -19.95 48.43
N GLU C 466 -11.02 -21.18 47.92
CA GLU C 466 -10.69 -21.57 46.56
C GLU C 466 -9.19 -21.51 46.31
N ALA C 467 -8.42 -21.19 47.36
CA ALA C 467 -6.98 -21.10 47.21
C ALA C 467 -6.37 -22.48 47.27
N VAL C 468 -5.04 -22.52 47.20
CA VAL C 468 -4.30 -23.76 47.27
C VAL C 468 -4.47 -24.36 48.66
N ARG C 469 -4.51 -25.69 48.74
CA ARG C 469 -4.71 -26.31 50.05
C ARG C 469 -3.45 -26.14 50.88
N PRO C 470 -3.61 -25.91 52.19
CA PRO C 470 -2.47 -25.56 53.04
C PRO C 470 -1.50 -26.70 53.28
N THR C 471 -0.30 -26.26 53.72
CA THR C 471 0.88 -27.08 53.84
C THR C 471 1.68 -26.70 55.06
N GLY C 472 0.98 -26.21 56.11
CA GLY C 472 1.64 -25.87 57.36
C GLY C 472 2.16 -24.44 57.41
N ILE C 473 1.82 -23.61 56.43
CA ILE C 473 2.43 -22.29 56.38
C ILE C 473 1.99 -21.40 57.52
N ALA C 474 0.89 -21.69 58.16
CA ALA C 474 0.45 -20.94 59.32
C ALA C 474 1.44 -20.90 60.49
N ARG C 475 2.30 -21.89 60.63
CA ARG C 475 3.33 -21.71 61.63
C ARG C 475 4.08 -20.42 61.35
N THR C 476 4.34 -20.15 60.06
CA THR C 476 5.27 -19.10 59.68
C THR C 476 4.44 -17.79 59.68
N TYR C 477 3.16 -17.88 59.25
CA TYR C 477 2.23 -16.77 59.12
C TYR C 477 0.93 -17.18 59.80
N PRO C 478 0.85 -17.12 61.12
CA PRO C 478 -0.35 -17.57 61.83
C PRO C 478 -1.56 -16.65 61.65
N ASN C 479 -1.44 -15.67 60.78
CA ASN C 479 -2.59 -14.83 60.50
C ASN C 479 -3.45 -15.51 59.45
N LEU C 480 -2.97 -16.58 58.84
CA LEU C 480 -3.76 -17.40 57.93
C LEU C 480 -4.60 -18.36 58.77
N ILE C 481 -5.79 -17.88 59.15
CA ILE C 481 -6.50 -18.60 60.17
C ILE C 481 -7.36 -19.64 59.47
N GLY C 482 -7.42 -19.56 58.15
CA GLY C 482 -8.13 -20.60 57.43
C GLY C 482 -8.04 -20.52 55.94
N ASN C 483 -8.49 -21.62 55.36
CA ASN C 483 -8.85 -21.74 53.96
C ASN C 483 -10.13 -22.59 53.92
N GLU C 484 -10.74 -22.70 52.72
CA GLU C 484 -11.67 -23.79 52.37
C GLU C 484 -10.84 -24.86 51.72
N ALA C 485 -10.63 -24.72 50.40
CA ALA C 485 -9.69 -25.57 49.67
C ALA C 485 -10.05 -27.05 49.80
N ALA C 486 -11.37 -27.30 49.86
CA ALA C 486 -11.99 -28.63 49.87
C ALA C 486 -13.48 -28.44 49.75
N ARG C 487 -14.22 -29.51 49.66
CA ARG C 487 -15.68 -29.46 49.58
C ARG C 487 -16.19 -29.23 51.00
N GLY C 488 -16.79 -28.05 51.19
CA GLY C 488 -17.33 -27.71 52.48
C GLY C 488 -18.84 -27.87 52.56
N THR C 489 -19.41 -27.31 53.62
CA THR C 489 -20.83 -27.42 53.91
C THR C 489 -21.67 -26.78 52.80
N GLN C 490 -21.12 -25.75 52.13
CA GLN C 490 -21.88 -25.13 51.07
C GLN C 490 -22.43 -26.17 50.10
N TYR C 491 -21.74 -27.28 49.83
CA TYR C 491 -22.23 -28.25 48.84
C TYR C 491 -23.46 -28.99 49.37
N GLN C 492 -23.69 -28.91 50.69
CA GLN C 492 -24.88 -29.51 51.27
C GLN C 492 -26.10 -28.78 50.72
N ALA C 493 -25.88 -27.56 50.17
CA ALA C 493 -26.96 -26.71 49.66
C ALA C 493 -27.03 -26.67 48.14
N PHE C 494 -26.18 -27.45 47.50
CA PHE C 494 -25.98 -27.39 46.06
C PHE C 494 -26.55 -28.63 45.36
N GLY C 495 -27.51 -29.31 45.98
CA GLY C 495 -28.13 -30.45 45.31
C GLY C 495 -27.12 -31.51 44.86
N ASN C 496 -27.47 -32.24 43.79
CA ASN C 496 -26.74 -33.43 43.37
C ASN C 496 -26.50 -34.35 44.58
N ASP C 497 -25.28 -34.83 44.86
CA ASP C 497 -25.08 -35.78 45.95
C ASP C 497 -24.70 -35.09 47.27
N ARG C 498 -24.65 -33.76 47.27
CA ARG C 498 -24.22 -32.99 48.44
C ARG C 498 -22.92 -33.57 48.95
N ASN C 499 -22.78 -33.73 50.26
CA ASN C 499 -21.61 -34.34 50.83
C ASN C 499 -22.01 -35.71 51.35
N ASN C 500 -21.18 -36.71 51.00
CA ASN C 500 -21.32 -38.03 51.57
C ASN C 500 -21.41 -37.87 53.08
N ALA C 501 -22.20 -38.76 53.67
CA ALA C 501 -22.34 -38.81 55.10
C ALA C 501 -20.97 -38.97 55.76
N ASN C 502 -19.98 -39.59 55.11
CA ASN C 502 -18.71 -39.86 55.79
C ASN C 502 -17.62 -38.86 55.43
N HIS C 503 -17.98 -37.82 54.71
CA HIS C 503 -17.04 -36.79 54.27
C HIS C 503 -16.18 -36.24 55.42
N VAL C 504 -16.81 -35.88 56.54
CA VAL C 504 -16.08 -35.29 57.67
C VAL C 504 -15.27 -36.32 58.49
N THR C 505 -15.40 -37.62 58.16
CA THR C 505 -14.51 -38.63 58.67
C THR C 505 -13.32 -38.88 57.75
N ILE C 506 -13.25 -38.17 56.61
CA ILE C 506 -12.10 -38.26 55.75
C ILE C 506 -11.31 -36.97 55.74
N LEU C 507 -11.98 -35.83 55.72
CA LEU C 507 -11.29 -34.54 55.68
C LEU C 507 -10.17 -34.46 56.69
N PRO C 508 -10.33 -34.89 57.97
CA PRO C 508 -9.24 -34.77 58.94
C PRO C 508 -7.96 -35.49 58.56
N PHE C 509 -8.13 -36.54 57.77
CA PHE C 509 -7.05 -37.45 57.41
C PHE C 509 -6.39 -37.01 56.12
N THR C 510 -6.93 -35.93 55.49
CA THR C 510 -6.53 -35.46 54.16
C THR C 510 -6.44 -33.96 54.23
N ARG C 511 -7.50 -33.28 53.82
CA ARG C 511 -7.49 -31.83 53.81
C ARG C 511 -6.90 -31.20 55.08
N LEU C 512 -7.21 -31.67 56.29
CA LEU C 512 -6.84 -30.95 57.51
C LEU C 512 -5.34 -31.01 57.78
N ILE C 513 -4.66 -31.95 57.15
CA ILE C 513 -3.22 -32.07 57.26
C ILE C 513 -2.66 -30.90 56.45
N GLY C 514 -2.09 -29.91 57.15
CA GLY C 514 -1.55 -28.75 56.48
C GLY C 514 -2.12 -27.47 57.09
N GLY C 515 -3.36 -27.54 57.58
CA GLY C 515 -3.93 -26.40 58.26
C GLY C 515 -5.45 -26.54 58.31
N PRO C 516 -6.13 -25.65 59.07
CA PRO C 516 -7.57 -25.78 59.31
C PRO C 516 -8.44 -25.45 58.14
N MET C 517 -9.69 -25.88 58.26
CA MET C 517 -10.73 -25.54 57.30
C MET C 517 -11.87 -24.77 57.97
N ASP C 518 -12.31 -23.73 57.26
CA ASP C 518 -13.60 -23.03 57.39
C ASP C 518 -14.68 -23.91 56.77
N TYR C 519 -15.12 -24.92 57.52
CA TYR C 519 -16.07 -25.91 56.98
C TYR C 519 -17.52 -25.39 57.05
N THR C 520 -17.78 -24.40 57.94
CA THR C 520 -19.07 -23.76 58.18
C THR C 520 -20.09 -24.81 58.65
N PRO C 521 -19.83 -25.38 59.82
CA PRO C 521 -20.74 -26.38 60.36
C PRO C 521 -21.92 -25.69 61.03
N GLY C 522 -22.71 -26.49 61.78
CA GLY C 522 -23.71 -25.92 62.68
C GLY C 522 -25.08 -25.82 62.05
N ILE C 523 -25.39 -26.66 61.05
CA ILE C 523 -26.69 -26.60 60.38
C ILE C 523 -27.74 -27.37 61.20
N PHE C 524 -28.85 -26.71 61.49
CA PHE C 524 -29.94 -27.28 62.24
C PHE C 524 -31.13 -27.56 61.31
N GLU C 525 -31.46 -26.72 60.32
CA GLU C 525 -32.53 -26.95 59.36
C GLU C 525 -31.85 -27.53 58.13
N MET C 526 -32.00 -28.82 57.90
CA MET C 526 -31.31 -29.56 56.83
C MET C 526 -32.06 -29.48 55.51
N ASP C 527 -33.38 -29.08 55.51
CA ASP C 527 -34.13 -28.92 54.25
C ASP C 527 -34.32 -27.44 53.87
N VAL C 528 -33.41 -26.93 53.00
CA VAL C 528 -33.20 -25.49 52.89
C VAL C 528 -34.03 -24.96 51.74
N THR C 529 -34.11 -23.64 51.59
CA THR C 529 -35.05 -22.99 50.68
C THR C 529 -35.02 -23.56 49.26
N ASN C 530 -33.86 -23.82 48.67
CA ASN C 530 -33.77 -24.27 47.28
C ASN C 530 -34.00 -25.79 47.11
N GLY C 531 -34.39 -26.53 48.18
CA GLY C 531 -34.82 -27.93 48.12
C GLY C 531 -33.72 -28.97 48.37
N SER C 532 -32.51 -28.51 48.56
CA SER C 532 -31.36 -29.37 48.75
C SER C 532 -31.39 -29.87 50.20
N HIS C 533 -30.88 -31.10 50.38
CA HIS C 533 -30.95 -31.77 51.66
C HIS C 533 -29.54 -31.98 52.23
N VAL C 534 -29.30 -31.37 53.40
CA VAL C 534 -28.02 -31.48 54.04
C VAL C 534 -27.92 -32.84 54.69
N ASN C 535 -26.87 -33.60 54.35
CA ASN C 535 -26.77 -34.97 54.81
C ASN C 535 -26.10 -35.07 56.19
N ALA C 536 -26.75 -34.57 57.24
CA ALA C 536 -26.27 -34.75 58.60
C ALA C 536 -27.42 -34.70 59.62
N THR C 537 -27.12 -35.12 60.87
CA THR C 537 -28.03 -34.94 62.02
C THR C 537 -27.56 -33.73 62.79
N ILE C 538 -28.42 -33.26 63.71
CA ILE C 538 -28.08 -32.11 64.51
C ILE C 538 -26.88 -32.40 65.36
N ALA C 539 -26.85 -33.58 65.93
CA ALA C 539 -25.69 -33.93 66.76
C ALA C 539 -24.39 -34.01 65.95
N ASN C 540 -24.44 -34.44 64.67
CA ASN C 540 -23.26 -34.41 63.82
C ASN C 540 -22.73 -32.98 63.72
N GLN C 541 -23.65 -32.05 63.55
CA GLN C 541 -23.31 -30.66 63.39
C GLN C 541 -22.74 -30.05 64.65
N LEU C 542 -23.22 -30.50 65.84
CA LEU C 542 -22.61 -30.02 67.07
C LEU C 542 -21.19 -30.55 67.18
N ALA C 543 -20.97 -31.78 66.72
CA ALA C 543 -19.68 -32.44 66.98
C ALA C 543 -18.56 -31.81 66.19
N LEU C 544 -18.94 -31.21 65.06
CA LEU C 544 -17.98 -30.64 64.14
C LEU C 544 -17.16 -29.55 64.82
N TYR C 545 -17.68 -28.88 65.85
CA TYR C 545 -16.92 -27.82 66.54
C TYR C 545 -15.66 -28.40 67.19
N VAL C 546 -15.65 -29.75 67.37
CA VAL C 546 -14.51 -30.50 67.90
C VAL C 546 -13.82 -31.38 66.85
N THR C 547 -14.54 -32.01 65.93
CA THR C 547 -13.90 -33.00 65.07
C THR C 547 -13.40 -32.36 63.77
N MET C 548 -13.76 -31.09 63.50
CA MET C 548 -13.16 -30.34 62.40
C MET C 548 -12.42 -29.15 62.98
N TYR C 549 -11.17 -29.40 63.36
CA TYR C 549 -10.39 -28.44 64.13
C TYR C 549 -10.23 -27.18 63.27
N SER C 550 -10.46 -26.04 63.86
CA SER C 550 -10.18 -24.77 63.27
C SER C 550 -10.20 -23.70 64.33
N PRO C 551 -9.29 -22.71 64.26
CA PRO C 551 -9.34 -21.50 65.11
C PRO C 551 -10.47 -20.60 64.66
N LEU C 552 -11.06 -20.89 63.48
CA LEU C 552 -12.13 -20.07 62.93
C LEU C 552 -13.40 -20.93 62.76
N GLN C 553 -14.44 -20.70 63.56
CA GLN C 553 -15.55 -21.63 63.57
C GLN C 553 -16.85 -20.86 63.32
N MET C 554 -17.52 -21.17 62.21
CA MET C 554 -18.84 -20.60 61.93
C MET C 554 -20.02 -21.46 62.48
N ALA C 555 -21.07 -20.76 62.90
CA ALA C 555 -22.40 -21.32 62.99
C ALA C 555 -23.23 -20.71 61.84
N ALA C 556 -23.39 -21.51 60.80
CA ALA C 556 -23.77 -21.08 59.49
C ALA C 556 -25.28 -20.90 59.33
N ASP C 557 -26.08 -21.48 60.23
CA ASP C 557 -27.54 -21.45 60.07
C ASP C 557 -28.08 -20.08 60.48
N PHE C 558 -29.40 -19.92 60.32
CA PHE C 558 -30.07 -18.67 60.59
C PHE C 558 -30.23 -18.54 62.08
N PRO C 559 -30.22 -17.29 62.59
CA PRO C 559 -30.60 -17.03 63.99
C PRO C 559 -31.86 -17.75 64.45
N GLU C 560 -32.89 -17.67 63.62
CA GLU C 560 -34.18 -18.21 63.98
C GLU C 560 -34.08 -19.72 64.17
N ASN C 561 -33.20 -20.41 63.45
CA ASN C 561 -33.15 -21.86 63.55
C ASN C 561 -32.41 -22.24 64.82
N TYR C 562 -31.45 -21.43 65.21
CA TYR C 562 -30.75 -21.70 66.46
C TYR C 562 -31.62 -21.42 67.68
N GLU C 563 -32.43 -20.37 67.60
CA GLU C 563 -33.30 -20.03 68.72
C GLU C 563 -34.42 -21.08 68.90
N ARG C 564 -34.90 -21.70 67.80
CA ARG C 564 -35.90 -22.77 67.86
C ARG C 564 -35.34 -23.96 68.64
N PHE C 565 -34.05 -24.23 68.50
CA PHE C 565 -33.41 -25.40 69.09
C PHE C 565 -32.37 -24.91 70.08
N ALA C 566 -32.76 -24.00 70.99
CA ALA C 566 -31.87 -23.35 71.94
C ALA C 566 -31.19 -24.35 72.86
N ASP C 567 -31.84 -25.47 73.20
CA ASP C 567 -31.23 -26.49 74.04
C ASP C 567 -29.97 -27.02 73.35
N ALA C 568 -30.06 -27.34 72.08
CA ALA C 568 -28.94 -27.89 71.32
C ALA C 568 -27.90 -26.82 71.03
N PHE C 569 -28.37 -25.60 70.83
CA PHE C 569 -27.51 -24.51 70.50
C PHE C 569 -26.55 -24.18 71.63
N GLN C 570 -26.85 -24.63 72.85
CA GLN C 570 -25.99 -24.39 74.00
C GLN C 570 -24.56 -24.89 73.76
N PHE C 571 -24.44 -26.04 73.11
CA PHE C 571 -23.13 -26.60 72.89
C PHE C 571 -22.28 -25.66 72.05
N ILE C 572 -22.91 -25.13 71.00
CA ILE C 572 -22.20 -24.25 70.12
C ILE C 572 -21.82 -23.01 70.87
N LYS C 573 -22.70 -22.53 71.76
CA LYS C 573 -22.35 -21.32 72.47
C LYS C 573 -21.19 -21.56 73.42
N ASP C 574 -21.16 -22.78 74.01
CA ASP C 574 -20.23 -23.10 75.08
C ASP C 574 -18.86 -23.44 74.51
N VAL C 575 -18.81 -24.14 73.38
CA VAL C 575 -17.58 -24.72 72.86
C VAL C 575 -16.52 -23.67 72.59
N ALA C 576 -15.28 -24.05 72.91
CA ALA C 576 -14.18 -23.12 72.65
C ALA C 576 -13.71 -23.29 71.21
N VAL C 577 -12.76 -22.46 70.84
CA VAL C 577 -12.14 -22.54 69.51
C VAL C 577 -10.63 -22.56 69.57
N ASP C 578 -10.03 -22.68 70.73
CA ASP C 578 -8.60 -22.78 70.88
C ASP C 578 -8.29 -23.66 72.10
N TRP C 579 -7.16 -24.42 72.02
CA TRP C 579 -6.97 -25.53 72.93
C TRP C 579 -5.56 -25.67 73.51
N ASP C 580 -5.45 -26.05 74.79
CA ASP C 580 -4.21 -26.43 75.46
C ASP C 580 -3.89 -27.91 75.24
N ASP C 581 -4.85 -28.74 74.88
CA ASP C 581 -4.51 -30.11 74.62
C ASP C 581 -5.63 -30.77 73.86
N SER C 582 -5.27 -31.84 73.15
CA SER C 582 -6.23 -32.60 72.34
C SER C 582 -5.89 -34.08 72.50
N ARG C 583 -6.89 -34.97 72.61
CA ARG C 583 -6.62 -36.41 72.52
C ARG C 583 -7.59 -37.05 71.55
N TYR C 584 -7.00 -37.65 70.49
CA TYR C 584 -7.83 -38.41 69.57
C TYR C 584 -8.16 -39.75 70.23
N LEU C 585 -9.44 -40.03 70.44
CA LEU C 585 -9.87 -41.18 71.22
C LEU C 585 -10.18 -42.35 70.30
N GLU C 586 -10.84 -42.11 69.16
CA GLU C 586 -11.14 -43.19 68.22
C GLU C 586 -11.02 -42.60 66.82
N ALA C 587 -10.56 -43.37 65.83
CA ALA C 587 -10.47 -42.88 64.47
C ALA C 587 -10.21 -43.98 63.44
N GLU C 588 -11.00 -43.92 62.37
CA GLU C 588 -10.89 -44.78 61.22
C GLU C 588 -11.42 -44.01 60.02
N PRO C 589 -10.54 -43.76 59.04
CA PRO C 589 -10.89 -42.94 57.90
C PRO C 589 -12.12 -43.46 57.14
N GLY C 590 -13.07 -42.59 56.88
CA GLY C 590 -14.29 -42.96 56.22
C GLY C 590 -15.37 -43.46 57.17
N GLN C 591 -15.04 -43.73 58.44
CA GLN C 591 -15.99 -44.43 59.34
C GLN C 591 -16.33 -43.58 60.56
N TYR C 592 -15.32 -43.11 61.32
CA TYR C 592 -15.61 -42.38 62.55
C TYR C 592 -14.39 -41.63 63.09
N ILE C 593 -14.66 -40.59 63.89
CA ILE C 593 -13.61 -39.83 64.54
C ILE C 593 -14.16 -39.38 65.88
N THR C 594 -13.42 -39.54 66.96
CA THR C 594 -13.82 -39.06 68.25
C THR C 594 -12.61 -38.37 68.90
N VAL C 595 -12.76 -37.14 69.32
CA VAL C 595 -11.65 -36.45 69.92
C VAL C 595 -12.15 -35.51 71.00
N ALA C 596 -11.28 -35.28 71.97
CA ALA C 596 -11.57 -34.42 73.09
C ALA C 596 -10.47 -33.40 73.18
N ARG C 597 -10.86 -32.16 73.52
CA ARG C 597 -9.95 -31.04 73.55
C ARG C 597 -10.18 -30.25 74.84
N LYS C 598 -9.12 -29.67 75.37
CA LYS C 598 -9.21 -28.88 76.58
C LYS C 598 -9.12 -27.36 76.27
N ALA C 599 -10.13 -26.60 76.64
CA ALA C 599 -10.20 -25.20 76.27
C ALA C 599 -9.00 -24.43 76.85
N LYS C 600 -8.31 -23.65 76.00
CA LYS C 600 -7.12 -22.88 76.37
C LYS C 600 -7.35 -22.04 77.63
N GLY C 601 -6.41 -22.09 78.57
CA GLY C 601 -6.44 -21.34 79.81
C GLY C 601 -7.51 -21.78 80.77
N THR C 602 -8.18 -22.94 80.53
CA THR C 602 -9.25 -23.47 81.42
C THR C 602 -8.96 -24.94 81.70
N ASP C 603 -9.78 -25.50 82.58
CA ASP C 603 -9.82 -26.90 82.95
C ASP C 603 -11.03 -27.59 82.33
N ASN C 604 -11.70 -26.96 81.39
CA ASN C 604 -12.87 -27.49 80.71
C ASN C 604 -12.54 -28.23 79.41
N TRP C 605 -13.34 -29.26 79.08
CA TRP C 605 -13.06 -30.16 77.98
C TRP C 605 -14.29 -30.25 77.10
N PHE C 606 -14.07 -30.46 75.82
CA PHE C 606 -15.15 -30.58 74.86
C PHE C 606 -14.77 -31.75 73.96
N LEU C 607 -15.79 -32.54 73.64
CA LEU C 607 -15.55 -33.77 72.92
C LEU C 607 -16.53 -33.83 71.77
N GLY C 608 -16.10 -34.42 70.66
CA GLY C 608 -17.03 -34.71 69.58
C GLY C 608 -16.75 -36.05 68.92
N ASN C 609 -17.85 -36.63 68.45
CA ASN C 609 -17.85 -37.80 67.58
C ASN C 609 -18.57 -37.49 66.27
N VAL C 610 -17.99 -37.89 65.12
CA VAL C 610 -18.71 -37.89 63.85
C VAL C 610 -18.65 -39.28 63.28
N ASN C 611 -19.75 -39.67 62.63
CA ASN C 611 -19.97 -41.05 62.31
C ASN C 611 -20.48 -41.16 60.88
N GLY C 612 -19.92 -42.12 60.15
CA GLY C 612 -20.13 -42.27 58.72
C GLY C 612 -21.36 -43.11 58.40
N GLU C 613 -21.27 -43.86 57.27
CA GLU C 613 -22.46 -44.47 56.69
C GLU C 613 -23.08 -45.49 57.66
N THR C 614 -22.22 -46.24 58.37
CA THR C 614 -22.70 -47.31 59.26
C THR C 614 -22.95 -46.79 60.67
N ALA C 615 -24.20 -46.84 61.10
CA ALA C 615 -24.58 -46.62 62.50
C ALA C 615 -23.70 -47.42 63.47
N ARG C 616 -23.30 -46.83 64.61
CA ARG C 616 -22.28 -47.40 65.46
C ARG C 616 -22.33 -46.87 66.90
N VAL C 617 -22.03 -47.81 67.79
CA VAL C 617 -21.87 -47.57 69.21
C VAL C 617 -20.39 -47.31 69.49
N SER C 618 -20.10 -46.11 70.00
CA SER C 618 -18.77 -45.60 70.32
C SER C 618 -18.43 -45.95 71.77
N ASN C 619 -17.19 -46.32 72.09
CA ASN C 619 -16.82 -46.57 73.47
C ASN C 619 -15.56 -45.81 73.81
N ILE C 620 -15.67 -44.80 74.69
CA ILE C 620 -14.49 -43.99 75.03
C ILE C 620 -14.11 -44.07 76.51
N ASP C 621 -12.81 -43.91 76.72
CA ASP C 621 -12.25 -43.78 78.06
C ASP C 621 -12.13 -42.29 78.40
N LEU C 622 -12.55 -41.89 79.59
CA LEU C 622 -12.54 -40.49 80.00
C LEU C 622 -11.26 -40.14 80.78
N GLY C 623 -10.19 -40.94 80.61
CA GLY C 623 -8.96 -40.76 81.35
C GLY C 623 -8.18 -39.48 81.00
N PHE C 624 -8.59 -38.70 79.98
CA PHE C 624 -7.94 -37.42 79.71
C PHE C 624 -8.25 -36.39 80.78
N LEU C 625 -9.36 -36.59 81.51
CA LEU C 625 -9.80 -35.72 82.59
C LEU C 625 -8.84 -35.83 83.77
N GLU C 626 -8.82 -34.80 84.63
CA GLU C 626 -7.91 -34.78 85.76
C GLU C 626 -8.33 -35.83 86.81
N LYS C 627 -7.34 -36.55 87.34
CA LYS C 627 -7.57 -37.53 88.39
C LYS C 627 -8.12 -36.79 89.62
N GLY C 628 -9.10 -37.39 90.32
CA GLY C 628 -9.64 -36.88 91.59
C GLY C 628 -10.56 -35.67 91.45
N LYS C 629 -11.09 -35.41 90.24
CA LYS C 629 -12.03 -34.33 90.07
C LYS C 629 -13.32 -34.86 89.49
N LYS C 630 -14.42 -34.21 89.87
CA LYS C 630 -15.75 -34.40 89.29
C LYS C 630 -16.04 -33.36 88.18
N TYR C 631 -16.59 -33.82 87.06
CA TYR C 631 -17.07 -32.93 86.03
C TYR C 631 -18.56 -33.13 85.75
N THR C 632 -19.27 -32.00 85.57
CA THR C 632 -20.57 -31.97 84.92
C THR C 632 -20.44 -32.15 83.41
N ALA C 633 -20.86 -33.32 82.91
CA ALA C 633 -20.90 -33.67 81.51
C ALA C 633 -22.29 -33.43 80.96
N VAL C 634 -22.42 -32.70 79.84
CA VAL C 634 -23.66 -32.60 79.12
C VAL C 634 -23.48 -33.20 77.73
N ILE C 635 -24.32 -34.22 77.44
CA ILE C 635 -24.20 -35.05 76.25
C ILE C 635 -25.35 -34.75 75.31
N TYR C 636 -24.94 -34.25 74.14
CA TYR C 636 -25.84 -33.98 73.04
C TYR C 636 -25.64 -35.11 72.04
N ALA C 637 -26.68 -35.94 71.86
CA ALA C 637 -26.52 -37.18 71.13
C ALA C 637 -27.60 -37.32 70.07
N ASP C 638 -27.35 -38.24 69.13
CA ASP C 638 -28.44 -38.65 68.27
C ASP C 638 -29.45 -39.47 69.04
N ALA C 639 -30.72 -39.22 68.75
CA ALA C 639 -31.76 -40.16 69.20
C ALA C 639 -31.52 -41.49 68.48
N LYS C 640 -32.00 -42.61 69.04
CA LYS C 640 -31.80 -43.93 68.45
C LYS C 640 -32.36 -44.06 67.02
N ASP C 641 -33.41 -43.28 66.68
CA ASP C 641 -34.07 -43.35 65.38
C ASP C 641 -33.57 -42.24 64.45
N ALA C 642 -32.50 -41.53 64.82
CA ALA C 642 -32.03 -40.45 63.98
C ALA C 642 -31.38 -41.02 62.72
N ASN C 643 -31.39 -40.21 61.69
CA ASN C 643 -30.88 -40.67 60.41
C ASN C 643 -30.56 -39.42 59.60
N TYR C 644 -29.44 -39.39 58.88
CA TYR C 644 -29.09 -38.22 58.09
C TYR C 644 -30.02 -37.95 56.91
N LYS C 645 -30.73 -38.96 56.37
CA LYS C 645 -31.63 -38.75 55.24
C LYS C 645 -33.02 -38.29 55.66
N THR C 646 -33.65 -39.03 56.60
CA THR C 646 -35.09 -38.95 56.88
C THR C 646 -35.39 -38.57 58.33
N ASN C 647 -34.41 -38.38 59.22
CA ASN C 647 -34.75 -37.96 60.59
C ASN C 647 -33.60 -37.15 61.21
N THR C 648 -33.40 -35.91 60.68
CA THR C 648 -32.17 -35.17 60.90
C THR C 648 -32.17 -34.37 62.17
N GLN C 649 -33.32 -34.07 62.73
CA GLN C 649 -33.41 -33.13 63.84
C GLN C 649 -33.70 -33.81 65.18
N ALA C 650 -33.43 -35.11 65.28
CA ALA C 650 -33.78 -35.93 66.44
C ALA C 650 -32.55 -36.16 67.32
N TYR C 651 -32.48 -35.44 68.46
CA TYR C 651 -31.35 -35.51 69.37
C TYR C 651 -31.88 -35.62 70.80
N THR C 652 -31.04 -36.13 71.71
CA THR C 652 -31.29 -36.11 73.15
C THR C 652 -30.25 -35.22 73.84
N ILE C 653 -30.59 -34.75 75.04
CA ILE C 653 -29.64 -34.05 75.86
C ILE C 653 -29.74 -34.60 77.27
N ARG C 654 -28.63 -35.02 77.90
CA ARG C 654 -28.71 -35.41 79.32
C ARG C 654 -27.46 -34.93 80.05
N LYS C 655 -27.60 -34.72 81.38
CA LYS C 655 -26.49 -34.46 82.29
C LYS C 655 -26.10 -35.74 83.02
N VAL C 656 -24.82 -35.88 83.30
CA VAL C 656 -24.29 -36.91 84.19
C VAL C 656 -22.94 -36.38 84.75
N VAL C 657 -22.66 -36.72 86.01
CA VAL C 657 -21.41 -36.37 86.65
C VAL C 657 -20.45 -37.53 86.45
N VAL C 658 -19.21 -37.23 86.15
CA VAL C 658 -18.25 -38.21 85.72
C VAL C 658 -16.90 -37.83 86.33
N THR C 659 -15.94 -38.76 86.23
CA THR C 659 -14.59 -38.57 86.70
C THR C 659 -13.67 -39.19 85.63
N SER C 660 -12.36 -39.13 85.90
CA SER C 660 -11.36 -39.66 85.00
C SER C 660 -11.44 -41.19 84.89
N ASN C 661 -12.22 -41.82 85.74
CA ASN C 661 -12.49 -43.26 85.71
C ASN C 661 -13.80 -43.59 85.01
N SER C 662 -14.59 -42.59 84.61
CA SER C 662 -15.82 -42.93 83.91
C SER C 662 -15.49 -43.41 82.49
N LYS C 663 -16.45 -44.14 81.91
CA LYS C 663 -16.38 -44.67 80.57
C LYS C 663 -17.77 -44.50 79.99
N LEU C 664 -17.84 -44.35 78.66
CA LEU C 664 -19.11 -43.99 78.05
C LEU C 664 -19.27 -44.78 76.78
N SER C 665 -20.55 -45.03 76.51
CA SER C 665 -21.02 -45.87 75.44
C SER C 665 -22.12 -45.08 74.76
N GLN C 666 -21.98 -44.76 73.47
CA GLN C 666 -22.94 -43.88 72.84
C GLN C 666 -23.19 -44.30 71.39
N PHE C 667 -24.48 -44.47 71.09
CA PHE C 667 -24.95 -44.72 69.74
C PHE C 667 -24.80 -43.42 68.95
N SER C 668 -24.25 -43.52 67.73
CA SER C 668 -24.25 -42.41 66.79
C SER C 668 -24.94 -42.91 65.51
N ALA C 669 -25.87 -42.12 64.96
CA ALA C 669 -26.59 -42.58 63.78
C ALA C 669 -25.73 -42.50 62.53
N SER C 670 -26.31 -43.04 61.46
CA SER C 670 -25.80 -42.85 60.12
C SER C 670 -25.68 -41.38 59.80
N GLY C 671 -24.45 -40.90 59.53
CA GLY C 671 -24.23 -39.49 59.27
C GLY C 671 -24.45 -38.61 60.52
N GLY C 672 -24.32 -39.26 61.67
CA GLY C 672 -24.64 -38.67 62.96
C GLY C 672 -23.34 -38.39 63.69
N GLY C 673 -23.43 -38.32 65.01
CA GLY C 673 -22.31 -37.94 65.87
C GLY C 673 -22.81 -37.66 67.26
N TYR C 674 -21.92 -37.15 68.15
CA TYR C 674 -22.37 -36.65 69.45
C TYR C 674 -21.39 -35.57 69.95
N ALA C 675 -21.85 -34.75 70.92
CA ALA C 675 -20.99 -33.77 71.52
C ALA C 675 -21.19 -33.75 73.04
N ILE C 676 -20.10 -33.42 73.76
CA ILE C 676 -20.06 -33.43 75.20
C ILE C 676 -19.21 -32.27 75.69
N SER C 677 -19.82 -31.49 76.62
CA SER C 677 -19.10 -30.50 77.42
C SER C 677 -18.83 -31.07 78.81
N PHE C 678 -17.61 -30.85 79.29
CA PHE C 678 -17.16 -31.26 80.60
C PHE C 678 -16.66 -30.02 81.35
N TYR C 679 -17.35 -29.71 82.48
CA TYR C 679 -17.09 -28.55 83.32
C TYR C 679 -16.83 -29.09 84.71
N PRO C 680 -15.75 -28.69 85.40
CA PRO C 680 -15.50 -29.14 86.77
C PRO C 680 -16.66 -28.83 87.68
N VAL C 681 -16.84 -29.66 88.73
CA VAL C 681 -17.77 -29.30 89.78
C VAL C 681 -17.03 -28.34 90.73
N ALA C 682 -17.73 -27.29 91.19
CA ALA C 682 -17.26 -26.32 92.20
C ALA C 682 -18.21 -26.48 93.40
N ASP C 683 -17.79 -27.37 94.35
CA ASP C 683 -18.54 -27.85 95.52
C ASP C 683 -17.61 -28.58 96.54
N ALA C 684 -18.14 -28.93 97.75
CA ALA C 684 -17.38 -29.68 98.73
C ALA C 684 -16.75 -30.84 97.96
N SER D 1 -25.96 8.72 5.07
CA SER D 1 -25.23 7.90 4.06
C SER D 1 -23.88 8.46 3.49
N ASP D 2 -23.72 9.78 3.28
CA ASP D 2 -22.45 10.33 2.77
C ASP D 2 -21.89 11.41 3.70
N LEU D 3 -20.60 11.73 3.61
CA LEU D 3 -20.06 12.66 4.60
C LEU D 3 -18.87 13.46 4.04
N LYS D 4 -18.81 14.75 4.41
CA LYS D 4 -17.80 15.65 3.86
C LYS D 4 -16.99 16.31 4.97
N SER D 5 -15.72 16.60 4.70
CA SER D 5 -14.91 17.44 5.57
C SER D 5 -15.51 18.83 5.60
N PRO D 6 -15.27 19.66 6.61
CA PRO D 6 -15.69 21.06 6.58
C PRO D 6 -15.34 21.82 5.28
N ASP D 7 -14.15 21.57 4.72
CA ASP D 7 -13.66 22.24 3.53
C ASP D 7 -14.14 21.58 2.24
N GLY D 8 -14.91 20.49 2.30
CA GLY D 8 -15.41 19.84 1.08
C GLY D 8 -14.34 18.99 0.37
N ASN D 9 -13.12 18.86 0.91
CA ASN D 9 -12.08 18.16 0.15
C ASN D 9 -12.21 16.65 0.31
N PHE D 10 -12.69 16.20 1.46
CA PHE D 10 -12.93 14.77 1.64
C PHE D 10 -14.41 14.40 1.54
N LEU D 11 -14.67 13.29 0.83
CA LEU D 11 -15.95 12.60 0.88
C LEU D 11 -15.78 11.15 1.36
N MET D 12 -16.64 10.71 2.29
CA MET D 12 -16.70 9.32 2.76
C MET D 12 -18.08 8.77 2.42
N HIS D 13 -18.16 7.72 1.56
CA HIS D 13 -19.42 7.00 1.26
C HIS D 13 -19.46 5.78 2.23
N PHE D 14 -20.59 5.63 2.94
CA PHE D 14 -20.86 4.39 3.67
C PHE D 14 -22.02 3.66 3.00
N SER D 15 -21.85 2.35 2.75
CA SER D 15 -22.92 1.51 2.25
C SER D 15 -22.81 0.11 2.82
N LEU D 16 -23.78 -0.77 2.47
CA LEU D 16 -23.79 -2.20 2.79
C LEU D 16 -23.68 -3.00 1.49
N GLU D 17 -22.89 -4.09 1.46
CA GLU D 17 -22.82 -5.01 0.31
C GLU D 17 -24.09 -5.87 0.30
N ALA D 18 -24.25 -6.69 -0.74
CA ALA D 18 -25.48 -7.44 -0.95
C ALA D 18 -25.74 -8.34 0.28
N ASP D 19 -24.69 -8.94 0.82
CA ASP D 19 -24.85 -9.82 1.96
C ASP D 19 -24.93 -9.03 3.29
N GLY D 20 -24.95 -7.69 3.32
CA GLY D 20 -25.05 -6.99 4.61
C GLY D 20 -23.70 -6.67 5.28
N THR D 21 -22.57 -6.86 4.55
CA THR D 21 -21.27 -6.39 5.00
C THR D 21 -21.20 -4.86 5.00
N PRO D 22 -20.86 -4.17 6.10
CA PRO D 22 -20.66 -2.72 6.06
C PRO D 22 -19.33 -2.34 5.42
N VAL D 23 -19.38 -1.32 4.53
CA VAL D 23 -18.21 -0.85 3.78
C VAL D 23 -18.11 0.67 3.78
N TYR D 24 -16.88 1.15 3.76
CA TYR D 24 -16.59 2.57 3.63
C TYR D 24 -15.56 2.82 2.51
N LYS D 25 -15.56 4.08 2.06
CA LYS D 25 -14.79 4.58 0.92
C LYS D 25 -14.38 6.00 1.27
N LEU D 26 -13.13 6.38 0.95
CA LEU D 26 -12.70 7.77 1.17
C LEU D 26 -12.08 8.36 -0.07
N ILE D 27 -12.46 9.62 -0.34
CA ILE D 27 -12.15 10.34 -1.56
C ILE D 27 -11.60 11.72 -1.17
N TYR D 28 -10.41 12.08 -1.72
CA TYR D 28 -9.72 13.35 -1.47
C TYR D 28 -9.57 14.09 -2.81
N LYS D 29 -10.18 15.28 -2.94
CA LYS D 29 -10.09 16.10 -4.17
C LYS D 29 -10.33 15.22 -5.39
N GLY D 30 -11.47 14.49 -5.38
CA GLY D 30 -11.87 13.62 -6.47
C GLY D 30 -10.90 12.45 -6.71
N LYS D 31 -9.92 12.20 -5.83
CA LYS D 31 -9.05 11.03 -5.98
C LYS D 31 -9.39 9.99 -4.90
N ASP D 32 -9.41 8.73 -5.29
CA ASP D 32 -9.63 7.67 -4.34
C ASP D 32 -8.41 7.53 -3.43
N VAL D 33 -8.65 7.60 -2.12
CA VAL D 33 -7.60 7.35 -1.15
C VAL D 33 -7.74 5.98 -0.46
N ILE D 34 -8.97 5.72 -0.01
CA ILE D 34 -9.41 4.41 0.49
C ILE D 34 -10.54 3.90 -0.39
N LYS D 35 -10.29 2.78 -1.07
CA LYS D 35 -11.34 2.14 -1.85
C LYS D 35 -12.32 1.39 -0.91
N ALA D 36 -13.39 0.85 -1.51
CA ALA D 36 -14.40 0.13 -0.76
C ALA D 36 -13.71 -0.87 0.20
N SER D 37 -14.03 -0.74 1.50
CA SER D 37 -13.31 -1.38 2.58
C SER D 37 -14.30 -1.94 3.60
N LYS D 38 -14.12 -3.22 3.98
CA LYS D 38 -15.08 -3.88 4.86
C LYS D 38 -14.82 -3.50 6.31
N LEU D 39 -15.82 -3.62 7.18
CA LEU D 39 -15.70 -3.28 8.59
C LEU D 39 -16.36 -4.38 9.41
N GLY D 40 -16.03 -4.47 10.73
CA GLY D 40 -16.64 -5.41 11.66
C GLY D 40 -15.63 -6.38 12.29
N PHE D 41 -16.12 -7.48 12.89
CA PHE D 41 -15.29 -8.34 13.76
C PHE D 41 -15.59 -9.83 13.56
N THR D 42 -14.53 -10.66 13.65
CA THR D 42 -14.66 -12.10 13.87
C THR D 42 -14.62 -12.36 15.38
N LEU D 43 -15.60 -13.06 15.95
CA LEU D 43 -15.68 -13.25 17.41
C LEU D 43 -15.34 -14.69 17.73
N LYS D 44 -14.77 -14.94 18.93
CA LYS D 44 -14.47 -16.31 19.34
C LYS D 44 -15.73 -17.04 19.81
N ASN D 45 -15.86 -18.32 19.49
CA ASN D 45 -17.02 -19.14 19.87
C ASN D 45 -18.35 -18.47 19.53
N ASP D 46 -18.53 -18.16 18.24
CA ASP D 46 -19.67 -17.43 17.75
C ASP D 46 -19.97 -17.85 16.32
N ASN D 47 -21.15 -18.42 16.11
CA ASN D 47 -21.59 -18.88 14.81
C ASN D 47 -21.31 -17.83 13.76
N LYS D 48 -21.90 -16.66 13.99
CA LYS D 48 -22.21 -15.68 12.95
C LYS D 48 -21.23 -14.50 12.95
N SER D 49 -20.72 -14.13 14.09
CA SER D 49 -19.79 -13.03 14.18
C SER D 49 -20.47 -11.74 13.76
N LEU D 50 -19.68 -10.68 13.52
CA LEU D 50 -20.17 -9.34 13.22
C LEU D 50 -19.54 -8.82 11.93
N LEU D 51 -19.79 -9.56 10.84
CA LEU D 51 -19.14 -9.43 9.55
C LEU D 51 -20.12 -8.94 8.49
N ASN D 52 -21.40 -9.32 8.65
CA ASN D 52 -22.38 -9.16 7.59
C ASN D 52 -23.79 -9.32 8.18
N ASP D 53 -24.79 -9.29 7.32
CA ASP D 53 -26.20 -9.46 7.65
C ASP D 53 -26.73 -8.31 8.50
N PHE D 54 -26.09 -7.11 8.38
CA PHE D 54 -26.60 -5.92 9.03
C PHE D 54 -27.60 -5.16 8.16
N LYS D 55 -28.46 -4.39 8.80
CA LYS D 55 -29.28 -3.38 8.16
C LYS D 55 -28.99 -2.05 8.86
N ILE D 56 -29.17 -0.94 8.13
CA ILE D 56 -29.03 0.37 8.73
C ILE D 56 -30.35 0.70 9.39
N GLU D 57 -30.32 0.91 10.71
CA GLU D 57 -31.50 1.12 11.53
C GLU D 57 -31.67 2.62 11.62
N ASP D 58 -30.60 3.40 11.59
CA ASP D 58 -30.73 4.83 11.73
C ASP D 58 -29.37 5.44 11.39
N THR D 59 -29.39 6.73 10.96
CA THR D 59 -28.18 7.52 10.90
C THR D 59 -28.43 8.84 11.61
N LYS D 60 -27.33 9.41 12.12
CA LYS D 60 -27.38 10.76 12.69
C LYS D 60 -26.10 11.54 12.32
N THR D 61 -26.24 12.82 12.01
CA THR D 61 -25.15 13.68 11.59
C THR D 61 -25.09 14.87 12.55
N SER D 62 -23.88 15.48 12.64
CA SER D 62 -23.69 16.68 13.43
C SER D 62 -22.36 17.32 13.08
N SER D 63 -22.11 18.51 13.66
CA SER D 63 -20.88 19.26 13.41
C SER D 63 -20.32 19.81 14.70
N PHE D 64 -19.00 19.94 14.74
CA PHE D 64 -18.32 20.42 15.93
C PHE D 64 -17.16 21.30 15.45
N ASP D 65 -16.97 22.43 16.14
CA ASP D 65 -15.85 23.32 15.95
C ASP D 65 -15.60 24.07 17.26
N GLU D 66 -14.60 23.63 18.01
CA GLU D 66 -14.10 24.30 19.20
C GLU D 66 -12.58 24.20 19.22
N ASN D 67 -11.96 25.07 20.01
CA ASN D 67 -10.54 25.13 20.25
C ASN D 67 -10.27 24.67 21.68
N TRP D 68 -9.13 24.02 21.92
CA TRP D 68 -8.72 23.64 23.27
C TRP D 68 -7.24 23.98 23.39
N LYS D 69 -6.78 24.24 24.63
CA LYS D 69 -5.42 24.67 24.97
C LYS D 69 -4.65 23.48 25.53
N PRO D 70 -3.62 22.93 24.86
CA PRO D 70 -2.83 21.85 25.43
C PRO D 70 -2.03 22.34 26.65
N VAL D 71 -1.67 21.43 27.54
CA VAL D 71 -0.79 21.80 28.59
C VAL D 71 0.61 22.11 28.02
N TRP D 72 1.01 21.29 27.05
CA TRP D 72 2.25 21.34 26.32
C TRP D 72 2.02 20.84 24.92
N GLY D 73 2.87 21.30 24.00
CA GLY D 73 2.61 21.00 22.59
C GLY D 73 3.39 21.93 21.63
N GLU D 74 3.00 21.73 20.36
CA GLU D 74 3.59 22.39 19.21
C GLU D 74 2.95 23.75 19.00
N VAL D 75 1.73 23.90 19.53
CA VAL D 75 0.95 25.14 19.41
C VAL D 75 0.23 25.42 20.74
N SER D 76 -0.15 26.67 20.91
CA SER D 76 -0.82 27.15 22.11
C SER D 76 -2.30 26.77 22.10
N SER D 77 -2.89 26.61 20.91
CA SER D 77 -4.33 26.39 20.75
C SER D 77 -4.53 25.44 19.59
N ILE D 78 -5.43 24.49 19.75
CA ILE D 78 -5.65 23.47 18.73
C ILE D 78 -7.13 23.48 18.36
N ARG D 79 -7.39 23.50 17.06
CA ARG D 79 -8.72 23.52 16.50
C ARG D 79 -9.23 22.11 16.23
N ASN D 80 -10.45 21.83 16.75
CA ASN D 80 -11.09 20.50 16.67
C ASN D 80 -12.36 20.70 15.88
N ASN D 81 -12.26 20.47 14.56
CA ASN D 81 -13.29 20.87 13.62
C ASN D 81 -13.60 19.69 12.72
N TYR D 82 -14.82 19.14 12.81
CA TYR D 82 -15.20 17.96 12.03
C TYR D 82 -16.71 17.94 11.82
N ASN D 83 -17.12 17.15 10.83
CA ASN D 83 -18.48 16.68 10.65
C ASN D 83 -18.57 15.21 11.03
N GLU D 84 -19.74 14.79 11.55
CA GLU D 84 -19.86 13.44 12.13
C GLU D 84 -21.05 12.72 11.50
N LEU D 85 -20.85 11.43 11.20
CA LEU D 85 -21.89 10.49 10.80
C LEU D 85 -21.83 9.27 11.73
N ALA D 86 -22.91 9.06 12.48
CA ALA D 86 -23.09 7.85 13.28
C ALA D 86 -24.09 6.93 12.60
N VAL D 87 -23.62 5.73 12.23
CA VAL D 87 -24.51 4.75 11.62
C VAL D 87 -24.86 3.67 12.63
N SER D 88 -26.14 3.55 13.00
CA SER D 88 -26.61 2.47 13.86
C SER D 88 -26.98 1.28 12.99
N LEU D 89 -26.25 0.16 13.18
CA LEU D 89 -26.55 -1.06 12.46
C LEU D 89 -27.29 -2.01 13.40
N SER D 90 -27.97 -2.96 12.77
CA SER D 90 -28.74 -4.02 13.44
C SER D 90 -28.52 -5.33 12.68
N GLN D 91 -28.16 -6.41 13.36
CA GLN D 91 -27.86 -7.65 12.68
C GLN D 91 -29.14 -8.47 12.64
N LYS D 92 -29.38 -9.10 11.48
CA LYS D 92 -30.52 -9.99 11.36
C LYS D 92 -30.27 -11.22 12.24
N GLU D 93 -31.37 -11.84 12.70
CA GLU D 93 -31.39 -13.03 13.55
C GLU D 93 -31.00 -12.74 15.00
N THR D 94 -29.83 -12.15 15.23
CA THR D 94 -29.34 -11.94 16.56
C THR D 94 -29.85 -10.62 17.12
N ASP D 95 -30.30 -9.69 16.27
CA ASP D 95 -30.75 -8.37 16.72
C ASP D 95 -29.65 -7.56 17.42
N ARG D 96 -28.38 -7.84 17.14
CA ARG D 96 -27.30 -7.17 17.86
C ARG D 96 -27.04 -5.80 17.26
N LYS D 97 -26.68 -4.85 18.13
CA LYS D 97 -26.55 -3.46 17.74
C LYS D 97 -25.07 -3.08 17.69
N MET D 98 -24.68 -2.46 16.57
CA MET D 98 -23.32 -1.95 16.46
C MET D 98 -23.37 -0.59 15.76
N ILE D 99 -22.81 0.43 16.40
CA ILE D 99 -22.71 1.77 15.85
C ILE D 99 -21.34 1.96 15.21
N ILE D 100 -21.30 2.47 13.98
CA ILE D 100 -20.03 2.91 13.42
C ILE D 100 -20.05 4.43 13.34
N ARG D 101 -19.11 5.06 14.02
CA ARG D 101 -19.11 6.50 14.09
C ARG D 101 -17.93 7.05 13.27
N PHE D 102 -18.24 7.95 12.32
CA PHE D 102 -17.21 8.59 11.50
C PHE D 102 -17.06 10.06 11.78
N ARG D 103 -15.82 10.52 11.88
CA ARG D 103 -15.50 11.95 11.98
C ARG D 103 -14.57 12.34 10.87
N LEU D 104 -14.98 13.37 10.13
CA LEU D 104 -14.24 13.77 8.93
C LEU D 104 -13.74 15.21 9.12
N PHE D 105 -12.40 15.34 9.14
CA PHE D 105 -11.74 16.63 9.34
C PHE D 105 -11.11 17.11 8.03
N ASP D 106 -10.58 18.32 8.02
CA ASP D 106 -9.81 18.80 6.87
C ASP D 106 -8.51 17.97 6.78
N ASP D 107 -8.03 17.34 7.84
CA ASP D 107 -6.84 16.48 7.72
C ASP D 107 -7.16 15.00 7.43
N GLY D 108 -8.45 14.59 7.46
CA GLY D 108 -8.80 13.22 7.09
C GLY D 108 -9.85 12.60 8.00
N LEU D 109 -9.82 11.28 8.07
CA LEU D 109 -10.95 10.54 8.61
C LEU D 109 -10.53 9.81 9.89
N GLY D 110 -11.45 9.82 10.85
CA GLY D 110 -11.39 8.90 11.98
C GLY D 110 -12.67 8.09 12.10
N PHE D 111 -12.57 6.80 12.40
CA PHE D 111 -13.81 6.09 12.68
C PHE D 111 -13.59 5.08 13.79
N ARG D 112 -14.69 4.79 14.51
CA ARG D 112 -14.65 3.77 15.57
C ARG D 112 -15.94 2.98 15.67
N TYR D 113 -15.89 1.86 16.38
CA TYR D 113 -17.10 1.07 16.53
C TYR D 113 -17.59 1.24 17.97
N GLU D 114 -18.93 1.24 18.18
CA GLU D 114 -19.48 1.35 19.51
C GLU D 114 -20.51 0.23 19.67
N PHE D 115 -20.56 -0.38 20.87
CA PHE D 115 -21.58 -1.34 21.16
C PHE D 115 -22.37 -0.76 22.32
N PRO D 116 -23.64 -0.36 22.12
CA PRO D 116 -24.44 0.13 23.22
C PRO D 116 -24.99 -1.03 24.05
N GLN D 117 -25.56 -0.64 25.21
CA GLN D 117 -26.25 -1.61 26.06
C GLN D 117 -27.38 -2.28 25.27
N GLN D 118 -27.39 -3.62 25.23
CA GLN D 118 -28.42 -4.39 24.58
C GLN D 118 -28.60 -5.75 25.26
N ASN D 119 -29.54 -6.52 24.77
CA ASN D 119 -29.82 -7.78 25.46
C ASN D 119 -29.04 -8.98 24.94
N ASN D 120 -28.53 -8.97 23.70
CA ASN D 120 -28.02 -10.18 23.06
C ASN D 120 -26.50 -10.06 22.88
N LEU D 121 -25.89 -9.08 23.56
CA LEU D 121 -24.45 -8.89 23.50
C LEU D 121 -24.02 -8.14 24.75
N ILE D 122 -23.36 -8.87 25.63
CA ILE D 122 -22.91 -8.33 26.86
C ILE D 122 -21.42 -8.63 26.90
N TYR D 123 -21.04 -9.91 27.19
CA TYR D 123 -19.65 -10.31 27.27
C TYR D 123 -19.29 -11.01 25.98
N PHE D 124 -18.28 -10.50 25.29
CA PHE D 124 -17.79 -11.17 24.10
C PHE D 124 -16.28 -11.01 23.93
N THR D 125 -15.74 -11.89 23.07
CA THR D 125 -14.32 -11.95 22.81
C THR D 125 -14.04 -11.72 21.33
N ILE D 126 -13.17 -10.75 21.01
CA ILE D 126 -12.72 -10.55 19.64
C ILE D 126 -11.64 -11.58 19.29
N LYS D 127 -11.89 -12.36 18.25
CA LYS D 127 -10.86 -13.19 17.69
C LYS D 127 -9.96 -12.40 16.72
N GLU D 128 -10.55 -11.59 15.85
CA GLU D 128 -9.81 -10.74 14.93
C GLU D 128 -10.71 -9.56 14.59
N GLU D 129 -10.10 -8.37 14.49
CA GLU D 129 -10.82 -7.21 13.93
C GLU D 129 -10.74 -7.30 12.42
N ARG D 130 -11.84 -7.04 11.72
CA ARG D 130 -11.90 -7.09 10.26
C ARG D 130 -12.18 -5.69 9.72
N THR D 131 -11.27 -4.76 10.01
CA THR D 131 -11.32 -3.40 9.49
C THR D 131 -10.27 -3.26 8.39
N GLN D 132 -10.75 -2.88 7.20
CA GLN D 132 -9.91 -2.85 6.01
C GLN D 132 -9.52 -1.44 5.62
N PHE D 133 -8.37 -1.36 4.98
CA PHE D 133 -7.97 -0.15 4.29
C PHE D 133 -7.55 -0.51 2.87
N ALA D 134 -8.50 -0.42 1.92
CA ALA D 134 -8.19 -0.78 0.53
C ALA D 134 -7.43 0.37 -0.17
N MET D 135 -6.18 0.09 -0.59
CA MET D 135 -5.35 1.11 -1.21
C MET D 135 -5.70 1.18 -2.69
N ALA D 136 -5.48 2.37 -3.29
CA ALA D 136 -5.78 2.65 -4.69
C ALA D 136 -4.70 2.10 -5.62
N GLY D 137 -3.47 1.91 -5.12
CA GLY D 137 -2.45 1.31 -5.95
C GLY D 137 -1.21 0.95 -5.16
N ASP D 138 -0.12 0.65 -5.87
CA ASP D 138 1.11 0.18 -5.26
C ASP D 138 1.95 1.36 -4.75
N HIS D 139 1.45 1.96 -3.68
CA HIS D 139 2.08 3.10 -3.05
C HIS D 139 3.50 2.74 -2.55
N THR D 140 4.29 3.81 -2.34
CA THR D 140 5.54 3.73 -1.58
C THR D 140 5.19 3.76 -0.07
N ALA D 141 5.84 2.89 0.73
CA ALA D 141 5.60 2.86 2.16
C ALA D 141 6.88 3.00 2.96
N TYR D 142 6.72 3.54 4.16
CA TYR D 142 7.76 3.69 5.15
C TYR D 142 7.27 2.92 6.38
N TRP D 143 7.90 1.78 6.63
CA TRP D 143 7.34 0.72 7.45
C TRP D 143 8.41 0.01 8.28
N ILE D 144 7.91 -0.45 9.45
CA ILE D 144 8.61 -1.44 10.26
C ILE D 144 7.77 -2.73 10.36
N PRO D 145 8.46 -3.87 10.62
CA PRO D 145 7.79 -5.17 10.61
C PRO D 145 6.77 -5.25 11.72
N GLY D 146 5.65 -5.89 11.42
CA GLY D 146 4.65 -6.12 12.45
C GLY D 146 5.18 -6.98 13.62
N ASP D 147 5.03 -6.50 14.86
CA ASP D 147 5.65 -7.14 15.99
C ASP D 147 4.86 -6.86 17.26
N TYR D 148 4.76 -7.89 18.11
CA TYR D 148 3.93 -7.81 19.29
C TYR D 148 4.74 -7.28 20.46
N ASP D 149 6.06 -7.19 20.31
CA ASP D 149 6.89 -6.94 21.49
C ASP D 149 7.94 -5.82 21.35
N THR D 150 8.29 -5.41 20.12
CA THR D 150 9.22 -4.28 19.97
C THR D 150 8.87 -3.50 18.72
N GLN D 151 9.15 -2.19 18.77
CA GLN D 151 9.09 -1.36 17.57
C GLN D 151 10.48 -0.82 17.23
N GLU D 152 11.56 -1.33 17.85
CA GLU D 152 12.90 -0.76 17.70
C GLU D 152 13.58 -1.19 16.39
N TYR D 153 12.87 -1.08 15.26
CA TYR D 153 13.47 -1.38 13.97
C TYR D 153 13.86 -0.11 13.20
N ASN D 154 14.88 -0.22 12.35
CA ASN D 154 15.05 0.67 11.24
C ASN D 154 13.84 0.56 10.33
N TYR D 155 13.48 1.68 9.73
CA TYR D 155 12.44 1.72 8.72
C TYR D 155 12.98 1.16 7.42
N SER D 156 12.06 0.71 6.57
CA SER D 156 12.33 0.38 5.20
C SER D 156 11.46 1.29 4.36
N THR D 157 12.06 1.77 3.22
CA THR D 157 11.32 2.48 2.19
C THR D 157 11.15 1.53 1.02
N SER D 158 9.94 1.20 0.62
CA SER D 158 9.75 0.34 -0.54
C SER D 158 8.32 0.45 -1.11
N LYS D 159 8.03 -0.21 -2.22
CA LYS D 159 6.65 -0.32 -2.65
C LYS D 159 5.96 -1.31 -1.73
N LEU D 160 4.61 -1.30 -1.74
CA LEU D 160 3.82 -2.31 -1.05
C LEU D 160 4.14 -3.72 -1.56
N SER D 161 4.27 -3.88 -2.85
CA SER D 161 4.53 -5.17 -3.47
C SER D 161 5.91 -5.72 -3.12
N GLU D 162 6.80 -4.90 -2.55
CA GLU D 162 8.16 -5.33 -2.27
C GLU D 162 8.32 -5.69 -0.80
N ILE D 163 7.27 -5.43 -0.01
CA ILE D 163 7.36 -5.68 1.42
C ILE D 163 7.67 -7.16 1.69
N ARG D 164 6.95 -8.08 1.03
CA ARG D 164 7.18 -9.50 1.21
C ARG D 164 8.66 -9.88 1.05
N GLY D 165 9.29 -9.48 -0.05
CA GLY D 165 10.64 -9.89 -0.38
C GLY D 165 11.67 -9.24 0.55
N LEU D 166 11.35 -8.01 0.99
CA LEU D 166 12.23 -7.27 1.88
C LEU D 166 12.12 -7.74 3.33
N MET D 167 11.19 -8.65 3.64
CA MET D 167 10.92 -8.97 5.03
C MET D 167 12.01 -9.89 5.60
N GLU D 168 12.65 -10.79 4.82
CA GLU D 168 13.83 -11.52 5.35
C GLU D 168 14.80 -10.55 6.09
N LYS D 169 15.05 -9.33 5.55
CA LYS D 169 16.08 -8.37 5.97
C LYS D 169 15.65 -7.25 6.97
N ALA D 170 14.46 -6.61 6.80
CA ALA D 170 13.99 -5.53 7.70
C ALA D 170 13.75 -5.96 9.16
N TYR D 171 13.43 -7.31 9.40
CA TYR D 171 13.26 -8.10 10.65
C TYR D 171 14.64 -8.52 11.26
N THR D 172 15.36 -7.52 11.82
CA THR D 172 16.64 -7.70 12.52
C THR D 172 16.43 -8.30 13.93
N LYS D 173 17.41 -9.06 14.44
CA LYS D 173 17.35 -9.71 15.74
C LYS D 173 18.17 -8.95 16.81
N ALA D 176 16.16 -8.65 22.80
CA ALA D 176 15.54 -9.33 23.97
C ALA D 176 14.15 -9.94 23.62
N SER D 177 13.17 -9.05 23.41
CA SER D 177 11.77 -9.39 23.16
C SER D 177 11.33 -8.84 21.80
N GLN D 178 10.99 -9.77 20.85
CA GLN D 178 10.33 -9.54 19.57
C GLN D 178 9.51 -10.76 19.09
N THR D 179 8.31 -10.54 18.52
CA THR D 179 7.49 -11.64 17.96
C THR D 179 6.80 -11.14 16.69
N SER D 180 7.22 -11.68 15.50
CA SER D 180 6.63 -11.29 14.20
C SER D 180 5.32 -12.04 14.01
N PHE D 181 4.56 -11.77 12.92
CA PHE D 181 3.27 -12.47 12.73
C PHE D 181 2.96 -12.77 11.27
N SER D 182 3.52 -11.97 10.33
CA SER D 182 3.23 -12.22 8.93
C SER D 182 4.36 -11.75 8.02
N PRO D 183 4.55 -12.41 6.85
CA PRO D 183 5.49 -11.93 5.84
C PRO D 183 5.08 -10.54 5.30
N THR D 184 3.79 -10.18 5.44
CA THR D 184 3.34 -8.88 4.96
C THR D 184 2.75 -8.05 6.10
N GLY D 185 3.20 -8.31 7.34
CA GLY D 185 2.70 -7.52 8.48
C GLY D 185 3.59 -6.33 8.80
N VAL D 186 2.94 -5.21 9.16
CA VAL D 186 3.62 -3.96 9.45
C VAL D 186 2.92 -3.30 10.61
N GLN D 187 3.60 -2.39 11.27
CA GLN D 187 3.06 -1.61 12.36
C GLN D 187 2.48 -0.29 11.88
N THR D 188 1.76 0.38 12.79
CA THR D 188 1.29 1.74 12.64
C THR D 188 1.96 2.53 13.74
N SER D 189 2.06 3.85 13.52
CA SER D 189 1.61 4.55 12.34
C SER D 189 2.40 4.14 11.10
N LEU D 190 1.67 3.95 9.99
CA LEU D 190 2.24 3.56 8.73
C LEU D 190 2.10 4.73 7.77
N MET D 191 3.22 5.07 7.13
CA MET D 191 3.23 6.23 6.26
C MET D 191 3.40 5.76 4.81
N MET D 192 2.67 6.41 3.91
CA MET D 192 2.71 6.03 2.52
C MET D 192 2.67 7.27 1.65
N LYS D 193 3.15 7.08 0.40
CA LYS D 193 3.05 8.08 -0.64
C LYS D 193 2.66 7.40 -1.93
N SER D 194 1.56 7.83 -2.55
CA SER D 194 1.07 7.24 -3.80
C SER D 194 1.94 7.68 -4.99
N GLN D 195 1.82 6.94 -6.09
CA GLN D 195 2.56 7.21 -7.31
C GLN D 195 2.25 8.64 -7.74
N ASP D 196 1.09 9.19 -7.34
CA ASP D 196 0.58 10.45 -7.88
C ASP D 196 0.63 11.54 -6.79
N GLY D 197 1.47 11.38 -5.77
CA GLY D 197 1.79 12.45 -4.80
C GLY D 197 0.79 12.65 -3.64
N LEU D 198 -0.02 11.65 -3.25
CA LEU D 198 -0.80 11.79 -2.02
C LEU D 198 -0.01 11.19 -0.86
N TYR D 199 -0.06 11.86 0.31
CA TYR D 199 0.53 11.34 1.50
C TYR D 199 -0.62 10.82 2.37
N ILE D 200 -0.44 9.56 2.77
CA ILE D 200 -1.48 8.82 3.42
C ILE D 200 -0.93 8.14 4.68
N ASN D 201 -1.56 8.41 5.83
CA ASN D 201 -1.13 7.82 7.08
C ASN D 201 -2.23 6.91 7.64
N LEU D 202 -1.89 5.67 7.98
CA LEU D 202 -2.84 4.83 8.71
C LEU D 202 -2.37 4.69 10.14
N HIS D 203 -3.30 4.94 11.07
CA HIS D 203 -2.96 4.82 12.48
C HIS D 203 -4.25 4.66 13.30
N GLU D 204 -4.16 4.80 14.64
CA GLU D 204 -5.37 4.77 15.49
C GLU D 204 -5.17 5.83 16.57
N ALA D 205 -6.29 6.18 17.20
CA ALA D 205 -6.33 7.09 18.34
C ALA D 205 -7.13 6.53 19.52
N ALA D 206 -6.67 6.89 20.76
CA ALA D 206 -7.33 6.56 22.02
C ALA D 206 -7.34 5.04 22.24
N LEU D 207 -6.16 4.47 22.29
CA LEU D 207 -5.94 3.06 22.53
C LEU D 207 -6.04 2.81 24.04
N ILE D 208 -7.30 2.59 24.46
CA ILE D 208 -7.69 2.39 25.81
C ILE D 208 -8.52 1.13 25.86
N ASN D 209 -8.10 0.23 26.70
CA ASN D 209 -8.90 -0.94 27.03
C ASN D 209 -9.18 -1.81 25.79
N TYR D 210 -8.14 -2.05 25.00
CA TYR D 210 -8.20 -2.73 23.73
C TYR D 210 -6.78 -3.11 23.33
N SER D 211 -6.64 -4.05 22.39
CA SER D 211 -5.35 -4.51 21.89
C SER D 211 -4.84 -3.61 20.76
N CYS D 212 -3.53 -3.41 20.73
CA CYS D 212 -2.84 -2.52 19.81
C CYS D 212 -3.02 -3.04 18.39
N MET D 213 -3.38 -2.16 17.45
CA MET D 213 -3.66 -2.55 16.06
C MET D 213 -2.38 -2.54 15.19
N HIS D 214 -2.09 -3.66 14.50
CA HIS D 214 -1.09 -3.75 13.45
C HIS D 214 -1.81 -3.90 12.09
N LEU D 215 -1.08 -3.96 10.97
CA LEU D 215 -1.77 -4.10 9.71
C LEU D 215 -1.14 -5.22 8.97
N ASN D 216 -2.00 -6.02 8.37
CA ASN D 216 -1.53 -7.10 7.53
C ASN D 216 -1.93 -6.76 6.11
N LEU D 217 -0.94 -6.86 5.21
CA LEU D 217 -1.15 -6.51 3.81
C LEU D 217 -1.46 -7.74 2.98
N ASP D 218 -2.58 -7.67 2.27
CA ASP D 218 -2.86 -8.54 1.13
C ASP D 218 -2.22 -7.88 -0.09
N ASP D 219 -1.12 -8.48 -0.59
CA ASP D 219 -0.31 -7.86 -1.63
C ASP D 219 -0.71 -8.31 -3.03
N LYS D 220 -1.80 -9.09 -3.14
CA LYS D 220 -2.49 -9.28 -4.41
C LYS D 220 -3.39 -8.06 -4.73
N ASN D 221 -4.24 -7.57 -3.82
CA ASN D 221 -5.22 -6.51 -4.07
C ASN D 221 -4.88 -5.19 -3.32
N PHE D 222 -3.74 -5.14 -2.63
CA PHE D 222 -3.30 -3.94 -1.94
C PHE D 222 -4.35 -3.50 -0.89
N VAL D 223 -4.80 -4.44 -0.07
CA VAL D 223 -5.69 -4.17 1.03
C VAL D 223 -4.99 -4.50 2.36
N PHE D 224 -4.87 -3.48 3.21
CA PHE D 224 -4.49 -3.67 4.61
C PHE D 224 -5.72 -4.07 5.44
N GLU D 225 -5.48 -4.94 6.42
CA GLU D 225 -6.51 -5.38 7.37
C GLU D 225 -5.95 -5.35 8.79
N SER D 226 -6.72 -4.76 9.70
CA SER D 226 -6.43 -4.72 11.14
C SER D 226 -6.03 -6.09 11.67
N TRP D 227 -4.85 -6.20 12.24
CA TRP D 227 -4.33 -7.41 12.86
C TRP D 227 -3.92 -7.01 14.26
N LEU D 228 -4.79 -7.27 15.24
CA LEU D 228 -4.60 -6.86 16.62
C LEU D 228 -3.67 -7.80 17.31
N THR D 229 -3.18 -7.40 18.50
CA THR D 229 -2.11 -8.13 19.20
C THR D 229 -2.72 -9.20 20.12
N PRO D 230 -2.35 -10.48 20.03
CA PRO D 230 -2.86 -11.49 20.97
C PRO D 230 -2.37 -11.31 22.39
N ASP D 231 -3.25 -11.66 23.33
CA ASP D 231 -2.87 -11.68 24.75
C ASP D 231 -2.28 -13.05 25.03
N SER D 232 -2.18 -13.39 26.30
CA SER D 232 -1.42 -14.56 26.66
C SER D 232 -2.20 -15.83 26.35
N HIS D 233 -3.53 -15.69 26.17
CA HIS D 233 -4.39 -16.82 25.85
C HIS D 233 -4.67 -16.79 24.33
N GLY D 234 -4.05 -15.90 23.57
CA GLY D 234 -4.27 -15.84 22.14
C GLY D 234 -5.51 -15.06 21.74
N ASP D 235 -6.18 -14.31 22.63
CA ASP D 235 -7.36 -13.56 22.24
C ASP D 235 -7.00 -12.11 21.90
N LYS D 236 -7.96 -11.40 21.30
CA LYS D 236 -7.72 -10.03 20.81
C LYS D 236 -8.77 -9.00 21.23
N GLY D 237 -9.21 -9.09 22.50
CA GLY D 237 -10.14 -8.14 23.10
C GLY D 237 -11.20 -8.88 23.91
N LYS D 238 -11.06 -8.81 25.23
CA LYS D 238 -12.11 -9.22 26.16
C LYS D 238 -13.01 -8.03 26.35
N MET D 239 -14.22 -8.09 25.78
CA MET D 239 -15.09 -6.96 25.72
C MET D 239 -16.33 -7.19 26.58
N GLN D 240 -16.87 -6.04 27.02
CA GLN D 240 -18.12 -5.96 27.74
C GLN D 240 -18.88 -4.71 27.28
N ALA D 241 -20.02 -4.93 26.57
CA ALA D 241 -20.92 -3.82 26.29
C ALA D 241 -21.61 -3.25 27.53
N PRO D 242 -21.86 -1.92 27.61
CA PRO D 242 -21.49 -0.93 26.54
C PRO D 242 -20.00 -0.60 26.56
N CYS D 243 -19.38 -0.60 25.37
CA CYS D 243 -17.96 -0.34 25.16
C CYS D 243 -17.75 0.23 23.74
N LYS D 244 -16.52 0.65 23.43
CA LYS D 244 -16.15 1.09 22.09
C LYS D 244 -14.71 0.77 21.69
N THR D 245 -14.42 0.65 20.38
CA THR D 245 -13.02 0.58 19.92
C THR D 245 -12.31 1.92 19.97
N PRO D 246 -10.99 1.89 19.89
CA PRO D 246 -10.20 3.06 19.51
C PRO D 246 -10.62 3.44 18.11
N TRP D 247 -10.27 4.68 17.76
CA TRP D 247 -10.52 5.22 16.42
C TRP D 247 -9.49 4.62 15.52
N ARG D 248 -9.86 4.47 14.23
CA ARG D 248 -8.88 4.23 13.18
C ARG D 248 -8.79 5.52 12.34
N THR D 249 -7.56 5.90 11.97
CA THR D 249 -7.30 7.20 11.36
C THR D 249 -6.59 7.05 10.02
N VAL D 250 -7.06 7.86 9.06
CA VAL D 250 -6.56 7.96 7.70
C VAL D 250 -6.31 9.43 7.49
N ILE D 251 -5.06 9.83 7.68
CA ILE D 251 -4.66 11.22 7.57
C ILE D 251 -4.04 11.40 6.20
N VAL D 252 -4.56 12.35 5.43
CA VAL D 252 -4.21 12.52 4.02
C VAL D 252 -4.02 13.98 3.67
N SER D 253 -3.05 14.24 2.79
CA SER D 253 -2.84 15.56 2.22
C SER D 253 -1.97 15.39 0.96
N ASP D 254 -2.10 16.36 0.05
CA ASP D 254 -1.25 16.51 -1.10
C ASP D 254 0.07 17.23 -0.77
N ASP D 255 0.18 17.70 0.49
CA ASP D 255 1.35 18.39 0.99
C ASP D 255 1.81 17.62 2.20
N ALA D 256 3.05 17.08 2.11
CA ALA D 256 3.60 16.22 3.12
C ALA D 256 3.62 16.95 4.46
N ARG D 257 3.74 18.29 4.40
CA ARG D 257 3.93 19.03 5.62
C ARG D 257 2.68 18.99 6.50
N ASN D 258 1.51 18.84 5.90
CA ASN D 258 0.26 18.90 6.65
C ASN D 258 0.08 17.61 7.47
N ILE D 259 0.70 16.52 7.04
CA ILE D 259 0.72 15.27 7.79
C ILE D 259 1.34 15.54 9.16
N LEU D 260 2.48 16.24 9.13
CA LEU D 260 3.22 16.53 10.34
C LEU D 260 2.46 17.49 11.22
N ALA D 261 1.73 18.41 10.62
CA ALA D 261 1.06 19.44 11.40
C ALA D 261 -0.27 18.95 11.99
N SER D 262 -0.78 17.84 11.48
CA SER D 262 -2.12 17.43 11.92
C SER D 262 -2.15 17.24 13.45
N LYS D 263 -3.25 17.69 14.06
CA LYS D 263 -3.60 17.38 15.43
C LYS D 263 -4.81 16.41 15.51
N LEU D 264 -5.18 15.80 14.38
CA LEU D 264 -6.32 14.90 14.33
C LEU D 264 -6.22 13.77 15.40
N THR D 265 -5.01 13.20 15.54
CA THR D 265 -4.85 12.14 16.53
C THR D 265 -5.28 12.68 17.91
N TYR D 266 -4.80 13.89 18.27
CA TYR D 266 -5.11 14.44 19.58
C TYR D 266 -6.60 14.75 19.68
N ASN D 267 -7.15 15.21 18.58
CA ASN D 267 -8.51 15.70 18.58
C ASN D 267 -9.49 14.59 18.89
N LEU D 268 -9.13 13.34 18.56
CA LEU D 268 -10.03 12.22 18.72
C LEU D 268 -9.92 11.61 20.14
N ASN D 269 -9.05 12.16 21.00
CA ASN D 269 -8.93 11.71 22.37
C ASN D 269 -9.80 12.61 23.24
N GLU D 270 -10.25 12.09 24.39
CA GLU D 270 -11.11 12.83 25.30
C GLU D 270 -10.31 13.98 25.89
N PRO D 271 -10.92 15.14 26.20
CA PRO D 271 -10.26 16.23 26.93
C PRO D 271 -9.57 15.80 28.22
N SER D 272 -8.55 16.57 28.61
CA SER D 272 -7.78 16.37 29.82
C SER D 272 -8.66 15.94 31.01
N LYS D 273 -8.26 14.90 31.77
CA LYS D 273 -8.89 14.56 33.04
C LYS D 273 -8.06 15.03 34.23
N ILE D 274 -6.95 15.72 33.96
CA ILE D 274 -6.23 16.45 34.99
C ILE D 274 -6.71 17.91 35.01
N GLN D 275 -7.35 18.33 36.12
CA GLN D 275 -7.97 19.63 36.29
C GLN D 275 -6.91 20.70 36.50
N GLU D 276 -5.98 20.50 37.42
CA GLU D 276 -4.89 21.45 37.69
C GLU D 276 -3.56 20.90 37.11
N THR D 277 -2.98 21.51 36.04
CA THR D 277 -1.88 20.89 35.27
C THR D 277 -0.57 21.62 35.41
N SER D 278 -0.45 22.63 36.30
CA SER D 278 0.75 23.43 36.32
C SER D 278 1.95 22.65 36.86
N TRP D 279 1.75 21.47 37.52
CA TRP D 279 2.82 20.66 38.02
C TRP D 279 3.50 19.90 36.88
N ILE D 280 2.87 19.93 35.69
CA ILE D 280 3.36 19.20 34.54
C ILE D 280 4.32 20.13 33.82
N LYS D 281 5.59 19.76 33.81
CA LYS D 281 6.61 20.72 33.42
C LYS D 281 7.46 20.13 32.29
N PRO D 282 7.34 20.66 31.05
CA PRO D 282 8.32 20.34 30.02
C PRO D 282 9.74 20.48 30.59
N THR D 283 10.66 19.63 30.17
CA THR D 283 11.89 19.39 30.88
C THR D 283 13.02 19.20 29.85
N LYS D 284 14.15 19.86 30.12
CA LYS D 284 15.38 19.59 29.38
C LYS D 284 16.34 18.93 30.33
N TYR D 285 17.02 17.83 29.96
CA TYR D 285 17.71 17.07 31.01
C TYR D 285 18.98 16.46 30.50
N VAL D 286 19.89 16.17 31.43
CA VAL D 286 21.07 15.36 31.14
C VAL D 286 20.91 14.07 31.95
N GLY D 287 21.86 13.14 31.82
CA GLY D 287 21.85 12.03 32.77
C GLY D 287 23.07 11.06 32.77
N VAL D 288 23.14 10.31 33.87
CA VAL D 288 23.98 9.15 33.98
C VAL D 288 23.24 8.06 33.25
N TRP D 289 23.61 7.92 31.99
CA TRP D 289 22.84 7.16 31.04
C TRP D 289 23.70 6.64 29.91
N TRP D 290 24.19 7.54 29.09
CA TRP D 290 24.90 7.16 27.88
C TRP D 290 26.16 6.43 28.27
N GLU D 291 26.74 6.76 29.44
CA GLU D 291 27.86 5.96 29.92
C GLU D 291 27.61 4.44 29.86
N MET D 292 26.42 3.99 30.33
CA MET D 292 26.14 2.56 30.37
C MET D 292 25.74 2.09 28.97
N ILE D 293 24.99 2.91 28.23
CA ILE D 293 24.53 2.55 26.90
C ILE D 293 25.70 2.28 25.97
N SER D 294 26.77 3.06 26.12
CA SER D 294 27.93 3.03 25.22
C SER D 294 29.06 2.22 25.81
N GLY D 295 28.86 1.51 26.94
CA GLY D 295 29.83 0.49 27.37
C GLY D 295 30.99 1.07 28.20
N LYS D 296 30.83 2.25 28.81
CA LYS D 296 31.87 2.77 29.65
C LYS D 296 31.68 2.43 31.14
N SER D 297 30.44 2.33 31.55
CA SER D 297 30.02 2.03 32.91
C SER D 297 28.99 0.91 32.88
N THR D 298 28.66 0.40 34.07
CA THR D 298 27.60 -0.58 34.28
C THR D 298 26.44 0.01 35.07
N TRP D 299 25.27 -0.57 34.86
CA TRP D 299 24.12 -0.34 35.74
C TRP D 299 24.30 -1.01 37.12
N SER D 300 25.06 -2.09 37.12
CA SER D 300 25.32 -2.92 38.27
C SER D 300 26.37 -2.34 39.21
N TYR D 301 26.29 -2.70 40.50
CA TYR D 301 27.24 -2.33 41.53
C TYR D 301 28.34 -3.36 41.69
N THR D 302 28.03 -4.69 41.60
CA THR D 302 29.01 -5.76 41.89
C THR D 302 28.86 -6.88 40.88
N ASP D 303 29.92 -7.66 40.77
CA ASP D 303 30.08 -8.79 39.86
C ASP D 303 30.39 -10.02 40.69
N GLU D 304 30.45 -9.89 42.02
CA GLU D 304 30.81 -11.00 42.89
C GLU D 304 29.94 -12.25 42.69
N PHE D 305 28.68 -12.09 42.31
CA PHE D 305 27.66 -13.13 42.43
C PHE D 305 27.19 -13.62 41.05
N PRO D 306 26.92 -14.92 40.88
CA PRO D 306 26.25 -15.36 39.67
C PRO D 306 24.85 -14.77 39.53
N SER D 307 24.06 -14.62 40.59
CA SER D 307 22.77 -13.93 40.51
C SER D 307 22.57 -13.24 41.85
N VAL D 308 21.61 -12.33 41.93
CA VAL D 308 21.30 -11.69 43.18
C VAL D 308 19.86 -12.02 43.57
N GLN D 309 19.60 -11.95 44.89
CA GLN D 309 18.27 -12.16 45.44
C GLN D 309 17.94 -11.00 46.35
N LEU D 310 16.99 -10.16 45.95
CA LEU D 310 16.76 -8.97 46.78
C LEU D 310 16.26 -9.35 48.17
N GLY D 311 16.77 -8.60 49.15
CA GLY D 311 16.61 -8.87 50.56
C GLY D 311 17.43 -10.03 51.10
N VAL D 312 18.27 -10.67 50.28
CA VAL D 312 19.16 -11.76 50.73
C VAL D 312 20.60 -11.35 50.43
N THR D 313 20.91 -11.04 49.18
CA THR D 313 22.22 -10.51 48.83
C THR D 313 22.49 -9.24 49.64
N ASP D 314 23.63 -9.15 50.37
CA ASP D 314 23.95 -7.95 51.13
C ASP D 314 24.93 -7.11 50.34
N PHE D 315 24.37 -6.07 49.68
CA PHE D 315 25.15 -5.20 48.82
C PHE D 315 26.22 -4.40 49.59
N SER D 316 25.91 -3.98 50.84
CA SER D 316 26.80 -3.23 51.72
C SER D 316 28.10 -4.01 51.92
N LYS D 317 28.10 -5.32 51.72
CA LYS D 317 29.28 -6.18 51.97
C LYS D 317 29.81 -6.83 50.69
N ALA D 318 29.23 -6.50 49.56
CA ALA D 318 29.70 -7.06 48.29
C ALA D 318 30.90 -6.26 47.80
N LYS D 319 31.77 -6.91 47.04
CA LYS D 319 32.88 -6.25 46.35
C LYS D 319 32.32 -5.36 45.23
N PRO D 320 32.58 -4.03 45.29
CA PRO D 320 32.17 -3.14 44.21
C PRO D 320 32.91 -3.59 42.97
N ASN D 321 32.27 -3.63 41.79
CA ASN D 321 32.98 -3.90 40.54
C ASN D 321 33.73 -2.66 40.04
N ARG D 322 33.41 -1.49 40.62
CA ARG D 322 34.11 -0.25 40.32
C ARG D 322 33.83 0.27 38.91
N LYS D 323 32.76 -0.20 38.25
CA LYS D 323 32.41 0.32 36.93
C LYS D 323 31.05 1.02 37.01
N HIS D 324 30.47 1.08 38.21
CA HIS D 324 29.08 1.45 38.36
C HIS D 324 28.90 2.93 38.02
N GLY D 325 27.91 3.30 37.25
CA GLY D 325 27.74 4.68 36.83
C GLY D 325 27.13 5.56 37.93
N ALA D 326 26.13 5.03 38.67
CA ALA D 326 25.33 5.85 39.52
C ALA D 326 25.97 5.96 40.91
N THR D 327 27.20 6.50 40.96
CA THR D 327 27.83 6.88 42.21
C THR D 327 27.37 8.28 42.57
N THR D 328 27.33 8.54 43.89
CA THR D 328 27.08 9.86 44.41
C THR D 328 28.03 10.86 43.77
N ALA D 329 29.34 10.61 43.65
CA ALA D 329 30.26 11.63 43.08
C ALA D 329 29.90 11.88 41.61
N ASN D 330 29.59 10.83 40.88
CA ASN D 330 29.32 10.98 39.45
C ASN D 330 27.98 11.73 39.25
N VAL D 331 26.94 11.41 40.03
CA VAL D 331 25.68 12.13 39.92
C VAL D 331 25.86 13.62 40.21
N LYS D 332 26.62 13.97 41.25
CA LYS D 332 27.00 15.37 41.56
C LYS D 332 27.59 16.09 40.36
N ARG D 333 28.46 15.43 39.61
CA ARG D 333 29.06 16.06 38.44
C ARG D 333 27.95 16.40 37.45
N TYR D 334 26.99 15.49 37.24
CA TYR D 334 25.95 15.79 36.27
C TYR D 334 25.01 16.88 36.81
N ILE D 335 24.72 16.89 38.11
CA ILE D 335 23.96 17.95 38.71
C ILE D 335 24.64 19.29 38.50
N ASP D 336 25.96 19.35 38.76
CA ASP D 336 26.79 20.55 38.62
C ASP D 336 26.68 21.08 37.19
N PHE D 337 26.80 20.16 36.23
CA PHE D 337 26.73 20.47 34.82
C PHE D 337 25.33 20.95 34.47
N ALA D 338 24.29 20.26 34.97
CA ALA D 338 22.95 20.70 34.64
C ALA D 338 22.69 22.12 35.14
N ALA D 339 23.10 22.41 36.37
CA ALA D 339 22.83 23.69 37.02
C ALA D 339 23.58 24.80 36.31
N LYS D 340 24.85 24.55 35.95
CA LYS D 340 25.69 25.48 35.21
C LYS D 340 25.03 25.90 33.89
N ASN D 341 24.27 25.01 33.25
CA ASN D 341 23.87 25.19 31.86
C ASN D 341 22.37 25.36 31.72
N GLY D 342 21.67 25.59 32.82
CA GLY D 342 20.25 25.90 32.74
C GLY D 342 19.36 24.69 32.48
N PHE D 343 19.87 23.46 32.67
CA PHE D 343 19.02 22.28 32.50
C PHE D 343 18.14 22.12 33.76
N ASP D 344 16.95 21.58 33.55
CA ASP D 344 15.96 21.31 34.61
C ASP D 344 16.29 20.08 35.44
N ALA D 345 16.89 19.03 34.86
CA ALA D 345 16.89 17.73 35.53
C ALA D 345 18.03 16.80 35.09
N VAL D 346 18.23 15.76 35.89
CA VAL D 346 19.17 14.71 35.64
C VAL D 346 18.53 13.34 35.88
N LEU D 347 18.58 12.52 34.85
CA LEU D 347 18.14 11.15 34.93
C LEU D 347 19.32 10.38 35.52
N VAL D 348 18.98 9.38 36.36
CA VAL D 348 20.02 8.49 36.85
C VAL D 348 19.49 7.07 36.77
N GLU D 349 20.22 6.24 36.05
CA GLU D 349 19.94 4.83 35.96
C GLU D 349 20.98 4.01 36.69
N GLY D 350 20.53 2.87 37.23
CA GLY D 350 21.36 1.96 37.98
C GLY D 350 21.47 2.38 39.44
N TRP D 351 20.51 3.22 39.91
CA TRP D 351 20.57 3.73 41.28
C TRP D 351 20.19 2.69 42.32
N ASN D 352 19.46 1.63 41.91
CA ASN D 352 18.74 0.77 42.81
C ASN D 352 19.24 -0.68 42.75
N GLU D 353 19.13 -1.38 43.88
CA GLU D 353 19.53 -2.79 43.93
C GLU D 353 18.81 -3.58 42.82
N GLY D 354 19.58 -4.44 42.12
CA GLY D 354 19.05 -5.50 41.28
C GLY D 354 19.66 -5.55 39.88
N TRP D 355 20.44 -4.52 39.50
CA TRP D 355 20.81 -4.38 38.10
C TRP D 355 21.73 -5.49 37.66
N GLU D 356 22.32 -6.25 38.59
CA GLU D 356 23.15 -7.39 38.22
C GLU D 356 22.39 -8.37 37.34
N ASP D 357 21.05 -8.42 37.43
CA ASP D 357 20.25 -9.41 36.72
C ASP D 357 19.22 -8.73 35.80
N TRP D 358 19.45 -7.51 35.37
CA TRP D 358 18.34 -6.75 34.78
C TRP D 358 17.83 -7.25 33.42
N ILE D 359 18.68 -7.97 32.67
CA ILE D 359 18.33 -8.33 31.30
C ILE D 359 18.46 -9.82 31.07
N GLY D 360 17.38 -10.37 30.49
CA GLY D 360 17.37 -11.65 29.83
C GLY D 360 17.12 -12.85 30.73
N HIS D 361 16.68 -12.63 31.99
CA HIS D 361 16.56 -13.74 32.92
C HIS D 361 15.09 -14.06 33.17
N GLU D 362 14.15 -13.26 32.68
CA GLU D 362 12.73 -13.48 32.87
C GLU D 362 12.44 -13.63 34.36
N LYS D 363 12.90 -12.63 35.12
CA LYS D 363 12.98 -12.72 36.56
C LYS D 363 11.93 -11.77 37.16
N ASP D 364 11.13 -12.33 38.07
CA ASP D 364 10.00 -11.73 38.69
C ASP D 364 10.43 -10.63 39.63
N TYR D 365 11.05 -11.01 40.77
CA TYR D 365 11.42 -10.05 41.79
C TYR D 365 12.78 -9.48 41.43
N VAL D 366 12.80 -8.67 40.38
CA VAL D 366 14.04 -8.24 39.76
C VAL D 366 14.50 -6.90 40.36
N PHE D 367 13.52 -6.05 40.73
CA PHE D 367 13.80 -4.82 41.42
C PHE D 367 12.73 -4.57 42.45
N ASP D 368 13.04 -3.67 43.41
CA ASP D 368 12.07 -3.19 44.37
C ASP D 368 11.78 -1.70 44.20
N PHE D 369 12.53 -0.96 43.39
CA PHE D 369 12.17 0.41 43.02
C PHE D 369 12.28 1.38 44.20
N VAL D 370 12.86 0.92 45.33
CA VAL D 370 13.00 1.76 46.52
C VAL D 370 14.39 1.70 47.16
N THR D 371 15.16 0.64 46.98
CA THR D 371 16.36 0.46 47.79
C THR D 371 17.59 0.92 47.02
N PRO D 372 18.24 2.04 47.39
CA PRO D 372 19.49 2.48 46.73
C PRO D 372 20.69 1.56 46.90
N TYR D 373 21.55 1.52 45.86
CA TYR D 373 22.83 0.84 46.02
C TYR D 373 23.65 1.56 47.10
N PRO D 374 24.63 0.91 47.70
CA PRO D 374 25.39 1.56 48.78
C PRO D 374 26.16 2.83 48.40
N ASP D 375 26.44 3.00 47.10
CA ASP D 375 27.29 4.06 46.61
C ASP D 375 26.44 5.23 46.08
N PHE D 376 25.14 5.14 46.25
CA PHE D 376 24.18 6.16 45.86
C PHE D 376 23.42 6.70 47.07
N ASP D 377 23.68 7.98 47.39
CA ASP D 377 23.16 8.67 48.57
C ASP D 377 21.85 9.37 48.19
N ILE D 378 20.73 8.66 48.30
CA ILE D 378 19.51 9.22 47.77
C ILE D 378 19.12 10.52 48.47
N LYS D 379 19.31 10.59 49.77
CA LYS D 379 18.94 11.79 50.53
C LYS D 379 19.82 12.98 50.16
N GLY D 380 21.14 12.86 50.30
CA GLY D 380 22.08 13.92 49.96
C GLY D 380 21.95 14.39 48.52
N LEU D 381 21.78 13.48 47.57
CA LEU D 381 21.85 13.85 46.16
C LEU D 381 20.61 14.65 45.81
N ASN D 382 19.47 14.24 46.41
CA ASN D 382 18.24 14.95 46.07
C ASN D 382 18.32 16.36 46.67
N GLU D 383 18.78 16.49 47.91
CA GLU D 383 19.01 17.76 48.56
C GLU D 383 19.99 18.63 47.76
N TYR D 384 21.05 18.02 47.28
CA TYR D 384 22.10 18.73 46.54
C TYR D 384 21.51 19.28 45.25
N ALA D 385 20.66 18.50 44.58
CA ALA D 385 20.11 18.93 43.31
C ALA D 385 19.18 20.10 43.54
N HIS D 386 18.31 20.01 44.55
CA HIS D 386 17.28 21.01 44.83
C HIS D 386 17.96 22.32 45.24
N ALA D 387 19.08 22.20 45.96
CA ALA D 387 19.82 23.38 46.35
C ALA D 387 20.32 24.13 45.11
N LYS D 388 20.53 23.42 44.00
CA LYS D 388 21.07 23.99 42.77
C LYS D 388 19.96 24.10 41.72
N LYS D 389 18.69 23.99 42.12
CA LYS D 389 17.60 24.38 41.21
C LYS D 389 17.38 23.26 40.20
N VAL D 390 17.69 22.03 40.59
CA VAL D 390 17.63 20.93 39.66
C VAL D 390 16.85 19.78 40.28
N LYS D 391 16.20 18.96 39.45
CA LYS D 391 15.52 17.79 39.93
C LYS D 391 16.21 16.55 39.36
N LEU D 392 16.05 15.42 40.07
CA LEU D 392 16.44 14.16 39.48
C LEU D 392 15.18 13.55 38.88
N ILE D 393 15.41 12.75 37.86
CA ILE D 393 14.36 11.96 37.24
C ILE D 393 14.52 10.51 37.70
N MET D 394 13.43 9.97 38.17
CA MET D 394 13.41 8.63 38.68
C MET D 394 13.45 7.68 37.49
N HIS D 395 14.05 6.54 37.69
CA HIS D 395 14.09 5.45 36.70
C HIS D 395 13.53 4.19 37.33
N HIS D 396 12.49 3.63 36.66
CA HIS D 396 11.84 2.40 37.08
C HIS D 396 11.82 1.41 35.93
N GLU D 397 13.00 0.88 35.57
CA GLU D 397 13.05 -0.28 34.71
C GLU D 397 12.39 -1.46 35.41
N THR D 398 11.50 -2.18 34.68
CA THR D 398 10.73 -3.27 35.22
C THR D 398 11.27 -4.61 34.76
N SER D 399 12.00 -4.60 33.66
CA SER D 399 12.55 -5.83 33.10
C SER D 399 11.44 -6.81 32.79
N GLY D 400 10.27 -6.28 32.43
CA GLY D 400 9.18 -7.13 31.96
C GLY D 400 8.27 -7.65 33.09
N ALA D 401 8.65 -7.42 34.32
CA ALA D 401 8.00 -8.08 35.47
C ALA D 401 6.90 -7.19 35.96
N VAL D 402 5.77 -7.21 35.25
CA VAL D 402 4.71 -6.21 35.45
C VAL D 402 4.05 -6.39 36.81
N ARG D 403 3.71 -7.64 37.19
CA ARG D 403 3.13 -7.89 38.51
C ARG D 403 4.08 -7.34 39.58
N ASN D 404 5.42 -7.60 39.43
CA ASN D 404 6.36 -7.05 40.37
C ASN D 404 6.31 -5.51 40.43
N TYR D 405 6.14 -4.81 39.29
CA TYR D 405 6.10 -3.35 39.34
C TYR D 405 4.81 -2.86 40.03
N GLU D 406 3.64 -3.40 39.60
CA GLU D 406 2.35 -3.03 40.22
C GLU D 406 2.39 -3.17 41.74
N ARG D 407 2.97 -4.21 42.26
CA ARG D 407 2.91 -4.37 43.71
C ARG D 407 3.81 -3.36 44.42
N HIS D 408 4.92 -2.92 43.80
CA HIS D 408 5.80 -1.93 44.40
C HIS D 408 5.42 -0.50 44.01
N MET D 409 4.49 -0.33 43.11
CA MET D 409 4.25 0.99 42.51
C MET D 409 3.88 2.08 43.50
N ASP D 410 2.94 1.82 44.42
CA ASP D 410 2.55 2.85 45.39
C ASP D 410 3.75 3.27 46.25
N ALA D 411 4.44 2.30 46.77
CA ALA D 411 5.63 2.55 47.58
C ALA D 411 6.69 3.36 46.78
N ALA D 412 6.82 3.06 45.48
CA ALA D 412 7.85 3.69 44.66
C ALA D 412 7.50 5.13 44.34
N TYR D 413 6.22 5.39 44.06
CA TYR D 413 5.77 6.75 43.78
C TYR D 413 5.84 7.54 45.08
N LYS D 414 5.56 6.92 46.25
CA LYS D 414 5.60 7.64 47.50
C LYS D 414 7.03 8.09 47.74
N LEU D 415 7.99 7.23 47.43
CA LEU D 415 9.36 7.59 47.65
C LEU D 415 9.75 8.75 46.72
N MET D 416 9.32 8.72 45.45
CA MET D 416 9.48 9.84 44.55
C MET D 416 9.04 11.15 45.21
N LYS D 417 7.81 11.19 45.69
CA LYS D 417 7.29 12.40 46.30
C LYS D 417 8.13 12.82 47.51
N GLN D 418 8.47 11.88 48.35
CA GLN D 418 9.19 12.19 49.55
C GLN D 418 10.54 12.84 49.23
N TYR D 419 11.21 12.52 48.13
CA TYR D 419 12.51 13.14 47.83
C TYR D 419 12.45 14.19 46.71
N GLY D 420 11.25 14.55 46.20
CA GLY D 420 11.15 15.64 45.26
C GLY D 420 11.40 15.25 43.80
N TYR D 421 11.29 13.96 43.49
CA TYR D 421 11.18 13.56 42.11
C TYR D 421 9.73 13.75 41.60
N ASP D 422 9.58 14.38 40.42
CA ASP D 422 8.26 14.62 39.87
C ASP D 422 8.06 13.90 38.54
N ALA D 423 9.04 13.14 38.10
CA ALA D 423 8.93 12.48 36.82
C ALA D 423 9.66 11.14 36.87
N VAL D 424 9.19 10.17 36.10
CA VAL D 424 9.78 8.85 36.13
C VAL D 424 9.90 8.34 34.72
N LYS D 425 11.07 7.78 34.43
CA LYS D 425 11.25 7.02 33.18
C LYS D 425 11.08 5.53 33.51
N SER D 426 10.11 4.87 32.91
CA SER D 426 9.87 3.48 33.18
C SER D 426 10.46 2.68 32.00
N GLY D 427 10.63 1.37 32.18
CA GLY D 427 10.98 0.49 31.08
C GLY D 427 10.35 -0.90 31.17
N TYR D 428 10.23 -1.58 30.01
CA TYR D 428 9.67 -2.93 29.92
C TYR D 428 10.56 -3.80 29.04
N VAL D 429 11.86 -3.91 29.37
CA VAL D 429 12.80 -4.68 28.58
C VAL D 429 12.75 -6.15 28.92
N GLY D 430 12.72 -6.99 27.89
CA GLY D 430 12.57 -8.41 28.07
C GLY D 430 11.12 -8.87 27.87
N ASN D 431 10.92 -10.18 27.79
CA ASN D 431 9.59 -10.75 27.63
C ASN D 431 8.76 -10.37 28.85
N ILE D 432 7.53 -9.94 28.57
CA ILE D 432 6.59 -9.68 29.65
C ILE D 432 6.28 -11.00 30.37
N LEU D 433 6.23 -10.90 31.70
CA LEU D 433 5.95 -12.03 32.57
C LEU D 433 4.50 -12.03 33.01
N PRO D 434 3.89 -13.21 33.11
CA PRO D 434 4.55 -14.50 32.79
C PRO D 434 4.68 -14.75 31.28
N LEU D 435 5.59 -15.65 30.93
CA LEU D 435 5.87 -15.92 29.54
C LEU D 435 4.57 -16.23 28.80
N GLY D 436 4.45 -15.59 27.60
CA GLY D 436 3.34 -15.82 26.71
C GLY D 436 2.57 -14.51 26.52
N GLU D 437 2.71 -13.64 27.52
CA GLU D 437 2.20 -12.28 27.42
C GLU D 437 3.01 -11.52 26.35
N THR D 438 2.37 -10.50 25.79
CA THR D 438 2.95 -9.64 24.75
C THR D 438 2.95 -8.22 25.24
N HIS D 439 3.90 -7.44 24.72
CA HIS D 439 4.01 -6.07 25.20
C HIS D 439 2.81 -5.19 24.80
N TYR D 440 2.07 -5.47 23.71
CA TYR D 440 1.00 -4.58 23.24
C TYR D 440 -0.39 -5.21 23.28
N SER D 441 -0.62 -6.25 24.06
CA SER D 441 -1.94 -6.82 24.23
C SER D 441 -2.87 -5.84 24.95
N GLN D 442 -4.18 -6.16 24.95
CA GLN D 442 -5.15 -5.41 25.75
C GLN D 442 -4.74 -5.42 27.22
N TRP D 443 -4.24 -6.57 27.66
CA TRP D 443 -3.90 -6.83 29.04
C TRP D 443 -2.70 -5.99 29.46
N THR D 444 -1.60 -6.02 28.68
CA THR D 444 -0.42 -5.22 29.06
C THR D 444 -0.73 -3.76 28.80
N ASN D 445 -1.56 -3.46 27.77
CA ASN D 445 -1.84 -2.05 27.54
C ASN D 445 -2.55 -1.45 28.73
N ASN D 446 -3.33 -2.26 29.45
CA ASN D 446 -4.02 -1.80 30.65
C ASN D 446 -3.01 -1.40 31.76
N HIS D 447 -1.94 -2.20 31.90
CA HIS D 447 -0.88 -1.85 32.82
C HIS D 447 -0.31 -0.45 32.51
N TYR D 448 0.03 -0.15 31.27
CA TYR D 448 0.66 1.13 30.99
C TYR D 448 -0.28 2.25 31.39
N GLN D 449 -1.56 2.05 31.06
CA GLN D 449 -2.58 3.03 31.33
C GLN D 449 -2.77 3.16 32.84
N TYR D 450 -2.71 2.05 33.57
CA TYR D 450 -2.83 2.12 35.03
C TYR D 450 -1.67 2.88 35.67
N ALA D 451 -0.46 2.65 35.16
CA ALA D 451 0.74 3.34 35.65
C ALA D 451 0.57 4.83 35.47
N ILE D 452 -0.02 5.24 34.33
CA ILE D 452 -0.12 6.66 33.98
C ILE D 452 -1.14 7.33 34.91
N GLU D 453 -2.27 6.64 35.07
CA GLU D 453 -3.40 7.16 35.86
C GLU D 453 -3.03 7.23 37.34
N LYS D 454 -2.32 6.21 37.83
CA LYS D 454 -1.88 6.28 39.22
C LYS D 454 -0.82 7.37 39.39
N ALA D 455 0.06 7.50 38.43
CA ALA D 455 1.07 8.56 38.53
C ALA D 455 0.38 9.91 38.66
N ALA D 456 -0.67 10.11 37.86
CA ALA D 456 -1.41 11.37 37.87
C ALA D 456 -2.03 11.68 39.24
N ASP D 457 -2.58 10.67 39.91
CA ASP D 457 -3.07 10.88 41.26
C ASP D 457 -1.96 11.39 42.19
N TYR D 458 -0.69 11.05 41.90
CA TYR D 458 0.42 11.47 42.75
C TYR D 458 1.08 12.74 42.19
N GLN D 459 0.55 13.27 41.08
CA GLN D 459 1.15 14.40 40.36
C GLN D 459 2.55 14.05 39.96
N ILE D 460 2.68 12.88 39.30
CA ILE D 460 3.94 12.42 38.74
C ILE D 460 3.83 12.31 37.23
N MET D 461 4.92 12.71 36.52
CA MET D 461 4.96 12.61 35.07
C MET D 461 5.59 11.28 34.71
N VAL D 462 5.19 10.72 33.54
CA VAL D 462 5.67 9.43 33.10
C VAL D 462 6.27 9.49 31.70
N ASN D 463 7.33 8.71 31.51
CA ASN D 463 8.01 8.54 30.26
C ASN D 463 8.31 7.07 30.17
N ALA D 464 7.54 6.35 29.34
CA ALA D 464 7.65 4.90 29.39
C ALA D 464 8.39 4.36 28.14
N HIS D 465 9.56 3.74 28.36
CA HIS D 465 10.26 3.07 27.29
C HIS D 465 9.71 1.64 27.18
N GLU D 466 9.68 1.12 25.92
CA GLU D 466 9.30 -0.24 25.59
C GLU D 466 7.79 -0.47 25.76
N ALA D 467 7.01 0.60 26.08
CA ALA D 467 5.58 0.49 26.10
C ALA D 467 5.01 0.55 24.69
N VAL D 468 3.70 0.42 24.62
CA VAL D 468 2.98 0.51 23.37
C VAL D 468 3.15 1.93 22.80
N ARG D 469 3.19 2.03 21.47
CA ARG D 469 3.40 3.33 20.86
C ARG D 469 2.13 4.16 21.01
N PRO D 470 2.28 5.47 21.22
CA PRO D 470 1.19 6.33 21.59
C PRO D 470 0.17 6.63 20.51
N THR D 471 -1.02 7.04 20.98
CA THR D 471 -2.22 7.19 20.17
C THR D 471 -2.99 8.42 20.62
N GLY D 472 -2.29 9.42 21.11
CA GLY D 472 -2.93 10.67 21.47
C GLY D 472 -3.44 10.73 22.90
N ILE D 473 -3.15 9.73 23.73
CA ILE D 473 -3.80 9.70 25.03
C ILE D 473 -3.33 10.82 25.93
N ALA D 474 -2.20 11.48 25.61
CA ALA D 474 -1.73 12.59 26.43
C ALA D 474 -2.70 13.76 26.50
N ARG D 475 -3.56 13.92 25.50
CA ARG D 475 -4.55 14.95 25.68
C ARG D 475 -5.32 14.67 26.98
N THR D 476 -5.62 13.39 27.24
CA THR D 476 -6.53 13.01 28.31
C THR D 476 -5.71 12.97 29.59
N TYR D 477 -4.46 12.51 29.50
CA TYR D 477 -3.52 12.38 30.62
C TYR D 477 -2.19 13.05 30.19
N PRO D 478 -2.14 14.40 30.25
CA PRO D 478 -0.94 15.09 29.88
C PRO D 478 0.27 14.89 30.76
N ASN D 479 0.16 14.01 31.74
CA ASN D 479 1.31 13.66 32.56
C ASN D 479 2.16 12.63 31.82
N LEU D 480 1.66 12.10 30.70
CA LEU D 480 2.45 11.19 29.86
C LEU D 480 3.29 12.03 28.90
N ILE D 481 4.49 12.41 29.36
CA ILE D 481 5.27 13.39 28.66
C ILE D 481 6.17 12.70 27.66
N GLY D 482 6.25 11.38 27.69
CA GLY D 482 6.90 10.67 26.62
C GLY D 482 6.74 9.16 26.69
N ASN D 483 7.16 8.56 25.59
CA ASN D 483 7.51 7.17 25.46
C ASN D 483 8.79 7.15 24.59
N GLU D 484 9.41 5.95 24.41
CA GLU D 484 10.33 5.64 23.32
C GLU D 484 9.51 4.96 22.25
N ALA D 485 9.30 3.65 22.37
CA ALA D 485 8.35 2.92 21.55
C ALA D 485 8.68 3.04 20.05
N ALA D 486 9.98 3.05 19.80
CA ALA D 486 10.60 3.13 18.46
C ALA D 486 12.12 3.02 18.66
N ARG D 487 12.86 2.99 17.57
CA ARG D 487 14.30 2.87 17.65
C ARG D 487 14.89 4.23 17.91
N GLY D 488 15.45 4.38 19.12
CA GLY D 488 16.02 5.65 19.59
C GLY D 488 17.54 5.75 19.35
N THR D 489 18.11 6.79 19.92
CA THR D 489 19.54 7.08 19.79
C THR D 489 20.38 5.97 20.42
N GLN D 490 19.82 5.28 21.42
CA GLN D 490 20.55 4.19 22.01
C GLN D 490 21.13 3.25 20.93
N TYR D 491 20.43 3.02 19.81
CA TYR D 491 20.90 2.03 18.83
C TYR D 491 22.16 2.51 18.12
N GLN D 492 22.41 3.84 18.19
CA GLN D 492 23.59 4.43 17.62
C GLN D 492 24.81 3.91 18.38
N ALA D 493 24.58 3.35 19.59
CA ALA D 493 25.64 2.84 20.43
C ALA D 493 25.71 1.31 20.45
N PHE D 494 24.90 0.66 19.63
CA PHE D 494 24.76 -0.80 19.69
C PHE D 494 25.44 -1.44 18.49
N GLY D 495 26.25 -0.70 17.73
CA GLY D 495 26.89 -1.32 16.58
C GLY D 495 25.85 -1.80 15.57
N ASN D 496 26.11 -2.89 14.87
CA ASN D 496 25.33 -3.28 13.71
C ASN D 496 25.09 -2.08 12.82
N ASP D 497 23.86 -1.85 12.35
CA ASP D 497 23.64 -0.77 11.37
C ASP D 497 23.33 0.59 12.00
N ARG D 498 23.32 0.63 13.33
CA ARG D 498 22.84 1.74 14.13
C ARG D 498 21.53 2.24 13.53
N ASN D 499 21.40 3.55 13.35
CA ASN D 499 20.22 4.13 12.74
C ASN D 499 20.64 4.65 11.37
N ASN D 500 19.89 4.28 10.35
CA ASN D 500 20.03 4.88 9.06
C ASN D 500 20.09 6.41 9.21
N ALA D 501 20.79 7.03 8.23
CA ALA D 501 20.94 8.47 8.16
C ALA D 501 19.60 9.17 8.15
N ASN D 502 18.65 8.58 7.42
CA ASN D 502 17.34 9.22 7.22
C ASN D 502 16.27 8.81 8.28
N HIS D 503 16.66 8.09 9.34
CA HIS D 503 15.72 7.64 10.35
C HIS D 503 14.86 8.79 10.89
N VAL D 504 15.48 9.91 11.23
CA VAL D 504 14.80 11.03 11.82
C VAL D 504 13.96 11.86 10.83
N THR D 505 14.04 11.53 9.54
CA THR D 505 13.15 12.06 8.53
C THR D 505 11.96 11.13 8.32
N ILE D 506 11.92 9.97 9.02
CA ILE D 506 10.76 9.10 8.98
C ILE D 506 9.97 9.09 10.28
N LEU D 507 10.69 9.05 11.41
CA LEU D 507 10.02 9.01 12.71
C LEU D 507 8.86 10.00 12.82
N PRO D 508 9.00 11.31 12.42
CA PRO D 508 7.90 12.28 12.56
C PRO D 508 6.63 11.94 11.80
N PHE D 509 6.79 11.14 10.75
CA PHE D 509 5.68 10.83 9.87
C PHE D 509 4.99 9.53 10.31
N THR D 510 5.50 8.86 11.33
CA THR D 510 5.08 7.52 11.77
C THR D 510 5.01 7.54 13.30
N ARG D 511 6.11 7.13 13.95
CA ARG D 511 6.15 7.19 15.38
C ARG D 511 5.55 8.47 15.98
N LEU D 512 5.86 9.68 15.46
CA LEU D 512 5.47 10.86 16.24
C LEU D 512 3.96 11.14 16.23
N ILE D 513 3.27 10.51 15.30
CA ILE D 513 1.83 10.59 15.24
C ILE D 513 1.28 9.79 16.40
N GLY D 514 0.76 10.48 17.42
CA GLY D 514 0.24 9.82 18.59
C GLY D 514 0.83 10.41 19.86
N GLY D 515 2.07 10.92 19.74
CA GLY D 515 2.67 11.65 20.84
C GLY D 515 4.17 11.65 20.73
N PRO D 516 4.86 12.41 21.60
CA PRO D 516 6.31 12.63 21.46
C PRO D 516 7.17 11.42 21.80
N MET D 517 8.43 11.50 21.39
CA MET D 517 9.44 10.52 21.70
C MET D 517 10.61 11.16 22.43
N ASP D 518 11.03 10.44 23.48
CA ASP D 518 12.31 10.57 24.18
C ASP D 518 13.36 9.90 23.31
N TYR D 519 13.84 10.63 22.29
CA TYR D 519 14.81 10.11 21.34
C TYR D 519 16.23 10.23 21.86
N THR D 520 16.48 11.13 22.84
CA THR D 520 17.78 11.34 23.50
C THR D 520 18.81 11.81 22.49
N PRO D 521 18.57 13.00 21.93
CA PRO D 521 19.49 13.56 20.96
C PRO D 521 20.70 14.16 21.66
N GLY D 522 21.54 14.86 20.91
CA GLY D 522 22.52 15.78 21.46
C GLY D 522 23.90 15.13 21.54
N ILE D 523 24.19 14.17 20.64
CA ILE D 523 25.47 13.48 20.70
C ILE D 523 26.49 14.32 19.92
N PHE D 524 27.62 14.59 20.57
CA PHE D 524 28.71 15.33 19.99
C PHE D 524 29.89 14.41 19.70
N GLU D 525 30.19 13.39 20.55
CA GLU D 525 31.22 12.40 20.26
C GLU D 525 30.56 11.16 19.64
N MET D 526 30.76 10.99 18.31
CA MET D 526 30.08 9.94 17.57
C MET D 526 30.80 8.59 17.65
N ASP D 527 32.09 8.58 18.06
CA ASP D 527 32.86 7.32 18.22
C ASP D 527 33.03 6.93 19.71
N VAL D 528 32.18 6.07 20.22
CA VAL D 528 31.97 5.95 21.64
C VAL D 528 32.78 4.81 22.21
N THR D 529 32.74 4.62 23.54
CA THR D 529 33.66 3.69 24.20
C THR D 529 33.63 2.28 23.61
N ASN D 530 32.46 1.72 23.34
CA ASN D 530 32.36 0.35 22.86
C ASN D 530 32.60 0.20 21.35
N GLY D 531 33.07 1.26 20.64
CA GLY D 531 33.49 1.16 19.23
C GLY D 531 32.40 1.47 18.19
N SER D 532 31.20 1.74 18.64
CA SER D 532 30.07 1.93 17.77
C SER D 532 30.14 3.37 17.19
N HIS D 533 29.63 3.51 15.96
CA HIS D 533 29.62 4.83 15.31
C HIS D 533 28.21 5.42 15.17
N VAL D 534 27.99 6.57 15.80
CA VAL D 534 26.72 7.29 15.71
C VAL D 534 26.59 7.92 14.34
N ASN D 535 25.54 7.55 13.59
CA ASN D 535 25.38 8.01 12.23
C ASN D 535 24.76 9.41 12.12
N ALA D 536 25.49 10.44 12.55
CA ALA D 536 24.97 11.80 12.42
C ALA D 536 26.12 12.81 12.49
N THR D 537 25.82 14.07 12.11
CA THR D 537 26.75 15.18 12.35
C THR D 537 26.30 15.93 13.57
N ILE D 538 27.15 16.82 14.05
CA ILE D 538 26.83 17.62 15.22
C ILE D 538 25.61 18.47 14.93
N ALA D 539 25.56 19.00 13.73
CA ALA D 539 24.51 19.92 13.39
C ALA D 539 23.18 19.15 13.29
N ASN D 540 23.19 17.90 12.82
CA ASN D 540 21.99 17.06 12.82
C ASN D 540 21.50 16.94 14.26
N GLN D 541 22.42 16.75 15.20
CA GLN D 541 22.06 16.56 16.58
C GLN D 541 21.47 17.81 17.24
N LEU D 542 21.95 18.99 16.83
CA LEU D 542 21.36 20.22 17.31
C LEU D 542 19.95 20.36 16.75
N ALA D 543 19.74 19.90 15.49
CA ALA D 543 18.47 20.16 14.83
C ALA D 543 17.33 19.38 15.50
N LEU D 544 17.68 18.26 16.10
CA LEU D 544 16.69 17.33 16.64
C LEU D 544 15.91 17.99 17.77
N TYR D 545 16.48 18.99 18.47
CA TYR D 545 15.75 19.69 19.52
C TYR D 545 14.51 20.41 18.94
N VAL D 546 14.49 20.59 17.59
CA VAL D 546 13.34 21.15 16.88
C VAL D 546 12.63 20.12 16.00
N THR D 547 13.32 19.20 15.34
CA THR D 547 12.64 18.40 14.32
C THR D 547 12.07 17.11 14.93
N MET D 548 12.45 16.80 16.17
CA MET D 548 11.85 15.69 16.90
C MET D 548 11.13 16.27 18.10
N TYR D 549 9.88 16.69 17.86
CA TYR D 549 9.11 17.44 18.86
C TYR D 549 9.03 16.61 20.12
N SER D 550 9.28 17.22 21.28
CA SER D 550 9.01 16.54 22.54
C SER D 550 9.09 17.53 23.69
N PRO D 551 8.18 17.45 24.68
CA PRO D 551 8.22 18.30 25.86
C PRO D 551 9.31 17.85 26.78
N LEU D 552 9.88 16.68 26.48
CA LEU D 552 10.97 16.06 27.28
C LEU D 552 12.23 15.90 26.39
N GLN D 553 13.27 16.69 26.63
CA GLN D 553 14.40 16.69 25.70
C GLN D 553 15.71 16.48 26.43
N MET D 554 16.41 15.40 26.04
CA MET D 554 17.71 15.08 26.63
C MET D 554 18.88 15.64 25.82
N ALA D 555 19.94 16.01 26.55
CA ALA D 555 21.27 16.08 25.95
C ALA D 555 22.10 14.94 26.51
N ALA D 556 22.23 13.91 25.69
CA ALA D 556 22.58 12.57 26.13
C ALA D 556 24.07 12.39 26.39
N ASP D 557 24.91 13.25 25.83
CA ASP D 557 26.36 13.03 25.89
C ASP D 557 26.93 13.37 27.27
N PHE D 558 28.22 13.14 27.40
CA PHE D 558 28.94 13.42 28.64
C PHE D 558 29.16 14.92 28.74
N PRO D 559 29.17 15.49 29.97
CA PRO D 559 29.67 16.85 30.20
C PRO D 559 30.96 17.22 29.47
N GLU D 560 31.98 16.37 29.55
CA GLU D 560 33.29 16.69 28.94
C GLU D 560 33.17 16.83 27.40
N ASN D 561 32.21 16.13 26.77
CA ASN D 561 32.12 16.22 25.32
C ASN D 561 31.40 17.50 24.93
N TYR D 562 30.48 17.96 25.79
CA TYR D 562 29.83 19.22 25.55
C TYR D 562 30.81 20.38 25.72
N GLU D 563 31.71 20.26 26.69
CA GLU D 563 32.68 21.31 26.95
C GLU D 563 33.66 21.46 25.79
N ARG D 564 34.02 20.34 25.15
CA ARG D 564 34.90 20.30 23.99
C ARG D 564 34.36 21.17 22.86
N PHE D 565 33.04 21.20 22.67
CA PHE D 565 32.38 21.90 21.56
C PHE D 565 31.38 22.90 22.16
N ALA D 566 31.87 23.73 23.09
CA ALA D 566 31.06 24.74 23.79
C ALA D 566 30.25 25.69 22.88
N ASP D 567 30.86 26.08 21.76
CA ASP D 567 30.21 27.00 20.83
C ASP D 567 28.92 26.35 20.29
N ALA D 568 29.00 25.06 19.90
CA ALA D 568 27.84 24.36 19.35
C ALA D 568 26.78 24.11 20.43
N PHE D 569 27.24 23.89 21.64
CA PHE D 569 26.38 23.55 22.74
C PHE D 569 25.44 24.68 23.11
N GLN D 570 25.78 25.91 22.68
CA GLN D 570 24.96 27.07 22.98
C GLN D 570 23.53 26.88 22.45
N PHE D 571 23.39 26.23 21.30
CA PHE D 571 22.07 26.04 20.74
C PHE D 571 21.20 25.20 21.67
N ILE D 572 21.82 24.16 22.20
CA ILE D 572 21.11 23.25 23.07
C ILE D 572 20.73 24.02 24.33
N LYS D 573 21.61 24.91 24.80
CA LYS D 573 21.26 25.62 26.02
C LYS D 573 20.13 26.59 25.76
N ASP D 574 20.10 27.18 24.57
CA ASP D 574 19.17 28.26 24.25
C ASP D 574 17.79 27.71 23.90
N VAL D 575 17.71 26.55 23.22
CA VAL D 575 16.49 26.08 22.59
C VAL D 575 15.44 25.81 23.66
N ALA D 576 14.19 26.10 23.37
CA ALA D 576 13.10 25.77 24.30
C ALA D 576 12.62 24.33 24.10
N VAL D 577 11.66 23.95 24.95
CA VAL D 577 11.02 22.64 24.83
C VAL D 577 9.49 22.73 24.82
N ASP D 578 8.96 23.95 24.74
CA ASP D 578 7.52 24.14 24.64
C ASP D 578 7.19 25.34 23.76
N TRP D 579 6.06 25.28 23.04
CA TRP D 579 5.88 26.18 21.89
C TRP D 579 4.46 26.74 21.79
N ASP D 580 4.39 28.03 21.45
CA ASP D 580 3.11 28.66 21.13
C ASP D 580 2.76 28.50 19.64
N ASP D 581 3.73 28.18 18.80
CA ASP D 581 3.36 27.93 17.43
C ASP D 581 4.47 27.13 16.77
N SER D 582 4.09 26.47 15.68
CA SER D 582 5.02 25.65 14.91
C SER D 582 4.66 25.76 13.44
N ARG D 583 5.68 25.85 12.53
CA ARG D 583 5.43 25.84 11.08
C ARG D 583 6.36 24.86 10.38
N TYR D 584 5.74 23.84 9.74
CA TYR D 584 6.54 22.91 8.96
C TYR D 584 6.87 23.58 7.64
N LEU D 585 8.16 23.79 7.33
CA LEU D 585 8.57 24.58 6.18
C LEU D 585 8.85 23.68 5.00
N GLU D 586 9.47 22.53 5.23
CA GLU D 586 9.73 21.59 4.15
C GLU D 586 9.63 20.19 4.74
N ALA D 587 9.17 19.21 3.94
CA ALA D 587 9.09 17.87 4.48
C ALA D 587 8.80 16.86 3.37
N GLU D 588 9.60 15.79 3.39
CA GLU D 588 9.43 14.66 2.52
C GLU D 588 9.95 13.46 3.31
N PRO D 589 9.06 12.48 3.54
CA PRO D 589 9.44 11.33 4.36
C PRO D 589 10.65 10.60 3.75
N GLY D 590 11.62 10.27 4.61
CA GLY D 590 12.80 9.55 4.19
C GLY D 590 13.88 10.49 3.69
N GLN D 591 13.57 11.81 3.49
CA GLN D 591 14.52 12.70 2.83
C GLN D 591 14.89 13.94 3.65
N TYR D 592 13.89 14.72 4.12
CA TYR D 592 14.21 15.94 4.87
C TYR D 592 13.00 16.44 5.65
N ILE D 593 13.28 17.15 6.75
CA ILE D 593 12.26 17.87 7.48
C ILE D 593 12.83 19.19 7.91
N THR D 594 12.12 20.27 7.67
CA THR D 594 12.53 21.58 8.19
C THR D 594 11.32 22.21 8.92
N VAL D 595 11.54 22.67 10.13
CA VAL D 595 10.42 23.23 10.87
C VAL D 595 10.94 24.33 11.79
N ALA D 596 10.09 25.34 12.01
CA ALA D 596 10.38 26.42 12.94
C ALA D 596 9.27 26.50 13.98
N ARG D 597 9.66 26.77 15.23
CA ARG D 597 8.77 26.81 16.36
C ARG D 597 9.05 28.09 17.16
N LYS D 598 8.02 28.65 17.76
CA LYS D 598 8.12 29.84 18.57
C LYS D 598 8.05 29.51 20.08
N ALA D 599 9.09 29.87 20.82
CA ALA D 599 9.21 29.48 22.22
C ALA D 599 8.04 30.03 23.03
N LYS D 600 7.36 29.16 23.81
CA LYS D 600 6.19 29.52 24.59
C LYS D 600 6.45 30.76 25.44
N GLY D 601 5.50 31.72 25.39
CA GLY D 601 5.62 32.94 26.18
C GLY D 601 6.67 33.95 25.67
N THR D 602 7.30 33.71 24.50
CA THR D 602 8.37 34.54 23.97
C THR D 602 8.04 34.94 22.52
N ASP D 603 8.85 35.88 22.01
CA ASP D 603 8.88 36.25 20.61
C ASP D 603 10.04 35.63 19.85
N ASN D 604 10.70 34.65 20.44
CA ASN D 604 11.81 33.94 19.83
C ASN D 604 11.43 32.65 19.09
N TRP D 605 12.18 32.31 18.03
CA TRP D 605 11.92 31.16 17.19
C TRP D 605 13.17 30.30 17.16
N PHE D 606 12.94 28.99 17.01
CA PHE D 606 14.02 28.05 16.81
C PHE D 606 13.61 27.17 15.64
N LEU D 607 14.59 26.90 14.81
CA LEU D 607 14.34 26.17 13.59
C LEU D 607 15.31 24.99 13.52
N GLY D 608 14.85 23.89 12.92
CA GLY D 608 15.73 22.76 12.65
C GLY D 608 15.48 22.17 11.27
N ASN D 609 16.59 21.71 10.62
CA ASN D 609 16.55 20.86 9.46
C ASN D 609 17.28 19.56 9.76
N VAL D 610 16.66 18.43 9.39
CA VAL D 610 17.39 17.17 9.33
C VAL D 610 17.36 16.65 7.89
N ASN D 611 18.48 16.05 7.46
CA ASN D 611 18.63 15.65 6.07
C ASN D 611 19.09 14.19 5.98
N GLY D 612 18.51 13.47 5.01
CA GLY D 612 18.72 12.07 4.73
C GLY D 612 20.02 11.74 3.97
N GLU D 613 20.03 10.57 3.31
CA GLU D 613 21.23 10.02 2.69
C GLU D 613 21.82 10.98 1.64
N THR D 614 20.95 11.68 0.88
CA THR D 614 21.37 12.60 -0.17
C THR D 614 21.58 14.00 0.39
N ALA D 615 22.85 14.46 0.38
CA ALA D 615 23.19 15.85 0.64
C ALA D 615 22.29 16.83 -0.16
N ARG D 616 21.89 17.94 0.49
CA ARG D 616 20.94 18.85 -0.12
C ARG D 616 21.08 20.31 0.30
N VAL D 617 20.77 21.17 -0.69
CA VAL D 617 20.61 22.58 -0.44
C VAL D 617 19.14 22.88 -0.16
N SER D 618 18.86 23.37 1.07
CA SER D 618 17.53 23.71 1.57
C SER D 618 17.24 25.18 1.24
N ASN D 619 16.04 25.55 0.80
CA ASN D 619 15.82 26.96 0.51
C ASN D 619 14.55 27.41 1.20
N ILE D 620 14.67 28.28 2.23
CA ILE D 620 13.51 28.59 3.05
C ILE D 620 13.05 30.03 2.98
N ASP D 621 11.71 30.12 3.18
CA ASP D 621 10.93 31.32 3.43
C ASP D 621 10.97 31.59 4.93
N LEU D 622 11.33 32.82 5.34
CA LEU D 622 11.33 33.18 6.75
C LEU D 622 10.04 33.90 7.12
N GLY D 623 8.98 33.71 6.32
CA GLY D 623 7.72 34.42 6.51
C GLY D 623 6.99 34.10 7.82
N PHE D 624 7.41 33.07 8.57
CA PHE D 624 6.76 32.73 9.84
C PHE D 624 7.08 33.74 10.93
N LEU D 625 8.20 34.50 10.75
CA LEU D 625 8.65 35.55 11.65
C LEU D 625 7.60 36.65 11.65
N GLU D 626 7.63 37.51 12.66
CA GLU D 626 6.56 38.47 12.85
C GLU D 626 6.87 39.62 11.90
N LYS D 627 5.86 40.15 11.20
CA LYS D 627 6.11 41.15 10.16
C LYS D 627 6.59 42.43 10.85
N GLY D 628 7.58 43.10 10.24
CA GLY D 628 8.13 44.34 10.73
C GLY D 628 9.11 44.18 11.89
N LYS D 629 9.67 43.01 12.10
CA LYS D 629 10.71 42.86 13.10
C LYS D 629 12.01 42.35 12.48
N LYS D 630 13.09 42.78 13.11
CA LYS D 630 14.45 42.32 12.83
C LYS D 630 14.87 41.27 13.88
N TYR D 631 15.48 40.18 13.39
CA TYR D 631 15.99 39.16 14.26
C TYR D 631 17.49 38.95 14.02
N THR D 632 18.23 38.79 15.13
CA THR D 632 19.52 38.12 15.15
C THR D 632 19.31 36.61 15.02
N ALA D 633 19.67 36.07 13.85
CA ALA D 633 19.77 34.66 13.56
C ALA D 633 21.18 34.18 13.87
N VAL D 634 21.28 33.05 14.61
CA VAL D 634 22.50 32.26 14.69
C VAL D 634 22.27 30.91 14.02
N ILE D 635 23.06 30.65 12.97
CA ILE D 635 22.97 29.44 12.16
C ILE D 635 24.11 28.47 12.45
N TYR D 636 23.74 27.29 13.00
CA TYR D 636 24.67 26.20 13.28
C TYR D 636 24.44 25.12 12.22
N ALA D 637 25.45 24.94 11.36
CA ALA D 637 25.28 24.25 10.08
C ALA D 637 26.37 23.22 9.92
N ASP D 638 26.16 22.29 9.02
CA ASP D 638 27.27 21.42 8.63
C ASP D 638 28.29 22.20 7.80
N ALA D 639 29.58 21.93 8.03
CA ALA D 639 30.59 22.26 7.05
C ALA D 639 30.28 21.60 5.70
N LYS D 640 30.83 22.09 4.58
CA LYS D 640 30.57 21.50 3.26
C LYS D 640 31.09 20.07 3.13
N ASP D 641 32.19 19.73 3.86
CA ASP D 641 32.82 18.42 3.80
C ASP D 641 32.33 17.53 4.98
N ALA D 642 31.35 18.01 5.77
CA ALA D 642 30.85 17.18 6.85
C ALA D 642 30.06 16.00 6.27
N ASN D 643 30.01 14.95 7.05
CA ASN D 643 29.54 13.70 6.50
C ASN D 643 29.19 12.83 7.72
N TYR D 644 28.06 12.11 7.71
CA TYR D 644 27.70 11.35 8.91
C TYR D 644 28.60 10.14 9.15
N LYS D 645 29.29 9.60 8.13
CA LYS D 645 30.21 8.48 8.32
C LYS D 645 31.60 8.90 8.80
N THR D 646 32.24 9.81 8.05
CA THR D 646 33.68 10.05 8.10
C THR D 646 34.03 11.46 8.56
N ASN D 647 33.08 12.38 8.79
CA ASN D 647 33.43 13.72 9.24
C ASN D 647 32.27 14.31 10.05
N THR D 648 32.09 13.76 11.27
CA THR D 648 30.89 14.02 12.03
C THR D 648 30.90 15.31 12.83
N GLN D 649 32.09 15.82 13.14
CA GLN D 649 32.25 16.93 14.07
C GLN D 649 32.57 18.27 13.40
N ALA D 650 32.30 18.43 12.09
CA ALA D 650 32.65 19.63 11.32
C ALA D 650 31.40 20.48 11.09
N TYR D 651 31.33 21.59 11.80
CA TYR D 651 30.17 22.47 11.76
C TYR D 651 30.63 23.94 11.64
N THR D 652 29.78 24.88 11.15
CA THR D 652 30.04 26.32 11.14
C THR D 652 28.99 27.02 12.02
N ILE D 653 29.27 28.26 12.48
CA ILE D 653 28.35 29.02 13.28
C ILE D 653 28.44 30.46 12.83
N ARG D 654 27.35 31.05 12.33
CA ARG D 654 27.43 32.40 11.79
C ARG D 654 26.18 33.23 12.16
N LYS D 655 26.39 34.56 12.33
CA LYS D 655 25.36 35.53 12.72
C LYS D 655 24.90 36.33 11.51
N VAL D 656 23.62 36.65 11.43
CA VAL D 656 23.07 37.46 10.35
C VAL D 656 21.70 37.97 10.83
N VAL D 657 21.43 39.24 10.49
CA VAL D 657 20.18 39.91 10.78
C VAL D 657 19.21 39.64 9.62
N VAL D 658 17.96 39.31 9.96
CA VAL D 658 16.99 38.91 8.96
C VAL D 658 15.65 39.50 9.34
N THR D 659 14.72 39.46 8.38
CA THR D 659 13.34 39.85 8.60
C THR D 659 12.45 38.79 7.96
N SER D 660 11.13 39.02 8.04
CA SER D 660 10.15 38.06 7.57
C SER D 660 10.25 37.91 6.06
N ASN D 661 10.92 38.91 5.41
CA ASN D 661 11.10 38.90 3.98
C ASN D 661 12.44 38.30 3.57
N SER D 662 13.31 37.94 4.49
CA SER D 662 14.56 37.29 4.08
C SER D 662 14.27 35.87 3.54
N LYS D 663 15.19 35.42 2.67
CA LYS D 663 15.21 34.05 2.13
C LYS D 663 16.61 33.54 2.46
N LEU D 664 16.69 32.26 2.79
CA LEU D 664 17.93 31.66 3.27
C LEU D 664 18.16 30.34 2.53
N SER D 665 19.45 30.03 2.33
CA SER D 665 19.90 28.93 1.51
C SER D 665 20.91 28.20 2.36
N GLN D 666 20.71 26.91 2.65
CA GLN D 666 21.69 26.21 3.47
C GLN D 666 21.96 24.81 2.95
N PHE D 667 23.27 24.50 2.78
CA PHE D 667 23.69 23.11 2.53
C PHE D 667 23.49 22.32 3.83
N SER D 668 22.94 21.10 3.73
CA SER D 668 22.90 20.15 4.85
C SER D 668 23.58 18.84 4.39
N ALA D 669 24.50 18.30 5.22
CA ALA D 669 25.23 17.12 4.74
C ALA D 669 24.37 15.86 4.74
N SER D 670 24.97 14.82 4.19
CA SER D 670 24.43 13.47 4.26
C SER D 670 24.33 13.06 5.75
N GLY D 671 23.08 12.85 6.22
CA GLY D 671 22.78 12.58 7.63
C GLY D 671 23.09 13.77 8.51
N GLY D 672 23.02 14.96 7.90
CA GLY D 672 23.38 16.20 8.56
C GLY D 672 22.07 16.94 8.85
N GLY D 673 22.16 18.29 8.91
CA GLY D 673 21.05 19.13 9.32
C GLY D 673 21.62 20.52 9.64
N TYR D 674 20.70 21.46 10.03
CA TYR D 674 21.12 22.74 10.56
C TYR D 674 20.14 23.22 11.63
N ALA D 675 20.63 24.06 12.52
CA ALA D 675 19.79 24.68 13.51
C ALA D 675 20.02 26.18 13.58
N ILE D 676 18.91 26.90 13.91
CA ILE D 676 18.89 28.37 13.87
C ILE D 676 18.04 28.85 15.06
N SER D 677 18.60 29.78 15.83
CA SER D 677 17.97 30.60 16.81
C SER D 677 17.73 31.99 16.25
N PHE D 678 16.52 32.51 16.48
CA PHE D 678 16.09 33.82 16.05
C PHE D 678 15.56 34.57 17.26
N TYR D 679 16.26 35.65 17.62
CA TYR D 679 15.98 36.53 18.74
C TYR D 679 15.76 37.94 18.18
N PRO D 680 14.68 38.63 18.57
CA PRO D 680 14.51 40.04 18.23
C PRO D 680 15.72 40.91 18.61
N VAL D 681 15.97 41.99 17.89
CA VAL D 681 17.13 42.85 18.16
C VAL D 681 17.01 43.76 19.41
C1 GLC E . 10.83 28.34 -56.81
C2 GLC E . 9.44 28.98 -56.55
C3 GLC E . 9.43 29.69 -55.13
C4 GLC E . 9.58 28.59 -54.02
C5 GLC E . 10.88 27.80 -54.33
C6 GLC E . 11.02 26.54 -53.50
O1 GLC E . 11.99 29.20 -56.89
O2 GLC E . 9.35 29.67 -57.79
O3 GLC E . 8.41 30.68 -54.83
O4 GLC E . 9.90 29.07 -52.71
O5 GLC E . 11.06 27.40 -55.71
O6 GLC E . 11.44 26.94 -52.19
C1 GLC E . 10.76 26.27 -51.15
C2 GLC E . 11.15 27.01 -49.87
C3 GLC E . 12.56 26.65 -49.46
C4 GLC E . 12.65 25.11 -49.36
C5 GLC E . 12.40 24.47 -50.75
C6 GLC E . 12.49 22.97 -50.67
O2 GLC E . 11.16 28.39 -50.23
O3 GLC E . 12.85 27.48 -48.33
O4 GLC E . 13.87 24.60 -48.81
O5 GLC E . 11.06 24.84 -51.11
O6 GLC E . 12.82 22.25 -51.88
C1 GLC E . 12.68 20.84 -51.78
C2 GLC E . 13.87 20.16 -52.44
C3 GLC E . 13.96 20.54 -53.91
C4 GLC E . 12.60 20.22 -54.56
C5 GLC E . 11.42 20.90 -53.91
C6 GLC E . 10.18 20.29 -54.48
O2 GLC E . 15.03 20.44 -51.63
O3 GLC E . 15.08 20.00 -54.62
O4 GLC E . 12.53 20.57 -55.94
O5 GLC E . 11.46 20.56 -52.49
O6 GLC E . 9.86 18.96 -53.85
C2 BGC F . -10.46 0.89 -12.37
C3 BGC F . -11.30 1.57 -13.48
C4 BGC F . -10.60 1.48 -14.80
C5 BGC F . -10.58 -0.03 -15.07
C6 BGC F . -10.29 -0.42 -16.50
C1 BGC F . -10.15 -0.59 -12.81
O1 BGC F . -9.19 -1.21 -11.98
O2 BGC F . -11.07 1.11 -11.09
O3 BGC F . -11.56 2.91 -13.10
O4 BGC F . -11.28 2.30 -15.77
O5 BGC F . -9.62 -0.65 -14.18
O6 BGC F . -10.58 0.67 -17.38
C1 GLC F . -9.51 0.91 -18.28
C2 GLC F . -9.57 2.32 -18.91
C3 GLC F . -10.76 2.49 -19.85
C4 GLC F . -10.97 1.22 -20.71
C5 GLC F . -10.81 -0.15 -20.03
C6 GLC F . -10.60 -1.31 -21.01
O2 GLC F . -9.64 3.25 -17.83
O3 GLC F . -10.73 3.69 -20.62
O4 GLC F . -12.30 1.45 -21.22
O5 GLC F . -9.61 -0.14 -19.23
O6 GLC F . -11.64 -1.36 -21.99
C1 GLC F . -11.38 -1.70 -23.31
C2 GLC F . -12.60 -2.38 -23.96
C3 GLC F . -12.75 -3.81 -23.44
C4 GLC F . -11.47 -4.55 -23.82
C5 GLC F . -10.26 -3.86 -23.17
C6 GLC F . -8.92 -4.35 -23.69
O2 GLC F . -13.74 -1.52 -23.96
O3 GLC F . -13.93 -4.51 -23.89
O4 GLC F . -11.55 -5.91 -23.35
O5 GLC F . -10.24 -2.49 -23.55
O6 GLC F . -8.94 -4.21 -25.11
C2 BGC G . -24.46 -25.82 41.00
C3 BGC G . -23.12 -26.31 41.65
C4 BGC G . -22.13 -25.11 41.78
C5 BGC G . -22.80 -24.09 42.72
C6 BGC G . -21.87 -23.00 43.19
C1 BGC G . -25.02 -24.56 41.85
O1 BGC G . -26.19 -23.92 41.32
O2 BGC G . -25.46 -26.82 40.80
O3 BGC G . -22.36 -27.36 41.04
O4 BGC G . -20.81 -25.50 42.21
O5 BGC G . -24.04 -23.51 42.18
O6 BGC G . -20.45 -23.36 43.06
C1 GLC G . -19.70 -22.30 42.52
C2 GLC G . -18.30 -22.75 42.05
C3 GLC G . -17.42 -23.16 43.22
C4 GLC G . -17.47 -22.11 44.36
C5 GLC G . -18.88 -21.60 44.70
C6 GLC G . -18.94 -20.36 45.54
O2 GLC G . -18.41 -23.81 41.11
O3 GLC G . -16.07 -23.38 42.75
O4 GLC G . -16.73 -22.72 45.43
O5 GLC G . -19.60 -21.26 43.51
O6 GLC G . -18.29 -20.60 46.81
C1 GLC G . -17.51 -19.54 47.34
C2 GLC G . -17.28 -19.64 48.86
C3 GLC G . -18.57 -19.33 49.62
C4 GLC G . -18.86 -17.87 49.26
C5 GLC G . -19.12 -17.72 47.75
C6 GLC G . -19.26 -16.28 47.28
O2 GLC G . -16.59 -20.86 49.23
O3 GLC G . -18.48 -19.63 51.01
O4 GLC G . -20.06 -17.27 49.76
O5 GLC G . -18.05 -18.26 46.97
O6 GLC G . -18.06 -15.46 47.48
C1 GLC H . 24.86 -1.71 26.89
C2 GLC H . 25.35 -3.16 27.19
C3 GLC H . 24.66 -4.18 26.24
C4 GLC H . 23.13 -4.04 26.37
C5 GLC H . 22.75 -2.59 26.04
C6 GLC H . 21.28 -2.29 26.05
O1 GLC H . 25.30 -1.35 25.61
O2 GLC H . 26.76 -3.06 27.10
O3 GLC H . 24.97 -5.57 26.41
O4 GLC H . 22.51 -4.96 25.46
O5 GLC H . 23.40 -1.70 26.97
O6 GLC H . 20.58 -2.93 24.90
C1 GLC H . 19.47 -3.66 25.42
C2 GLC H . 18.78 -4.44 24.31
C3 GLC H . 17.82 -3.57 23.57
C4 GLC H . 16.84 -2.87 24.51
C5 GLC H . 17.64 -1.99 25.46
C6 GLC H . 16.74 -1.36 26.50
O2 GLC H . 19.82 -4.83 23.43
O3 GLC H . 17.24 -4.43 22.59
O4 GLC H . 15.95 -1.93 23.89
O5 GLC H . 18.54 -2.85 26.15
O6 GLC H . 16.91 0.03 26.67
C1 GLC H . 15.98 0.51 27.60
C2 GLC H . 15.87 2.02 27.40
C3 GLC H . 17.20 2.65 27.72
C4 GLC H . 17.59 2.36 29.15
C5 GLC H . 17.67 0.86 29.29
C6 GLC H . 17.84 0.53 30.76
O2 GLC H . 15.34 2.20 26.09
O3 GLC H . 17.13 4.06 27.55
O4 GLC H . 18.87 2.81 29.60
O5 GLC H . 16.41 0.24 28.91
O6 GLC H . 16.62 0.63 31.49
CA CA I . 15.36 21.93 -49.74
CA CA J . -13.83 0.68 -22.94
CA CA K . -16.04 -22.60 47.78
CA CA L . 14.84 0.64 24.45
#